data_6MII
#
_entry.id   6MII
#
_cell.length_a   186.665
_cell.length_b   186.665
_cell.length_c   281.489
_cell.angle_alpha   90.00
_cell.angle_beta   90.00
_cell.angle_gamma   90.00
#
_symmetry.space_group_name_H-M   'P 41 21 2'
#
loop_
_entity.id
_entity.type
_entity.pdbx_description
1 polymer 'Minichromosome maintenance protein MCM'
2 polymer "DNA (5'-D(P*TP*TP*TP*TP*TP*TP*TP*TP*TP*T)-3')"
3 non-polymer [[[(2R,3S,4R,5R)-5-(6-aminopurin-9-yl)-3,4-bis(oxidanyl)oxolan-2-yl]methoxy-oxidanyl-phosphoryl]oxy-oxidanyl-phosphoryl]oxy-tris(fluoranyl)beryllium
4 non-polymer 'ZINC ION'
5 non-polymer 'MAGNESIUM ION'
6 non-polymer "ADENOSINE-5'-DIPHOSPHATE"
7 water water
#
loop_
_entity_poly.entity_id
_entity_poly.type
_entity_poly.pdbx_seq_one_letter_code
_entity_poly.pdbx_strand_id
1 'polypeptide(L)'
;SLEIPSKQIDYRDVFIEFLTTFKGNNNQNKYIERINELVAYRKKSLIIEFSDVLSFNENLAYEIINNTKIILPILEGALY
DHILQLDPTYQRDIEKVHVRIVGIPRVIELRKIRSTDIGKLITIDGILVKVTPVKERIYKATYKHIHPDCMQEFEWPEDE
EMPEVLEMPTICPKCGKPGQFRLIPEKTKLIDWQKAVIQERPEEVPSGQLPRQLEIILEDDLVDSARPGDRVKVTGILDI
KQDSPVKRGSRAVFDIYMKVSSIEVSGGSGGSSEEDEKKIKDLAKDPWIRDRIISSIAPSIYGHWELKEALALALFGGVP
KVLEDTRIRGDIHILIIGDPGTAKSQMLQFISRVAPRAVYTTGKGSTAAGLTAAVVREKGTGEYYLEAGALVLADGGIAV
IDEIDKMRDEDRVAIHEAMEQQTVSIAKAGIVAKLNARAAVIAAGNPKFGRYISERPVSDNINLPPTILSRFDLIFILKD
QPGEQDRELANYILDVHSGKSTKNIIDIDTLRKYIAYARKYVTPKITSEAKNLITDFFVEMRKKSSETPDSPILITPRQL
EALIRISEAYAKMALKAEVTREDAERAINIMRLFLESVGVDMESGKIDID
;
A,B,C,D,E,F
2 'polydeoxyribonucleotide' (DT)(DT)(DT)(DT)(DT)(DT)(DT)(DT)(DT)(DT)(DT)(DT) X
#
loop_
_chem_comp.id
_chem_comp.type
_chem_comp.name
_chem_comp.formula
08T non-polymer [[[(2R,3S,4R,5R)-5-(6-aminopurin-9-yl)-3,4-bis(oxidanyl)oxolan-2-yl]methoxy-oxidanyl-phosphoryl]oxy-oxidanyl-phosphoryl]oxy-tris(fluoranyl)beryllium 'C10 H14 Be F3 N5 O10 P2'
ADP non-polymer ADENOSINE-5'-DIPHOSPHATE 'C10 H15 N5 O10 P2'
DT DNA linking THYMIDINE-5'-MONOPHOSPHATE 'C10 H15 N2 O8 P'
MG non-polymer 'MAGNESIUM ION' 'Mg 2'
ZN non-polymer 'ZINC ION' 'Zn 2'
#
# COMPACT_ATOMS: atom_id res chain seq x y z
N GLN A 8 54.04 11.25 -39.66
CA GLN A 8 53.20 11.44 -40.84
C GLN A 8 52.77 10.10 -41.42
N ILE A 9 51.46 9.86 -41.44
CA ILE A 9 50.93 8.60 -41.95
C ILE A 9 49.46 8.81 -42.28
N ASP A 10 48.95 8.01 -43.22
CA ASP A 10 47.55 8.07 -43.65
C ASP A 10 47.05 6.64 -43.87
N TYR A 11 45.77 6.43 -43.58
CA TYR A 11 45.20 5.08 -43.62
C TYR A 11 43.99 4.93 -44.54
N ARG A 12 43.51 6.00 -45.20
CA ARG A 12 42.30 5.85 -45.99
C ARG A 12 42.54 5.00 -47.24
N ASP A 13 43.71 5.13 -47.86
CA ASP A 13 44.03 4.31 -49.04
C ASP A 13 43.99 2.84 -48.69
N VAL A 14 44.56 2.48 -47.54
CA VAL A 14 44.55 1.10 -47.09
C VAL A 14 43.12 0.61 -46.89
N PHE A 15 42.27 1.46 -46.32
CA PHE A 15 40.90 1.05 -46.01
C PHE A 15 40.06 0.85 -47.25
N ILE A 16 40.19 1.76 -48.22
CA ILE A 16 39.44 1.62 -49.47
C ILE A 16 39.95 0.40 -50.25
N GLU A 17 41.26 0.18 -50.25
CA GLU A 17 41.79 -1.01 -50.92
C GLU A 17 41.30 -2.28 -50.24
N PHE A 18 41.28 -2.30 -48.90
CA PHE A 18 40.77 -3.43 -48.15
C PHE A 18 39.31 -3.72 -48.48
N LEU A 19 38.48 -2.68 -48.54
CA LEU A 19 37.07 -2.86 -48.86
C LEU A 19 36.92 -3.44 -50.25
N THR A 20 37.66 -2.87 -51.22
CA THR A 20 37.48 -3.25 -52.62
C THR A 20 38.10 -4.61 -52.97
N THR A 21 39.20 -5.01 -52.32
CA THR A 21 39.99 -6.14 -52.81
C THR A 21 39.98 -7.36 -51.88
N PHE A 22 39.41 -7.27 -50.69
CA PHE A 22 39.45 -8.40 -49.75
C PHE A 22 38.60 -9.55 -50.29
N LYS A 23 39.24 -10.64 -50.68
CA LYS A 23 38.53 -11.86 -51.03
C LYS A 23 38.02 -12.55 -49.76
N GLY A 24 36.76 -12.96 -49.80
CA GLY A 24 36.16 -13.67 -48.68
C GLY A 24 36.58 -15.12 -48.60
N ASN A 25 35.59 -16.01 -48.46
CA ASN A 25 35.82 -17.45 -48.38
C ASN A 25 35.94 -18.08 -49.76
N ASN A 26 35.13 -17.60 -50.71
CA ASN A 26 35.13 -18.09 -52.08
C ASN A 26 35.60 -17.04 -53.09
N ASN A 27 36.55 -16.18 -52.70
CA ASN A 27 36.99 -15.07 -53.55
C ASN A 27 35.77 -14.26 -53.98
N GLN A 28 35.10 -13.67 -52.99
CA GLN A 28 33.80 -13.08 -53.20
C GLN A 28 33.83 -11.56 -53.22
N ASN A 29 34.93 -10.93 -52.86
CA ASN A 29 34.99 -9.49 -52.63
C ASN A 29 33.90 -9.13 -51.60
N LYS A 30 34.11 -9.66 -50.39
CA LYS A 30 33.10 -9.63 -49.34
C LYS A 30 32.57 -8.22 -49.11
N TYR A 31 33.47 -7.24 -49.10
CA TYR A 31 33.08 -5.90 -48.71
C TYR A 31 32.60 -5.05 -49.86
N ILE A 32 33.02 -5.32 -51.09
CA ILE A 32 32.37 -4.62 -52.20
C ILE A 32 30.93 -5.10 -52.29
N GLU A 33 30.70 -6.36 -51.88
CA GLU A 33 29.37 -6.94 -51.84
C GLU A 33 28.52 -6.32 -50.73
N ARG A 34 29.09 -6.17 -49.54
CA ARG A 34 28.38 -5.51 -48.44
C ARG A 34 28.14 -4.03 -48.74
N ILE A 35 29.08 -3.36 -49.43
CA ILE A 35 28.86 -1.98 -49.83
C ILE A 35 27.69 -1.89 -50.79
N ASN A 36 27.64 -2.78 -51.78
CA ASN A 36 26.52 -2.80 -52.72
C ASN A 36 25.21 -3.01 -52.00
N GLU A 37 25.16 -4.00 -51.11
CA GLU A 37 23.92 -4.24 -50.37
C GLU A 37 23.51 -2.99 -49.60
N LEU A 38 24.50 -2.29 -49.03
CA LEU A 38 24.23 -1.10 -48.27
C LEU A 38 23.62 -0.02 -49.15
N VAL A 39 24.19 0.20 -50.33
CA VAL A 39 23.73 1.28 -51.21
C VAL A 39 22.37 0.96 -51.81
N ALA A 40 22.14 -0.31 -52.16
CA ALA A 40 20.86 -0.69 -52.76
C ALA A 40 19.72 -0.44 -51.79
N TYR A 41 19.86 -0.93 -50.57
CA TYR A 41 18.82 -0.82 -49.56
C TYR A 41 18.83 0.52 -48.85
N ARG A 42 19.72 1.43 -49.21
CA ARG A 42 19.78 2.74 -48.57
C ARG A 42 20.00 2.63 -47.06
N LYS A 43 20.78 1.65 -46.63
CA LYS A 43 21.22 1.56 -45.25
C LYS A 43 22.48 2.40 -45.06
N LYS A 44 22.66 2.94 -43.86
CA LYS A 44 23.73 3.90 -43.58
C LYS A 44 24.81 3.30 -42.68
N SER A 45 25.10 2.01 -42.82
CA SER A 45 26.00 1.37 -41.87
C SER A 45 26.63 0.14 -42.50
N LEU A 46 27.95 0.11 -42.53
CA LEU A 46 28.73 -1.00 -43.08
C LEU A 46 29.47 -1.69 -41.94
N ILE A 47 29.22 -2.96 -41.78
CA ILE A 47 29.85 -3.75 -40.74
C ILE A 47 31.09 -4.43 -41.31
N ILE A 48 32.21 -4.31 -40.61
CA ILE A 48 33.46 -4.95 -41.02
C ILE A 48 33.96 -5.81 -39.86
N GLU A 49 34.35 -7.03 -40.18
CA GLU A 49 34.91 -7.94 -39.22
C GLU A 49 36.34 -7.53 -38.91
N PHE A 50 36.69 -7.57 -37.63
CA PHE A 50 38.06 -7.21 -37.27
C PHE A 50 39.05 -8.25 -37.78
N SER A 51 38.67 -9.53 -37.78
CA SER A 51 39.60 -10.55 -38.23
C SER A 51 39.99 -10.36 -39.68
N ASP A 52 39.07 -9.85 -40.51
CA ASP A 52 39.41 -9.58 -41.91
C ASP A 52 40.41 -8.44 -42.02
N VAL A 53 40.25 -7.37 -41.22
CA VAL A 53 41.21 -6.27 -41.27
C VAL A 53 42.57 -6.71 -40.74
N LEU A 54 42.57 -7.49 -39.65
CA LEU A 54 43.84 -7.99 -39.12
C LEU A 54 44.52 -8.92 -40.11
N SER A 55 43.72 -9.64 -40.91
CA SER A 55 44.25 -10.48 -41.97
C SER A 55 44.72 -9.67 -43.17
N PHE A 56 44.25 -8.44 -43.33
CA PHE A 56 44.67 -7.58 -44.44
C PHE A 56 45.81 -6.65 -44.03
N ASN A 57 45.61 -5.84 -42.99
CA ASN A 57 46.60 -4.87 -42.53
C ASN A 57 46.54 -4.76 -41.02
N GLU A 58 47.53 -5.32 -40.32
CA GLU A 58 47.55 -5.26 -38.86
C GLU A 58 47.61 -3.83 -38.34
N ASN A 59 48.35 -2.96 -39.02
CA ASN A 59 48.50 -1.58 -38.56
C ASN A 59 47.17 -0.85 -38.57
N LEU A 60 46.38 -1.05 -39.63
CA LEU A 60 45.05 -0.44 -39.72
C LEU A 60 44.10 -1.00 -38.65
N ALA A 61 44.13 -2.31 -38.42
CA ALA A 61 43.27 -2.91 -37.41
C ALA A 61 43.60 -2.37 -36.02
N TYR A 62 44.88 -2.31 -35.69
CA TYR A 62 45.29 -1.78 -34.40
C TYR A 62 44.96 -0.29 -34.27
N GLU A 63 45.11 0.49 -35.35
CA GLU A 63 44.70 1.89 -35.28
C GLU A 63 43.21 2.02 -35.03
N ILE A 64 42.41 1.10 -35.56
CA ILE A 64 40.97 1.13 -35.32
C ILE A 64 40.67 0.85 -33.84
N ILE A 65 41.38 -0.11 -33.24
CA ILE A 65 41.08 -0.48 -31.86
C ILE A 65 41.60 0.57 -30.88
N ASN A 66 42.86 0.96 -31.04
CA ASN A 66 43.59 1.71 -30.02
C ASN A 66 43.43 3.21 -30.16
N ASN A 67 43.29 3.71 -31.38
CA ASN A 67 43.13 5.13 -31.66
C ASN A 67 41.78 5.42 -32.28
N THR A 68 40.71 4.80 -31.73
CA THR A 68 39.40 4.82 -32.36
C THR A 68 38.84 6.23 -32.52
N LYS A 69 39.02 7.06 -31.48
CA LYS A 69 38.24 8.28 -31.35
C LYS A 69 38.38 9.17 -32.58
N ILE A 70 39.59 9.26 -33.12
CA ILE A 70 39.85 10.09 -34.29
C ILE A 70 40.06 9.27 -35.57
N ILE A 71 40.49 8.01 -35.47
CA ILE A 71 40.71 7.24 -36.70
C ILE A 71 39.39 6.85 -37.35
N LEU A 72 38.30 6.73 -36.57
CA LEU A 72 37.07 6.23 -37.17
C LEU A 72 36.36 7.23 -38.07
N PRO A 73 36.18 8.50 -37.69
CA PRO A 73 35.47 9.42 -38.60
C PRO A 73 36.15 9.60 -39.94
N ILE A 74 37.48 9.50 -39.99
CA ILE A 74 38.22 9.60 -41.24
C ILE A 74 37.88 8.43 -42.15
N LEU A 75 37.86 7.21 -41.61
CA LEU A 75 37.44 6.05 -42.38
C LEU A 75 35.99 6.18 -42.85
N GLU A 76 35.12 6.70 -41.98
CA GLU A 76 33.72 6.85 -42.37
C GLU A 76 33.58 7.85 -43.52
N GLY A 77 34.40 8.90 -43.51
CA GLY A 77 34.38 9.84 -44.62
C GLY A 77 34.89 9.23 -45.92
N ALA A 78 35.95 8.43 -45.83
CA ALA A 78 36.42 7.72 -47.02
C ALA A 78 35.32 6.82 -47.58
N LEU A 79 34.63 6.10 -46.70
CA LEU A 79 33.55 5.23 -47.17
C LEU A 79 32.45 6.04 -47.83
N TYR A 80 32.12 7.20 -47.26
CA TYR A 80 31.10 8.05 -47.85
C TYR A 80 31.49 8.50 -49.25
N ASP A 81 32.76 8.85 -49.45
CA ASP A 81 33.22 9.24 -50.79
C ASP A 81 33.13 8.07 -51.77
N HIS A 82 33.55 6.86 -51.37
CA HIS A 82 33.43 5.71 -52.25
C HIS A 82 31.96 5.43 -52.61
N ILE A 83 31.07 5.48 -51.63
CA ILE A 83 29.64 5.21 -51.88
C ILE A 83 29.07 6.27 -52.80
N LEU A 84 29.38 7.54 -52.55
CA LEU A 84 28.84 8.63 -53.34
C LEU A 84 29.40 8.59 -54.76
N GLN A 85 30.54 7.93 -54.94
CA GLN A 85 31.02 7.62 -56.29
C GLN A 85 30.18 6.50 -56.90
N LEU A 86 29.80 5.50 -56.09
CA LEU A 86 28.97 4.39 -56.60
C LEU A 86 27.58 4.85 -57.01
N ASP A 87 26.96 5.75 -56.25
CA ASP A 87 25.59 6.19 -56.49
C ASP A 87 25.46 7.60 -55.92
N PRO A 88 25.56 8.63 -56.77
CA PRO A 88 25.41 10.00 -56.25
C PRO A 88 24.03 10.28 -55.67
N THR A 89 23.03 9.43 -55.96
CA THR A 89 21.71 9.58 -55.37
C THR A 89 21.72 9.26 -53.89
N TYR A 90 22.80 8.69 -53.37
CA TYR A 90 22.95 8.51 -51.92
C TYR A 90 22.86 9.85 -51.20
N GLN A 91 23.38 10.90 -51.83
CA GLN A 91 23.19 12.26 -51.35
C GLN A 91 21.70 12.56 -51.20
N ARG A 92 21.38 13.45 -50.26
CA ARG A 92 20.00 13.89 -50.00
C ARG A 92 19.09 12.74 -49.58
N ASP A 93 19.65 11.54 -49.48
CA ASP A 93 18.99 10.43 -48.83
C ASP A 93 19.63 10.12 -47.49
N ILE A 94 20.97 10.15 -47.45
CA ILE A 94 21.76 9.84 -46.28
C ILE A 94 22.95 10.78 -46.25
N GLU A 95 23.14 11.50 -45.16
CA GLU A 95 24.23 12.47 -45.12
C GLU A 95 25.50 11.95 -44.45
N LYS A 96 25.40 10.90 -43.64
CA LYS A 96 26.54 10.35 -42.92
C LYS A 96 26.42 8.83 -42.90
N VAL A 97 27.51 8.12 -43.12
CA VAL A 97 27.51 6.67 -42.98
C VAL A 97 28.30 6.29 -41.73
N HIS A 98 28.20 5.01 -41.34
CA HIS A 98 28.83 4.52 -40.13
C HIS A 98 29.69 3.31 -40.47
N VAL A 99 30.89 3.27 -39.89
CA VAL A 99 31.78 2.11 -40.00
C VAL A 99 31.81 1.43 -38.63
N ARG A 100 31.07 0.33 -38.52
CA ARG A 100 30.90 -0.37 -37.26
C ARG A 100 31.80 -1.61 -37.23
N ILE A 101 32.80 -1.61 -36.35
CA ILE A 101 33.69 -2.77 -36.22
C ILE A 101 33.10 -3.75 -35.23
N VAL A 102 33.04 -5.01 -35.65
CA VAL A 102 32.41 -6.09 -34.92
C VAL A 102 33.47 -7.13 -34.62
N GLY A 103 33.21 -7.95 -33.60
CA GLY A 103 34.12 -9.05 -33.27
C GLY A 103 35.55 -8.58 -33.04
N ILE A 104 35.81 -8.08 -31.84
CA ILE A 104 37.03 -7.34 -31.53
C ILE A 104 37.71 -8.17 -30.46
N PRO A 105 39.04 -8.15 -30.29
CA PRO A 105 39.66 -8.99 -29.27
C PRO A 105 39.57 -8.42 -27.85
N ARG A 106 39.12 -7.18 -27.71
CA ARG A 106 39.11 -6.46 -26.43
C ARG A 106 37.74 -6.63 -25.77
N VAL A 107 37.47 -7.86 -25.32
CA VAL A 107 36.26 -8.18 -24.56
C VAL A 107 36.63 -8.15 -23.09
N ILE A 108 35.76 -7.62 -22.24
CA ILE A 108 35.98 -7.66 -20.80
C ILE A 108 34.68 -8.01 -20.08
N GLU A 109 34.81 -8.82 -19.04
CA GLU A 109 33.67 -9.22 -18.24
C GLU A 109 33.07 -7.99 -17.59
N LEU A 110 31.74 -7.94 -17.54
CA LEU A 110 31.02 -6.73 -17.14
C LEU A 110 31.50 -6.24 -15.80
N ARG A 111 31.59 -7.15 -14.84
CA ARG A 111 31.93 -6.81 -13.47
C ARG A 111 33.37 -6.35 -13.35
N LYS A 112 34.23 -6.78 -14.25
CA LYS A 112 35.64 -6.56 -14.14
C LYS A 112 36.10 -5.28 -14.83
N ILE A 113 35.17 -4.43 -15.29
CA ILE A 113 35.60 -3.18 -15.91
C ILE A 113 36.04 -2.25 -14.79
N ARG A 114 37.07 -1.45 -15.06
CA ARG A 114 37.64 -0.60 -14.03
C ARG A 114 37.96 0.76 -14.64
N SER A 115 38.71 1.54 -13.87
CA SER A 115 39.09 2.88 -14.27
C SER A 115 39.84 2.85 -15.60
N THR A 116 40.83 1.97 -15.71
CA THR A 116 41.72 1.97 -16.87
C THR A 116 41.00 1.68 -18.18
N ASP A 117 39.73 1.26 -18.14
CA ASP A 117 38.98 0.92 -19.34
C ASP A 117 38.07 2.02 -19.84
N ILE A 118 37.94 3.14 -19.14
CA ILE A 118 37.10 4.21 -19.66
C ILE A 118 37.84 4.90 -20.81
N GLY A 119 37.11 5.21 -21.88
CA GLY A 119 37.69 5.85 -23.04
C GLY A 119 38.26 4.92 -24.08
N LYS A 120 38.41 3.63 -23.76
CA LYS A 120 38.88 2.64 -24.71
C LYS A 120 37.70 1.94 -25.38
N LEU A 121 37.95 1.43 -26.59
CA LEU A 121 36.96 0.67 -27.33
C LEU A 121 37.00 -0.79 -26.86
N ILE A 122 35.90 -1.24 -26.26
CA ILE A 122 35.83 -2.55 -25.65
C ILE A 122 34.52 -3.22 -26.06
N THR A 123 34.48 -4.54 -25.86
CA THR A 123 33.29 -5.36 -26.11
C THR A 123 32.81 -5.96 -24.80
N ILE A 124 31.49 -6.07 -24.66
CA ILE A 124 30.86 -6.64 -23.49
C ILE A 124 29.82 -7.65 -23.95
N ASP A 125 29.89 -8.86 -23.41
CA ASP A 125 28.99 -9.96 -23.72
C ASP A 125 27.97 -10.03 -22.58
N GLY A 126 26.69 -9.92 -22.90
CA GLY A 126 25.73 -9.95 -21.82
C GLY A 126 24.32 -10.05 -22.32
N ILE A 127 23.40 -10.28 -21.39
CA ILE A 127 22.01 -10.41 -21.74
C ILE A 127 21.36 -9.03 -21.67
N LEU A 128 20.70 -8.63 -22.73
CA LEU A 128 20.03 -7.34 -22.80
C LEU A 128 18.67 -7.47 -22.11
N VAL A 129 18.46 -6.70 -21.05
CA VAL A 129 17.34 -6.96 -20.15
C VAL A 129 16.25 -5.89 -20.19
N LYS A 130 16.55 -4.69 -20.65
CA LYS A 130 15.60 -3.59 -20.55
C LYS A 130 15.93 -2.61 -21.66
N VAL A 131 14.89 -2.08 -22.35
CA VAL A 131 15.09 -1.07 -23.38
C VAL A 131 14.02 0.01 -23.25
N THR A 132 14.33 1.19 -23.77
CA THR A 132 13.39 2.30 -23.76
C THR A 132 12.78 2.50 -25.14
N PRO A 133 11.68 3.25 -25.25
CA PRO A 133 11.23 3.66 -26.57
C PRO A 133 12.29 4.53 -27.21
N VAL A 134 12.13 4.78 -28.50
CA VAL A 134 13.12 5.55 -29.25
C VAL A 134 12.80 7.02 -29.08
N LYS A 135 13.75 7.78 -28.57
CA LYS A 135 13.63 9.22 -28.40
C LYS A 135 14.52 9.90 -29.43
N GLU A 136 14.51 11.23 -29.39
CA GLU A 136 15.36 12.05 -30.25
C GLU A 136 16.23 12.97 -29.41
N ARG A 137 17.49 13.09 -29.75
CA ARG A 137 18.43 13.97 -29.05
C ARG A 137 18.91 15.07 -29.98
N ILE A 138 18.91 16.30 -29.47
CA ILE A 138 19.47 17.42 -30.23
C ILE A 138 20.98 17.26 -30.30
N TYR A 139 21.54 17.29 -31.51
CA TYR A 139 22.99 17.35 -31.55
C TYR A 139 23.54 18.68 -32.06
N LYS A 140 22.77 19.42 -32.85
CA LYS A 140 23.07 20.83 -33.13
C LYS A 140 21.77 21.60 -33.13
N ALA A 141 21.56 22.40 -32.09
CA ALA A 141 20.36 23.21 -31.99
C ALA A 141 20.55 24.52 -32.73
N THR A 142 19.44 25.14 -33.09
CA THR A 142 19.45 26.46 -33.71
C THR A 142 18.40 27.29 -32.99
N TYR A 143 18.85 28.31 -32.27
CA TYR A 143 17.95 29.14 -31.49
C TYR A 143 17.65 30.42 -32.25
N LYS A 144 16.68 31.16 -31.71
CA LYS A 144 16.32 32.49 -32.19
C LYS A 144 16.19 33.40 -30.98
N HIS A 145 16.85 34.55 -31.06
CA HIS A 145 16.85 35.52 -29.96
C HIS A 145 15.57 36.33 -30.05
N ILE A 146 14.69 36.17 -29.06
CA ILE A 146 13.41 36.88 -29.05
C ILE A 146 13.64 38.25 -28.42
N HIS A 147 13.62 39.28 -29.25
CA HIS A 147 13.86 40.67 -28.88
C HIS A 147 13.55 41.51 -30.13
N PRO A 148 12.91 42.67 -29.98
CA PRO A 148 12.53 43.47 -31.16
C PRO A 148 13.71 44.15 -31.85
N ASP A 149 14.91 43.62 -31.66
CA ASP A 149 16.12 44.15 -32.28
C ASP A 149 16.93 43.09 -33.02
N CYS A 150 17.11 41.90 -32.42
CA CYS A 150 17.90 40.82 -32.99
C CYS A 150 17.08 39.98 -33.97
N MET A 151 16.35 39.00 -33.41
CA MET A 151 15.43 38.16 -34.16
C MET A 151 16.15 37.34 -35.25
N GLN A 152 17.38 36.91 -34.97
CA GLN A 152 18.20 36.19 -35.94
C GLN A 152 18.35 34.72 -35.55
N GLU A 153 18.38 33.85 -36.55
CA GLU A 153 18.59 32.42 -36.33
C GLU A 153 20.08 32.13 -36.23
N PHE A 154 20.45 31.25 -35.31
CA PHE A 154 21.85 30.86 -35.23
C PHE A 154 21.97 29.49 -34.58
N GLU A 155 22.86 28.67 -35.12
CA GLU A 155 23.19 27.39 -34.51
C GLU A 155 23.96 27.64 -33.21
N TRP A 156 23.43 27.11 -32.11
CA TRP A 156 24.05 27.45 -30.83
C TRP A 156 25.28 26.61 -30.54
N PRO A 157 25.22 25.28 -30.52
CA PRO A 157 26.45 24.53 -30.26
C PRO A 157 27.46 24.79 -31.37
N GLU A 158 27.99 26.01 -31.37
CA GLU A 158 28.84 26.50 -32.46
C GLU A 158 30.27 26.05 -32.25
N ASP A 159 30.94 25.73 -33.36
CA ASP A 159 32.28 25.15 -33.39
C ASP A 159 32.32 23.79 -32.70
N GLU A 160 31.16 23.24 -32.33
CA GLU A 160 31.07 21.98 -31.61
C GLU A 160 29.80 21.22 -31.92
N GLU A 161 29.36 20.45 -30.95
CA GLU A 161 28.16 19.63 -31.02
C GLU A 161 27.52 19.67 -29.63
N MET A 162 26.18 19.64 -29.59
CA MET A 162 25.47 19.62 -28.33
C MET A 162 25.99 18.46 -27.47
N PRO A 163 26.43 18.72 -26.23
CA PRO A 163 26.96 17.64 -25.40
C PRO A 163 25.83 16.78 -24.83
N GLU A 164 26.21 15.75 -24.06
CA GLU A 164 25.20 14.92 -23.40
C GLU A 164 24.34 15.78 -22.48
N VAL A 165 25.00 16.60 -21.65
CA VAL A 165 24.25 17.62 -20.93
C VAL A 165 23.72 18.62 -21.94
N LEU A 166 22.58 19.22 -21.62
CA LEU A 166 22.03 20.27 -22.46
C LEU A 166 22.48 21.60 -21.89
N GLU A 167 23.18 22.38 -22.69
CA GLU A 167 23.58 23.73 -22.30
C GLU A 167 23.05 24.68 -23.36
N MET A 168 22.31 25.65 -22.93
CA MET A 168 21.75 26.69 -23.78
C MET A 168 22.53 27.99 -23.61
N PRO A 169 22.54 28.85 -24.63
CA PRO A 169 23.39 30.04 -24.58
C PRO A 169 22.90 31.07 -23.56
N THR A 170 23.85 31.92 -23.16
CA THR A 170 23.58 33.06 -22.29
C THR A 170 23.66 34.41 -23.00
N ILE A 171 24.45 34.51 -24.06
CA ILE A 171 24.61 35.76 -24.82
C ILE A 171 24.43 35.46 -26.31
N CYS A 172 23.63 36.28 -26.98
CA CYS A 172 23.41 36.12 -28.42
C CYS A 172 24.70 36.44 -29.17
N PRO A 173 25.25 35.49 -29.93
CA PRO A 173 26.48 35.77 -30.69
C PRO A 173 26.28 36.55 -31.97
N LYS A 174 25.04 36.74 -32.42
CA LYS A 174 24.77 37.41 -33.69
C LYS A 174 24.58 38.91 -33.52
N CYS A 175 24.44 39.39 -32.28
CA CYS A 175 24.27 40.81 -32.00
C CYS A 175 25.09 41.23 -30.79
N GLY A 176 25.20 40.35 -29.80
CA GLY A 176 25.91 40.63 -28.58
C GLY A 176 25.06 40.93 -27.36
N LYS A 177 23.77 40.62 -27.40
CA LYS A 177 22.82 40.97 -26.36
C LYS A 177 22.23 39.74 -25.70
N PRO A 178 22.26 39.63 -24.37
CA PRO A 178 21.63 38.48 -23.70
C PRO A 178 20.12 38.60 -23.75
N GLY A 179 19.42 37.51 -23.45
CA GLY A 179 17.98 37.64 -23.46
C GLY A 179 17.28 36.29 -23.55
N GLN A 180 16.08 36.32 -24.11
CA GLN A 180 15.29 35.11 -24.29
C GLN A 180 15.68 34.42 -25.57
N PHE A 181 15.78 33.09 -25.51
CA PHE A 181 16.12 32.28 -26.67
C PHE A 181 15.08 31.21 -26.84
N ARG A 182 14.48 31.15 -28.03
CA ARG A 182 13.48 30.16 -28.35
C ARG A 182 14.11 29.11 -29.24
N LEU A 183 13.85 27.85 -28.93
CA LEU A 183 14.36 26.75 -29.72
C LEU A 183 13.53 26.66 -30.99
N ILE A 184 14.20 26.62 -32.14
CA ILE A 184 13.55 26.45 -33.43
C ILE A 184 13.77 25.00 -33.86
N PRO A 185 12.72 24.17 -33.90
CA PRO A 185 12.92 22.77 -34.29
C PRO A 185 13.16 22.60 -35.78
N GLU A 186 12.85 23.61 -36.60
CA GLU A 186 13.06 23.48 -38.04
C GLU A 186 14.55 23.42 -38.35
N LYS A 187 15.34 24.35 -37.80
CA LYS A 187 16.77 24.33 -38.01
C LYS A 187 17.51 23.57 -36.92
N THR A 188 16.81 22.69 -36.19
CA THR A 188 17.45 21.89 -35.16
C THR A 188 17.60 20.47 -35.69
N LYS A 189 18.73 19.84 -35.41
CA LYS A 189 19.05 18.54 -35.95
C LYS A 189 19.10 17.48 -34.85
N LEU A 190 18.54 16.31 -35.15
CA LEU A 190 18.27 15.28 -34.14
C LEU A 190 18.86 13.93 -34.52
N ILE A 191 19.23 13.17 -33.49
CA ILE A 191 19.69 11.79 -33.61
C ILE A 191 18.65 10.90 -32.96
N ASP A 192 18.35 9.77 -33.59
CA ASP A 192 17.59 8.73 -32.90
C ASP A 192 18.40 8.22 -31.71
N TRP A 193 17.71 8.00 -30.59
CA TRP A 193 18.36 7.78 -29.29
C TRP A 193 17.61 6.70 -28.54
N GLN A 194 18.33 5.79 -27.90
CA GLN A 194 17.66 4.72 -27.18
C GLN A 194 18.55 4.22 -26.06
N LYS A 195 18.01 4.13 -24.85
CA LYS A 195 18.75 3.59 -23.72
C LYS A 195 18.37 2.13 -23.50
N ALA A 196 19.38 1.30 -23.24
CA ALA A 196 19.20 -0.12 -22.98
C ALA A 196 20.08 -0.50 -21.80
N VAL A 197 19.77 -1.64 -21.19
CA VAL A 197 20.54 -2.15 -20.08
C VAL A 197 21.01 -3.55 -20.41
N ILE A 198 22.26 -3.83 -20.13
CA ILE A 198 22.71 -5.20 -20.28
C ILE A 198 23.17 -5.66 -18.91
N GLN A 199 22.96 -6.94 -18.61
CA GLN A 199 23.46 -7.47 -17.36
C GLN A 199 24.32 -8.68 -17.62
N GLU A 200 25.23 -8.95 -16.69
CA GLU A 200 26.27 -9.93 -16.97
C GLU A 200 25.65 -11.30 -17.11
N ARG A 201 26.26 -12.10 -17.97
CA ARG A 201 25.75 -13.42 -18.18
C ARG A 201 25.77 -14.19 -16.86
N PRO A 202 24.76 -15.02 -16.58
CA PRO A 202 24.68 -15.66 -15.26
C PRO A 202 25.90 -16.44 -14.89
N GLU A 203 26.63 -16.97 -15.87
CA GLU A 203 27.85 -17.73 -15.63
C GLU A 203 28.98 -16.84 -15.09
N GLU A 204 28.80 -15.52 -15.12
CA GLU A 204 29.79 -14.58 -14.65
C GLU A 204 29.53 -14.07 -13.24
N VAL A 205 28.35 -14.34 -12.69
CA VAL A 205 27.98 -13.77 -11.41
C VAL A 205 28.68 -14.55 -10.29
N PRO A 206 29.42 -13.84 -9.43
CA PRO A 206 30.20 -14.50 -8.38
C PRO A 206 29.33 -15.20 -7.37
N SER A 207 29.99 -16.03 -6.57
CA SER A 207 29.28 -16.80 -5.58
C SER A 207 28.56 -15.88 -4.62
N GLY A 208 27.28 -16.15 -4.38
CA GLY A 208 26.57 -15.41 -3.36
C GLY A 208 26.30 -13.96 -3.66
N GLN A 209 26.72 -13.45 -4.80
CA GLN A 209 26.43 -12.08 -5.21
C GLN A 209 25.32 -12.03 -6.26
N LEU A 210 24.81 -10.84 -6.51
CA LEU A 210 23.77 -10.42 -7.46
C LEU A 210 24.37 -9.86 -8.73
N PRO A 211 23.70 -10.08 -9.85
CA PRO A 211 24.28 -9.70 -11.13
C PRO A 211 24.33 -8.20 -11.28
N ARG A 212 25.46 -7.72 -11.80
CA ARG A 212 25.64 -6.30 -12.08
C ARG A 212 25.06 -5.96 -13.43
N GLN A 213 24.77 -4.68 -13.62
CA GLN A 213 24.22 -4.17 -14.85
C GLN A 213 25.04 -2.99 -15.35
N LEU A 214 24.90 -2.71 -16.64
CA LEU A 214 25.59 -1.60 -17.29
C LEU A 214 24.65 -0.97 -18.32
N GLU A 215 24.62 0.36 -18.33
CA GLU A 215 23.76 1.13 -19.21
C GLU A 215 24.45 1.34 -20.56
N ILE A 216 23.72 1.10 -21.64
CA ILE A 216 24.25 1.30 -22.98
C ILE A 216 23.34 2.23 -23.75
N ILE A 217 23.93 2.99 -24.68
CA ILE A 217 23.21 3.98 -25.47
C ILE A 217 23.37 3.65 -26.94
N LEU A 218 22.24 3.53 -27.63
CA LEU A 218 22.19 3.19 -29.06
C LEU A 218 21.61 4.39 -29.80
N GLU A 219 22.33 4.87 -30.81
CA GLU A 219 21.90 6.05 -31.57
C GLU A 219 21.88 5.73 -33.06
N ASP A 220 21.15 6.57 -33.81
CA ASP A 220 20.98 6.48 -35.27
C ASP A 220 20.51 5.06 -35.60
N ASP A 221 21.08 4.40 -36.62
CA ASP A 221 20.53 3.12 -37.05
C ASP A 221 20.78 1.98 -36.05
N LEU A 222 21.51 2.21 -34.95
CA LEU A 222 21.65 1.16 -33.93
C LEU A 222 20.36 0.97 -33.18
N VAL A 223 19.44 1.93 -33.27
CA VAL A 223 18.20 1.87 -32.54
C VAL A 223 17.42 0.62 -32.94
N ASP A 224 16.86 -0.06 -31.93
CA ASP A 224 15.97 -1.21 -32.10
C ASP A 224 16.63 -2.38 -32.82
N SER A 225 17.90 -2.64 -32.53
CA SER A 225 18.59 -3.74 -33.20
C SER A 225 18.65 -5.03 -32.38
N ALA A 226 18.11 -5.05 -31.17
CA ALA A 226 18.00 -6.32 -30.44
C ALA A 226 16.93 -6.16 -29.38
N ARG A 227 16.28 -7.28 -29.03
CA ARG A 227 15.14 -7.28 -28.13
C ARG A 227 15.53 -7.72 -26.73
N PRO A 228 14.74 -7.35 -25.73
CA PRO A 228 14.98 -7.84 -24.37
C PRO A 228 14.99 -9.36 -24.32
N GLY A 229 15.97 -9.90 -23.62
CA GLY A 229 16.20 -11.30 -23.52
C GLY A 229 17.36 -11.75 -24.37
N ASP A 230 17.64 -11.03 -25.44
CA ASP A 230 18.71 -11.39 -26.35
C ASP A 230 20.08 -11.29 -25.69
N ARG A 231 20.90 -12.31 -25.87
CA ARG A 231 22.30 -12.18 -25.49
C ARG A 231 23.03 -11.46 -26.62
N VAL A 232 23.60 -10.30 -26.30
CA VAL A 232 24.21 -9.44 -27.30
C VAL A 232 25.68 -9.29 -26.95
N LYS A 233 26.42 -8.76 -27.93
CA LYS A 233 27.85 -8.48 -27.84
C LYS A 233 28.05 -7.02 -28.23
N VAL A 234 28.02 -6.11 -27.24
CA VAL A 234 28.06 -4.67 -27.51
C VAL A 234 29.50 -4.20 -27.56
N THR A 235 29.85 -3.47 -28.60
CA THR A 235 31.15 -2.86 -28.73
C THR A 235 30.98 -1.35 -28.69
N GLY A 236 31.89 -0.66 -28.00
CA GLY A 236 31.76 0.77 -27.87
C GLY A 236 32.79 1.32 -26.91
N ILE A 237 32.56 2.56 -26.47
CA ILE A 237 33.50 3.26 -25.59
C ILE A 237 32.80 3.65 -24.30
N LEU A 238 33.51 3.52 -23.18
CA LEU A 238 32.91 3.79 -21.88
C LEU A 238 33.03 5.27 -21.52
N ASP A 239 32.08 5.74 -20.72
CA ASP A 239 32.03 7.13 -20.29
C ASP A 239 31.27 7.21 -18.97
N ILE A 240 31.25 8.42 -18.37
CA ILE A 240 30.63 8.63 -17.06
C ILE A 240 29.28 9.33 -17.22
N LYS A 241 28.30 8.87 -16.45
CA LYS A 241 26.92 9.30 -16.59
C LYS A 241 26.64 10.57 -15.78
N GLN A 242 26.20 11.61 -16.48
CA GLN A 242 25.92 12.93 -15.92
C GLN A 242 24.41 13.16 -15.96
N ASP A 243 23.80 13.32 -14.78
CA ASP A 243 22.36 13.58 -14.66
C ASP A 243 22.04 15.02 -14.36
N SER A 244 22.98 15.76 -13.75
CA SER A 244 22.86 17.19 -13.47
C SER A 244 24.16 17.68 -12.82
N PRO A 245 25.28 17.75 -13.57
CA PRO A 245 26.57 18.03 -12.94
C PRO A 245 26.85 19.51 -12.72
N VAL A 246 26.05 20.42 -13.27
CA VAL A 246 26.34 21.84 -13.13
C VAL A 246 26.07 22.33 -11.71
N LYS A 247 25.35 21.56 -10.89
CA LYS A 247 25.06 21.89 -9.50
C LYS A 247 25.95 21.07 -8.56
N ARG A 248 26.20 21.64 -7.38
CA ARG A 248 27.12 21.08 -6.39
C ARG A 248 26.43 20.00 -5.56
N GLY A 249 26.76 19.94 -4.27
CA GLY A 249 26.16 19.01 -3.34
C GLY A 249 26.65 17.58 -3.43
N SER A 250 27.93 17.38 -3.15
CA SER A 250 28.57 16.04 -3.11
C SER A 250 28.50 15.42 -4.51
N ARG A 251 28.44 14.10 -4.56
CA ARG A 251 28.33 13.37 -5.83
C ARG A 251 29.53 13.62 -6.73
N ALA A 252 30.72 13.44 -6.17
CA ALA A 252 31.91 13.42 -7.01
C ALA A 252 32.05 12.07 -7.71
N VAL A 253 31.05 11.20 -7.58
CA VAL A 253 31.05 9.83 -8.11
C VAL A 253 30.04 9.72 -9.23
N PHE A 254 30.37 8.93 -10.24
CA PHE A 254 29.56 8.79 -11.43
C PHE A 254 29.44 7.32 -11.81
N ASP A 255 28.40 7.02 -12.58
CA ASP A 255 28.20 5.67 -13.09
C ASP A 255 28.86 5.52 -14.45
N ILE A 256 29.05 4.30 -14.86
CA ILE A 256 29.69 4.01 -16.13
C ILE A 256 28.59 3.67 -17.13
N TYR A 257 28.76 4.12 -18.37
CA TYR A 257 27.87 3.70 -19.44
C TYR A 257 28.67 3.56 -20.72
N MET A 258 28.11 2.84 -21.68
CA MET A 258 28.76 2.62 -22.96
C MET A 258 28.01 3.34 -24.06
N LYS A 259 28.71 4.21 -24.78
CA LYS A 259 28.22 4.66 -26.07
C LYS A 259 28.53 3.56 -27.07
N VAL A 260 27.46 2.94 -27.64
CA VAL A 260 27.62 1.74 -28.47
C VAL A 260 27.91 2.14 -29.90
N SER A 261 28.88 1.46 -30.51
CA SER A 261 29.16 1.58 -31.92
C SER A 261 28.85 0.32 -32.71
N SER A 262 28.63 -0.81 -32.06
CA SER A 262 28.46 -2.09 -32.74
C SER A 262 27.71 -3.03 -31.82
N ILE A 263 26.86 -3.88 -32.39
CA ILE A 263 26.06 -4.82 -31.60
C ILE A 263 25.78 -6.04 -32.47
N GLU A 264 25.89 -7.23 -31.87
CA GLU A 264 25.59 -8.46 -32.58
C GLU A 264 24.89 -9.42 -31.62
N VAL A 265 23.88 -10.12 -32.15
CA VAL A 265 22.99 -10.95 -31.35
C VAL A 265 23.34 -12.41 -31.55
N SER A 266 22.94 -13.25 -30.58
CA SER A 266 23.27 -14.69 -30.49
C SER A 266 24.75 -14.93 -30.21
N SER A 273 28.77 -16.69 -39.24
CA SER A 273 27.43 -17.27 -39.23
C SER A 273 27.09 -17.89 -40.59
N GLU A 274 28.04 -18.64 -41.15
CA GLU A 274 27.86 -19.12 -42.52
C GLU A 274 28.23 -20.58 -42.70
N GLU A 275 29.42 -20.98 -42.23
CA GLU A 275 29.76 -22.40 -42.26
C GLU A 275 28.77 -23.21 -41.44
N ASP A 276 28.03 -22.56 -40.53
CA ASP A 276 26.98 -23.23 -39.79
C ASP A 276 25.93 -23.82 -40.73
N GLU A 277 25.60 -23.10 -41.81
CA GLU A 277 24.58 -23.59 -42.75
C GLU A 277 25.04 -24.89 -43.41
N LYS A 278 26.28 -24.95 -43.88
CA LYS A 278 26.80 -26.19 -44.43
C LYS A 278 26.88 -27.27 -43.36
N LYS A 279 27.19 -26.89 -42.11
CA LYS A 279 27.28 -27.90 -41.04
C LYS A 279 25.92 -28.51 -40.77
N ILE A 280 24.89 -27.69 -40.66
CA ILE A 280 23.57 -28.23 -40.37
C ILE A 280 23.02 -28.98 -41.58
N LYS A 281 23.33 -28.55 -42.81
CA LYS A 281 22.86 -29.31 -43.98
C LYS A 281 23.51 -30.69 -44.04
N ASP A 282 24.83 -30.76 -43.82
CA ASP A 282 25.49 -32.06 -43.72
C ASP A 282 24.88 -32.90 -42.62
N LEU A 283 24.48 -32.27 -41.52
CA LEU A 283 23.79 -33.01 -40.48
C LEU A 283 22.49 -33.59 -41.02
N ALA A 284 21.73 -32.80 -41.77
CA ALA A 284 20.41 -33.20 -42.21
C ALA A 284 20.43 -34.23 -43.33
N LYS A 285 21.60 -34.44 -43.95
CA LYS A 285 21.72 -35.54 -44.91
C LYS A 285 21.71 -36.90 -44.23
N ASP A 286 21.86 -36.95 -42.91
CA ASP A 286 21.82 -38.23 -42.19
C ASP A 286 20.45 -38.88 -42.33
N PRO A 287 20.37 -40.12 -42.81
CA PRO A 287 19.07 -40.79 -42.91
C PRO A 287 18.41 -41.07 -41.60
N TRP A 288 19.16 -41.10 -40.51
CA TRP A 288 18.57 -41.29 -39.19
C TRP A 288 18.76 -40.06 -38.31
N ILE A 289 18.75 -38.88 -38.94
CA ILE A 289 19.07 -37.65 -38.21
C ILE A 289 18.07 -37.43 -37.08
N ARG A 290 16.82 -37.83 -37.25
CA ARG A 290 15.86 -37.64 -36.17
C ARG A 290 16.26 -38.46 -34.96
N ASP A 291 16.67 -39.70 -35.16
CA ASP A 291 17.08 -40.50 -34.02
C ASP A 291 18.32 -39.90 -33.37
N ARG A 292 19.21 -39.32 -34.15
CA ARG A 292 20.40 -38.66 -33.64
C ARG A 292 20.04 -37.47 -32.75
N ILE A 293 19.18 -36.59 -33.24
CA ILE A 293 18.73 -35.45 -32.45
C ILE A 293 18.08 -35.92 -31.16
N ILE A 294 17.17 -36.90 -31.27
CA ILE A 294 16.45 -37.38 -30.11
C ILE A 294 17.41 -37.94 -29.07
N SER A 295 18.42 -38.70 -29.52
CA SER A 295 19.41 -39.21 -28.55
C SER A 295 20.36 -38.13 -28.06
N SER A 296 20.39 -36.96 -28.70
CA SER A 296 21.19 -35.85 -28.21
C SER A 296 20.48 -35.00 -27.16
N ILE A 297 19.24 -35.33 -26.81
CA ILE A 297 18.43 -34.52 -25.88
C ILE A 297 18.68 -35.03 -24.47
N ALA A 298 19.26 -34.20 -23.62
CA ALA A 298 19.55 -34.56 -22.23
C ALA A 298 20.36 -35.86 -22.15
N PRO A 299 21.58 -35.89 -22.69
CA PRO A 299 22.30 -37.16 -22.79
C PRO A 299 22.69 -37.75 -21.47
N SER A 300 22.66 -36.99 -20.38
CA SER A 300 23.10 -37.54 -19.11
C SER A 300 21.99 -38.23 -18.35
N ILE A 301 20.86 -38.47 -19.03
CA ILE A 301 19.64 -39.03 -18.44
C ILE A 301 19.40 -40.41 -19.04
N TYR A 302 19.36 -41.43 -18.20
CA TYR A 302 19.15 -42.78 -18.67
C TYR A 302 17.70 -42.99 -19.03
N GLY A 303 17.43 -43.34 -20.27
CA GLY A 303 16.07 -43.66 -20.65
C GLY A 303 15.23 -42.43 -21.03
N HIS A 304 13.94 -42.53 -20.74
CA HIS A 304 12.94 -41.48 -21.05
C HIS A 304 12.99 -41.10 -22.53
N TRP A 305 13.12 -42.12 -23.38
CA TRP A 305 13.25 -41.88 -24.81
C TRP A 305 11.97 -41.31 -25.40
N GLU A 306 10.82 -41.77 -24.94
CA GLU A 306 9.57 -41.19 -25.41
C GLU A 306 9.50 -39.70 -25.07
N LEU A 307 9.90 -39.32 -23.86
CA LEU A 307 9.87 -37.91 -23.51
C LEU A 307 10.92 -37.14 -24.28
N LYS A 308 12.08 -37.73 -24.51
CA LYS A 308 13.09 -37.01 -25.27
C LYS A 308 12.57 -36.71 -26.67
N GLU A 309 11.91 -37.68 -27.30
CA GLU A 309 11.29 -37.47 -28.61
C GLU A 309 10.27 -36.36 -28.57
N ALA A 310 9.38 -36.39 -27.57
CA ALA A 310 8.37 -35.34 -27.48
C ALA A 310 9.02 -33.97 -27.29
N LEU A 311 10.03 -33.90 -26.43
CA LEU A 311 10.70 -32.62 -26.18
C LEU A 311 11.39 -32.10 -27.44
N ALA A 312 12.02 -32.98 -28.20
CA ALA A 312 12.60 -32.55 -29.47
C ALA A 312 11.52 -32.02 -30.40
N LEU A 313 10.37 -32.70 -30.45
CA LEU A 313 9.26 -32.20 -31.25
C LEU A 313 8.87 -30.82 -30.79
N ALA A 314 8.69 -30.65 -29.48
CA ALA A 314 8.33 -29.34 -28.95
C ALA A 314 9.37 -28.30 -29.32
N LEU A 315 10.64 -28.71 -29.39
CA LEU A 315 11.70 -27.80 -29.80
C LEU A 315 11.52 -27.33 -31.23
N PHE A 316 11.14 -28.25 -32.13
CA PHE A 316 11.01 -27.94 -33.56
C PHE A 316 9.65 -27.35 -33.92
N GLY A 317 8.57 -27.96 -33.42
CA GLY A 317 7.23 -27.47 -33.64
C GLY A 317 6.68 -27.58 -35.06
N GLY A 318 5.35 -27.66 -35.14
CA GLY A 318 4.62 -27.72 -36.39
C GLY A 318 4.58 -26.40 -37.13
N VAL A 319 3.65 -26.23 -38.07
CA VAL A 319 3.56 -25.00 -38.84
C VAL A 319 2.30 -24.26 -38.41
N PRO A 320 2.40 -22.98 -38.06
CA PRO A 320 1.21 -22.20 -37.74
C PRO A 320 0.50 -21.83 -39.02
N LYS A 321 -0.82 -21.89 -38.98
CA LYS A 321 -1.71 -21.54 -40.08
C LYS A 321 -2.47 -20.29 -39.70
N VAL A 322 -2.35 -19.22 -40.49
CA VAL A 322 -3.07 -17.98 -40.18
C VAL A 322 -4.03 -17.67 -41.34
N LEU A 323 -5.33 -17.68 -41.06
CA LEU A 323 -6.39 -17.68 -42.06
C LEU A 323 -7.22 -16.39 -41.98
N GLU A 324 -8.30 -16.35 -42.76
CA GLU A 324 -9.16 -15.17 -42.82
C GLU A 324 -9.89 -14.93 -41.50
N ASP A 325 -10.47 -15.97 -40.91
CA ASP A 325 -11.28 -15.82 -39.71
C ASP A 325 -10.53 -16.18 -38.44
N THR A 326 -9.90 -17.35 -38.41
CA THR A 326 -9.14 -17.79 -37.26
C THR A 326 -7.68 -17.95 -37.64
N ARG A 327 -6.86 -18.37 -36.67
CA ARG A 327 -5.49 -18.79 -36.92
C ARG A 327 -5.26 -20.04 -36.10
N ILE A 328 -4.33 -20.87 -36.56
CA ILE A 328 -4.15 -22.20 -35.98
C ILE A 328 -2.75 -22.31 -35.41
N ARG A 329 -2.67 -22.80 -34.18
CA ARG A 329 -1.44 -22.75 -33.40
C ARG A 329 -0.39 -23.66 -34.03
N GLY A 330 0.86 -23.20 -34.04
CA GLY A 330 1.89 -24.06 -34.59
C GLY A 330 2.77 -24.68 -33.53
N ASP A 331 2.78 -24.10 -32.33
CA ASP A 331 3.63 -24.57 -31.25
C ASP A 331 3.04 -25.81 -30.57
N ILE A 332 3.93 -26.67 -30.08
CA ILE A 332 3.54 -27.94 -29.48
C ILE A 332 3.72 -27.83 -27.97
N HIS A 333 2.63 -28.03 -27.24
CA HIS A 333 2.66 -27.93 -25.79
C HIS A 333 2.80 -29.33 -25.21
N ILE A 334 3.66 -29.46 -24.20
CA ILE A 334 3.95 -30.75 -23.57
C ILE A 334 3.88 -30.61 -22.06
N LEU A 335 3.23 -31.58 -21.42
CA LEU A 335 3.12 -31.64 -19.97
C LEU A 335 3.64 -32.97 -19.48
N ILE A 336 4.55 -32.93 -18.50
CA ILE A 336 5.15 -34.12 -17.89
C ILE A 336 4.74 -34.15 -16.42
N ILE A 337 3.96 -35.16 -16.05
CA ILE A 337 3.57 -35.39 -14.67
C ILE A 337 4.36 -36.58 -14.19
N GLY A 338 5.22 -36.39 -13.19
CA GLY A 338 6.10 -37.48 -12.83
C GLY A 338 6.41 -37.56 -11.35
N ASP A 339 6.78 -38.79 -10.94
CA ASP A 339 7.22 -39.03 -9.59
C ASP A 339 8.41 -38.13 -9.26
N PRO A 340 8.73 -37.98 -7.97
CA PRO A 340 9.90 -37.17 -7.62
C PRO A 340 11.17 -37.87 -8.03
N GLY A 341 12.14 -37.08 -8.49
CA GLY A 341 13.43 -37.62 -8.86
C GLY A 341 13.49 -38.33 -10.20
N THR A 342 12.68 -37.92 -11.17
CA THR A 342 12.60 -38.62 -12.46
C THR A 342 13.22 -37.81 -13.59
N ALA A 343 14.18 -36.95 -13.28
CA ALA A 343 14.93 -36.17 -14.26
C ALA A 343 14.09 -35.14 -14.97
N LYS A 344 12.90 -34.83 -14.45
CA LYS A 344 12.05 -33.85 -15.12
C LYS A 344 12.75 -32.51 -15.21
N SER A 345 13.10 -31.94 -14.06
CA SER A 345 13.71 -30.62 -14.03
C SER A 345 15.02 -30.60 -14.80
N GLN A 346 15.78 -31.71 -14.78
CA GLN A 346 17.05 -31.76 -15.48
C GLN A 346 16.84 -31.69 -16.98
N MET A 347 15.87 -32.45 -17.47
CA MET A 347 15.52 -32.39 -18.89
C MET A 347 14.97 -31.01 -19.27
N LEU A 348 14.16 -30.41 -18.40
CA LEU A 348 13.61 -29.11 -18.77
C LEU A 348 14.69 -28.04 -18.76
N GLN A 349 15.61 -28.12 -17.81
CA GLN A 349 16.75 -27.21 -17.82
C GLN A 349 17.56 -27.40 -19.11
N PHE A 350 17.77 -28.66 -19.52
CA PHE A 350 18.48 -28.93 -20.77
C PHE A 350 17.78 -28.27 -21.95
N ILE A 351 16.46 -28.48 -22.07
CA ILE A 351 15.82 -27.94 -23.26
C ILE A 351 15.75 -26.44 -23.18
N SER A 352 15.79 -25.85 -21.99
CA SER A 352 15.92 -24.39 -21.93
C SER A 352 17.30 -23.94 -22.41
N ARG A 353 18.35 -24.74 -22.17
CA ARG A 353 19.69 -24.40 -22.66
C ARG A 353 19.82 -24.59 -24.17
N VAL A 354 19.25 -25.67 -24.71
CA VAL A 354 19.45 -25.98 -26.12
C VAL A 354 18.56 -25.13 -27.02
N ALA A 355 17.44 -24.65 -26.53
CA ALA A 355 16.53 -23.89 -27.36
C ALA A 355 17.17 -22.57 -27.78
N PRO A 356 17.02 -22.17 -29.04
CA PRO A 356 17.53 -20.86 -29.46
C PRO A 356 16.90 -19.69 -28.69
N ARG A 357 15.67 -19.80 -28.24
CA ARG A 357 15.05 -18.78 -27.39
C ARG A 357 14.17 -19.48 -26.38
N ALA A 358 14.49 -19.33 -25.10
CA ALA A 358 13.75 -20.06 -24.08
C ALA A 358 13.69 -19.20 -22.85
N VAL A 359 12.67 -19.43 -22.05
CA VAL A 359 12.50 -18.75 -20.78
C VAL A 359 12.17 -19.81 -19.75
N TYR A 360 12.91 -19.86 -18.66
CA TYR A 360 12.69 -20.87 -17.63
C TYR A 360 12.07 -20.21 -16.43
N THR A 361 10.99 -20.83 -15.94
CA THR A 361 10.24 -20.31 -14.82
C THR A 361 9.80 -21.47 -13.96
N THR A 362 9.60 -21.17 -12.70
CA THR A 362 9.11 -22.12 -11.70
C THR A 362 7.80 -21.60 -11.16
N GLY A 363 6.88 -22.54 -10.95
CA GLY A 363 5.55 -22.15 -10.50
C GLY A 363 5.59 -21.28 -9.27
N LYS A 364 6.54 -21.54 -8.37
CA LYS A 364 6.67 -20.75 -7.16
C LYS A 364 7.54 -19.53 -7.36
N GLY A 365 8.39 -19.50 -8.38
CA GLY A 365 9.19 -18.32 -8.63
C GLY A 365 8.58 -17.25 -9.51
N SER A 366 7.38 -17.48 -10.07
CA SER A 366 6.79 -16.62 -11.08
C SER A 366 5.45 -16.05 -10.61
N THR A 367 5.14 -14.85 -11.09
CA THR A 367 3.89 -14.17 -10.87
C THR A 367 3.05 -14.18 -12.16
N ALA A 368 1.85 -13.60 -12.10
CA ALA A 368 1.09 -13.33 -13.31
C ALA A 368 1.72 -12.19 -14.08
N ALA A 369 2.17 -11.13 -13.39
CA ALA A 369 2.83 -10.03 -14.08
C ALA A 369 4.20 -10.45 -14.59
N GLY A 370 4.91 -11.30 -13.84
CA GLY A 370 6.19 -11.76 -14.29
C GLY A 370 6.08 -12.69 -15.45
N LEU A 371 4.94 -13.36 -15.60
CA LEU A 371 4.69 -14.29 -16.70
C LEU A 371 4.10 -13.63 -17.92
N THR A 372 3.43 -12.49 -17.76
CA THR A 372 2.76 -11.87 -18.88
C THR A 372 3.38 -10.51 -19.17
N ALA A 373 3.03 -9.49 -18.40
CA ALA A 373 3.63 -8.19 -18.62
C ALA A 373 3.39 -7.36 -17.39
N ALA A 374 4.41 -6.61 -16.99
CA ALA A 374 4.36 -5.92 -15.72
C ALA A 374 4.10 -4.46 -15.96
N VAL A 375 3.05 -3.95 -15.30
CA VAL A 375 2.66 -2.55 -15.32
C VAL A 375 3.27 -1.92 -14.09
N VAL A 376 4.30 -1.12 -14.27
CA VAL A 376 5.03 -0.57 -13.13
C VAL A 376 4.57 0.87 -12.89
N ARG A 377 4.26 1.17 -11.62
CA ARG A 377 3.93 2.51 -11.12
C ARG A 377 5.22 3.30 -10.91
N GLU A 378 5.54 4.15 -11.88
CA GLU A 378 6.69 5.03 -11.77
C GLU A 378 6.45 6.10 -10.70
N LYS A 379 7.09 5.99 -9.53
CA LYS A 379 7.06 7.16 -8.65
C LYS A 379 7.97 8.28 -9.15
N GLY A 380 8.78 7.99 -10.18
CA GLY A 380 9.65 8.98 -10.80
C GLY A 380 9.06 9.82 -11.91
N THR A 381 8.85 9.20 -13.08
CA THR A 381 8.28 9.90 -14.24
C THR A 381 6.82 10.29 -14.06
N GLY A 382 6.11 9.69 -13.10
CA GLY A 382 4.71 9.97 -12.82
C GLY A 382 3.71 9.12 -13.59
N GLU A 383 4.10 8.51 -14.69
CA GLU A 383 3.20 7.73 -15.54
C GLU A 383 3.48 6.24 -15.42
N TYR A 384 2.50 5.43 -15.82
CA TYR A 384 2.60 3.98 -15.71
C TYR A 384 3.29 3.41 -16.95
N TYR A 385 4.12 2.37 -16.74
CA TYR A 385 5.09 1.93 -17.75
C TYR A 385 5.01 0.41 -17.91
N LEU A 386 5.31 -0.09 -19.12
CA LEU A 386 5.13 -1.51 -19.41
C LEU A 386 6.46 -2.25 -19.61
N GLU A 387 6.58 -3.43 -19.00
CA GLU A 387 7.80 -4.24 -18.98
C GLU A 387 7.50 -5.66 -19.42
N ALA A 388 8.31 -6.19 -20.34
CA ALA A 388 8.01 -7.50 -20.92
C ALA A 388 8.20 -8.63 -19.91
N GLY A 389 7.16 -9.46 -19.77
CA GLY A 389 7.21 -10.64 -18.94
C GLY A 389 7.68 -11.88 -19.69
N ALA A 390 7.55 -13.02 -19.02
CA ALA A 390 8.14 -14.27 -19.48
C ALA A 390 7.49 -14.78 -20.76
N LEU A 391 6.17 -14.96 -20.76
CA LEU A 391 5.51 -15.49 -21.94
C LEU A 391 5.62 -14.54 -23.12
N VAL A 392 5.75 -13.24 -22.85
CA VAL A 392 5.94 -12.28 -23.93
C VAL A 392 7.38 -12.31 -24.43
N LEU A 393 8.37 -12.41 -23.51
CA LEU A 393 9.75 -12.58 -23.94
C LEU A 393 9.96 -13.92 -24.64
N ALA A 394 9.14 -14.91 -24.34
CA ALA A 394 9.30 -16.23 -24.94
C ALA A 394 8.61 -16.34 -26.28
N ASP A 395 8.07 -15.25 -26.83
CA ASP A 395 7.41 -15.31 -28.13
C ASP A 395 8.39 -15.83 -29.17
N GLY A 396 7.95 -16.79 -29.96
CA GLY A 396 8.83 -17.42 -30.93
C GLY A 396 9.76 -18.48 -30.37
N GLY A 397 9.57 -18.89 -29.13
CA GLY A 397 10.47 -19.88 -28.51
C GLY A 397 9.74 -20.80 -27.57
N ILE A 398 10.37 -21.08 -26.45
CA ILE A 398 9.89 -22.07 -25.50
C ILE A 398 9.71 -21.38 -24.15
N ALA A 399 8.60 -21.69 -23.49
CA ALA A 399 8.39 -21.29 -22.10
C ALA A 399 8.38 -22.56 -21.28
N VAL A 400 9.35 -22.70 -20.38
CA VAL A 400 9.48 -23.88 -19.55
C VAL A 400 8.92 -23.51 -18.20
N ILE A 401 7.91 -24.25 -17.76
CA ILE A 401 7.25 -24.03 -16.47
C ILE A 401 7.47 -25.27 -15.64
N ASP A 402 8.46 -25.24 -14.77
CA ASP A 402 8.68 -26.36 -13.89
C ASP A 402 7.81 -26.20 -12.65
N GLU A 403 7.48 -27.34 -12.03
CA GLU A 403 6.67 -27.33 -10.84
C GLU A 403 5.37 -26.56 -11.10
N ILE A 404 4.71 -26.89 -12.21
CA ILE A 404 3.52 -26.12 -12.55
C ILE A 404 2.40 -26.38 -11.57
N ASP A 405 2.41 -27.52 -10.87
CA ASP A 405 1.40 -27.82 -9.87
C ASP A 405 1.58 -27.00 -8.59
N LYS A 406 2.67 -26.25 -8.45
CA LYS A 406 2.85 -25.34 -7.33
C LYS A 406 2.43 -23.92 -7.66
N MET A 407 1.99 -23.66 -8.89
CA MET A 407 1.52 -22.33 -9.27
C MET A 407 0.29 -21.93 -8.47
N ARG A 408 0.21 -20.64 -8.17
CA ARG A 408 -1.01 -20.05 -7.66
C ARG A 408 -2.03 -20.03 -8.79
N ASP A 409 -3.28 -20.39 -8.49
CA ASP A 409 -4.29 -20.43 -9.55
C ASP A 409 -4.38 -19.08 -10.26
N GLU A 410 -4.31 -17.99 -9.49
CA GLU A 410 -4.33 -16.65 -10.06
C GLU A 410 -3.18 -16.42 -11.03
N ASP A 411 -2.06 -17.11 -10.85
CA ASP A 411 -0.98 -17.05 -11.82
C ASP A 411 -1.16 -18.06 -12.94
N ARG A 412 -1.68 -19.25 -12.61
CA ARG A 412 -1.71 -20.35 -13.58
C ARG A 412 -2.71 -20.09 -14.69
N VAL A 413 -3.86 -19.49 -14.38
CA VAL A 413 -4.80 -19.22 -15.46
C VAL A 413 -4.32 -18.09 -16.36
N ALA A 414 -3.29 -17.36 -15.94
CA ALA A 414 -2.67 -16.37 -16.83
C ALA A 414 -1.94 -17.02 -17.99
N ILE A 415 -1.64 -18.32 -17.92
CA ILE A 415 -0.96 -18.97 -19.04
C ILE A 415 -1.92 -19.74 -19.94
N HIS A 416 -3.20 -19.81 -19.57
CA HIS A 416 -4.18 -20.55 -20.38
C HIS A 416 -4.44 -19.84 -21.71
N GLU A 417 -4.67 -18.53 -21.66
CA GLU A 417 -4.87 -17.75 -22.89
C GLU A 417 -3.67 -17.88 -23.81
N ALA A 418 -2.46 -17.75 -23.26
CA ALA A 418 -1.28 -17.90 -24.09
C ALA A 418 -1.19 -19.31 -24.66
N MET A 419 -1.68 -20.30 -23.94
CA MET A 419 -1.55 -21.66 -24.45
C MET A 419 -2.52 -21.93 -25.60
N GLU A 420 -3.70 -21.32 -25.58
CA GLU A 420 -4.65 -21.57 -26.66
C GLU A 420 -4.62 -20.47 -27.72
N GLN A 421 -4.98 -19.23 -27.36
CA GLN A 421 -4.98 -18.17 -28.36
C GLN A 421 -3.60 -17.55 -28.59
N GLN A 422 -2.60 -17.91 -27.79
CA GLN A 422 -1.24 -17.40 -27.95
C GLN A 422 -1.20 -15.88 -27.92
N THR A 423 -2.09 -15.27 -27.16
CA THR A 423 -1.99 -13.86 -26.84
C THR A 423 -2.08 -13.73 -25.34
N VAL A 424 -1.39 -12.75 -24.82
CA VAL A 424 -1.54 -12.29 -23.46
C VAL A 424 -2.15 -10.90 -23.55
N SER A 425 -3.37 -10.74 -23.06
CA SER A 425 -4.10 -9.48 -23.18
C SER A 425 -4.20 -8.81 -21.82
N ILE A 426 -3.79 -7.54 -21.72
CA ILE A 426 -3.79 -6.87 -20.44
C ILE A 426 -4.57 -5.55 -20.52
N ALA A 427 -5.21 -5.21 -19.40
CA ALA A 427 -5.99 -3.98 -19.23
C ALA A 427 -5.86 -3.57 -17.76
N LYS A 428 -4.84 -2.76 -17.48
CA LYS A 428 -4.49 -2.47 -16.10
C LYS A 428 -3.86 -1.09 -16.04
N ALA A 429 -4.15 -0.37 -14.95
CA ALA A 429 -3.60 0.97 -14.72
C ALA A 429 -3.75 1.83 -15.96
N GLY A 430 -4.85 1.66 -16.67
CA GLY A 430 -5.15 2.50 -17.81
C GLY A 430 -4.46 2.14 -19.11
N ILE A 431 -3.85 0.97 -19.22
CA ILE A 431 -3.22 0.54 -20.47
C ILE A 431 -3.90 -0.74 -20.93
N VAL A 432 -4.34 -0.74 -22.19
CA VAL A 432 -5.06 -1.85 -22.80
C VAL A 432 -4.33 -2.27 -24.06
N ALA A 433 -3.97 -3.54 -24.13
CA ALA A 433 -3.24 -4.06 -25.26
C ALA A 433 -3.39 -5.57 -25.26
N LYS A 434 -2.96 -6.18 -26.36
CA LYS A 434 -2.95 -7.63 -26.47
C LYS A 434 -1.63 -7.96 -27.15
N LEU A 435 -0.75 -8.67 -26.44
CA LEU A 435 0.61 -8.88 -26.84
C LEU A 435 0.75 -10.30 -27.32
N ASN A 436 1.69 -10.52 -28.22
CA ASN A 436 1.89 -11.84 -28.79
C ASN A 436 2.71 -12.71 -27.86
N ALA A 437 2.15 -13.87 -27.52
CA ALA A 437 2.80 -14.83 -26.66
C ALA A 437 2.84 -16.19 -27.36
N ARG A 438 3.41 -16.21 -28.56
CA ARG A 438 3.50 -17.41 -29.38
C ARG A 438 4.69 -18.24 -28.92
N ALA A 439 4.51 -18.90 -27.79
CA ALA A 439 5.56 -19.72 -27.22
C ALA A 439 5.00 -21.11 -26.98
N ALA A 440 5.86 -22.11 -27.13
CA ALA A 440 5.50 -23.48 -26.83
C ALA A 440 5.74 -23.72 -25.36
N VAL A 441 4.72 -24.22 -24.67
CA VAL A 441 4.80 -24.41 -23.22
C VAL A 441 5.25 -25.83 -22.90
N ILE A 442 6.34 -25.97 -22.16
CA ILE A 442 6.84 -27.26 -21.70
C ILE A 442 6.80 -27.22 -20.17
N ALA A 443 5.90 -28.00 -19.58
CA ALA A 443 5.60 -27.86 -18.17
C ALA A 443 5.76 -29.21 -17.50
N ALA A 444 6.12 -29.17 -16.21
CA ALA A 444 6.29 -30.39 -15.44
C ALA A 444 5.69 -30.21 -14.07
N GLY A 445 5.27 -31.32 -13.48
CA GLY A 445 4.70 -31.27 -12.15
C GLY A 445 4.69 -32.66 -11.53
N ASN A 446 4.39 -32.70 -10.22
CA ASN A 446 4.30 -33.98 -9.55
C ASN A 446 2.85 -34.39 -9.41
N PRO A 447 2.57 -35.67 -9.20
CA PRO A 447 1.18 -36.07 -8.96
C PRO A 447 0.67 -35.56 -7.62
N LYS A 448 -0.64 -35.66 -7.47
CA LYS A 448 -1.31 -35.15 -6.28
C LYS A 448 -0.69 -35.72 -5.02
N PHE A 449 -0.30 -36.99 -5.04
CA PHE A 449 0.15 -37.67 -3.85
C PHE A 449 1.66 -37.92 -3.86
N GLY A 450 2.42 -36.92 -4.31
CA GLY A 450 3.86 -37.06 -4.33
C GLY A 450 4.33 -38.07 -5.36
N ARG A 451 4.03 -39.34 -5.12
CA ARG A 451 4.26 -40.39 -6.10
C ARG A 451 2.94 -40.73 -6.77
N TYR A 452 3.04 -41.33 -7.95
CA TYR A 452 1.84 -41.75 -8.66
C TYR A 452 1.25 -42.97 -8.00
N ILE A 453 -0.06 -43.01 -7.88
CA ILE A 453 -0.74 -44.14 -7.26
C ILE A 453 -1.54 -44.82 -8.35
N SER A 454 -1.00 -45.94 -8.87
CA SER A 454 -1.65 -46.69 -9.93
C SER A 454 -2.90 -47.43 -9.46
N GLU A 455 -3.06 -47.60 -8.15
CA GLU A 455 -4.25 -48.25 -7.62
C GLU A 455 -5.50 -47.39 -7.75
N ARG A 456 -5.36 -46.11 -8.05
CA ARG A 456 -6.47 -45.19 -8.24
C ARG A 456 -6.51 -44.64 -9.66
N PRO A 457 -7.68 -44.21 -10.12
CA PRO A 457 -7.79 -43.70 -11.50
C PRO A 457 -6.93 -42.47 -11.74
N VAL A 458 -6.65 -42.23 -13.02
CA VAL A 458 -5.79 -41.13 -13.46
C VAL A 458 -6.39 -39.77 -13.14
N SER A 459 -7.71 -39.70 -12.97
CA SER A 459 -8.39 -38.44 -12.71
C SER A 459 -7.83 -37.73 -11.48
N ASP A 460 -8.13 -38.26 -10.31
CA ASP A 460 -7.76 -37.64 -9.02
C ASP A 460 -6.28 -37.72 -8.74
N ASN A 461 -5.49 -38.14 -9.71
CA ASN A 461 -4.04 -38.25 -9.56
C ASN A 461 -3.32 -37.01 -10.07
N ILE A 462 -3.85 -36.42 -11.14
CA ILE A 462 -3.13 -35.38 -11.89
C ILE A 462 -3.04 -34.06 -11.10
N ASN A 463 -4.17 -33.60 -10.55
CA ASN A 463 -4.24 -32.40 -9.69
C ASN A 463 -3.96 -31.09 -10.44
N LEU A 464 -4.58 -30.96 -11.61
CA LEU A 464 -4.68 -29.74 -12.39
C LEU A 464 -6.07 -29.70 -13.01
N PRO A 465 -6.63 -28.52 -13.20
CA PRO A 465 -7.97 -28.45 -13.78
C PRO A 465 -7.92 -28.96 -15.21
N PRO A 466 -9.01 -29.51 -15.72
CA PRO A 466 -8.99 -29.96 -17.13
C PRO A 466 -8.81 -28.82 -18.12
N THR A 467 -9.19 -27.59 -17.76
CA THR A 467 -9.06 -26.47 -18.69
C THR A 467 -7.61 -26.25 -19.08
N ILE A 468 -6.70 -26.46 -18.15
CA ILE A 468 -5.29 -26.36 -18.51
C ILE A 468 -4.73 -27.69 -19.02
N LEU A 469 -5.29 -28.82 -18.59
CA LEU A 469 -4.78 -30.12 -19.04
C LEU A 469 -5.06 -30.35 -20.51
N SER A 470 -6.24 -29.93 -20.99
CA SER A 470 -6.57 -30.13 -22.40
C SER A 470 -5.71 -29.31 -23.35
N ARG A 471 -5.12 -28.20 -22.87
CA ARG A 471 -4.23 -27.37 -23.69
C ARG A 471 -2.94 -28.06 -24.11
N PHE A 472 -2.59 -29.17 -23.47
CA PHE A 472 -1.35 -29.86 -23.75
C PHE A 472 -1.59 -30.86 -24.88
N ASP A 473 -0.79 -30.76 -25.93
CA ASP A 473 -0.90 -31.70 -27.03
C ASP A 473 -0.53 -33.11 -26.60
N LEU A 474 0.52 -33.24 -25.79
CA LEU A 474 0.94 -34.52 -25.25
C LEU A 474 1.18 -34.38 -23.75
N ILE A 475 0.74 -35.39 -23.01
CA ILE A 475 0.92 -35.46 -21.56
C ILE A 475 1.54 -36.81 -21.26
N PHE A 476 2.62 -36.79 -20.49
CA PHE A 476 3.38 -38.01 -20.26
C PHE A 476 3.49 -38.25 -18.77
N ILE A 477 3.12 -39.46 -18.35
CA ILE A 477 3.19 -39.86 -16.96
C ILE A 477 4.51 -40.59 -16.71
N LEU A 478 5.35 -40.03 -15.86
CA LEU A 478 6.64 -40.62 -15.54
C LEU A 478 6.51 -41.34 -14.19
N LYS A 479 6.47 -42.67 -14.23
CA LYS A 479 6.43 -43.47 -13.02
C LYS A 479 7.83 -44.02 -12.74
N ASP A 480 8.24 -43.97 -11.48
CA ASP A 480 9.54 -44.50 -11.05
C ASP A 480 9.30 -45.73 -10.20
N GLN A 481 9.08 -46.86 -10.85
CA GLN A 481 8.79 -48.06 -10.11
C GLN A 481 10.01 -48.94 -10.10
N PRO A 482 10.52 -49.34 -8.94
CA PRO A 482 11.76 -50.12 -8.92
C PRO A 482 11.54 -51.47 -9.56
N GLY A 483 12.43 -51.82 -10.48
CA GLY A 483 12.34 -53.09 -11.19
C GLY A 483 13.69 -53.61 -11.59
N GLU A 484 13.76 -54.16 -12.80
CA GLU A 484 15.02 -54.58 -13.38
C GLU A 484 15.83 -53.41 -13.92
N GLN A 485 15.17 -52.26 -14.15
CA GLN A 485 15.86 -51.07 -14.64
C GLN A 485 17.00 -50.62 -13.73
N ASP A 486 16.92 -50.96 -12.44
CA ASP A 486 17.71 -50.27 -11.43
C ASP A 486 19.19 -50.37 -11.67
N ARG A 487 19.71 -51.57 -11.89
CA ARG A 487 21.15 -51.72 -12.03
C ARG A 487 21.67 -50.92 -13.22
N GLU A 488 21.01 -51.04 -14.36
CA GLU A 488 21.39 -50.24 -15.52
C GLU A 488 21.38 -48.76 -15.19
N LEU A 489 20.29 -48.30 -14.56
CA LEU A 489 20.18 -46.91 -14.17
C LEU A 489 21.40 -46.51 -13.36
N ALA A 490 21.68 -47.28 -12.30
CA ALA A 490 22.74 -46.90 -11.38
C ALA A 490 24.05 -46.79 -12.09
N ASN A 491 24.35 -47.74 -12.96
CA ASN A 491 25.61 -47.69 -13.68
C ASN A 491 25.66 -46.48 -14.62
N TYR A 492 24.57 -46.17 -15.32
CA TYR A 492 24.58 -44.97 -16.16
C TYR A 492 24.90 -43.71 -15.35
N ILE A 493 24.21 -43.54 -14.21
CA ILE A 493 24.45 -42.36 -13.39
C ILE A 493 25.89 -42.29 -12.95
N LEU A 494 26.42 -43.42 -12.47
CA LEU A 494 27.79 -43.43 -11.98
C LEU A 494 28.79 -43.21 -13.11
N ASP A 495 28.52 -43.71 -14.32
CA ASP A 495 29.37 -43.41 -15.46
C ASP A 495 29.34 -41.92 -15.77
N VAL A 496 28.17 -41.29 -15.59
CA VAL A 496 28.07 -39.83 -15.75
C VAL A 496 28.93 -39.11 -14.72
N HIS A 497 28.85 -39.55 -13.47
CA HIS A 497 29.67 -38.95 -12.42
C HIS A 497 31.14 -39.21 -12.69
N SER A 498 31.48 -40.39 -13.24
CA SER A 498 32.86 -40.74 -13.51
C SER A 498 33.47 -39.91 -14.61
N GLY A 499 32.67 -39.22 -15.40
CA GLY A 499 33.16 -38.48 -16.53
C GLY A 499 33.05 -39.22 -17.84
N LYS A 500 32.26 -40.29 -17.90
CA LYS A 500 32.09 -41.10 -19.11
C LYS A 500 31.00 -40.45 -19.94
N SER A 501 31.40 -39.73 -20.98
CA SER A 501 30.47 -39.07 -21.87
C SER A 501 30.04 -40.02 -23.00
N THR A 502 28.86 -39.74 -23.54
CA THR A 502 28.28 -40.60 -24.57
C THR A 502 28.88 -40.23 -25.92
N LYS A 503 28.97 -41.22 -26.78
CA LYS A 503 29.58 -41.00 -28.08
C LYS A 503 28.51 -40.59 -29.10
N ASN A 504 28.99 -40.26 -30.30
CA ASN A 504 28.17 -39.90 -31.46
C ASN A 504 26.90 -39.11 -31.08
N ILE A 505 27.12 -38.00 -30.37
CA ILE A 505 26.05 -37.12 -29.92
C ILE A 505 26.17 -35.83 -30.71
N ILE A 506 25.13 -35.00 -30.69
CA ILE A 506 25.20 -33.67 -31.30
C ILE A 506 25.40 -32.67 -30.17
N ASP A 507 26.47 -31.89 -30.27
CA ASP A 507 26.78 -30.94 -29.20
C ASP A 507 25.71 -29.86 -29.11
N ILE A 508 25.51 -29.37 -27.88
CA ILE A 508 24.35 -28.53 -27.59
C ILE A 508 24.39 -27.25 -28.41
N ASP A 509 25.58 -26.71 -28.66
CA ASP A 509 25.69 -25.48 -29.44
C ASP A 509 25.25 -25.69 -30.88
N THR A 510 25.75 -26.74 -31.54
CA THR A 510 25.33 -26.97 -32.92
C THR A 510 23.91 -27.51 -32.99
N LEU A 511 23.46 -28.29 -32.00
CA LEU A 511 22.06 -28.67 -32.00
C LEU A 511 21.16 -27.44 -31.94
N ARG A 512 21.55 -26.46 -31.11
CA ARG A 512 20.80 -25.21 -31.04
C ARG A 512 20.80 -24.51 -32.40
N LYS A 513 21.98 -24.39 -33.03
CA LYS A 513 22.05 -23.70 -34.31
C LYS A 513 21.16 -24.39 -35.34
N TYR A 514 21.15 -25.73 -35.32
CA TYR A 514 20.34 -26.50 -36.25
C TYR A 514 18.86 -26.27 -36.02
N ILE A 515 18.44 -26.34 -34.75
CA ILE A 515 17.03 -26.09 -34.45
C ILE A 515 16.62 -24.72 -34.96
N ALA A 516 17.46 -23.71 -34.69
CA ALA A 516 17.18 -22.35 -35.13
C ALA A 516 16.98 -22.31 -36.65
N TYR A 517 17.92 -22.88 -37.39
CA TYR A 517 17.78 -22.91 -38.84
C TYR A 517 16.47 -23.57 -39.26
N ALA A 518 16.15 -24.72 -38.65
CA ALA A 518 14.95 -25.45 -39.04
C ALA A 518 13.69 -24.64 -38.76
N ARG A 519 13.62 -23.99 -37.60
CA ARG A 519 12.45 -23.17 -37.31
C ARG A 519 12.35 -22.02 -38.31
N LYS A 520 13.49 -21.46 -38.70
CA LYS A 520 13.50 -20.28 -39.57
C LYS A 520 13.18 -20.59 -41.03
N TYR A 521 13.70 -21.69 -41.56
CA TYR A 521 13.69 -21.86 -43.00
C TYR A 521 12.86 -23.02 -43.49
N VAL A 522 12.43 -23.92 -42.62
CA VAL A 522 11.74 -25.14 -43.04
C VAL A 522 10.27 -25.06 -42.64
N THR A 523 9.38 -25.03 -43.64
CA THR A 523 7.94 -24.98 -43.45
C THR A 523 7.31 -26.17 -44.16
N PRO A 524 7.23 -27.34 -43.52
CA PRO A 524 6.77 -28.54 -44.24
C PRO A 524 5.32 -28.45 -44.68
N LYS A 525 5.07 -28.88 -45.92
CA LYS A 525 3.74 -28.99 -46.48
C LYS A 525 3.22 -30.41 -46.27
N ILE A 526 1.92 -30.52 -46.03
CA ILE A 526 1.30 -31.80 -45.68
C ILE A 526 0.80 -32.48 -46.95
N THR A 527 1.18 -33.74 -47.13
CA THR A 527 0.77 -34.51 -48.29
C THR A 527 -0.57 -35.21 -48.09
N SER A 528 -1.18 -35.62 -49.21
CA SER A 528 -2.49 -36.24 -49.14
C SER A 528 -2.43 -37.56 -48.39
N GLU A 529 -1.35 -38.32 -48.59
CA GLU A 529 -1.24 -39.60 -47.90
C GLU A 529 -1.18 -39.42 -46.40
N ALA A 530 -0.44 -38.41 -45.93
CA ALA A 530 -0.36 -38.14 -44.50
C ALA A 530 -1.71 -37.69 -43.95
N LYS A 531 -2.43 -36.85 -44.70
CA LYS A 531 -3.75 -36.44 -44.24
C LYS A 531 -4.67 -37.63 -44.15
N ASN A 532 -4.57 -38.56 -45.11
CA ASN A 532 -5.42 -39.74 -45.09
C ASN A 532 -5.08 -40.65 -43.91
N LEU A 533 -3.79 -40.80 -43.62
CA LEU A 533 -3.41 -41.60 -42.46
C LEU A 533 -3.97 -40.98 -41.18
N ILE A 534 -3.86 -39.64 -41.07
CA ILE A 534 -4.39 -38.95 -39.90
C ILE A 534 -5.90 -39.10 -39.79
N THR A 535 -6.62 -38.92 -40.89
CA THR A 535 -8.07 -39.10 -40.89
C THR A 535 -8.45 -40.52 -40.48
N ASP A 536 -7.76 -41.51 -41.06
CA ASP A 536 -8.07 -42.89 -40.72
C ASP A 536 -7.85 -43.14 -39.24
N PHE A 537 -6.74 -42.64 -38.70
CA PHE A 537 -6.45 -42.86 -37.28
C PHE A 537 -7.48 -42.23 -36.38
N PHE A 538 -7.94 -41.04 -36.76
CA PHE A 538 -8.94 -40.34 -35.96
C PHE A 538 -10.24 -41.14 -35.94
N VAL A 539 -10.62 -41.66 -37.10
CA VAL A 539 -11.81 -42.51 -37.16
C VAL A 539 -11.61 -43.79 -36.38
N GLU A 540 -10.44 -44.42 -36.48
CA GLU A 540 -10.19 -45.66 -35.75
C GLU A 540 -10.35 -45.45 -34.26
N MET A 541 -9.74 -44.38 -33.73
CA MET A 541 -9.84 -44.09 -32.29
C MET A 541 -11.29 -43.85 -31.88
N ARG A 542 -12.02 -43.08 -32.69
CA ARG A 542 -13.40 -42.77 -32.32
C ARG A 542 -14.29 -44.01 -32.37
N LYS A 543 -14.07 -44.90 -33.34
CA LYS A 543 -14.80 -46.17 -33.39
C LYS A 543 -14.45 -47.03 -32.17
N LYS A 544 -13.17 -47.05 -31.79
CA LYS A 544 -12.75 -47.75 -30.58
C LYS A 544 -13.48 -47.23 -29.36
N SER A 545 -13.83 -45.94 -29.38
CA SER A 545 -14.58 -45.34 -28.27
C SER A 545 -16.00 -45.90 -28.16
N SER A 546 -16.64 -46.18 -29.30
CA SER A 546 -18.00 -46.71 -29.31
C SER A 546 -18.13 -48.07 -28.64
N GLU A 547 -17.04 -48.81 -28.49
CA GLU A 547 -17.08 -50.09 -27.78
C GLU A 547 -17.19 -49.84 -26.27
N PRO A 552 -16.21 -44.46 -23.53
CA PRO A 552 -15.02 -43.85 -22.91
C PRO A 552 -14.47 -42.62 -23.66
N ILE A 553 -14.86 -42.44 -24.93
CA ILE A 553 -14.50 -41.35 -25.86
C ILE A 553 -13.02 -41.01 -25.72
N LEU A 554 -12.23 -41.43 -26.70
CA LEU A 554 -10.77 -41.33 -26.67
C LEU A 554 -10.17 -40.13 -27.39
N ILE A 555 -10.65 -39.78 -28.58
CA ILE A 555 -10.11 -38.62 -29.30
C ILE A 555 -11.17 -37.58 -29.63
N THR A 556 -10.75 -36.29 -29.61
CA THR A 556 -11.56 -35.12 -29.97
C THR A 556 -10.85 -34.38 -31.10
N PRO A 557 -11.52 -33.47 -31.81
CA PRO A 557 -10.84 -32.74 -32.91
C PRO A 557 -9.55 -31.99 -32.55
N ARG A 558 -9.39 -31.52 -31.31
CA ARG A 558 -8.11 -30.91 -30.95
C ARG A 558 -6.98 -31.89 -31.26
N GLN A 559 -7.25 -33.18 -31.12
CA GLN A 559 -6.25 -34.19 -31.40
C GLN A 559 -5.92 -34.27 -32.89
N LEU A 560 -6.89 -34.00 -33.75
CA LEU A 560 -6.57 -33.92 -35.17
C LEU A 560 -5.57 -32.81 -35.43
N GLU A 561 -5.85 -31.62 -34.90
CA GLU A 561 -4.85 -30.55 -35.06
C GLU A 561 -3.51 -30.90 -34.41
N ALA A 562 -3.54 -31.64 -33.31
CA ALA A 562 -2.27 -32.02 -32.69
C ALA A 562 -1.51 -33.01 -33.55
N LEU A 563 -2.23 -33.95 -34.17
CA LEU A 563 -1.59 -34.87 -35.09
C LEU A 563 -0.91 -34.11 -36.23
N ILE A 564 -1.62 -33.16 -36.84
CA ILE A 564 -1.00 -32.34 -37.88
C ILE A 564 0.26 -31.69 -37.36
N ARG A 565 0.15 -30.98 -36.24
CA ARG A 565 1.28 -30.24 -35.72
C ARG A 565 2.47 -31.15 -35.45
N ILE A 566 2.22 -32.32 -34.83
CA ILE A 566 3.31 -33.21 -34.49
C ILE A 566 3.98 -33.75 -35.73
N SER A 567 3.18 -34.20 -36.72
CA SER A 567 3.81 -34.76 -37.91
C SER A 567 4.55 -33.69 -38.69
N GLU A 568 3.99 -32.48 -38.78
CA GLU A 568 4.75 -31.36 -39.35
C GLU A 568 6.10 -31.20 -38.64
N ALA A 569 6.13 -31.29 -37.30
CA ALA A 569 7.41 -31.15 -36.62
C ALA A 569 8.34 -32.31 -36.91
N TYR A 570 7.79 -33.50 -37.10
CA TYR A 570 8.62 -34.62 -37.49
C TYR A 570 9.30 -34.35 -38.82
N ALA A 571 8.55 -33.80 -39.76
CA ALA A 571 9.16 -33.41 -41.03
C ALA A 571 10.19 -32.31 -40.84
N LYS A 572 9.83 -31.26 -40.08
CA LYS A 572 10.73 -30.14 -39.86
C LYS A 572 12.06 -30.59 -39.28
N MET A 573 12.02 -31.60 -38.41
CA MET A 573 13.20 -32.04 -37.69
C MET A 573 14.28 -32.56 -38.64
N ALA A 574 13.88 -33.23 -39.71
CA ALA A 574 14.79 -33.70 -40.75
C ALA A 574 14.97 -32.70 -41.88
N LEU A 575 14.41 -31.50 -41.75
CA LEU A 575 14.48 -30.44 -42.76
C LEU A 575 13.66 -30.78 -44.00
N LYS A 576 12.77 -31.78 -43.93
CA LYS A 576 11.91 -32.14 -45.06
C LYS A 576 10.95 -30.99 -45.41
N ALA A 577 10.71 -30.82 -46.70
CA ALA A 577 9.75 -29.82 -47.16
C ALA A 577 8.34 -30.37 -47.29
N GLU A 578 8.14 -31.66 -47.07
CA GLU A 578 6.83 -32.28 -47.16
C GLU A 578 6.66 -33.25 -46.00
N VAL A 579 5.41 -33.42 -45.59
CA VAL A 579 5.05 -34.35 -44.52
C VAL A 579 4.64 -35.67 -45.19
N THR A 580 5.56 -36.63 -45.19
CA THR A 580 5.32 -37.91 -45.83
C THR A 580 4.60 -38.87 -44.88
N ARG A 581 4.29 -40.07 -45.38
CA ARG A 581 3.63 -41.08 -44.57
C ARG A 581 4.41 -41.38 -43.29
N GLU A 582 5.75 -41.44 -43.39
CA GLU A 582 6.56 -41.79 -42.23
C GLU A 582 6.30 -40.83 -41.09
N ASP A 583 6.24 -39.54 -41.39
CA ASP A 583 5.99 -38.53 -40.37
C ASP A 583 4.59 -38.66 -39.79
N ALA A 584 3.59 -38.92 -40.64
CA ALA A 584 2.25 -39.18 -40.14
C ALA A 584 2.23 -40.38 -39.18
N GLU A 585 2.90 -41.47 -39.56
CA GLU A 585 2.89 -42.66 -38.71
C GLU A 585 3.60 -42.41 -37.39
N ARG A 586 4.70 -41.65 -37.40
CA ARG A 586 5.36 -41.30 -36.15
C ARG A 586 4.45 -40.49 -35.24
N ALA A 587 3.79 -39.48 -35.82
CA ALA A 587 2.85 -38.66 -35.05
C ALA A 587 1.73 -39.54 -34.48
N ILE A 588 1.15 -40.38 -35.33
CA ILE A 588 0.07 -41.26 -34.89
C ILE A 588 0.54 -42.12 -33.73
N ASN A 589 1.79 -42.58 -33.77
CA ASN A 589 2.24 -43.51 -32.76
C ASN A 589 2.49 -42.84 -31.42
N ILE A 590 3.11 -41.65 -31.39
CA ILE A 590 3.23 -41.03 -30.05
C ILE A 590 1.87 -40.57 -29.55
N MET A 591 0.99 -40.11 -30.44
CA MET A 591 -0.34 -39.79 -29.98
C MET A 591 -1.01 -41.00 -29.37
N ARG A 592 -0.85 -42.17 -30.02
CA ARG A 592 -1.43 -43.39 -29.52
C ARG A 592 -0.82 -43.78 -28.18
N LEU A 593 0.47 -43.52 -28.01
CA LEU A 593 1.12 -43.80 -26.73
C LEU A 593 0.56 -42.94 -25.61
N PHE A 594 0.49 -41.63 -25.86
CA PHE A 594 -0.16 -40.68 -24.94
C PHE A 594 -1.57 -41.14 -24.59
N LEU A 595 -2.36 -41.51 -25.61
CA LEU A 595 -3.77 -41.89 -25.39
C LEU A 595 -3.93 -43.24 -24.70
N GLU A 596 -3.01 -44.18 -24.91
CA GLU A 596 -3.06 -45.43 -24.16
C GLU A 596 -2.69 -45.20 -22.70
N SER A 597 -1.65 -44.39 -22.44
CA SER A 597 -1.26 -44.14 -21.05
C SER A 597 -2.29 -43.28 -20.33
N VAL A 598 -2.28 -41.96 -20.55
CA VAL A 598 -3.30 -41.10 -19.95
C VAL A 598 -4.59 -41.16 -20.74
N GLY A 599 -5.10 -40.00 -21.12
CA GLY A 599 -6.33 -39.90 -21.87
C GLY A 599 -6.78 -38.46 -21.88
N VAL A 600 -7.87 -38.22 -22.61
CA VAL A 600 -8.42 -36.88 -22.77
C VAL A 600 -9.53 -36.60 -21.77
N ASP A 601 -10.49 -37.52 -21.62
CA ASP A 601 -11.70 -37.26 -20.83
C ASP A 601 -11.89 -38.16 -19.61
N MET A 602 -11.09 -39.22 -19.44
CA MET A 602 -11.23 -40.20 -18.35
C MET A 602 -12.67 -40.42 -17.84
N GLN B 8 56.53 18.00 7.02
CA GLN B 8 57.45 19.04 7.51
C GLN B 8 58.87 18.48 7.66
N ILE B 9 58.99 17.27 8.22
CA ILE B 9 60.26 16.54 8.31
C ILE B 9 60.08 15.26 7.51
N ASP B 10 60.73 15.17 6.35
CA ASP B 10 60.30 14.16 5.41
C ASP B 10 60.88 12.79 5.73
N TYR B 11 60.01 11.80 5.65
CA TYR B 11 60.28 10.44 6.08
C TYR B 11 60.53 9.50 4.89
N ARG B 12 60.66 10.04 3.68
CA ARG B 12 60.76 9.14 2.53
C ARG B 12 62.03 8.30 2.58
N ASP B 13 63.19 8.89 2.91
CA ASP B 13 64.40 8.10 3.03
C ASP B 13 64.27 7.09 4.16
N VAL B 14 63.66 7.51 5.28
CA VAL B 14 63.43 6.60 6.40
C VAL B 14 62.58 5.42 5.94
N PHE B 15 61.55 5.69 5.12
CA PHE B 15 60.65 4.64 4.67
C PHE B 15 61.36 3.66 3.72
N ILE B 16 62.18 4.16 2.81
CA ILE B 16 62.89 3.25 1.92
C ILE B 16 63.95 2.44 2.68
N GLU B 17 64.63 3.04 3.66
CA GLU B 17 65.56 2.22 4.42
C GLU B 17 64.81 1.15 5.19
N PHE B 18 63.64 1.48 5.75
CA PHE B 18 62.81 0.47 6.40
C PHE B 18 62.47 -0.66 5.44
N LEU B 19 62.06 -0.31 4.23
CA LEU B 19 61.67 -1.33 3.26
C LEU B 19 62.85 -2.23 2.91
N THR B 20 64.00 -1.62 2.58
CA THR B 20 65.10 -2.40 2.06
C THR B 20 65.77 -3.24 3.14
N THR B 21 65.79 -2.78 4.39
CA THR B 21 66.63 -3.41 5.41
C THR B 21 65.88 -4.09 6.53
N PHE B 22 64.56 -3.96 6.59
CA PHE B 22 63.84 -4.61 7.68
C PHE B 22 63.96 -6.12 7.48
N LYS B 23 64.69 -6.78 8.35
CA LYS B 23 64.87 -8.23 8.28
C LYS B 23 63.62 -8.96 8.76
N GLY B 24 63.20 -9.99 8.01
CA GLY B 24 62.03 -10.75 8.37
C GLY B 24 62.26 -11.68 9.54
N ASN B 25 61.84 -12.95 9.44
CA ASN B 25 62.09 -13.87 10.53
C ASN B 25 63.42 -14.59 10.42
N ASN B 26 63.80 -14.99 9.20
CA ASN B 26 65.03 -15.72 8.94
C ASN B 26 66.04 -14.88 8.18
N ASN B 27 66.02 -13.57 8.42
CA ASN B 27 66.82 -12.60 7.68
C ASN B 27 66.52 -12.69 6.18
N GLN B 28 65.25 -12.42 5.86
CA GLN B 28 64.72 -12.61 4.52
C GLN B 28 64.40 -11.31 3.79
N ASN B 29 64.48 -10.15 4.48
CA ASN B 29 64.07 -8.86 3.94
C ASN B 29 62.61 -8.88 3.48
N LYS B 30 61.73 -8.98 4.48
CA LYS B 30 60.31 -9.20 4.27
C LYS B 30 59.74 -8.24 3.23
N TYR B 31 60.11 -6.98 3.32
CA TYR B 31 59.48 -6.01 2.45
C TYR B 31 60.19 -5.86 1.11
N ILE B 32 61.49 -6.16 1.02
CA ILE B 32 62.09 -6.21 -0.31
C ILE B 32 61.56 -7.43 -1.09
N GLU B 33 61.23 -8.52 -0.38
CA GLU B 33 60.60 -9.66 -1.03
C GLU B 33 59.18 -9.33 -1.46
N ARG B 34 58.41 -8.66 -0.60
CA ARG B 34 57.06 -8.25 -0.98
C ARG B 34 57.08 -7.27 -2.16
N ILE B 35 58.06 -6.36 -2.18
CA ILE B 35 58.18 -5.42 -3.29
C ILE B 35 58.48 -6.15 -4.59
N ASN B 36 59.48 -7.04 -4.57
CA ASN B 36 59.84 -7.76 -5.78
C ASN B 36 58.66 -8.60 -6.29
N GLU B 37 57.98 -9.31 -5.39
CA GLU B 37 56.82 -10.09 -5.79
C GLU B 37 55.72 -9.20 -6.35
N LEU B 38 55.55 -8.01 -5.77
CA LEU B 38 54.55 -7.07 -6.27
C LEU B 38 54.85 -6.68 -7.71
N VAL B 39 56.12 -6.39 -8.00
CA VAL B 39 56.50 -6.00 -9.35
C VAL B 39 56.36 -7.17 -10.31
N ALA B 40 56.65 -8.39 -9.84
CA ALA B 40 56.55 -9.55 -10.72
C ALA B 40 55.12 -9.75 -11.21
N TYR B 41 54.15 -9.79 -10.29
CA TYR B 41 52.75 -10.01 -10.65
C TYR B 41 52.04 -8.72 -11.07
N ARG B 42 52.75 -7.59 -11.10
CA ARG B 42 52.20 -6.29 -11.48
C ARG B 42 51.01 -5.90 -10.62
N LYS B 43 51.04 -6.25 -9.34
CA LYS B 43 50.02 -5.78 -8.42
C LYS B 43 50.41 -4.40 -7.90
N LYS B 44 49.38 -3.59 -7.63
CA LYS B 44 49.55 -2.15 -7.44
C LYS B 44 49.39 -1.74 -5.97
N SER B 45 49.78 -2.62 -5.04
CA SER B 45 49.47 -2.35 -3.64
C SER B 45 50.41 -3.15 -2.77
N LEU B 46 51.15 -2.48 -1.90
CA LEU B 46 52.12 -3.08 -0.99
C LEU B 46 51.59 -2.98 0.43
N ILE B 47 51.49 -4.14 1.10
CA ILE B 47 50.96 -4.23 2.45
C ILE B 47 52.14 -4.23 3.42
N ILE B 48 52.10 -3.35 4.42
CA ILE B 48 53.15 -3.30 5.44
C ILE B 48 52.50 -3.43 6.82
N GLU B 49 53.08 -4.27 7.66
CA GLU B 49 52.61 -4.43 9.02
C GLU B 49 53.02 -3.25 9.87
N PHE B 50 52.08 -2.75 10.66
CA PHE B 50 52.37 -1.57 11.48
C PHE B 50 53.36 -1.90 12.57
N SER B 51 53.30 -3.12 13.11
CA SER B 51 54.23 -3.49 14.16
C SER B 51 55.66 -3.45 13.65
N ASP B 52 55.87 -3.78 12.38
CA ASP B 52 57.22 -3.67 11.80
C ASP B 52 57.68 -2.22 11.73
N VAL B 53 56.79 -1.30 11.35
CA VAL B 53 57.15 0.11 11.28
C VAL B 53 57.48 0.64 12.66
N LEU B 54 56.68 0.26 13.66
CA LEU B 54 56.97 0.69 15.02
C LEU B 54 58.29 0.10 15.51
N SER B 55 58.64 -1.09 15.04
CA SER B 55 59.92 -1.70 15.37
C SER B 55 61.09 -1.04 14.65
N PHE B 56 60.84 -0.33 13.55
CA PHE B 56 61.94 0.33 12.84
C PHE B 56 62.14 1.78 13.26
N ASN B 57 61.10 2.60 13.11
CA ASN B 57 61.19 4.01 13.44
C ASN B 57 59.90 4.42 14.13
N GLU B 58 59.99 4.63 15.43
CA GLU B 58 58.83 4.96 16.24
C GLU B 58 58.15 6.22 15.74
N ASN B 59 58.96 7.21 15.37
CA ASN B 59 58.46 8.51 14.93
C ASN B 59 57.67 8.36 13.62
N LEU B 60 58.18 7.54 12.71
CA LEU B 60 57.47 7.31 11.45
C LEU B 60 56.14 6.60 11.68
N ALA B 61 56.11 5.63 12.60
CA ALA B 61 54.86 4.93 12.92
C ALA B 61 53.83 5.89 13.50
N TYR B 62 54.28 6.79 14.37
CA TYR B 62 53.33 7.78 14.88
C TYR B 62 52.79 8.63 13.75
N GLU B 63 53.66 9.06 12.82
CA GLU B 63 53.17 9.89 11.73
C GLU B 63 52.20 9.12 10.85
N ILE B 64 52.45 7.82 10.67
CA ILE B 64 51.57 7.01 9.83
C ILE B 64 50.18 6.92 10.44
N ILE B 65 50.10 6.73 11.76
CA ILE B 65 48.76 6.62 12.34
C ILE B 65 48.09 7.99 12.47
N ASN B 66 48.82 8.99 12.96
CA ASN B 66 48.18 10.24 13.34
C ASN B 66 48.12 11.27 12.23
N ASN B 67 49.10 11.30 11.35
CA ASN B 67 49.15 12.26 10.27
C ASN B 67 49.00 11.55 8.92
N THR B 68 48.04 10.61 8.87
CA THR B 68 47.96 9.67 7.77
C THR B 68 47.72 10.37 6.45
N LYS B 69 46.79 11.33 6.44
CA LYS B 69 46.28 11.86 5.19
C LYS B 69 47.40 12.40 4.32
N ILE B 70 48.42 13.01 4.93
CA ILE B 70 49.52 13.57 4.16
C ILE B 70 50.81 12.76 4.25
N ILE B 71 51.06 12.01 5.33
CA ILE B 71 52.31 11.24 5.30
C ILE B 71 52.18 10.04 4.38
N LEU B 72 50.96 9.53 4.17
CA LEU B 72 50.82 8.28 3.42
C LEU B 72 51.11 8.46 1.95
N PRO B 73 50.57 9.47 1.25
CA PRO B 73 50.91 9.64 -0.16
C PRO B 73 52.39 9.89 -0.39
N ILE B 74 53.09 10.51 0.55
CA ILE B 74 54.53 10.73 0.39
C ILE B 74 55.26 9.39 0.37
N LEU B 75 54.88 8.50 1.28
CA LEU B 75 55.45 7.17 1.29
C LEU B 75 55.10 6.45 -0.01
N GLU B 76 53.90 6.68 -0.51
CA GLU B 76 53.51 6.02 -1.76
C GLU B 76 54.36 6.52 -2.92
N GLY B 77 54.69 7.80 -2.92
CA GLY B 77 55.54 8.35 -3.97
C GLY B 77 56.95 7.82 -3.91
N ALA B 78 57.51 7.72 -2.70
CA ALA B 78 58.82 7.09 -2.56
C ALA B 78 58.79 5.63 -3.02
N LEU B 79 57.74 4.89 -2.67
CA LEU B 79 57.65 3.49 -3.09
C LEU B 79 57.56 3.39 -4.60
N TYR B 80 56.77 4.27 -5.21
CA TYR B 80 56.67 4.28 -6.68
C TYR B 80 58.01 4.57 -7.32
N ASP B 81 58.77 5.54 -6.80
CA ASP B 81 60.09 5.86 -7.36
C ASP B 81 61.04 4.67 -7.23
N HIS B 82 61.09 4.06 -6.05
CA HIS B 82 61.97 2.91 -5.87
C HIS B 82 61.57 1.77 -6.81
N ILE B 83 60.27 1.51 -6.95
CA ILE B 83 59.81 0.45 -7.85
C ILE B 83 60.21 0.78 -9.28
N LEU B 84 60.03 2.03 -9.68
CA LEU B 84 60.29 2.44 -11.05
C LEU B 84 61.78 2.36 -11.35
N GLN B 85 62.63 2.50 -10.33
CA GLN B 85 64.06 2.22 -10.52
C GLN B 85 64.32 0.72 -10.62
N LEU B 86 63.61 -0.07 -9.83
CA LEU B 86 63.82 -1.52 -9.85
C LEU B 86 63.45 -2.10 -11.21
N ASP B 87 62.38 -1.59 -11.83
CA ASP B 87 61.91 -2.06 -13.13
C ASP B 87 61.19 -0.93 -13.82
N PRO B 88 61.84 -0.25 -14.78
CA PRO B 88 61.16 0.84 -15.48
C PRO B 88 59.94 0.38 -16.26
N THR B 89 59.77 -0.93 -16.47
CA THR B 89 58.57 -1.43 -17.14
C THR B 89 57.33 -1.30 -16.27
N TYR B 90 57.47 -1.02 -14.95
CA TYR B 90 56.29 -0.72 -14.16
C TYR B 90 55.61 0.55 -14.67
N GLN B 91 56.39 1.55 -15.05
CA GLN B 91 55.84 2.70 -15.76
C GLN B 91 55.14 2.19 -17.01
N ARG B 92 54.16 2.96 -17.49
CA ARG B 92 53.38 2.62 -18.67
C ARG B 92 52.50 1.40 -18.42
N ASP B 93 52.55 0.79 -17.23
CA ASP B 93 51.60 -0.21 -16.78
C ASP B 93 50.77 0.25 -15.59
N ILE B 94 51.40 0.89 -14.60
CA ILE B 94 50.73 1.32 -13.38
C ILE B 94 51.29 2.67 -12.97
N GLU B 95 50.43 3.67 -12.77
CA GLU B 95 50.94 5.00 -12.49
C GLU B 95 51.00 5.33 -11.01
N LYS B 96 50.20 4.67 -10.18
CA LYS B 96 50.20 4.91 -8.75
C LYS B 96 50.10 3.59 -8.02
N VAL B 97 50.91 3.45 -6.98
CA VAL B 97 50.86 2.32 -6.08
C VAL B 97 50.24 2.78 -4.78
N HIS B 98 50.00 1.83 -3.89
CA HIS B 98 49.40 2.12 -2.61
C HIS B 98 50.24 1.57 -1.47
N VAL B 99 50.31 2.34 -0.39
CA VAL B 99 50.90 1.86 0.85
C VAL B 99 49.74 1.56 1.78
N ARG B 100 49.42 0.28 1.92
CA ARG B 100 48.30 -0.18 2.73
C ARG B 100 48.82 -0.71 4.05
N ILE B 101 48.50 -0.02 5.13
CA ILE B 101 48.92 -0.41 6.47
C ILE B 101 47.94 -1.41 7.06
N VAL B 102 48.46 -2.53 7.52
CA VAL B 102 47.63 -3.60 8.06
C VAL B 102 48.07 -3.88 9.50
N GLY B 103 47.16 -4.44 10.28
CA GLY B 103 47.46 -4.80 11.65
C GLY B 103 47.94 -3.65 12.52
N ILE B 104 47.04 -2.73 12.79
CA ILE B 104 47.20 -1.60 13.70
C ILE B 104 47.11 -2.16 15.11
N PRO B 105 47.72 -1.53 16.12
CA PRO B 105 47.61 -2.05 17.50
C PRO B 105 46.20 -2.22 18.03
N ARG B 106 45.45 -1.11 18.09
CA ARG B 106 44.16 -1.09 18.75
C ARG B 106 43.02 -1.10 17.73
N VAL B 107 42.04 -1.97 17.98
CA VAL B 107 40.80 -2.01 17.20
C VAL B 107 39.70 -1.39 18.03
N ILE B 108 38.85 -0.57 17.38
CA ILE B 108 37.75 0.10 18.05
C ILE B 108 36.48 -0.68 17.78
N GLU B 109 35.70 -0.92 18.83
CA GLU B 109 34.41 -1.55 18.60
C GLU B 109 33.48 -0.53 17.92
N LEU B 110 32.76 -1.00 16.91
CA LEU B 110 32.07 -0.11 15.98
C LEU B 110 31.21 0.89 16.72
N ARG B 111 30.48 0.43 17.73
CA ARG B 111 29.60 1.29 18.50
C ARG B 111 30.40 2.29 19.35
N LYS B 112 31.62 1.95 19.69
CA LYS B 112 32.36 2.74 20.65
C LYS B 112 33.26 3.79 19.99
N ILE B 113 33.08 4.09 18.71
CA ILE B 113 33.90 5.17 18.17
C ILE B 113 33.25 6.46 18.66
N ARG B 114 34.08 7.47 18.87
CA ARG B 114 33.61 8.76 19.36
C ARG B 114 34.29 9.83 18.53
N SER B 115 34.09 11.09 18.92
CA SER B 115 34.61 12.19 18.12
C SER B 115 36.11 12.09 17.98
N THR B 116 36.80 11.79 19.07
CA THR B 116 38.26 11.80 19.12
C THR B 116 38.92 10.78 18.19
N ASP B 117 38.15 9.88 17.55
CA ASP B 117 38.69 8.87 16.65
C ASP B 117 38.63 9.29 15.18
N ILE B 118 38.06 10.44 14.88
CA ILE B 118 37.99 10.91 13.51
C ILE B 118 39.36 11.44 13.13
N GLY B 119 39.81 11.18 11.90
CA GLY B 119 41.07 11.68 11.44
C GLY B 119 42.27 10.86 11.83
N LYS B 120 42.09 9.90 12.73
CA LYS B 120 43.14 8.97 13.10
C LYS B 120 42.95 7.68 12.29
N LEU B 121 44.05 6.98 12.04
CA LEU B 121 43.98 5.72 11.32
C LEU B 121 43.60 4.65 12.32
N ILE B 122 42.44 4.02 12.13
CA ILE B 122 41.89 3.08 13.09
C ILE B 122 41.42 1.83 12.36
N THR B 123 41.20 0.77 13.13
CA THR B 123 40.68 -0.50 12.62
C THR B 123 39.32 -0.82 13.25
N ILE B 124 38.44 -1.42 12.45
CA ILE B 124 37.11 -1.83 12.87
C ILE B 124 36.86 -3.27 12.40
N ASP B 125 36.43 -4.12 13.32
CA ASP B 125 36.13 -5.52 13.00
C ASP B 125 34.61 -5.70 12.94
N GLY B 126 34.08 -6.17 11.81
CA GLY B 126 32.64 -6.30 11.68
C GLY B 126 32.24 -7.08 10.44
N ILE B 127 30.95 -7.40 10.37
CA ILE B 127 30.41 -8.20 9.26
C ILE B 127 29.93 -7.28 8.14
N LEU B 128 30.37 -7.57 6.93
CA LEU B 128 29.99 -6.81 5.75
C LEU B 128 28.63 -7.26 5.26
N VAL B 129 27.67 -6.33 5.18
CA VAL B 129 26.28 -6.69 4.93
C VAL B 129 25.77 -6.27 3.57
N LYS B 130 26.41 -5.29 2.92
CA LYS B 130 25.91 -4.71 1.67
C LYS B 130 27.07 -4.04 0.93
N VAL B 131 27.07 -4.16 -0.41
CA VAL B 131 28.02 -3.45 -1.27
C VAL B 131 27.26 -2.90 -2.48
N THR B 132 27.86 -1.92 -3.14
CA THR B 132 27.33 -1.31 -4.34
C THR B 132 28.09 -1.80 -5.57
N PRO B 133 27.57 -1.55 -6.78
CA PRO B 133 28.38 -1.75 -7.98
C PRO B 133 29.56 -0.80 -8.01
N VAL B 134 30.48 -1.05 -8.94
CA VAL B 134 31.71 -0.27 -9.01
C VAL B 134 31.46 1.01 -9.81
N LYS B 135 31.80 2.14 -9.22
CA LYS B 135 31.63 3.44 -9.82
C LYS B 135 32.99 4.09 -9.99
N GLU B 136 33.00 5.29 -10.59
CA GLU B 136 34.22 6.04 -10.82
C GLU B 136 34.12 7.37 -10.12
N ARG B 137 35.12 7.70 -9.31
CA ARG B 137 35.20 8.99 -8.62
C ARG B 137 36.28 9.83 -9.27
N ILE B 138 35.95 11.09 -9.54
CA ILE B 138 36.93 12.01 -10.11
C ILE B 138 37.88 12.47 -9.01
N TYR B 139 39.19 12.40 -9.28
CA TYR B 139 40.11 13.07 -8.37
C TYR B 139 40.83 14.25 -9.00
N LYS B 140 40.95 14.30 -10.33
CA LYS B 140 41.51 15.47 -10.99
C LYS B 140 40.62 15.75 -12.19
N ALA B 141 39.84 16.82 -12.10
CA ALA B 141 38.94 17.20 -13.18
C ALA B 141 39.68 18.03 -14.21
N THR B 142 39.12 18.09 -15.42
CA THR B 142 39.59 18.98 -16.47
C THR B 142 38.38 19.64 -17.09
N TYR B 143 38.24 20.93 -16.87
CA TYR B 143 37.09 21.67 -17.37
C TYR B 143 37.47 22.48 -18.61
N LYS B 144 36.43 23.03 -19.24
CA LYS B 144 36.57 23.96 -20.36
C LYS B 144 35.66 25.15 -20.14
N HIS B 145 36.24 26.35 -20.28
CA HIS B 145 35.49 27.59 -20.16
C HIS B 145 34.81 27.84 -21.50
N ILE B 146 33.48 27.79 -21.53
CA ILE B 146 32.73 28.01 -22.75
C ILE B 146 32.56 29.52 -22.91
N HIS B 147 33.27 30.10 -23.87
CA HIS B 147 33.31 31.53 -24.09
C HIS B 147 34.05 31.80 -25.40
N PRO B 148 33.57 32.74 -26.23
CA PRO B 148 34.19 32.96 -27.53
C PRO B 148 35.56 33.63 -27.45
N ASP B 149 36.19 33.59 -26.29
CA ASP B 149 37.53 34.13 -26.09
C ASP B 149 38.47 33.13 -25.43
N CYS B 150 38.00 32.42 -24.41
CA CYS B 150 38.85 31.50 -23.66
C CYS B 150 38.93 30.18 -24.41
N MET B 151 37.94 29.29 -24.20
CA MET B 151 37.87 28.01 -24.88
C MET B 151 39.07 27.14 -24.53
N GLN B 152 39.53 27.28 -23.28
CA GLN B 152 40.73 26.61 -22.81
C GLN B 152 40.39 25.49 -21.85
N GLU B 153 41.11 24.39 -21.96
CA GLU B 153 41.02 23.28 -21.03
C GLU B 153 41.98 23.52 -19.87
N PHE B 154 41.55 23.17 -18.66
CA PHE B 154 42.41 23.32 -17.50
C PHE B 154 42.02 22.33 -16.41
N GLU B 155 43.04 21.76 -15.78
CA GLU B 155 42.81 20.91 -14.61
C GLU B 155 42.35 21.79 -13.46
N TRP B 156 41.17 21.49 -12.91
CA TRP B 156 40.62 22.45 -11.95
C TRP B 156 41.20 22.25 -10.56
N PRO B 157 41.14 21.05 -9.96
CA PRO B 157 41.75 20.89 -8.64
C PRO B 157 43.26 21.14 -8.73
N GLU B 158 43.62 22.43 -8.83
CA GLU B 158 44.99 22.82 -9.11
C GLU B 158 45.83 22.79 -7.84
N ASP B 159 47.04 22.23 -7.97
CA ASP B 159 47.94 21.97 -6.85
C ASP B 159 47.30 21.10 -5.76
N GLU B 160 46.16 20.50 -6.03
CA GLU B 160 45.38 19.78 -5.02
C GLU B 160 44.75 18.56 -5.67
N GLU B 161 43.66 18.10 -5.07
CA GLU B 161 42.91 16.95 -5.57
C GLU B 161 41.44 17.21 -5.27
N MET B 162 40.56 16.77 -6.19
CA MET B 162 39.13 16.98 -6.06
C MET B 162 38.62 16.50 -4.69
N PRO B 163 37.87 17.32 -3.97
CA PRO B 163 37.39 16.93 -2.64
C PRO B 163 36.24 15.93 -2.72
N GLU B 164 35.75 15.55 -1.54
CA GLU B 164 34.60 14.66 -1.45
C GLU B 164 33.40 15.25 -2.18
N VAL B 165 33.07 16.50 -1.86
CA VAL B 165 32.10 17.28 -2.63
C VAL B 165 32.70 17.59 -4.00
N LEU B 166 31.85 17.74 -4.99
CA LEU B 166 32.28 18.12 -6.32
C LEU B 166 32.10 19.62 -6.48
N GLU B 167 33.20 20.33 -6.72
CA GLU B 167 33.15 21.76 -6.96
C GLU B 167 33.85 22.11 -8.26
N MET B 168 33.16 22.87 -9.12
CA MET B 168 33.61 23.43 -10.37
C MET B 168 34.00 24.89 -10.15
N PRO B 169 34.90 25.43 -10.96
CA PRO B 169 35.37 26.79 -10.70
C PRO B 169 34.30 27.84 -10.99
N THR B 170 34.47 28.99 -10.35
CA THR B 170 33.67 30.17 -10.58
C THR B 170 34.43 31.26 -11.34
N ILE B 171 35.75 31.23 -11.29
CA ILE B 171 36.60 32.16 -12.02
C ILE B 171 37.59 31.33 -12.81
N CYS B 172 37.71 31.64 -14.10
CA CYS B 172 38.61 30.92 -14.97
C CYS B 172 40.04 31.23 -14.58
N PRO B 173 40.85 30.23 -14.21
CA PRO B 173 42.26 30.51 -13.89
C PRO B 173 43.10 30.72 -15.13
N LYS B 174 42.57 30.48 -16.32
CA LYS B 174 43.32 30.68 -17.55
C LYS B 174 43.13 32.06 -18.15
N CYS B 175 42.10 32.80 -17.73
CA CYS B 175 41.88 34.15 -18.24
C CYS B 175 41.44 35.11 -17.13
N GLY B 176 40.62 34.61 -16.20
CA GLY B 176 40.11 35.44 -15.11
C GLY B 176 38.68 35.90 -15.27
N LYS B 177 37.91 35.28 -16.17
CA LYS B 177 36.57 35.70 -16.52
C LYS B 177 35.57 34.60 -16.21
N PRO B 178 34.49 34.90 -15.48
CA PRO B 178 33.50 33.86 -15.16
C PRO B 178 32.67 33.48 -16.38
N GLY B 179 31.95 32.37 -16.27
CA GLY B 179 31.11 31.94 -17.36
C GLY B 179 30.68 30.49 -17.21
N GLN B 180 30.44 29.86 -18.36
CA GLN B 180 30.02 28.47 -18.40
C GLN B 180 31.23 27.55 -18.33
N PHE B 181 31.09 26.45 -17.60
CA PHE B 181 32.15 25.45 -17.48
C PHE B 181 31.61 24.09 -17.84
N ARG B 182 32.20 23.46 -18.85
CA ARG B 182 31.79 22.13 -19.30
C ARG B 182 32.86 21.12 -18.90
N LEU B 183 32.42 19.99 -18.34
CA LEU B 183 33.33 18.93 -17.92
C LEU B 183 33.80 18.13 -19.14
N ILE B 184 35.11 17.92 -19.24
CA ILE B 184 35.69 17.12 -20.31
C ILE B 184 36.06 15.76 -19.74
N PRO B 185 35.36 14.67 -20.09
CA PRO B 185 35.71 13.36 -19.55
C PRO B 185 36.94 12.73 -20.19
N GLU B 186 37.37 13.24 -21.34
CA GLU B 186 38.53 12.67 -22.02
C GLU B 186 39.81 12.93 -21.22
N LYS B 187 40.01 14.16 -20.78
CA LYS B 187 41.18 14.57 -20.02
C LYS B 187 40.97 14.51 -18.50
N THR B 188 40.01 13.72 -18.04
CA THR B 188 39.69 13.61 -16.62
C THR B 188 40.25 12.31 -16.04
N LYS B 189 40.66 12.38 -14.77
CA LYS B 189 41.32 11.27 -14.08
C LYS B 189 40.41 10.72 -12.98
N LEU B 190 40.14 9.43 -13.04
CA LEU B 190 39.16 8.79 -12.18
C LEU B 190 39.80 7.60 -11.48
N ILE B 191 39.19 7.24 -10.36
CA ILE B 191 39.60 6.10 -9.53
C ILE B 191 38.36 5.26 -9.21
N ASP B 192 38.51 3.93 -9.30
CA ASP B 192 37.43 3.02 -8.97
C ASP B 192 36.92 3.27 -7.55
N TRP B 193 35.63 3.00 -7.32
CA TRP B 193 34.96 3.44 -6.10
C TRP B 193 33.81 2.49 -5.77
N GLN B 194 33.68 2.14 -4.51
CA GLN B 194 32.63 1.23 -4.09
C GLN B 194 32.24 1.53 -2.66
N LYS B 195 30.94 1.69 -2.43
CA LYS B 195 30.43 1.92 -1.09
C LYS B 195 29.96 0.60 -0.52
N ALA B 196 30.26 0.35 0.75
CA ALA B 196 29.81 -0.86 1.43
C ALA B 196 29.38 -0.50 2.83
N VAL B 197 28.62 -1.39 3.46
CA VAL B 197 28.17 -1.18 4.83
C VAL B 197 28.67 -2.34 5.66
N ILE B 198 29.25 -2.04 6.82
CA ILE B 198 29.63 -3.07 7.77
C ILE B 198 28.89 -2.81 9.07
N GLN B 199 28.48 -3.88 9.73
CA GLN B 199 27.78 -3.76 10.98
C GLN B 199 28.50 -4.56 12.06
N GLU B 200 28.20 -4.21 13.30
CA GLU B 200 28.95 -4.77 14.41
C GLU B 200 28.71 -6.26 14.54
N ARG B 201 29.73 -6.97 15.02
CA ARG B 201 29.63 -8.41 15.19
C ARG B 201 28.48 -8.72 16.14
N PRO B 202 27.71 -9.77 15.89
CA PRO B 202 26.52 -10.04 16.72
C PRO B 202 26.86 -10.18 18.20
N GLU B 203 28.06 -10.69 18.51
CA GLU B 203 28.52 -10.84 19.88
C GLU B 203 28.80 -9.50 20.56
N GLU B 204 28.84 -8.43 19.80
CA GLU B 204 29.15 -7.09 20.27
C GLU B 204 27.90 -6.23 20.52
N VAL B 205 26.73 -6.67 20.06
CA VAL B 205 25.54 -5.84 20.17
C VAL B 205 25.05 -5.86 21.62
N PRO B 206 24.83 -4.71 22.23
CA PRO B 206 24.40 -4.66 23.63
C PRO B 206 23.07 -5.36 23.84
N SER B 207 22.76 -5.60 25.10
CA SER B 207 21.51 -6.27 25.43
C SER B 207 20.33 -5.43 24.99
N GLY B 208 19.40 -6.06 24.30
CA GLY B 208 18.14 -5.45 23.91
C GLY B 208 18.20 -4.41 22.83
N GLN B 209 19.35 -4.07 22.32
CA GLN B 209 19.40 -3.14 21.20
C GLN B 209 19.70 -3.87 19.90
N LEU B 210 19.60 -3.14 18.80
CA LEU B 210 19.80 -3.45 17.39
C LEU B 210 21.20 -3.07 16.94
N PRO B 211 21.76 -3.82 15.99
CA PRO B 211 23.15 -3.61 15.60
C PRO B 211 23.32 -2.30 14.83
N ARG B 212 24.42 -1.62 15.12
CA ARG B 212 24.79 -0.38 14.44
C ARG B 212 25.54 -0.68 13.15
N GLN B 213 25.55 0.30 12.24
CA GLN B 213 26.21 0.16 10.96
C GLN B 213 27.13 1.33 10.69
N LEU B 214 28.06 1.11 9.78
CA LEU B 214 29.03 2.11 9.38
C LEU B 214 29.32 1.95 7.90
N GLU B 215 29.34 3.07 7.20
CA GLU B 215 29.58 3.08 5.77
C GLU B 215 31.09 3.17 5.51
N ILE B 216 31.59 2.33 4.63
CA ILE B 216 33.01 2.34 4.29
C ILE B 216 33.15 2.50 2.79
N ILE B 217 34.28 3.08 2.37
CA ILE B 217 34.54 3.39 0.97
C ILE B 217 35.83 2.69 0.56
N LEU B 218 35.73 1.88 -0.49
CA LEU B 218 36.85 1.12 -1.05
C LEU B 218 37.13 1.66 -2.45
N GLU B 219 38.37 2.03 -2.73
CA GLU B 219 38.73 2.58 -4.02
C GLU B 219 39.86 1.75 -4.64
N ASP B 220 40.02 1.87 -5.96
CA ASP B 220 41.05 1.15 -6.75
C ASP B 220 40.99 -0.33 -6.44
N ASP B 221 42.12 -1.00 -6.19
CA ASP B 221 42.15 -2.45 -6.08
C ASP B 221 41.42 -2.98 -4.84
N LEU B 222 40.95 -2.11 -3.95
CA LEU B 222 40.15 -2.58 -2.83
C LEU B 222 38.73 -2.95 -3.25
N VAL B 223 38.29 -2.46 -4.41
CA VAL B 223 36.95 -2.72 -4.87
C VAL B 223 36.72 -4.21 -5.02
N ASP B 224 35.57 -4.68 -4.58
CA ASP B 224 35.16 -6.07 -4.77
C ASP B 224 36.12 -7.04 -4.08
N SER B 225 36.61 -6.66 -2.91
CA SER B 225 37.55 -7.52 -2.20
C SER B 225 36.90 -8.38 -1.13
N ALA B 226 35.58 -8.29 -0.96
CA ALA B 226 34.94 -9.19 0.00
C ALA B 226 33.46 -9.32 -0.33
N ARG B 227 32.88 -10.47 0.02
CA ARG B 227 31.47 -10.60 -0.32
C ARG B 227 30.60 -10.36 0.90
N PRO B 228 29.35 -9.98 0.69
CA PRO B 228 28.42 -9.81 1.80
C PRO B 228 28.34 -11.07 2.63
N GLY B 229 28.43 -10.91 3.94
CA GLY B 229 28.51 -11.99 4.88
C GLY B 229 29.89 -12.17 5.46
N ASP B 230 30.93 -11.74 4.74
CA ASP B 230 32.31 -11.85 5.19
C ASP B 230 32.56 -11.00 6.44
N ARG B 231 33.18 -11.60 7.45
CA ARG B 231 33.63 -10.80 8.59
C ARG B 231 34.98 -10.21 8.23
N VAL B 232 35.07 -8.89 8.19
CA VAL B 232 36.26 -8.22 7.75
C VAL B 232 36.81 -7.33 8.87
N LYS B 233 38.06 -6.93 8.68
CA LYS B 233 38.83 -6.10 9.62
C LYS B 233 39.36 -4.94 8.78
N VAL B 234 38.64 -3.83 8.77
CA VAL B 234 38.97 -2.69 7.94
C VAL B 234 39.86 -1.71 8.69
N THR B 235 40.90 -1.23 8.04
CA THR B 235 41.73 -0.16 8.55
C THR B 235 41.52 1.06 7.67
N GLY B 236 41.42 2.23 8.26
CA GLY B 236 41.14 3.40 7.45
C GLY B 236 40.97 4.62 8.33
N ILE B 237 40.43 5.67 7.72
CA ILE B 237 40.32 6.97 8.37
C ILE B 237 38.85 7.41 8.35
N LEU B 238 38.38 7.93 9.47
CA LEU B 238 36.99 8.34 9.58
C LEU B 238 36.81 9.80 9.13
N ASP B 239 35.64 10.10 8.63
CA ASP B 239 35.32 11.46 8.20
C ASP B 239 33.81 11.64 8.24
N ILE B 240 33.37 12.86 7.95
CA ILE B 240 31.96 13.25 8.02
C ILE B 240 31.37 13.17 6.63
N LYS B 241 30.15 12.65 6.56
CA LYS B 241 29.45 12.40 5.32
C LYS B 241 28.75 13.69 4.93
N GLN B 242 29.12 14.24 3.77
CA GLN B 242 28.58 15.51 3.30
C GLN B 242 27.71 15.25 2.07
N ASP B 243 26.42 15.58 2.18
CA ASP B 243 25.47 15.43 1.08
C ASP B 243 25.11 16.76 0.42
N SER B 244 25.26 17.88 1.13
CA SER B 244 25.04 19.23 0.63
C SER B 244 25.42 20.24 1.70
N PRO B 245 26.70 20.38 2.05
CA PRO B 245 27.07 21.21 3.21
C PRO B 245 27.23 22.68 2.92
N VAL B 246 27.26 23.09 1.65
CA VAL B 246 27.48 24.50 1.32
C VAL B 246 26.24 25.34 1.57
N LYS B 247 25.06 24.72 1.73
CA LYS B 247 23.84 25.45 2.02
C LYS B 247 23.47 25.31 3.49
N ARG B 248 22.82 26.36 4.00
CA ARG B 248 22.47 26.47 5.41
C ARG B 248 21.12 25.82 5.73
N GLY B 249 20.36 26.43 6.65
CA GLY B 249 19.07 25.91 7.02
C GLY B 249 19.20 24.70 7.94
N SER B 250 19.80 24.91 9.10
CA SER B 250 19.97 23.89 10.15
C SER B 250 20.88 22.76 9.63
N ARG B 251 20.72 21.55 10.17
CA ARG B 251 21.49 20.38 9.76
C ARG B 251 22.99 20.58 10.01
N ALA B 252 23.34 20.98 11.22
CA ALA B 252 24.75 21.04 11.61
C ALA B 252 25.33 19.67 11.95
N VAL B 253 24.58 18.59 11.73
CA VAL B 253 24.96 17.24 12.15
C VAL B 253 25.32 16.39 10.94
N PHE B 254 26.30 15.51 11.11
CA PHE B 254 26.85 14.71 10.03
C PHE B 254 26.99 13.26 10.46
N ASP B 255 27.01 12.38 9.46
CA ASP B 255 27.27 10.97 9.68
C ASP B 255 28.76 10.68 9.52
N ILE B 256 29.18 9.52 9.98
CA ILE B 256 30.58 9.09 9.91
C ILE B 256 30.75 8.05 8.82
N TYR B 257 31.88 8.08 8.12
CA TYR B 257 32.24 7.00 7.21
C TYR B 257 33.73 6.75 7.28
N MET B 258 34.15 5.57 6.83
CA MET B 258 35.56 5.21 6.83
C MET B 258 36.08 5.09 5.41
N LYS B 259 37.07 5.91 5.07
CA LYS B 259 37.85 5.69 3.86
C LYS B 259 38.82 4.56 4.17
N VAL B 260 38.69 3.45 3.47
CA VAL B 260 39.45 2.25 3.81
C VAL B 260 40.81 2.30 3.12
N SER B 261 41.87 1.88 3.82
CA SER B 261 43.14 1.63 3.19
C SER B 261 43.53 0.15 3.24
N SER B 262 42.84 -0.65 4.04
CA SER B 262 43.22 -2.03 4.27
C SER B 262 42.03 -2.82 4.76
N ILE B 263 41.91 -4.07 4.31
CA ILE B 263 40.80 -4.93 4.69
C ILE B 263 41.25 -6.38 4.60
N GLU B 264 40.87 -7.18 5.58
CA GLU B 264 41.21 -8.60 5.57
C GLU B 264 40.05 -9.42 6.13
N VAL B 265 39.81 -10.57 5.49
CA VAL B 265 38.64 -11.41 5.73
C VAL B 265 39.07 -12.65 6.52
N SER B 266 38.08 -13.31 7.11
CA SER B 266 38.22 -14.45 8.04
C SER B 266 38.77 -13.94 9.37
N SER B 273 48.40 -17.96 7.80
CA SER B 273 47.59 -18.85 6.96
C SER B 273 48.49 -19.84 6.23
N GLU B 274 49.46 -20.38 6.96
CA GLU B 274 50.51 -21.20 6.37
C GLU B 274 50.74 -22.37 7.29
N GLU B 275 50.97 -22.07 8.57
CA GLU B 275 51.04 -23.11 9.58
C GLU B 275 49.70 -23.81 9.74
N ASP B 276 48.60 -23.12 9.40
CA ASP B 276 47.30 -23.77 9.44
C ASP B 276 47.24 -24.96 8.48
N GLU B 277 47.84 -24.80 7.29
CA GLU B 277 47.88 -25.89 6.32
C GLU B 277 48.65 -27.08 6.90
N LYS B 278 49.82 -26.80 7.47
CA LYS B 278 50.62 -27.86 8.05
C LYS B 278 49.85 -28.57 9.17
N LYS B 279 49.08 -27.80 9.96
CA LYS B 279 48.35 -28.41 11.06
C LYS B 279 47.22 -29.27 10.56
N ILE B 280 46.50 -28.81 9.55
CA ILE B 280 45.39 -29.64 9.10
C ILE B 280 45.92 -30.90 8.43
N LYS B 281 47.07 -30.81 7.74
CA LYS B 281 47.66 -31.99 7.12
C LYS B 281 48.11 -33.01 8.17
N ASP B 282 48.83 -32.52 9.19
CA ASP B 282 49.27 -33.35 10.30
C ASP B 282 48.08 -33.96 11.04
N LEU B 283 46.99 -33.22 11.15
CA LEU B 283 45.79 -33.79 11.72
C LEU B 283 45.28 -34.93 10.86
N ALA B 284 45.28 -34.75 9.56
CA ALA B 284 44.71 -35.79 8.71
C ALA B 284 45.62 -37.00 8.58
N LYS B 285 46.86 -36.95 9.06
CA LYS B 285 47.64 -38.19 9.06
C LYS B 285 47.10 -39.22 10.06
N ASP B 286 46.25 -38.79 10.99
CA ASP B 286 45.65 -39.66 11.98
C ASP B 286 44.77 -40.70 11.31
N PRO B 287 45.01 -42.00 11.54
CA PRO B 287 44.15 -43.02 10.92
C PRO B 287 42.73 -43.00 11.42
N TRP B 288 42.47 -42.37 12.56
CA TRP B 288 41.13 -42.22 13.09
C TRP B 288 40.66 -40.77 13.02
N ILE B 289 41.12 -40.04 12.01
CA ILE B 289 40.78 -38.62 11.95
C ILE B 289 39.28 -38.42 11.79
N ARG B 290 38.59 -39.34 11.09
CA ARG B 290 37.14 -39.21 10.92
C ARG B 290 36.42 -39.31 12.24
N ASP B 291 36.84 -40.26 13.08
CA ASP B 291 36.26 -40.38 14.40
C ASP B 291 36.55 -39.14 15.24
N ARG B 292 37.75 -38.56 15.05
CA ARG B 292 38.09 -37.33 15.78
C ARG B 292 37.14 -36.20 15.41
N ILE B 293 36.95 -35.97 14.11
CA ILE B 293 36.06 -34.91 13.68
C ILE B 293 34.65 -35.15 14.21
N ILE B 294 34.16 -36.39 14.08
CA ILE B 294 32.79 -36.64 14.52
C ILE B 294 32.63 -36.37 16.02
N SER B 295 33.59 -36.82 16.83
CA SER B 295 33.51 -36.55 18.27
C SER B 295 33.77 -35.10 18.61
N SER B 296 34.29 -34.32 17.67
CA SER B 296 34.46 -32.88 17.83
C SER B 296 33.21 -32.10 17.44
N ILE B 297 32.15 -32.76 16.99
CA ILE B 297 30.94 -32.09 16.51
C ILE B 297 29.96 -31.96 17.67
N ALA B 298 29.72 -30.71 18.13
CA ALA B 298 28.80 -30.40 19.23
C ALA B 298 29.14 -31.20 20.48
N PRO B 299 30.30 -30.95 21.08
CA PRO B 299 30.81 -31.81 22.15
C PRO B 299 30.04 -31.74 23.46
N SER B 300 29.23 -30.70 23.70
CA SER B 300 28.52 -30.63 24.97
C SER B 300 27.21 -31.38 24.93
N ILE B 301 27.01 -32.22 23.92
CA ILE B 301 25.80 -32.98 23.72
C ILE B 301 26.14 -34.46 23.86
N TYR B 302 25.51 -35.12 24.82
CA TYR B 302 25.73 -36.54 25.08
C TYR B 302 25.02 -37.40 24.04
N GLY B 303 25.79 -38.21 23.31
CA GLY B 303 25.24 -39.15 22.37
C GLY B 303 24.97 -38.60 20.99
N HIS B 304 23.94 -39.14 20.32
CA HIS B 304 23.57 -38.71 18.97
C HIS B 304 24.74 -38.79 18.01
N TRP B 305 25.45 -39.93 18.04
CA TRP B 305 26.63 -40.06 17.20
C TRP B 305 26.27 -40.15 15.72
N GLU B 306 25.18 -40.85 15.39
CA GLU B 306 24.79 -40.91 13.98
C GLU B 306 24.52 -39.51 13.46
N LEU B 307 23.89 -38.66 14.27
CA LEU B 307 23.63 -37.29 13.87
C LEU B 307 24.91 -36.47 13.79
N LYS B 308 25.85 -36.67 14.73
CA LYS B 308 27.12 -35.96 14.63
C LYS B 308 27.87 -36.35 13.37
N GLU B 309 27.85 -37.64 13.06
CA GLU B 309 28.44 -38.12 11.81
C GLU B 309 27.75 -37.49 10.61
N ALA B 310 26.42 -37.51 10.58
CA ALA B 310 25.71 -36.97 9.42
C ALA B 310 25.97 -35.48 9.26
N LEU B 311 25.95 -34.73 10.36
CA LEU B 311 26.24 -33.30 10.28
C LEU B 311 27.66 -33.05 9.83
N ALA B 312 28.62 -33.85 10.32
CA ALA B 312 29.99 -33.72 9.88
C ALA B 312 30.11 -33.97 8.38
N LEU B 313 29.42 -35.01 7.88
CA LEU B 313 29.38 -35.26 6.45
C LEU B 313 28.81 -34.06 5.70
N ALA B 314 27.70 -33.52 6.21
CA ALA B 314 27.09 -32.36 5.57
C ALA B 314 28.05 -31.19 5.53
N LEU B 315 28.88 -31.05 6.58
CA LEU B 315 29.89 -30.00 6.62
C LEU B 315 30.90 -30.17 5.51
N PHE B 316 31.29 -31.42 5.25
CA PHE B 316 32.31 -31.67 4.25
C PHE B 316 31.73 -31.77 2.84
N GLY B 317 30.58 -32.43 2.68
CA GLY B 317 29.92 -32.50 1.39
C GLY B 317 30.60 -33.33 0.32
N GLY B 318 29.81 -33.84 -0.63
CA GLY B 318 30.33 -34.58 -1.76
C GLY B 318 31.03 -33.69 -2.78
N VAL B 319 31.19 -34.18 -4.00
CA VAL B 319 31.82 -33.42 -5.08
C VAL B 319 30.77 -33.06 -6.10
N PRO B 320 30.62 -31.78 -6.45
CA PRO B 320 29.68 -31.40 -7.51
C PRO B 320 30.27 -31.71 -8.87
N LYS B 321 29.42 -32.20 -9.75
CA LYS B 321 29.79 -32.55 -11.12
C LYS B 321 29.13 -31.59 -12.07
N VAL B 322 29.94 -30.81 -12.80
CA VAL B 322 29.43 -29.82 -13.75
C VAL B 322 29.85 -30.19 -15.17
N LEU B 323 28.87 -30.46 -16.03
CA LEU B 323 29.08 -31.09 -17.33
C LEU B 323 28.71 -30.13 -18.45
N GLU B 324 28.77 -30.63 -19.69
CA GLU B 324 28.48 -29.79 -20.85
C GLU B 324 27.00 -29.41 -20.92
N ASP B 325 26.10 -30.34 -20.59
CA ASP B 325 24.66 -30.10 -20.68
C ASP B 325 24.03 -29.76 -19.33
N THR B 326 24.27 -30.58 -18.31
CA THR B 326 23.68 -30.38 -16.99
C THR B 326 24.78 -30.17 -15.96
N ARG B 327 24.35 -30.03 -14.70
CA ARG B 327 25.24 -30.13 -13.57
C ARG B 327 24.53 -30.89 -12.47
N ILE B 328 25.32 -31.56 -11.63
CA ILE B 328 24.82 -32.50 -10.64
C ILE B 328 25.23 -32.02 -9.25
N ARG B 329 24.27 -32.01 -8.32
CA ARG B 329 24.46 -31.43 -7.00
C ARG B 329 25.51 -32.19 -6.21
N GLY B 330 26.37 -31.44 -5.53
CA GLY B 330 27.43 -32.05 -4.74
C GLY B 330 27.18 -31.95 -3.25
N ASP B 331 26.31 -31.04 -2.85
CA ASP B 331 26.05 -30.77 -1.44
C ASP B 331 25.15 -31.84 -0.84
N ILE B 332 25.29 -32.04 0.47
CA ILE B 332 24.57 -33.06 1.21
C ILE B 332 23.54 -32.38 2.09
N HIS B 333 22.28 -32.77 1.96
CA HIS B 333 21.17 -32.28 2.77
C HIS B 333 20.84 -33.27 3.87
N ILE B 334 20.53 -32.76 5.05
CA ILE B 334 20.28 -33.57 6.24
C ILE B 334 18.95 -33.13 6.84
N LEU B 335 18.11 -34.08 7.24
CA LEU B 335 16.87 -33.75 7.92
C LEU B 335 16.77 -34.54 9.22
N ILE B 336 16.61 -33.82 10.33
CA ILE B 336 16.44 -34.42 11.65
C ILE B 336 15.03 -34.08 12.13
N ILE B 337 14.16 -35.09 12.14
CA ILE B 337 12.82 -34.95 12.69
C ILE B 337 12.80 -35.68 14.01
N GLY B 338 12.60 -34.95 15.09
CA GLY B 338 12.80 -35.55 16.39
C GLY B 338 11.91 -34.94 17.44
N ASP B 339 11.73 -35.71 18.54
CA ASP B 339 10.97 -35.31 19.72
C ASP B 339 11.49 -33.99 20.27
N PRO B 340 10.68 -33.27 21.05
CA PRO B 340 11.18 -32.02 21.63
C PRO B 340 12.25 -32.26 22.70
N GLY B 341 13.25 -31.36 22.70
CA GLY B 341 14.31 -31.40 23.68
C GLY B 341 15.41 -32.40 23.41
N THR B 342 15.71 -32.68 22.15
CA THR B 342 16.63 -33.74 21.77
C THR B 342 17.94 -33.22 21.21
N ALA B 343 18.34 -32.02 21.61
CA ALA B 343 19.58 -31.39 21.19
C ALA B 343 19.62 -31.04 19.70
N LYS B 344 18.48 -31.00 19.01
CA LYS B 344 18.46 -30.66 17.60
C LYS B 344 18.98 -29.25 17.37
N SER B 345 18.28 -28.26 17.92
CA SER B 345 18.63 -26.87 17.68
C SER B 345 20.04 -26.57 18.17
N GLN B 346 20.47 -27.20 19.28
CA GLN B 346 21.80 -26.94 19.78
C GLN B 346 22.86 -27.44 18.79
N MET B 347 22.66 -28.64 18.25
CA MET B 347 23.59 -29.15 17.24
C MET B 347 23.57 -28.27 15.98
N LEU B 348 22.39 -27.79 15.58
CA LEU B 348 22.35 -26.95 14.39
C LEU B 348 23.04 -25.61 14.64
N GLN B 349 22.89 -25.07 15.86
CA GLN B 349 23.63 -23.88 16.23
C GLN B 349 25.13 -24.15 16.13
N PHE B 350 25.56 -25.31 16.62
CA PHE B 350 26.98 -25.64 16.56
C PHE B 350 27.47 -25.66 15.12
N ILE B 351 26.74 -26.37 14.23
CA ILE B 351 27.32 -26.47 12.89
C ILE B 351 27.29 -25.12 12.20
N SER B 352 26.34 -24.24 12.55
CA SER B 352 26.40 -22.88 11.98
C SER B 352 27.63 -22.14 12.48
N ARG B 353 28.06 -22.42 13.71
CA ARG B 353 29.27 -21.80 14.24
C ARG B 353 30.54 -22.39 13.62
N VAL B 354 30.59 -23.72 13.44
CA VAL B 354 31.81 -24.36 13.00
C VAL B 354 32.00 -24.27 11.49
N ALA B 355 30.92 -24.19 10.73
CA ALA B 355 31.05 -24.20 9.28
C ALA B 355 31.75 -22.93 8.81
N PRO B 356 32.69 -23.06 7.87
CA PRO B 356 33.33 -21.86 7.33
C PRO B 356 32.37 -20.88 6.69
N ARG B 357 31.27 -21.33 6.09
CA ARG B 357 30.25 -20.37 5.68
C ARG B 357 28.88 -20.98 5.82
N ALA B 358 28.07 -20.36 6.67
CA ALA B 358 26.76 -20.88 7.02
C ALA B 358 25.84 -19.70 7.29
N VAL B 359 24.56 -19.99 7.17
CA VAL B 359 23.47 -19.05 7.42
C VAL B 359 22.48 -19.81 8.28
N TYR B 360 22.00 -19.16 9.36
CA TYR B 360 21.07 -19.79 10.29
C TYR B 360 19.68 -19.18 10.08
N THR B 361 18.67 -20.03 9.94
CA THR B 361 17.32 -19.57 9.70
C THR B 361 16.34 -20.45 10.45
N THR B 362 15.18 -19.90 10.75
CA THR B 362 14.12 -20.63 11.44
C THR B 362 12.91 -20.67 10.54
N GLY B 363 12.19 -21.79 10.56
CA GLY B 363 11.03 -21.93 9.69
C GLY B 363 10.02 -20.82 9.87
N LYS B 364 9.85 -20.35 11.12
CA LYS B 364 8.93 -19.26 11.39
C LYS B 364 9.58 -17.89 11.25
N GLY B 365 10.90 -17.81 11.30
CA GLY B 365 11.57 -16.55 11.05
C GLY B 365 11.88 -16.25 9.60
N SER B 366 11.55 -17.16 8.68
CA SER B 366 11.95 -17.02 7.30
C SER B 366 10.72 -16.99 6.40
N THR B 367 10.83 -16.24 5.30
CA THR B 367 9.82 -16.20 4.27
C THR B 367 10.26 -17.05 3.09
N ALA B 368 9.39 -17.13 2.08
CA ALA B 368 9.83 -17.73 0.84
C ALA B 368 10.83 -16.81 0.15
N ALA B 369 10.55 -15.49 0.16
CA ALA B 369 11.44 -14.53 -0.48
C ALA B 369 12.72 -14.32 0.31
N GLY B 370 12.64 -14.37 1.64
CA GLY B 370 13.83 -14.16 2.42
C GLY B 370 14.83 -15.30 2.32
N LEU B 371 14.35 -16.49 1.96
CA LEU B 371 15.22 -17.65 1.88
C LEU B 371 15.86 -17.80 0.52
N THR B 372 15.24 -17.22 -0.51
CA THR B 372 15.70 -17.36 -1.88
C THR B 372 16.12 -16.01 -2.44
N ALA B 373 15.16 -15.19 -2.83
CA ALA B 373 15.48 -13.88 -3.39
C ALA B 373 14.24 -13.03 -3.33
N ALA B 374 14.44 -11.77 -2.97
CA ALA B 374 13.34 -10.86 -2.77
C ALA B 374 13.38 -9.80 -3.87
N VAL B 375 12.23 -9.49 -4.45
CA VAL B 375 12.09 -8.40 -5.40
C VAL B 375 11.61 -7.17 -4.65
N VAL B 376 12.51 -6.25 -4.39
CA VAL B 376 12.21 -5.07 -3.59
C VAL B 376 12.07 -3.85 -4.50
N ARG B 377 11.01 -3.07 -4.30
CA ARG B 377 10.80 -1.81 -5.00
C ARG B 377 11.58 -0.73 -4.25
N GLU B 378 12.71 -0.32 -4.80
CA GLU B 378 13.49 0.79 -4.26
C GLU B 378 12.70 2.09 -4.42
N LYS B 379 12.29 2.68 -3.29
CA LYS B 379 11.50 3.92 -3.29
C LYS B 379 12.26 5.13 -3.85
N GLY B 380 13.54 5.02 -4.19
CA GLY B 380 14.23 6.16 -4.77
C GLY B 380 14.00 6.32 -6.26
N THR B 381 14.65 5.47 -7.05
CA THR B 381 14.45 5.48 -8.50
C THR B 381 13.07 4.97 -8.89
N GLY B 382 12.37 4.26 -7.99
CA GLY B 382 11.07 3.70 -8.27
C GLY B 382 11.10 2.30 -8.85
N GLU B 383 12.26 1.83 -9.31
CA GLU B 383 12.29 0.60 -10.08
C GLU B 383 12.64 -0.58 -9.20
N TYR B 384 12.30 -1.76 -9.70
CA TYR B 384 12.40 -2.99 -8.95
C TYR B 384 13.78 -3.62 -9.08
N TYR B 385 14.30 -4.11 -7.95
CA TYR B 385 15.65 -4.63 -7.89
C TYR B 385 15.63 -5.89 -7.06
N LEU B 386 16.66 -6.70 -7.24
CA LEU B 386 16.71 -8.02 -6.65
C LEU B 386 17.66 -8.03 -5.45
N GLU B 387 17.27 -8.74 -4.38
CA GLU B 387 18.03 -8.82 -3.14
C GLU B 387 18.22 -10.28 -2.77
N ALA B 388 19.45 -10.66 -2.44
CA ALA B 388 19.75 -12.05 -2.15
C ALA B 388 19.15 -12.51 -0.82
N GLY B 389 18.43 -13.63 -0.88
CA GLY B 389 17.94 -14.29 0.30
C GLY B 389 18.98 -15.23 0.91
N ALA B 390 18.51 -16.03 1.87
CA ALA B 390 19.43 -16.82 2.69
C ALA B 390 20.16 -17.86 1.84
N LEU B 391 19.43 -18.63 1.04
CA LEU B 391 20.08 -19.69 0.27
C LEU B 391 21.06 -19.14 -0.76
N VAL B 392 20.88 -17.90 -1.24
CA VAL B 392 21.84 -17.35 -2.19
C VAL B 392 23.07 -16.82 -1.46
N LEU B 393 22.90 -16.17 -0.31
CA LEU B 393 24.05 -15.75 0.48
C LEU B 393 24.83 -16.97 0.98
N ALA B 394 24.14 -18.11 1.12
CA ALA B 394 24.78 -19.32 1.57
C ALA B 394 25.44 -20.09 0.43
N ASP B 395 25.46 -19.52 -0.78
CA ASP B 395 26.10 -20.20 -1.90
C ASP B 395 27.52 -20.52 -1.52
N GLY B 396 27.94 -21.74 -1.80
CA GLY B 396 29.26 -22.16 -1.38
C GLY B 396 29.35 -22.57 0.08
N GLY B 397 28.23 -22.67 0.78
CA GLY B 397 28.26 -23.04 2.18
C GLY B 397 27.10 -23.87 2.64
N ILE B 398 26.65 -23.59 3.87
CA ILE B 398 25.63 -24.37 4.56
C ILE B 398 24.53 -23.43 4.97
N ALA B 399 23.29 -23.81 4.71
CA ALA B 399 22.10 -23.12 5.19
C ALA B 399 21.35 -24.05 6.15
N VAL B 400 21.15 -23.58 7.37
CA VAL B 400 20.48 -24.33 8.42
C VAL B 400 19.05 -23.83 8.52
N ILE B 401 18.09 -24.75 8.42
CA ILE B 401 16.67 -24.44 8.60
C ILE B 401 16.15 -25.19 9.82
N ASP B 402 16.12 -24.50 10.96
CA ASP B 402 15.58 -25.08 12.17
C ASP B 402 14.07 -24.90 12.17
N GLU B 403 13.38 -25.78 12.90
CA GLU B 403 11.92 -25.73 13.00
C GLU B 403 11.30 -25.70 11.61
N ILE B 404 11.78 -26.58 10.73
CA ILE B 404 11.34 -26.55 9.33
C ILE B 404 9.88 -26.96 9.20
N ASP B 405 9.35 -27.67 10.17
CA ASP B 405 7.93 -27.99 10.16
C ASP B 405 7.06 -26.78 10.49
N LYS B 406 7.67 -25.64 10.87
CA LYS B 406 6.92 -24.43 11.15
C LYS B 406 6.80 -23.51 9.94
N MET B 407 7.48 -23.84 8.83
CA MET B 407 7.29 -23.14 7.58
C MET B 407 5.89 -23.45 7.07
N ARG B 408 5.25 -22.46 6.42
CA ARG B 408 4.08 -22.79 5.61
C ARG B 408 4.53 -23.60 4.41
N ASP B 409 3.82 -24.68 4.11
CA ASP B 409 4.20 -25.53 2.99
C ASP B 409 4.27 -24.70 1.71
N GLU B 410 3.29 -23.82 1.51
CA GLU B 410 3.26 -22.92 0.37
C GLU B 410 4.47 -21.99 0.33
N ASP B 411 5.07 -21.71 1.48
CA ASP B 411 6.34 -20.98 1.51
C ASP B 411 7.52 -21.93 1.36
N ARG B 412 7.41 -23.13 1.93
CA ARG B 412 8.53 -24.07 1.95
C ARG B 412 8.88 -24.60 0.57
N VAL B 413 7.89 -24.75 -0.31
CA VAL B 413 8.21 -25.29 -1.64
C VAL B 413 9.09 -24.36 -2.46
N ALA B 414 9.28 -23.11 -2.03
CA ALA B 414 10.15 -22.20 -2.76
C ALA B 414 11.60 -22.67 -2.76
N ILE B 415 12.00 -23.56 -1.86
CA ILE B 415 13.38 -24.00 -1.78
C ILE B 415 13.61 -25.34 -2.48
N HIS B 416 12.59 -25.90 -3.15
CA HIS B 416 12.75 -27.18 -3.84
C HIS B 416 13.75 -27.08 -5.00
N GLU B 417 13.62 -26.03 -5.81
CA GLU B 417 14.57 -25.82 -6.88
C GLU B 417 15.98 -25.64 -6.33
N ALA B 418 16.13 -24.79 -5.31
CA ALA B 418 17.46 -24.57 -4.76
C ALA B 418 18.03 -25.83 -4.12
N MET B 419 17.17 -26.71 -3.59
CA MET B 419 17.69 -27.90 -2.94
C MET B 419 18.20 -28.91 -3.96
N GLU B 420 17.55 -29.02 -5.12
CA GLU B 420 18.09 -29.92 -6.15
C GLU B 420 18.87 -29.20 -7.24
N GLN B 421 18.23 -28.34 -8.03
CA GLN B 421 18.99 -27.70 -9.11
C GLN B 421 19.89 -26.56 -8.63
N GLN B 422 19.80 -26.20 -7.33
CA GLN B 422 20.68 -25.21 -6.69
C GLN B 422 20.67 -23.87 -7.40
N THR B 423 19.55 -23.52 -7.99
CA THR B 423 19.31 -22.19 -8.51
C THR B 423 18.00 -21.69 -7.94
N VAL B 424 17.93 -20.39 -7.72
CA VAL B 424 16.67 -19.71 -7.41
C VAL B 424 16.36 -18.86 -8.64
N SER B 425 15.33 -19.25 -9.37
CA SER B 425 14.97 -18.55 -10.60
C SER B 425 13.62 -17.90 -10.40
N ILE B 426 13.56 -16.61 -10.70
CA ILE B 426 12.34 -15.82 -10.52
C ILE B 426 12.02 -15.06 -11.80
N ALA B 427 10.73 -14.77 -11.96
CA ALA B 427 10.21 -14.01 -13.09
C ALA B 427 9.07 -13.19 -12.49
N LYS B 428 9.37 -11.92 -12.17
CA LYS B 428 8.48 -11.03 -11.42
C LYS B 428 8.79 -9.59 -11.78
N ALA B 429 7.75 -8.75 -11.76
CA ALA B 429 7.87 -7.30 -11.96
C ALA B 429 8.74 -6.96 -13.15
N GLY B 430 8.63 -7.77 -14.20
CA GLY B 430 9.33 -7.50 -15.44
C GLY B 430 10.78 -7.89 -15.45
N ILE B 431 11.24 -8.63 -14.46
CA ILE B 431 12.61 -9.10 -14.41
C ILE B 431 12.61 -10.62 -14.33
N VAL B 432 13.44 -11.26 -15.16
CA VAL B 432 13.58 -12.70 -15.20
C VAL B 432 15.06 -12.98 -14.92
N ALA B 433 15.33 -13.77 -13.90
CA ALA B 433 16.72 -14.01 -13.53
C ALA B 433 16.81 -15.31 -12.73
N LYS B 434 18.02 -15.83 -12.60
CA LYS B 434 18.26 -17.03 -11.80
C LYS B 434 19.62 -16.91 -11.13
N LEU B 435 19.61 -17.10 -9.82
CA LEU B 435 20.78 -16.98 -8.98
C LEU B 435 21.25 -18.35 -8.52
N ASN B 436 22.53 -18.45 -8.24
CA ASN B 436 23.07 -19.70 -7.70
C ASN B 436 22.74 -19.80 -6.21
N ALA B 437 22.16 -20.93 -5.82
CA ALA B 437 21.89 -21.24 -4.44
C ALA B 437 22.51 -22.59 -4.14
N ARG B 438 23.81 -22.70 -4.38
CA ARG B 438 24.51 -23.98 -4.17
C ARG B 438 24.88 -24.11 -2.69
N ALA B 439 23.86 -24.36 -1.89
CA ALA B 439 24.04 -24.44 -0.45
C ALA B 439 23.52 -25.78 0.03
N ALA B 440 24.19 -26.31 1.04
CA ALA B 440 23.77 -27.54 1.65
C ALA B 440 22.74 -27.22 2.71
N VAL B 441 21.57 -27.88 2.67
CA VAL B 441 20.50 -27.63 3.64
C VAL B 441 20.60 -28.63 4.79
N ILE B 442 20.66 -28.11 6.01
CA ILE B 442 20.63 -28.92 7.22
C ILE B 442 19.43 -28.47 8.05
N ALA B 443 18.44 -29.34 8.17
CA ALA B 443 17.15 -28.95 8.68
C ALA B 443 16.73 -29.82 9.84
N ALA B 444 15.93 -29.25 10.71
CA ALA B 444 15.39 -29.98 11.85
C ALA B 444 13.96 -29.56 12.11
N GLY B 445 13.17 -30.48 12.64
CA GLY B 445 11.76 -30.23 12.94
C GLY B 445 11.19 -31.31 13.82
N ASN B 446 9.92 -31.09 14.24
CA ASN B 446 9.21 -32.06 15.06
C ASN B 446 8.23 -32.88 14.23
N PRO B 447 7.84 -34.05 14.72
CA PRO B 447 6.77 -34.81 14.07
C PRO B 447 5.44 -34.08 14.18
N LYS B 448 4.45 -34.65 13.49
CA LYS B 448 3.14 -34.00 13.42
C LYS B 448 2.60 -33.69 14.80
N PHE B 449 2.81 -34.57 15.77
CA PHE B 449 2.22 -34.42 17.10
C PHE B 449 3.25 -34.06 18.15
N GLY B 450 4.15 -33.14 17.81
CA GLY B 450 5.18 -32.72 18.74
C GLY B 450 6.23 -33.79 18.95
N ARG B 451 5.85 -34.91 19.56
CA ARG B 451 6.71 -36.07 19.70
C ARG B 451 6.32 -37.15 18.69
N TYR B 452 7.24 -38.08 18.45
CA TYR B 452 6.92 -39.19 17.57
C TYR B 452 5.96 -40.13 18.28
N ILE B 453 4.96 -40.60 17.54
CA ILE B 453 3.94 -41.48 18.08
C ILE B 453 4.09 -42.82 17.36
N SER B 454 4.72 -43.79 18.02
CA SER B 454 5.00 -45.09 17.41
C SER B 454 3.75 -45.91 17.18
N GLU B 455 2.63 -45.53 17.80
CA GLU B 455 1.36 -46.21 17.60
C GLU B 455 0.75 -45.92 16.23
N ARG B 456 1.28 -44.93 15.51
CA ARG B 456 0.77 -44.46 14.24
C ARG B 456 1.77 -44.72 13.13
N PRO B 457 1.31 -44.87 11.89
CA PRO B 457 2.23 -45.12 10.78
C PRO B 457 3.21 -43.97 10.58
N VAL B 458 4.33 -44.27 9.94
CA VAL B 458 5.37 -43.28 9.72
C VAL B 458 4.87 -42.14 8.84
N SER B 459 3.91 -42.43 7.96
CA SER B 459 3.39 -41.47 7.01
C SER B 459 2.78 -40.26 7.70
N ASP B 460 1.65 -40.46 8.39
CA ASP B 460 0.98 -39.34 9.04
C ASP B 460 1.73 -38.85 10.28
N ASN B 461 2.89 -39.40 10.59
CA ASN B 461 3.70 -38.89 11.68
C ASN B 461 4.79 -37.94 11.20
N ILE B 462 5.43 -38.21 10.06
CA ILE B 462 6.44 -37.29 9.56
C ILE B 462 5.80 -36.00 9.07
N ASN B 463 4.75 -36.11 8.26
CA ASN B 463 3.97 -34.95 7.83
C ASN B 463 4.80 -33.98 7.00
N LEU B 464 5.51 -34.54 6.02
CA LEU B 464 6.23 -33.79 5.00
C LEU B 464 6.01 -34.50 3.68
N PRO B 465 5.96 -33.75 2.58
CA PRO B 465 5.75 -34.38 1.28
C PRO B 465 6.96 -35.19 0.86
N PRO B 466 6.76 -36.19 0.01
CA PRO B 466 7.92 -36.93 -0.51
C PRO B 466 8.81 -36.09 -1.41
N THR B 467 8.27 -35.10 -2.10
CA THR B 467 9.10 -34.33 -3.02
C THR B 467 10.24 -33.65 -2.26
N ILE B 468 9.97 -33.16 -1.06
CA ILE B 468 11.04 -32.58 -0.27
C ILE B 468 11.82 -33.64 0.50
N LEU B 469 11.19 -34.77 0.85
CA LEU B 469 11.93 -35.78 1.60
C LEU B 469 13.05 -36.38 0.74
N SER B 470 12.78 -36.61 -0.55
CA SER B 470 13.79 -37.18 -1.43
C SER B 470 14.96 -36.23 -1.61
N ARG B 471 14.73 -34.92 -1.45
CA ARG B 471 15.84 -33.98 -1.52
C ARG B 471 16.85 -34.18 -0.41
N PHE B 472 16.47 -34.86 0.68
CA PHE B 472 17.33 -35.06 1.83
C PHE B 472 18.09 -36.37 1.71
N ASP B 473 19.43 -36.31 1.77
CA ASP B 473 20.22 -37.53 1.66
C ASP B 473 20.05 -38.42 2.89
N LEU B 474 20.00 -37.85 4.07
CA LEU B 474 19.80 -38.63 5.29
C LEU B 474 18.68 -37.98 6.09
N ILE B 475 17.76 -38.80 6.59
CA ILE B 475 16.65 -38.33 7.40
C ILE B 475 16.61 -39.19 8.65
N PHE B 476 17.02 -38.65 9.79
CA PHE B 476 16.92 -39.40 11.03
C PHE B 476 15.69 -38.95 11.82
N ILE B 477 15.04 -39.90 12.47
CA ILE B 477 13.93 -39.66 13.37
C ILE B 477 14.46 -39.88 14.79
N LEU B 478 14.52 -38.81 15.57
CA LEU B 478 15.05 -38.82 16.93
C LEU B 478 13.91 -39.04 17.91
N LYS B 479 13.88 -40.20 18.52
CA LYS B 479 12.88 -40.46 19.54
C LYS B 479 13.56 -40.29 20.89
N ASP B 480 12.86 -39.67 21.84
CA ASP B 480 13.37 -39.47 23.19
C ASP B 480 12.74 -40.52 24.10
N GLN B 481 13.33 -41.70 24.09
CA GLN B 481 12.76 -42.78 24.87
C GLN B 481 13.63 -42.97 26.10
N PRO B 482 13.07 -42.80 27.31
CA PRO B 482 13.88 -42.99 28.53
C PRO B 482 14.17 -44.45 28.83
N GLY B 483 15.44 -44.74 29.14
CA GLY B 483 15.88 -46.10 29.43
C GLY B 483 16.97 -46.13 30.47
N GLU B 484 17.97 -46.99 30.26
CA GLU B 484 19.13 -47.00 31.15
C GLU B 484 20.10 -45.87 30.88
N GLN B 485 20.05 -45.26 29.70
CA GLN B 485 20.89 -44.11 29.36
C GLN B 485 20.69 -42.93 30.29
N ASP B 486 19.53 -42.87 30.98
CA ASP B 486 19.08 -41.65 31.62
C ASP B 486 20.13 -41.08 32.56
N ARG B 487 20.59 -41.90 33.50
CA ARG B 487 21.56 -41.42 34.49
C ARG B 487 22.81 -40.89 33.80
N GLU B 488 23.33 -41.64 32.81
CA GLU B 488 24.51 -41.21 32.09
C GLU B 488 24.31 -39.79 31.56
N LEU B 489 23.16 -39.59 30.89
CA LEU B 489 22.81 -38.29 30.33
C LEU B 489 22.95 -37.20 31.36
N ALA B 490 22.29 -37.39 32.50
CA ALA B 490 22.27 -36.33 33.50
C ALA B 490 23.67 -36.00 33.94
N ASN B 491 24.49 -37.02 34.17
CA ASN B 491 25.85 -36.75 34.61
C ASN B 491 26.59 -35.96 33.55
N TYR B 492 26.47 -36.36 32.29
CA TYR B 492 27.12 -35.62 31.23
C TYR B 492 26.70 -34.17 31.26
N ILE B 493 25.40 -33.92 31.34
CA ILE B 493 24.92 -32.54 31.34
C ILE B 493 25.49 -31.78 32.52
N LEU B 494 25.46 -32.38 33.72
CA LEU B 494 25.95 -31.65 34.87
C LEU B 494 27.43 -31.36 34.75
N ASP B 495 28.19 -32.31 34.18
CA ASP B 495 29.62 -32.06 34.01
C ASP B 495 29.81 -30.89 33.06
N VAL B 496 28.91 -30.75 32.07
CA VAL B 496 28.94 -29.62 31.16
C VAL B 496 28.65 -28.31 31.91
N HIS B 497 27.66 -28.33 32.80
CA HIS B 497 27.29 -27.11 33.52
C HIS B 497 28.43 -26.64 34.42
N SER B 498 29.10 -27.59 35.08
CA SER B 498 30.18 -27.30 36.02
C SER B 498 31.42 -26.74 35.34
N GLY B 499 31.53 -26.83 34.03
CA GLY B 499 32.68 -26.35 33.31
C GLY B 499 33.71 -27.39 32.93
N LYS B 500 33.36 -28.68 33.00
CA LYS B 500 34.26 -29.78 32.65
C LYS B 500 34.14 -30.02 31.14
N SER B 501 35.08 -29.49 30.37
CA SER B 501 35.10 -29.66 28.92
C SER B 501 35.87 -30.92 28.53
N THR B 502 35.59 -31.40 27.31
CA THR B 502 36.14 -32.68 26.85
C THR B 502 37.55 -32.51 26.31
N LYS B 503 38.36 -33.56 26.47
CA LYS B 503 39.74 -33.58 26.02
C LYS B 503 39.84 -34.20 24.63
N ASN B 504 41.08 -34.29 24.13
CA ASN B 504 41.44 -34.88 22.84
C ASN B 504 40.39 -34.59 21.76
N ILE B 505 40.01 -33.31 21.68
CA ILE B 505 39.00 -32.85 20.74
C ILE B 505 39.70 -31.90 19.78
N ILE B 506 39.03 -31.59 18.67
CA ILE B 506 39.54 -30.59 17.73
C ILE B 506 38.80 -29.29 18.00
N ASP B 507 39.54 -28.24 18.37
CA ASP B 507 38.91 -26.98 18.75
C ASP B 507 38.20 -26.38 17.55
N ILE B 508 37.11 -25.66 17.84
CA ILE B 508 36.17 -25.30 16.80
C ILE B 508 36.83 -24.48 15.71
N ASP B 509 37.81 -23.64 16.06
CA ASP B 509 38.46 -22.81 15.06
C ASP B 509 39.28 -23.67 14.09
N THR B 510 40.11 -24.57 14.61
CA THR B 510 40.91 -25.37 13.68
C THR B 510 40.05 -26.40 12.97
N LEU B 511 38.99 -26.89 13.60
CA LEU B 511 38.07 -27.74 12.87
C LEU B 511 37.47 -27.00 11.69
N ARG B 512 37.11 -25.72 11.89
CA ARG B 512 36.63 -24.91 10.78
C ARG B 512 37.71 -24.76 9.71
N LYS B 513 38.94 -24.44 10.12
CA LYS B 513 39.98 -24.26 9.12
C LYS B 513 40.18 -25.54 8.31
N TYR B 514 40.08 -26.69 8.98
CA TYR B 514 40.26 -27.98 8.34
C TYR B 514 39.14 -28.25 7.33
N ILE B 515 37.90 -27.98 7.73
CA ILE B 515 36.77 -28.13 6.81
C ILE B 515 36.96 -27.24 5.58
N ALA B 516 37.31 -25.98 5.80
CA ALA B 516 37.54 -25.06 4.69
C ALA B 516 38.59 -25.61 3.71
N TYR B 517 39.74 -26.05 4.25
CA TYR B 517 40.79 -26.62 3.39
C TYR B 517 40.28 -27.83 2.62
N ALA B 518 39.56 -28.73 3.30
CA ALA B 518 39.08 -29.93 2.62
C ALA B 518 38.17 -29.57 1.46
N ARG B 519 37.27 -28.61 1.71
CA ARG B 519 36.33 -28.19 0.68
C ARG B 519 37.06 -27.49 -0.47
N LYS B 520 38.08 -26.68 -0.17
CA LYS B 520 38.76 -25.95 -1.24
C LYS B 520 39.66 -26.84 -2.07
N TYR B 521 40.29 -27.84 -1.47
CA TYR B 521 41.38 -28.51 -2.15
C TYR B 521 41.18 -29.99 -2.43
N VAL B 522 40.20 -30.65 -1.81
CA VAL B 522 40.08 -32.09 -1.93
C VAL B 522 38.83 -32.44 -2.73
N THR B 523 39.04 -33.02 -3.92
CA THR B 523 37.99 -33.45 -4.85
C THR B 523 38.13 -34.95 -5.08
N PRO B 524 37.54 -35.78 -4.22
CA PRO B 524 37.75 -37.22 -4.32
C PRO B 524 37.17 -37.79 -5.60
N LYS B 525 37.93 -38.71 -6.19
CA LYS B 525 37.50 -39.49 -7.36
C LYS B 525 36.95 -40.84 -6.89
N ILE B 526 35.95 -41.36 -7.60
CA ILE B 526 35.29 -42.60 -7.20
C ILE B 526 35.98 -43.78 -7.88
N THR B 527 36.40 -44.75 -7.09
CA THR B 527 37.06 -45.92 -7.65
C THR B 527 36.02 -46.95 -8.08
N SER B 528 36.46 -47.90 -8.89
CA SER B 528 35.54 -48.87 -9.48
C SER B 528 34.92 -49.77 -8.41
N GLU B 529 35.72 -50.19 -7.43
CA GLU B 529 35.20 -51.03 -6.36
C GLU B 529 34.14 -50.28 -5.54
N ALA B 530 34.39 -49.00 -5.28
CA ALA B 530 33.39 -48.20 -4.58
C ALA B 530 32.14 -48.05 -5.42
N LYS B 531 32.30 -47.87 -6.72
CA LYS B 531 31.16 -47.75 -7.61
C LYS B 531 30.34 -49.05 -7.61
N ASN B 532 31.01 -50.21 -7.59
CA ASN B 532 30.27 -51.47 -7.58
C ASN B 532 29.50 -51.66 -6.29
N LEU B 533 30.09 -51.29 -5.13
CA LEU B 533 29.36 -51.36 -3.87
C LEU B 533 28.16 -50.45 -3.86
N ILE B 534 28.31 -49.22 -4.38
CA ILE B 534 27.19 -48.30 -4.41
C ILE B 534 26.06 -48.84 -5.28
N THR B 535 26.39 -49.31 -6.49
CA THR B 535 25.32 -49.81 -7.33
C THR B 535 24.60 -50.96 -6.65
N ASP B 536 25.35 -51.92 -6.12
CA ASP B 536 24.75 -53.11 -5.51
C ASP B 536 23.86 -52.73 -4.32
N PHE B 537 24.34 -51.85 -3.44
CA PHE B 537 23.51 -51.48 -2.32
C PHE B 537 22.28 -50.69 -2.77
N PHE B 538 22.43 -49.84 -3.80
CA PHE B 538 21.28 -49.08 -4.29
C PHE B 538 20.22 -50.01 -4.83
N VAL B 539 20.63 -51.05 -5.54
CA VAL B 539 19.62 -51.98 -6.05
C VAL B 539 18.90 -52.63 -4.89
N GLU B 540 19.64 -53.07 -3.87
CA GLU B 540 19.02 -53.68 -2.70
C GLU B 540 18.05 -52.71 -2.02
N MET B 541 18.45 -51.44 -1.91
CA MET B 541 17.62 -50.40 -1.32
C MET B 541 16.30 -50.29 -2.03
N ARG B 542 16.34 -50.24 -3.36
CA ARG B 542 15.11 -50.07 -4.12
C ARG B 542 14.22 -51.30 -4.02
N LYS B 543 14.81 -52.49 -3.99
CA LYS B 543 13.99 -53.68 -3.80
C LYS B 543 13.29 -53.65 -2.45
N LYS B 544 14.02 -53.31 -1.36
CA LYS B 544 13.32 -53.18 -0.06
C LYS B 544 12.33 -52.04 -0.03
N SER B 545 12.58 -50.96 -0.78
CA SER B 545 11.66 -49.83 -0.75
C SER B 545 10.33 -50.20 -1.38
N SER B 546 10.35 -51.01 -2.45
CA SER B 546 9.10 -51.43 -3.07
C SER B 546 8.25 -52.28 -2.13
N GLU B 547 8.84 -52.81 -1.06
CA GLU B 547 8.12 -53.64 -0.11
C GLU B 547 7.19 -52.85 0.82
N THR B 548 7.34 -51.53 0.95
CA THR B 548 6.45 -50.73 1.81
C THR B 548 6.09 -49.40 1.14
N PRO B 549 5.10 -49.42 0.24
CA PRO B 549 4.75 -48.19 -0.48
C PRO B 549 3.98 -47.14 0.31
N ASP B 550 3.57 -47.45 1.55
CA ASP B 550 2.89 -46.44 2.36
C ASP B 550 3.85 -45.43 2.96
N SER B 551 5.14 -45.77 3.04
CA SER B 551 6.14 -44.88 3.62
C SER B 551 6.29 -43.64 2.76
N PRO B 552 6.24 -42.43 3.33
CA PRO B 552 6.54 -41.22 2.55
C PRO B 552 8.02 -41.09 2.21
N ILE B 553 8.90 -41.87 2.84
CA ILE B 553 10.30 -41.93 2.44
C ILE B 553 10.38 -42.84 1.23
N LEU B 554 10.62 -42.25 0.05
CA LEU B 554 10.77 -42.98 -1.20
C LEU B 554 12.23 -43.23 -1.49
N ILE B 555 12.51 -44.17 -2.38
CA ILE B 555 13.88 -44.43 -2.83
C ILE B 555 13.92 -44.15 -4.34
N THR B 556 14.60 -43.08 -4.71
CA THR B 556 14.64 -42.45 -6.02
C THR B 556 16.08 -42.41 -6.51
N PRO B 557 16.34 -42.03 -7.75
CA PRO B 557 17.74 -41.84 -8.13
C PRO B 557 18.48 -40.89 -7.21
N ARG B 558 17.77 -39.96 -6.56
CA ARG B 558 18.41 -39.06 -5.60
C ARG B 558 19.14 -39.84 -4.52
N GLN B 559 18.63 -41.00 -4.13
CA GLN B 559 19.27 -41.76 -3.07
C GLN B 559 20.57 -42.38 -3.54
N LEU B 560 20.62 -42.79 -4.82
CA LEU B 560 21.88 -43.23 -5.41
C LEU B 560 22.89 -42.09 -5.43
N GLU B 561 22.46 -40.90 -5.87
CA GLU B 561 23.33 -39.73 -5.80
C GLU B 561 23.78 -39.43 -4.36
N ALA B 562 22.92 -39.70 -3.37
CA ALA B 562 23.29 -39.47 -1.97
C ALA B 562 24.36 -40.45 -1.53
N LEU B 563 24.24 -41.70 -1.94
CA LEU B 563 25.33 -42.63 -1.65
C LEU B 563 26.63 -42.12 -2.24
N ILE B 564 26.59 -41.63 -3.50
CA ILE B 564 27.77 -41.04 -4.13
C ILE B 564 28.35 -39.94 -3.24
N ARG B 565 27.50 -38.93 -2.94
CA ARG B 565 27.95 -37.75 -2.20
C ARG B 565 28.48 -38.11 -0.83
N ILE B 566 27.82 -39.03 -0.12
CA ILE B 566 28.25 -39.39 1.22
C ILE B 566 29.60 -40.08 1.17
N SER B 567 29.81 -40.99 0.22
CA SER B 567 31.12 -41.64 0.17
C SER B 567 32.21 -40.65 -0.23
N GLU B 568 31.89 -39.77 -1.19
CA GLU B 568 32.82 -38.69 -1.52
C GLU B 568 33.19 -37.87 -0.29
N ALA B 569 32.20 -37.55 0.55
CA ALA B 569 32.46 -36.76 1.76
C ALA B 569 33.24 -37.57 2.79
N TYR B 570 33.00 -38.88 2.88
CA TYR B 570 33.79 -39.70 3.79
C TYR B 570 35.25 -39.67 3.39
N ALA B 571 35.51 -39.75 2.08
CA ALA B 571 36.87 -39.61 1.58
C ALA B 571 37.41 -38.19 1.86
N LYS B 572 36.59 -37.18 1.58
CA LYS B 572 36.98 -35.79 1.77
C LYS B 572 37.35 -35.50 3.21
N MET B 573 36.62 -36.12 4.13
CA MET B 573 36.78 -35.84 5.56
C MET B 573 38.18 -36.23 6.02
N ALA B 574 38.72 -37.31 5.46
CA ALA B 574 40.08 -37.74 5.72
C ALA B 574 41.09 -37.12 4.77
N LEU B 575 40.66 -36.20 3.90
CA LEU B 575 41.49 -35.53 2.91
C LEU B 575 41.95 -36.47 1.79
N LYS B 576 41.35 -37.66 1.67
CA LYS B 576 41.70 -38.62 0.63
C LYS B 576 41.33 -38.13 -0.77
N ALA B 577 42.19 -38.45 -1.76
CA ALA B 577 41.95 -38.07 -3.15
C ALA B 577 41.16 -39.10 -3.97
N GLU B 578 40.82 -40.25 -3.36
CA GLU B 578 40.03 -41.30 -4.00
C GLU B 578 39.00 -41.83 -3.01
N VAL B 579 37.87 -42.26 -3.56
CA VAL B 579 36.81 -42.86 -2.76
C VAL B 579 37.04 -44.37 -2.80
N THR B 580 37.66 -44.90 -1.75
CA THR B 580 38.01 -46.31 -1.68
C THR B 580 36.84 -47.11 -1.13
N ARG B 581 37.01 -48.45 -1.06
CA ARG B 581 35.95 -49.31 -0.54
C ARG B 581 35.55 -48.93 0.88
N GLU B 582 36.53 -48.53 1.71
CA GLU B 582 36.20 -48.17 3.09
C GLU B 582 35.16 -47.08 3.13
N ASP B 583 35.35 -46.03 2.32
CA ASP B 583 34.42 -44.90 2.33
C ASP B 583 33.06 -45.29 1.76
N ALA B 584 33.03 -46.12 0.71
CA ALA B 584 31.75 -46.61 0.21
C ALA B 584 31.00 -47.39 1.28
N GLU B 585 31.70 -48.25 2.03
CA GLU B 585 31.04 -49.01 3.08
C GLU B 585 30.56 -48.09 4.19
N ARG B 586 31.35 -47.08 4.56
CA ARG B 586 30.91 -46.15 5.58
C ARG B 586 29.63 -45.48 5.14
N ALA B 587 29.58 -45.09 3.87
CA ALA B 587 28.37 -44.49 3.31
C ALA B 587 27.20 -45.46 3.39
N ILE B 588 27.38 -46.70 2.95
CA ILE B 588 26.28 -47.66 3.00
C ILE B 588 25.78 -47.83 4.43
N ASN B 589 26.70 -47.81 5.41
CA ASN B 589 26.30 -48.08 6.79
C ASN B 589 25.52 -46.93 7.39
N ILE B 590 25.95 -45.68 7.17
CA ILE B 590 25.18 -44.57 7.69
C ILE B 590 23.85 -44.48 6.98
N MET B 591 23.85 -44.79 5.68
CA MET B 591 22.60 -44.84 4.93
C MET B 591 21.66 -45.87 5.52
N ARG B 592 22.20 -47.02 5.90
CA ARG B 592 21.38 -48.08 6.48
C ARG B 592 20.83 -47.68 7.83
N LEU B 593 21.62 -46.94 8.61
CA LEU B 593 21.12 -46.43 9.88
C LEU B 593 19.95 -45.48 9.66
N PHE B 594 20.14 -44.50 8.76
CA PHE B 594 19.06 -43.62 8.34
C PHE B 594 17.81 -44.42 7.99
N LEU B 595 17.97 -45.46 7.17
CA LEU B 595 16.80 -46.19 6.73
C LEU B 595 16.16 -46.97 7.86
N GLU B 596 16.94 -47.44 8.82
CA GLU B 596 16.34 -48.12 9.94
C GLU B 596 15.49 -47.15 10.75
N SER B 597 15.99 -45.92 10.94
CA SER B 597 15.26 -44.96 11.76
C SER B 597 13.91 -44.59 11.14
N VAL B 598 13.88 -44.34 9.83
CA VAL B 598 12.62 -44.01 9.15
C VAL B 598 11.78 -45.25 8.88
N GLY B 599 12.12 -46.38 9.50
CA GLY B 599 11.29 -47.57 9.43
C GLY B 599 11.42 -48.38 8.15
N VAL B 600 12.64 -48.84 7.86
CA VAL B 600 12.98 -49.59 6.65
C VAL B 600 14.07 -50.58 7.04
N ASP B 601 13.72 -51.84 7.19
CA ASP B 601 14.68 -52.84 7.65
C ASP B 601 15.22 -53.63 6.47
N MET B 602 16.54 -53.72 6.38
CA MET B 602 17.19 -54.42 5.27
C MET B 602 17.34 -55.92 5.53
N GLN C 8 29.31 38.05 42.77
CA GLN C 8 29.89 38.89 43.83
C GLN C 8 30.97 38.13 44.61
N ILE C 9 30.89 36.80 44.57
CA ILE C 9 31.89 35.93 45.16
C ILE C 9 32.41 34.98 44.09
N ASP C 10 33.74 34.85 44.02
CA ASP C 10 34.40 33.94 43.08
C ASP C 10 34.07 32.51 43.47
N TYR C 11 33.08 31.90 42.79
CA TYR C 11 32.62 30.60 43.21
C TYR C 11 33.57 29.45 42.86
N ARG C 12 34.66 29.70 42.13
CA ARG C 12 35.55 28.61 41.80
C ARG C 12 36.28 28.13 43.06
N ASP C 13 36.68 29.07 43.92
CA ASP C 13 37.31 28.70 45.19
C ASP C 13 36.36 27.92 46.08
N VAL C 14 35.10 28.36 46.15
CA VAL C 14 34.10 27.64 46.95
C VAL C 14 33.92 26.23 46.42
N PHE C 15 33.87 26.08 45.09
CA PHE C 15 33.65 24.77 44.48
C PHE C 15 34.84 23.84 44.71
N ILE C 16 36.06 24.37 44.62
CA ILE C 16 37.25 23.56 44.88
C ILE C 16 37.28 23.13 46.34
N GLU C 17 36.89 24.04 47.25
CA GLU C 17 36.81 23.66 48.66
C GLU C 17 35.77 22.56 48.87
N PHE C 18 34.62 22.69 48.22
CA PHE C 18 33.59 21.66 48.32
C PHE C 18 34.13 20.31 47.87
N LEU C 19 34.83 20.28 46.75
CA LEU C 19 35.34 19.01 46.23
C LEU C 19 36.38 18.41 47.18
N THR C 20 37.38 19.19 47.57
CA THR C 20 38.50 18.60 48.29
C THR C 20 38.15 18.26 49.72
N THR C 21 37.25 19.02 50.35
CA THR C 21 37.06 18.89 51.78
C THR C 21 35.71 18.31 52.17
N PHE C 22 34.78 18.10 51.24
CA PHE C 22 33.47 17.58 51.62
C PHE C 22 33.61 16.16 52.15
N LYS C 23 33.32 15.97 53.43
CA LYS C 23 33.27 14.62 53.99
C LYS C 23 32.00 13.92 53.51
N GLY C 24 32.15 12.68 53.07
CA GLY C 24 31.03 11.90 52.59
C GLY C 24 30.16 11.40 53.72
N ASN C 25 29.85 10.11 53.73
CA ASN C 25 29.00 9.55 54.79
C ASN C 25 29.81 9.13 56.01
N ASN C 26 30.99 8.56 55.80
CA ASN C 26 31.85 8.07 56.87
C ASN C 26 33.15 8.85 56.97
N ASN C 27 33.12 10.16 56.67
CA ASN C 27 34.31 11.00 56.57
C ASN C 27 35.29 10.42 55.55
N GLN C 28 34.84 10.36 54.29
CA GLN C 28 35.58 9.69 53.24
C GLN C 28 36.16 10.62 52.18
N ASN C 29 35.80 11.90 52.16
CA ASN C 29 36.15 12.80 51.06
C ASN C 29 35.68 12.24 49.72
N LYS C 30 34.35 12.20 49.61
CA LYS C 30 33.67 11.56 48.49
C LYS C 30 34.15 12.05 47.13
N TYR C 31 34.29 13.36 46.97
CA TYR C 31 34.49 13.88 45.63
C TYR C 31 35.93 13.95 45.17
N ILE C 32 36.91 14.08 46.07
CA ILE C 32 38.28 13.91 45.60
C ILE C 32 38.54 12.46 45.22
N GLU C 33 37.82 11.53 45.86
CA GLU C 33 37.90 10.11 45.49
C GLU C 33 37.26 9.89 44.12
N ARG C 34 36.11 10.51 43.88
CA ARG C 34 35.52 10.44 42.55
C ARG C 34 36.41 11.12 41.51
N ILE C 35 37.10 12.20 41.88
CA ILE C 35 38.04 12.86 40.98
C ILE C 35 39.16 11.89 40.62
N ASN C 36 39.71 11.19 41.62
CA ASN C 36 40.75 10.21 41.38
C ASN C 36 40.30 9.13 40.42
N GLU C 37 39.11 8.58 40.65
CA GLU C 37 38.59 7.55 39.74
C GLU C 37 38.41 8.10 38.32
N LEU C 38 37.92 9.34 38.20
CA LEU C 38 37.74 9.98 36.90
C LEU C 38 39.06 10.17 36.17
N VAL C 39 40.07 10.67 36.89
CA VAL C 39 41.37 10.93 36.27
C VAL C 39 42.06 9.62 35.92
N ALA C 40 41.89 8.59 36.74
CA ALA C 40 42.51 7.29 36.48
C ALA C 40 42.00 6.69 35.18
N TYR C 41 40.67 6.60 35.05
CA TYR C 41 40.06 5.98 33.88
C TYR C 41 39.94 6.97 32.72
N ARG C 42 40.43 8.20 32.90
CA ARG C 42 40.43 9.25 31.87
C ARG C 42 39.03 9.56 31.33
N LYS C 43 38.03 9.46 32.20
CA LYS C 43 36.67 9.88 31.88
C LYS C 43 36.55 11.38 32.11
N LYS C 44 35.68 12.02 31.33
CA LYS C 44 35.63 13.48 31.25
C LYS C 44 34.38 14.07 31.91
N SER C 45 33.92 13.46 33.00
CA SER C 45 32.63 13.87 33.58
C SER C 45 32.59 13.48 35.04
N LEU C 46 32.35 14.45 35.92
CA LEU C 46 32.25 14.20 37.36
C LEU C 46 30.82 14.45 37.81
N ILE C 47 30.22 13.46 38.46
CA ILE C 47 28.85 13.53 38.92
C ILE C 47 28.84 14.03 40.36
N ILE C 48 28.01 15.04 40.64
CA ILE C 48 27.83 15.56 41.99
C ILE C 48 26.35 15.52 42.34
N GLU C 49 26.03 15.06 43.55
CA GLU C 49 24.66 15.09 44.04
C GLU C 49 24.32 16.51 44.49
N PHE C 50 23.13 16.97 44.14
CA PHE C 50 22.78 18.34 44.51
C PHE C 50 22.59 18.49 46.02
N SER C 51 22.10 17.45 46.69
CA SER C 51 21.88 17.52 48.13
C SER C 51 23.19 17.78 48.87
N ASP C 52 24.31 17.26 48.38
CA ASP C 52 25.60 17.56 49.00
C ASP C 52 25.97 19.02 48.83
N VAL C 53 25.72 19.59 47.64
CA VAL C 53 26.03 20.99 47.42
C VAL C 53 25.18 21.87 48.31
N LEU C 54 23.89 21.55 48.45
CA LEU C 54 23.02 22.30 49.36
C LEU C 54 23.42 22.10 50.82
N SER C 55 23.95 20.92 51.15
CA SER C 55 24.40 20.66 52.51
C SER C 55 25.73 21.35 52.83
N PHE C 56 26.48 21.74 51.81
CA PHE C 56 27.73 22.45 52.00
C PHE C 56 27.53 23.97 51.88
N ASN C 57 26.99 24.42 50.76
CA ASN C 57 26.84 25.85 50.50
C ASN C 57 25.53 26.11 49.77
N GLU C 58 24.54 26.66 50.49
CA GLU C 58 23.25 26.97 49.87
C GLU C 58 23.40 27.98 48.74
N ASN C 59 24.28 28.96 48.93
CA ASN C 59 24.45 30.00 47.91
C ASN C 59 25.03 29.42 46.62
N LEU C 60 25.99 28.49 46.76
CA LEU C 60 26.53 27.81 45.58
C LEU C 60 25.45 26.97 44.89
N ALA C 61 24.63 26.27 45.67
CA ALA C 61 23.55 25.46 45.09
C ALA C 61 22.55 26.33 44.35
N TYR C 62 22.19 27.47 44.94
CA TYR C 62 21.28 28.41 44.31
C TYR C 62 21.87 28.94 43.01
N GLU C 63 23.18 29.23 43.00
CA GLU C 63 23.85 29.65 41.77
C GLU C 63 23.89 28.53 40.74
N ILE C 64 24.03 27.28 41.18
CA ILE C 64 24.09 26.17 40.24
C ILE C 64 22.76 25.98 39.53
N ILE C 65 21.66 26.02 40.29
CA ILE C 65 20.36 25.78 39.68
C ILE C 65 19.86 27.03 38.94
N ASN C 66 19.98 28.21 39.57
CA ASN C 66 19.34 29.41 39.05
C ASN C 66 20.20 30.17 38.04
N ASN C 67 21.52 30.19 38.23
CA ASN C 67 22.44 30.90 37.35
C ASN C 67 23.36 29.92 36.63
N THR C 68 22.78 28.80 36.17
CA THR C 68 23.55 27.69 35.62
C THR C 68 24.35 28.13 34.40
N LYS C 69 23.72 28.97 33.57
CA LYS C 69 24.17 29.23 32.20
C LYS C 69 25.63 29.71 32.18
N ILE C 70 26.02 30.54 33.14
CA ILE C 70 27.38 31.06 33.21
C ILE C 70 28.19 30.43 34.33
N ILE C 71 27.54 29.93 35.39
CA ILE C 71 28.29 29.38 36.51
C ILE C 71 28.93 28.04 36.14
N LEU C 72 28.35 27.28 35.20
CA LEU C 72 28.89 25.93 34.97
C LEU C 72 30.24 25.94 34.27
N PRO C 73 30.47 26.69 33.19
CA PRO C 73 31.81 26.67 32.57
C PRO C 73 32.93 27.17 33.48
N ILE C 74 32.64 28.11 34.38
CA ILE C 74 33.68 28.59 35.30
C ILE C 74 34.09 27.47 36.26
N LEU C 75 33.10 26.77 36.82
CA LEU C 75 33.38 25.63 37.69
C LEU C 75 34.11 24.53 36.95
N GLU C 76 33.74 24.30 35.68
CA GLU C 76 34.42 23.28 34.88
C GLU C 76 35.87 23.66 34.61
N GLY C 77 36.14 24.95 34.42
CA GLY C 77 37.53 25.37 34.27
C GLY C 77 38.33 25.17 35.55
N ALA C 78 37.72 25.48 36.69
CA ALA C 78 38.38 25.22 37.97
C ALA C 78 38.68 23.74 38.17
N LEU C 79 37.71 22.87 37.86
CA LEU C 79 37.94 21.43 38.01
C LEU C 79 39.00 20.94 37.04
N TYR C 80 39.01 21.45 35.81
CA TYR C 80 40.05 21.07 34.86
C TYR C 80 41.42 21.44 35.38
N ASP C 81 41.55 22.62 35.99
CA ASP C 81 42.83 23.02 36.54
C ASP C 81 43.27 22.07 37.66
N HIS C 82 42.34 21.76 38.58
CA HIS C 82 42.65 20.83 39.67
C HIS C 82 43.04 19.44 39.14
N ILE C 83 42.29 18.94 38.15
CA ILE C 83 42.57 17.61 37.61
C ILE C 83 43.96 17.58 36.99
N LEU C 84 44.29 18.62 36.22
CA LEU C 84 45.57 18.65 35.56
C LEU C 84 46.69 18.84 36.58
N GLN C 85 46.37 19.39 37.75
CA GLN C 85 47.34 19.38 38.84
C GLN C 85 47.51 17.98 39.43
N LEU C 86 46.43 17.20 39.51
CA LEU C 86 46.54 15.83 40.03
C LEU C 86 47.41 14.97 39.14
N ASP C 87 47.26 15.11 37.84
CA ASP C 87 47.98 14.27 36.88
C ASP C 87 48.13 15.10 35.62
N PRO C 88 49.30 15.72 35.40
CA PRO C 88 49.48 16.54 34.20
C PRO C 88 49.34 15.76 32.89
N THR C 89 49.31 14.43 32.93
CA THR C 89 49.08 13.65 31.73
C THR C 89 47.64 13.79 31.23
N TYR C 90 46.73 14.36 32.03
CA TYR C 90 45.39 14.67 31.54
C TYR C 90 45.44 15.66 30.39
N GLN C 91 46.40 16.59 30.41
CA GLN C 91 46.61 17.50 29.29
C GLN C 91 46.83 16.71 28.01
N ARG C 92 46.45 17.32 26.87
CA ARG C 92 46.61 16.73 25.55
C ARG C 92 45.80 15.44 25.38
N ASP C 93 45.02 15.05 26.38
CA ASP C 93 44.04 13.98 26.25
C ASP C 93 42.61 14.48 26.24
N ILE C 94 42.27 15.42 27.12
CA ILE C 94 40.93 15.96 27.26
C ILE C 94 41.03 17.44 27.57
N GLU C 95 40.35 18.28 26.78
CA GLU C 95 40.44 19.72 26.99
C GLU C 95 39.30 20.28 27.83
N LYS C 96 38.22 19.53 27.99
CA LYS C 96 37.03 19.98 28.71
C LYS C 96 36.55 18.87 29.64
N VAL C 97 36.22 19.24 30.87
CA VAL C 97 35.62 18.29 31.80
C VAL C 97 34.14 18.64 31.93
N HIS C 98 33.39 17.75 32.57
CA HIS C 98 31.96 18.00 32.72
C HIS C 98 31.55 17.89 34.18
N VAL C 99 30.74 18.87 34.61
CA VAL C 99 30.13 18.85 35.92
C VAL C 99 28.64 18.59 35.72
N ARG C 100 28.23 17.37 35.98
CA ARG C 100 26.85 16.95 35.79
C ARG C 100 26.18 16.92 37.16
N ILE C 101 25.26 17.85 37.40
CA ILE C 101 24.56 17.91 38.67
C ILE C 101 23.36 16.99 38.57
N VAL C 102 23.24 16.10 39.54
CA VAL C 102 22.20 15.08 39.48
C VAL C 102 21.26 15.30 40.66
N GLY C 103 20.02 14.85 40.49
CA GLY C 103 19.03 14.97 41.54
C GLY C 103 18.83 16.37 42.08
N ILE C 104 18.27 17.27 41.27
CA ILE C 104 17.95 18.61 41.72
C ILE C 104 16.45 18.65 42.01
N PRO C 105 15.97 19.57 42.85
CA PRO C 105 14.54 19.65 43.16
C PRO C 105 13.78 20.63 42.27
N ARG C 106 13.93 20.48 40.96
CA ARG C 106 13.15 21.26 39.99
C ARG C 106 12.70 20.29 38.90
N VAL C 107 11.66 19.52 39.21
CA VAL C 107 11.27 18.34 38.42
C VAL C 107 9.89 18.60 37.84
N ILE C 108 9.82 18.98 36.57
CA ILE C 108 8.56 19.25 35.89
C ILE C 108 8.09 17.99 35.19
N GLU C 109 6.81 17.67 35.34
CA GLU C 109 6.20 16.56 34.59
C GLU C 109 6.13 16.89 33.10
N LEU C 110 6.37 15.86 32.27
CA LEU C 110 6.60 16.06 30.84
C LEU C 110 5.49 16.86 30.18
N ARG C 111 4.24 16.53 30.46
CA ARG C 111 3.13 17.21 29.80
C ARG C 111 2.97 18.64 30.30
N LYS C 112 3.41 18.91 31.52
CA LYS C 112 3.07 20.15 32.21
C LYS C 112 4.10 21.26 32.02
N ILE C 113 5.03 21.12 31.07
CA ILE C 113 5.98 22.21 30.83
C ILE C 113 5.29 23.30 30.04
N ARG C 114 5.71 24.55 30.26
CA ARG C 114 5.12 25.72 29.62
C ARG C 114 6.23 26.67 29.20
N SER C 115 5.83 27.88 28.76
CA SER C 115 6.77 28.88 28.26
C SER C 115 7.77 29.32 29.32
N THR C 116 7.28 29.70 30.51
CA THR C 116 8.13 30.29 31.52
C THR C 116 9.22 29.36 32.02
N ASP C 117 9.18 28.08 31.62
CA ASP C 117 10.16 27.10 32.06
C ASP C 117 11.32 26.96 31.06
N ILE C 118 11.26 27.67 29.94
CA ILE C 118 12.35 27.60 28.95
C ILE C 118 13.55 28.38 29.48
N GLY C 119 14.75 27.81 29.26
CA GLY C 119 15.99 28.41 29.68
C GLY C 119 16.42 28.10 31.11
N LYS C 120 15.54 27.51 31.92
CA LYS C 120 15.86 27.14 33.28
C LYS C 120 16.27 25.66 33.34
N LEU C 121 17.11 25.34 34.33
CA LEU C 121 17.56 23.97 34.52
C LEU C 121 16.50 23.17 35.25
N ILE C 122 15.95 22.16 34.58
CA ILE C 122 14.86 21.36 35.11
C ILE C 122 15.17 19.88 34.90
N THR C 123 14.46 19.05 35.65
CA THR C 123 14.58 17.60 35.55
C THR C 123 13.25 17.04 35.06
N ILE C 124 13.32 15.99 34.25
CA ILE C 124 12.14 15.36 33.68
C ILE C 124 12.27 13.85 33.91
N ASP C 125 11.27 13.26 34.54
CA ASP C 125 11.26 11.83 34.80
C ASP C 125 10.38 11.17 33.73
N GLY C 126 10.97 10.25 32.96
CA GLY C 126 10.19 9.66 31.89
C GLY C 126 10.92 8.47 31.30
N ILE C 127 10.18 7.77 30.43
CA ILE C 127 10.69 6.55 29.80
C ILE C 127 11.36 6.91 28.47
N LEU C 128 12.58 6.40 28.28
CA LEU C 128 13.32 6.59 27.04
C LEU C 128 12.87 5.54 26.02
N VAL C 129 12.37 5.98 24.86
CA VAL C 129 11.71 5.09 23.92
C VAL C 129 12.45 4.89 22.60
N LYS C 130 13.29 5.83 22.19
CA LYS C 130 13.91 5.79 20.87
C LYS C 130 15.19 6.61 20.91
N VAL C 131 16.21 6.13 20.21
CA VAL C 131 17.45 6.88 20.05
C VAL C 131 17.91 6.73 18.62
N THR C 132 18.76 7.65 18.20
CA THR C 132 19.37 7.60 16.88
C THR C 132 20.75 7.03 17.01
N PRO C 133 21.37 6.63 15.90
CA PRO C 133 22.80 6.33 15.95
C PRO C 133 23.56 7.56 16.39
N VAL C 134 24.82 7.34 16.73
CA VAL C 134 25.65 8.41 17.27
C VAL C 134 26.28 9.17 16.12
N LYS C 135 25.96 10.48 16.03
CA LYS C 135 26.36 11.35 14.94
C LYS C 135 27.32 12.40 15.46
N GLU C 136 27.87 13.21 14.54
CA GLU C 136 28.85 14.24 14.89
C GLU C 136 28.33 15.62 14.49
N ARG C 137 28.14 16.49 15.48
CA ARG C 137 27.76 17.87 15.22
C ARG C 137 29.01 18.73 15.20
N ILE C 138 29.18 19.49 14.11
CA ILE C 138 30.23 20.50 14.05
C ILE C 138 29.97 21.56 15.10
N TYR C 139 31.04 21.99 15.79
CA TYR C 139 30.89 23.12 16.69
C TYR C 139 31.97 24.18 16.53
N LYS C 140 32.87 24.01 15.56
CA LYS C 140 33.70 25.11 15.08
C LYS C 140 34.22 24.67 13.72
N ALA C 141 33.70 25.28 12.68
CA ALA C 141 34.13 24.90 11.34
C ALA C 141 35.38 25.67 10.97
N THR C 142 36.10 25.13 9.98
CA THR C 142 37.29 25.78 9.42
C THR C 142 37.17 25.71 7.91
N TYR C 143 36.97 26.86 7.29
CA TYR C 143 36.78 26.93 5.85
C TYR C 143 38.08 27.36 5.17
N LYS C 144 38.06 27.25 3.84
CA LYS C 144 39.13 27.71 2.96
C LYS C 144 38.47 28.44 1.81
N HIS C 145 38.95 29.65 1.52
CA HIS C 145 38.38 30.43 0.42
C HIS C 145 39.05 29.99 -0.88
N ILE C 146 38.27 29.41 -1.77
CA ILE C 146 38.76 28.91 -3.05
C ILE C 146 38.73 30.05 -4.06
N HIS C 147 39.91 30.54 -4.43
CA HIS C 147 40.11 31.67 -5.33
C HIS C 147 41.60 31.71 -5.68
N PRO C 148 41.95 31.96 -6.94
CA PRO C 148 43.37 31.91 -7.32
C PRO C 148 44.18 33.08 -6.76
N ASP C 149 43.67 33.73 -5.71
CA ASP C 149 44.34 34.82 -5.01
C ASP C 149 44.40 34.62 -3.51
N CYS C 150 43.29 34.23 -2.87
CA CYS C 150 43.21 34.10 -1.41
C CYS C 150 43.77 32.76 -0.94
N MET C 151 42.91 31.74 -0.93
CA MET C 151 43.29 30.37 -0.60
C MET C 151 43.80 30.22 0.84
N GLN C 152 43.22 30.99 1.76
CA GLN C 152 43.64 30.98 3.16
C GLN C 152 42.62 30.27 4.05
N GLU C 153 43.13 29.52 5.03
CA GLU C 153 42.30 28.79 5.97
C GLU C 153 41.88 29.68 7.14
N PHE C 154 40.64 29.54 7.60
CA PHE C 154 40.16 30.31 8.74
C PHE C 154 38.99 29.60 9.41
N GLU C 155 38.99 29.59 10.75
CA GLU C 155 37.85 29.08 11.50
C GLU C 155 36.69 30.08 11.40
N TRP C 156 35.51 29.63 10.95
CA TRP C 156 34.46 30.62 10.70
C TRP C 156 33.65 31.03 11.94
N PRO C 157 33.02 30.10 12.68
CA PRO C 157 32.31 30.56 13.89
C PRO C 157 33.30 31.14 14.91
N GLU C 158 33.80 32.34 14.59
CA GLU C 158 34.87 33.02 15.33
C GLU C 158 34.30 33.78 16.51
N ASP C 159 35.07 33.80 17.60
CA ASP C 159 34.66 34.40 18.87
C ASP C 159 33.39 33.77 19.44
N GLU C 160 32.92 32.67 18.84
CA GLU C 160 31.71 31.98 19.28
C GLU C 160 31.77 30.49 18.96
N GLU C 161 30.61 29.89 18.78
CA GLU C 161 30.46 28.48 18.50
C GLU C 161 29.34 28.29 17.48
N MET C 162 29.48 27.28 16.64
CA MET C 162 28.48 26.98 15.64
C MET C 162 27.11 26.84 16.31
N PRO C 163 26.09 27.55 15.86
CA PRO C 163 24.77 27.40 16.47
C PRO C 163 24.12 26.10 16.06
N GLU C 164 22.89 25.87 16.50
CA GLU C 164 22.16 24.67 16.10
C GLU C 164 22.07 24.58 14.58
N VAL C 165 21.71 25.68 13.93
CA VAL C 165 21.84 25.80 12.48
C VAL C 165 23.30 25.89 12.08
N LEU C 166 23.62 25.37 10.89
CA LEU C 166 24.96 25.48 10.31
C LEU C 166 25.00 26.67 9.38
N GLU C 167 25.89 27.63 9.67
CA GLU C 167 26.06 28.82 8.83
C GLU C 167 27.52 28.97 8.44
N MET C 168 27.76 29.12 7.14
CA MET C 168 29.05 29.43 6.56
C MET C 168 29.13 30.93 6.26
N PRO C 169 30.33 31.51 6.22
CA PRO C 169 30.46 32.96 6.06
C PRO C 169 30.05 33.41 4.67
N THR C 170 29.79 34.72 4.58
CA THR C 170 29.56 35.37 3.30
C THR C 170 30.76 36.20 2.87
N ILE C 171 31.59 36.64 3.81
CA ILE C 171 32.78 37.44 3.52
C ILE C 171 33.99 36.78 4.15
N CYS C 172 35.05 36.62 3.36
CA CYS C 172 36.31 36.02 3.83
C CYS C 172 37.01 36.98 4.79
N PRO C 173 37.29 36.56 6.02
CA PRO C 173 37.98 37.47 6.96
C PRO C 173 39.49 37.58 6.73
N LYS C 174 40.08 36.70 5.93
CA LYS C 174 41.51 36.71 5.67
C LYS C 174 41.90 37.55 4.46
N CYS C 175 40.95 37.95 3.63
CA CYS C 175 41.29 38.78 2.48
C CYS C 175 40.26 39.90 2.34
N GLY C 176 39.00 39.59 2.63
CA GLY C 176 37.93 40.56 2.52
C GLY C 176 37.08 40.40 1.28
N LYS C 177 37.19 39.28 0.58
CA LYS C 177 36.53 39.06 -0.69
C LYS C 177 35.53 37.92 -0.55
N PRO C 178 34.27 38.12 -0.93
CA PRO C 178 33.30 37.03 -0.86
C PRO C 178 33.50 36.02 -1.98
N GLY C 179 32.86 34.87 -1.82
CA GLY C 179 32.91 33.83 -2.82
C GLY C 179 32.48 32.50 -2.20
N GLN C 180 32.95 31.42 -2.82
CA GLN C 180 32.66 30.09 -2.30
C GLN C 180 33.69 29.70 -1.24
N PHE C 181 33.22 28.97 -0.23
CA PHE C 181 34.00 28.54 0.91
C PHE C 181 33.92 27.03 1.02
N ARG C 182 35.07 26.37 1.13
CA ARG C 182 35.12 24.92 1.26
C ARG C 182 35.37 24.53 2.71
N LEU C 183 34.58 23.59 3.21
CA LEU C 183 34.77 23.13 4.57
C LEU C 183 35.96 22.20 4.59
N ILE C 184 36.88 22.44 5.53
CA ILE C 184 38.02 21.55 5.73
C ILE C 184 37.69 20.68 6.93
N PRO C 185 37.44 19.38 6.74
CA PRO C 185 37.12 18.53 7.89
C PRO C 185 38.33 18.23 8.74
N GLU C 186 39.53 18.46 8.20
CA GLU C 186 40.75 18.18 8.93
C GLU C 186 40.94 19.17 10.07
N LYS C 187 40.75 20.45 9.80
CA LYS C 187 40.89 21.49 10.80
C LYS C 187 39.55 21.84 11.48
N THR C 188 38.58 20.93 11.44
CA THR C 188 37.24 21.14 12.00
C THR C 188 37.06 20.40 13.32
N LYS C 189 36.27 21.00 14.21
CA LYS C 189 36.08 20.50 15.57
C LYS C 189 34.67 19.93 15.73
N LEU C 190 34.59 18.72 16.28
CA LEU C 190 33.36 17.92 16.29
C LEU C 190 33.00 17.51 17.71
N ILE C 191 31.72 17.23 17.91
CA ILE C 191 31.22 16.71 19.19
C ILE C 191 30.18 15.63 18.91
N ASP C 192 30.25 14.53 19.67
CA ASP C 192 29.27 13.46 19.55
C ASP C 192 27.88 13.98 19.86
N TRP C 193 26.89 13.43 19.17
CA TRP C 193 25.55 13.97 19.16
C TRP C 193 24.57 12.83 19.00
N GLN C 194 23.51 12.84 19.80
CA GLN C 194 22.52 11.77 19.74
C GLN C 194 21.17 12.33 20.14
N LYS C 195 20.17 12.07 19.31
CA LYS C 195 18.80 12.50 19.58
C LYS C 195 18.05 11.33 20.19
N ALA C 196 17.25 11.62 21.20
CA ALA C 196 16.46 10.57 21.83
C ALA C 196 15.08 11.12 22.17
N VAL C 197 14.16 10.20 22.42
CA VAL C 197 12.78 10.56 22.72
C VAL C 197 12.45 10.00 24.10
N ILE C 198 11.85 10.85 24.95
CA ILE C 198 11.32 10.41 26.24
C ILE C 198 9.84 10.74 26.29
N GLN C 199 9.07 9.85 26.90
CA GLN C 199 7.64 10.06 27.04
C GLN C 199 7.23 9.93 28.51
N GLU C 200 6.08 10.52 28.82
CA GLU C 200 5.67 10.61 30.22
C GLU C 200 5.39 9.23 30.79
N ARG C 201 5.63 9.10 32.10
CA ARG C 201 5.35 7.86 32.78
C ARG C 201 3.88 7.50 32.64
N PRO C 202 3.54 6.21 32.50
CA PRO C 202 2.13 5.84 32.31
C PRO C 202 1.21 6.34 33.41
N GLU C 203 1.71 6.48 34.64
CA GLU C 203 0.93 7.04 35.74
C GLU C 203 0.65 8.52 35.56
N GLU C 204 1.34 9.16 34.62
CA GLU C 204 1.24 10.59 34.34
C GLU C 204 0.31 10.87 33.16
N VAL C 205 -0.08 9.86 32.41
CA VAL C 205 -0.85 10.04 31.18
C VAL C 205 -2.29 10.35 31.53
N PRO C 206 -2.86 11.45 31.00
CA PRO C 206 -4.24 11.80 31.32
C PRO C 206 -5.22 10.75 30.82
N SER C 207 -6.44 10.83 31.36
CA SER C 207 -7.46 9.85 31.06
C SER C 207 -7.79 9.84 29.59
N GLY C 208 -7.78 8.64 28.99
CA GLY C 208 -8.23 8.42 27.63
C GLY C 208 -7.38 9.04 26.55
N GLN C 209 -6.30 9.72 26.90
CA GLN C 209 -5.43 10.39 25.96
C GLN C 209 -4.19 9.54 25.71
N LEU C 210 -3.43 9.95 24.75
CA LEU C 210 -2.17 9.32 24.40
C LEU C 210 -1.02 10.02 25.10
N PRO C 211 0.03 9.26 25.45
CA PRO C 211 1.16 9.86 26.17
C PRO C 211 1.92 10.82 25.27
N ARG C 212 2.35 11.94 25.85
CA ARG C 212 3.15 12.93 25.14
C ARG C 212 4.61 12.51 25.08
N GLN C 213 5.31 13.11 24.13
CA GLN C 213 6.73 12.84 23.96
C GLN C 213 7.49 14.15 23.92
N LEU C 214 8.80 14.05 24.15
CA LEU C 214 9.71 15.18 24.13
C LEU C 214 11.05 14.72 23.60
N GLU C 215 11.63 15.55 22.74
CA GLU C 215 12.93 15.31 22.13
C GLU C 215 14.03 15.83 23.05
N ILE C 216 15.04 15.01 23.26
CA ILE C 216 16.19 15.36 24.08
C ILE C 216 17.46 15.13 23.27
N ILE C 217 18.48 15.92 23.57
CA ILE C 217 19.75 15.86 22.87
C ILE C 217 20.85 15.55 23.87
N LEU C 218 21.59 14.47 23.61
CA LEU C 218 22.69 14.02 24.44
C LEU C 218 23.97 14.18 23.65
N GLU C 219 24.95 14.88 24.23
CA GLU C 219 26.23 15.11 23.57
C GLU C 219 27.38 14.64 24.45
N ASP C 220 28.51 14.39 23.80
CA ASP C 220 29.74 13.88 24.38
C ASP C 220 29.45 12.62 25.19
N ASP C 221 30.02 12.53 26.40
CA ASP C 221 29.90 11.23 27.06
C ASP C 221 28.49 10.89 27.50
N LEU C 222 27.51 11.79 27.34
CA LEU C 222 26.13 11.42 27.64
C LEU C 222 25.56 10.45 26.62
N VAL C 223 26.19 10.37 25.43
CA VAL C 223 25.73 9.52 24.36
C VAL C 223 25.74 8.06 24.80
N ASP C 224 24.68 7.34 24.45
CA ASP C 224 24.58 5.89 24.69
C ASP C 224 24.67 5.57 26.19
N SER C 225 24.06 6.43 27.01
CA SER C 225 24.04 6.24 28.46
C SER C 225 22.75 5.61 28.94
N ALA C 226 21.80 5.31 28.04
CA ALA C 226 20.58 4.61 28.37
C ALA C 226 20.05 3.98 27.10
N ARG C 227 19.35 2.85 27.27
CA ARG C 227 18.77 2.09 26.19
C ARG C 227 17.28 2.34 26.12
N PRO C 228 16.67 2.12 24.96
CA PRO C 228 15.21 2.17 24.89
C PRO C 228 14.60 1.21 25.89
N GLY C 229 13.58 1.69 26.61
CA GLY C 229 12.92 0.96 27.66
C GLY C 229 13.29 1.43 29.04
N ASP C 230 14.48 2.01 29.19
CA ASP C 230 14.96 2.50 30.47
C ASP C 230 14.12 3.69 30.92
N ARG C 231 13.68 3.68 32.17
CA ARG C 231 13.09 4.86 32.78
C ARG C 231 14.22 5.74 33.32
N VAL C 232 14.33 6.96 32.81
CA VAL C 232 15.42 7.85 33.14
C VAL C 232 14.88 9.14 33.75
N LYS C 233 15.79 9.90 34.35
CA LYS C 233 15.52 11.18 35.00
C LYS C 233 16.53 12.15 34.39
N VAL C 234 16.15 12.84 33.33
CA VAL C 234 17.07 13.68 32.58
C VAL C 234 17.01 15.09 33.12
N THR C 235 18.18 15.69 33.38
CA THR C 235 18.27 17.08 33.80
C THR C 235 18.90 17.89 32.68
N GLY C 236 18.39 19.09 32.47
CA GLY C 236 18.89 19.90 31.37
C GLY C 236 18.08 21.17 31.23
N ILE C 237 18.24 21.81 30.08
CA ILE C 237 17.60 23.09 29.82
C ILE C 237 16.80 23.00 28.52
N LEU C 238 15.63 23.62 28.50
CA LEU C 238 14.71 23.53 27.36
C LEU C 238 15.01 24.63 26.34
N ASP C 239 14.70 24.32 25.08
CA ASP C 239 14.95 25.25 23.97
C ASP C 239 14.01 24.91 22.81
N ILE C 240 14.08 25.74 21.76
CA ILE C 240 13.20 25.67 20.61
C ILE C 240 13.91 24.97 19.46
N LYS C 241 13.16 24.13 18.74
CA LYS C 241 13.69 23.29 17.66
C LYS C 241 13.72 24.06 16.35
N GLN C 242 14.90 24.12 15.72
CA GLN C 242 15.09 24.82 14.46
C GLN C 242 15.40 23.84 13.32
N ASP C 243 14.52 23.78 12.33
CA ASP C 243 14.73 22.95 11.15
C ASP C 243 15.16 23.75 9.92
N SER C 244 14.82 25.05 9.88
CA SER C 244 15.22 25.99 8.84
C SER C 244 14.71 27.40 9.15
N PRO C 245 15.21 28.06 10.20
CA PRO C 245 14.62 29.34 10.64
C PRO C 245 15.17 30.62 10.01
N VAL C 246 16.30 30.57 9.30
CA VAL C 246 16.92 31.80 8.78
C VAL C 246 16.21 32.37 7.54
N LYS C 247 15.37 31.59 6.86
CA LYS C 247 14.64 32.07 5.69
C LYS C 247 13.20 32.34 6.07
N ARG C 248 12.55 33.22 5.31
CA ARG C 248 11.20 33.65 5.68
C ARG C 248 10.16 32.62 5.27
N GLY C 249 8.96 33.07 4.89
CA GLY C 249 7.90 32.19 4.47
C GLY C 249 7.20 31.42 5.57
N SER C 250 6.55 32.15 6.49
CA SER C 250 5.75 31.58 7.59
C SER C 250 6.64 30.78 8.55
N ARG C 251 6.06 29.77 9.21
CA ARG C 251 6.77 28.91 10.17
C ARG C 251 7.24 29.70 11.40
N ALA C 252 6.31 30.45 12.01
CA ALA C 252 6.58 31.16 13.26
C ALA C 252 6.45 30.31 14.53
N VAL C 253 6.19 29.01 14.43
CA VAL C 253 5.97 28.17 15.60
C VAL C 253 7.10 27.17 15.74
N PHE C 254 7.44 26.84 16.99
CA PHE C 254 8.56 25.96 17.29
C PHE C 254 8.17 24.88 18.27
N ASP C 255 8.91 23.77 18.21
CA ASP C 255 8.78 22.65 19.14
C ASP C 255 9.77 22.79 20.28
N ILE C 256 9.52 22.07 21.37
CA ILE C 256 10.36 22.13 22.56
C ILE C 256 11.26 20.90 22.63
N TYR C 257 12.51 21.10 23.07
CA TYR C 257 13.41 19.99 23.33
C TYR C 257 14.31 20.31 24.52
N MET C 258 14.93 19.27 25.07
CA MET C 258 15.85 19.42 26.19
C MET C 258 17.28 19.14 25.74
N LYS C 259 18.16 20.12 25.92
CA LYS C 259 19.59 19.86 25.92
C LYS C 259 19.96 19.26 27.27
N VAL C 260 20.45 17.99 27.26
CA VAL C 260 20.67 17.23 28.50
C VAL C 260 22.06 17.56 29.03
N SER C 261 22.15 17.77 30.34
CA SER C 261 23.42 17.92 31.02
C SER C 261 23.73 16.82 32.01
N SER C 262 22.73 16.04 32.40
CA SER C 262 22.87 15.03 33.44
C SER C 262 21.73 14.05 33.31
N ILE C 263 22.00 12.78 33.60
CA ILE C 263 21.02 11.72 33.42
C ILE C 263 21.33 10.60 34.39
N GLU C 264 20.27 10.00 34.94
CA GLU C 264 20.40 8.88 35.86
C GLU C 264 19.30 7.89 35.55
N VAL C 265 19.61 6.61 35.65
CA VAL C 265 18.69 5.56 35.23
C VAL C 265 18.07 4.93 36.47
N SER C 266 16.88 4.35 36.30
CA SER C 266 16.06 3.76 37.35
C SER C 266 15.54 4.84 38.32
N SER C 273 22.45 5.25 45.73
CA SER C 273 22.39 3.90 45.19
C SER C 273 23.53 3.06 45.73
N GLU C 274 23.73 3.12 47.05
CA GLU C 274 24.89 2.47 47.66
C GLU C 274 24.56 1.76 48.97
N GLU C 275 23.95 2.48 49.92
CA GLU C 275 23.55 1.92 51.20
C GLU C 275 22.54 0.78 51.04
N ASP C 276 21.87 0.74 49.89
CA ASP C 276 20.97 -0.36 49.58
C ASP C 276 21.72 -1.68 49.65
N GLU C 277 23.02 -1.68 49.31
CA GLU C 277 23.80 -2.91 49.37
C GLU C 277 23.79 -3.48 50.78
N LYS C 278 24.08 -2.64 51.77
CA LYS C 278 24.00 -3.10 53.15
C LYS C 278 22.57 -3.51 53.49
N LYS C 279 21.57 -2.82 52.94
CA LYS C 279 20.20 -3.20 53.30
C LYS C 279 19.86 -4.60 52.79
N ILE C 280 20.21 -4.90 51.54
CA ILE C 280 19.90 -6.22 51.01
C ILE C 280 20.80 -7.29 51.65
N LYS C 281 22.06 -6.95 51.96
CA LYS C 281 22.92 -7.93 52.61
C LYS C 281 22.37 -8.32 53.98
N ASP C 282 22.02 -7.30 54.78
CA ASP C 282 21.37 -7.56 56.07
C ASP C 282 20.06 -8.31 55.90
N LEU C 283 19.32 -8.02 54.83
CA LEU C 283 18.12 -8.82 54.58
C LEU C 283 18.47 -10.28 54.38
N ALA C 284 19.56 -10.57 53.69
CA ALA C 284 19.87 -11.95 53.34
C ALA C 284 20.40 -12.77 54.51
N LYS C 285 20.72 -12.15 55.63
CA LYS C 285 21.09 -12.93 56.80
C LYS C 285 19.89 -13.63 57.44
N ASP C 286 18.66 -13.26 57.06
CA ASP C 286 17.48 -13.92 57.60
C ASP C 286 17.54 -15.40 57.23
N PRO C 287 17.51 -16.30 58.21
CA PRO C 287 17.55 -17.74 57.89
C PRO C 287 16.33 -18.21 57.14
N TRP C 288 15.24 -17.45 57.19
CA TRP C 288 14.01 -17.74 56.45
C TRP C 288 13.72 -16.66 55.41
N ILE C 289 14.78 -16.09 54.82
CA ILE C 289 14.64 -14.97 53.88
C ILE C 289 13.84 -15.37 52.64
N ARG C 290 13.96 -16.64 52.21
CA ARG C 290 13.22 -17.10 51.05
C ARG C 290 11.72 -17.03 51.30
N ASP C 291 11.30 -17.45 52.49
CA ASP C 291 9.90 -17.40 52.83
C ASP C 291 9.40 -15.96 52.89
N ARG C 292 10.24 -15.04 53.36
CA ARG C 292 9.86 -13.62 53.38
C ARG C 292 9.65 -13.10 51.96
N ILE C 293 10.61 -13.37 51.07
CA ILE C 293 10.46 -12.93 49.67
C ILE C 293 9.18 -13.49 49.05
N ILE C 294 8.96 -14.80 49.23
CA ILE C 294 7.78 -15.44 48.64
C ILE C 294 6.50 -14.80 49.18
N SER C 295 6.45 -14.53 50.49
CA SER C 295 5.26 -13.88 51.02
C SER C 295 5.14 -12.42 50.62
N SER C 296 6.21 -11.81 50.07
CA SER C 296 6.13 -10.46 49.56
C SER C 296 5.62 -10.37 48.13
N ILE C 297 5.33 -11.51 47.49
CA ILE C 297 4.95 -11.56 46.07
C ILE C 297 3.43 -11.52 45.94
N ALA C 298 2.91 -10.47 45.31
CA ALA C 298 1.48 -10.26 45.12
C ALA C 298 0.75 -10.29 46.45
N PRO C 299 1.03 -9.34 47.35
CA PRO C 299 0.52 -9.46 48.73
C PRO C 299 -0.99 -9.37 48.84
N SER C 300 -1.67 -8.86 47.82
CA SER C 300 -3.12 -8.69 47.87
C SER C 300 -3.88 -9.92 47.38
N ILE C 301 -3.21 -11.06 47.23
CA ILE C 301 -3.83 -12.26 46.69
C ILE C 301 -3.84 -13.34 47.75
N TYR C 302 -5.03 -13.82 48.08
CA TYR C 302 -5.19 -14.89 49.04
C TYR C 302 -4.82 -16.23 48.40
N GLY C 303 -3.86 -16.92 49.01
CA GLY C 303 -3.49 -18.25 48.58
C GLY C 303 -2.48 -18.22 47.45
N HIS C 304 -2.56 -19.25 46.60
CA HIS C 304 -1.67 -19.40 45.44
C HIS C 304 -0.21 -19.25 45.85
N TRP C 305 0.16 -19.82 47.00
CA TRP C 305 1.51 -19.63 47.49
C TRP C 305 2.53 -20.32 46.60
N GLU C 306 2.20 -21.49 46.06
CA GLU C 306 3.11 -22.15 45.14
C GLU C 306 3.37 -21.29 43.92
N LEU C 307 2.33 -20.63 43.40
CA LEU C 307 2.55 -19.73 42.26
C LEU C 307 3.40 -18.54 42.66
N LYS C 308 3.18 -18.01 43.87
CA LYS C 308 3.99 -16.89 44.34
C LYS C 308 5.45 -17.29 44.42
N GLU C 309 5.70 -18.51 44.90
CA GLU C 309 7.05 -19.06 44.93
C GLU C 309 7.60 -19.18 43.52
N ALA C 310 6.79 -19.71 42.60
CA ALA C 310 7.27 -19.89 41.23
C ALA C 310 7.63 -18.55 40.61
N LEU C 311 6.81 -17.53 40.84
CA LEU C 311 7.12 -16.22 40.30
C LEU C 311 8.37 -15.65 40.94
N ALA C 312 8.59 -15.87 42.23
CA ALA C 312 9.83 -15.40 42.84
C ALA C 312 11.03 -16.06 42.18
N LEU C 313 10.97 -17.37 41.98
CA LEU C 313 12.04 -18.05 41.28
C LEU C 313 12.27 -17.48 39.89
N ALA C 314 11.19 -17.30 39.13
CA ALA C 314 11.31 -16.74 37.80
C ALA C 314 11.94 -15.36 37.84
N LEU C 315 11.65 -14.60 38.91
CA LEU C 315 12.29 -13.30 39.08
C LEU C 315 13.78 -13.46 39.25
N PHE C 316 14.19 -14.47 40.02
CA PHE C 316 15.63 -14.59 40.29
C PHE C 316 16.36 -15.33 39.18
N GLY C 317 15.83 -16.48 38.75
CA GLY C 317 16.43 -17.21 37.65
C GLY C 317 17.74 -17.89 37.94
N GLY C 318 18.04 -18.97 37.23
CA GLY C 318 19.27 -19.70 37.40
C GLY C 318 20.49 -19.00 36.82
N VAL C 319 21.57 -19.75 36.62
CA VAL C 319 22.82 -19.21 36.09
C VAL C 319 22.96 -19.69 34.65
N PRO C 320 23.12 -18.78 33.69
CA PRO C 320 23.35 -19.19 32.32
C PRO C 320 24.78 -19.66 32.14
N LYS C 321 24.95 -20.73 31.37
CA LYS C 321 26.26 -21.26 31.06
C LYS C 321 26.58 -20.90 29.61
N VAL C 322 27.63 -20.12 29.42
CA VAL C 322 28.10 -19.70 28.12
C VAL C 322 29.49 -20.27 27.94
N LEU C 323 29.64 -21.17 26.97
CA LEU C 323 30.81 -22.04 26.80
C LEU C 323 31.54 -21.75 25.49
N GLU C 324 32.47 -22.64 25.16
CA GLU C 324 33.27 -22.48 23.95
C GLU C 324 32.42 -22.63 22.69
N ASP C 325 31.53 -23.62 22.66
CA ASP C 325 30.75 -23.96 21.47
C ASP C 325 29.32 -23.41 21.55
N THR C 326 28.62 -23.72 22.62
CA THR C 326 27.24 -23.34 22.82
C THR C 326 27.13 -22.43 24.02
N ARG C 327 25.90 -22.08 24.35
CA ARG C 327 25.56 -21.50 25.62
C ARG C 327 24.28 -22.16 26.09
N ILE C 328 24.09 -22.20 27.40
CA ILE C 328 22.98 -22.91 28.02
C ILE C 328 22.15 -21.91 28.79
N ARG C 329 20.83 -22.01 28.61
CA ARG C 329 19.89 -21.01 29.11
C ARG C 329 19.82 -21.01 30.63
N GLY C 330 19.77 -19.81 31.21
CA GLY C 330 19.71 -19.66 32.64
C GLY C 330 18.35 -19.21 33.19
N ASP C 331 17.51 -18.63 32.32
CA ASP C 331 16.24 -18.05 32.74
C ASP C 331 15.19 -19.13 32.97
N ILE C 332 14.25 -18.84 33.87
CA ILE C 332 13.22 -19.78 34.28
C ILE C 332 11.89 -19.34 33.70
N HIS C 333 11.25 -20.20 32.91
CA HIS C 333 9.97 -19.94 32.28
C HIS C 333 8.85 -20.57 33.10
N ILE C 334 7.75 -19.84 33.29
CA ILE C 334 6.65 -20.30 34.14
C ILE C 334 5.34 -20.21 33.36
N LEU C 335 4.51 -21.24 33.45
CA LEU C 335 3.22 -21.22 32.78
C LEU C 335 2.11 -21.50 33.78
N ILE C 336 1.14 -20.59 33.86
CA ILE C 336 -0.02 -20.73 34.73
C ILE C 336 -1.25 -20.88 33.83
N ILE C 337 -1.82 -22.07 33.80
CA ILE C 337 -3.04 -22.33 33.07
C ILE C 337 -4.14 -22.52 34.09
N GLY C 338 -5.14 -21.65 34.07
CA GLY C 338 -6.11 -21.65 35.14
C GLY C 338 -7.48 -21.20 34.73
N ASP C 339 -8.47 -21.61 35.54
CA ASP C 339 -9.87 -21.21 35.40
C ASP C 339 -9.97 -19.70 35.38
N PRO C 340 -11.06 -19.14 34.88
CA PRO C 340 -11.19 -17.68 34.89
C PRO C 340 -11.37 -17.13 36.29
N GLY C 341 -10.76 -15.97 36.52
CA GLY C 341 -10.89 -15.30 37.80
C GLY C 341 -10.01 -15.86 38.90
N THR C 342 -8.84 -16.38 38.58
CA THR C 342 -8.01 -17.04 39.59
C THR C 342 -6.80 -16.18 39.95
N ALA C 343 -6.92 -14.86 39.77
CA ALA C 343 -5.88 -13.88 40.11
C ALA C 343 -4.63 -14.00 39.23
N LYS C 344 -4.70 -14.69 38.08
CA LYS C 344 -3.53 -14.84 37.22
C LYS C 344 -3.02 -13.50 36.71
N SER C 345 -3.88 -12.74 36.02
CA SER C 345 -3.44 -11.48 35.44
C SER C 345 -2.94 -10.53 36.51
N GLN C 346 -3.52 -10.57 37.70
CA GLN C 346 -3.11 -9.67 38.77
C GLN C 346 -1.69 -9.97 39.23
N MET C 347 -1.39 -11.25 39.48
CA MET C 347 -0.05 -11.65 39.88
C MET C 347 0.96 -11.35 38.78
N LEU C 348 0.57 -11.55 37.53
CA LEU C 348 1.50 -11.25 36.46
C LEU C 348 1.75 -9.76 36.38
N GLN C 349 0.71 -8.95 36.61
CA GLN C 349 0.91 -7.52 36.64
C GLN C 349 1.89 -7.16 37.75
N PHE C 350 1.74 -7.81 38.90
CA PHE C 350 2.67 -7.55 39.97
C PHE C 350 4.09 -7.83 39.53
N ILE C 351 4.34 -9.02 38.97
CA ILE C 351 5.74 -9.34 38.69
C ILE C 351 6.29 -8.46 37.59
N SER C 352 5.43 -7.94 36.71
CA SER C 352 5.92 -6.95 35.78
C SER C 352 6.28 -5.65 36.48
N ARG C 353 5.57 -5.32 37.57
CA ARG C 353 5.89 -4.10 38.30
C ARG C 353 7.17 -4.25 39.15
N VAL C 354 7.35 -5.42 39.77
CA VAL C 354 8.47 -5.62 40.70
C VAL C 354 9.77 -5.94 39.98
N ALA C 355 9.72 -6.52 38.79
CA ALA C 355 10.95 -6.90 38.10
C ALA C 355 11.76 -5.66 37.73
N PRO C 356 13.08 -5.69 37.93
CA PRO C 356 13.89 -4.53 37.54
C PRO C 356 13.81 -4.16 36.07
N ARG C 357 13.59 -5.12 35.17
CA ARG C 357 13.30 -4.78 33.78
C ARG C 357 12.33 -5.81 33.23
N ALA C 358 11.12 -5.38 32.85
CA ALA C 358 10.09 -6.32 32.44
C ALA C 358 9.24 -5.72 31.34
N VAL C 359 8.60 -6.63 30.59
CA VAL C 359 7.73 -6.30 29.46
C VAL C 359 6.44 -7.10 29.61
N TYR C 360 5.30 -6.43 29.47
CA TYR C 360 3.98 -7.06 29.60
C TYR C 360 3.31 -7.12 28.23
N THR C 361 2.78 -8.28 27.85
CA THR C 361 2.14 -8.48 26.56
C THR C 361 0.92 -9.39 26.75
N THR C 362 -0.03 -9.28 25.82
CA THR C 362 -1.22 -10.13 25.81
C THR C 362 -1.26 -10.96 24.54
N GLY C 363 -1.66 -12.22 24.70
CA GLY C 363 -1.65 -13.14 23.56
C GLY C 363 -2.45 -12.60 22.39
N LYS C 364 -3.53 -11.90 22.67
CA LYS C 364 -4.33 -11.31 21.60
C LYS C 364 -3.85 -9.91 21.24
N GLY C 365 -3.11 -9.23 22.12
CA GLY C 365 -2.57 -7.93 21.78
C GLY C 365 -1.24 -7.91 21.06
N SER C 366 -0.63 -9.06 20.84
CA SER C 366 0.73 -9.16 20.34
C SER C 366 0.76 -9.96 19.05
N THR C 367 1.75 -9.65 18.21
CA THR C 367 1.97 -10.40 16.98
C THR C 367 3.11 -11.38 17.14
N ALA C 368 3.27 -12.23 16.13
CA ALA C 368 4.47 -13.04 16.08
C ALA C 368 5.67 -12.15 15.79
N ALA C 369 5.49 -11.14 14.94
CA ALA C 369 6.53 -10.16 14.69
C ALA C 369 6.69 -9.16 15.82
N GLY C 370 5.60 -8.79 16.49
CA GLY C 370 5.74 -7.82 17.56
C GLY C 370 6.43 -8.38 18.79
N LEU C 371 6.40 -9.70 18.98
CA LEU C 371 7.00 -10.33 20.14
C LEU C 371 8.47 -10.66 19.92
N THR C 372 8.89 -10.75 18.66
CA THR C 372 10.26 -11.12 18.34
C THR C 372 10.96 -9.99 17.60
N ALA C 373 10.69 -9.85 16.30
CA ALA C 373 11.34 -8.80 15.55
C ALA C 373 10.61 -8.55 14.23
N ALA C 374 10.47 -7.27 13.89
CA ALA C 374 9.67 -6.83 12.75
C ALA C 374 10.54 -6.27 11.63
N VAL C 375 10.24 -6.65 10.39
CA VAL C 375 10.90 -6.07 9.21
C VAL C 375 10.04 -4.92 8.72
N VAL C 376 10.44 -3.70 9.03
CA VAL C 376 9.66 -2.51 8.72
C VAL C 376 10.28 -1.84 7.52
N ARG C 377 9.47 -1.48 6.54
CA ARG C 377 9.95 -0.71 5.40
C ARG C 377 9.93 0.75 5.82
N GLU C 378 11.09 1.27 6.23
CA GLU C 378 11.19 2.69 6.54
C GLU C 378 11.02 3.47 5.24
N LYS C 379 9.91 4.21 5.14
CA LYS C 379 9.56 4.95 3.93
C LYS C 379 10.50 6.12 3.62
N GLY C 380 11.50 6.39 4.45
CA GLY C 380 12.47 7.41 4.14
C GLY C 380 13.54 6.89 3.19
N THR C 381 14.40 6.01 3.69
CA THR C 381 15.38 5.37 2.83
C THR C 381 14.73 4.43 1.83
N GLY C 382 13.49 3.99 2.08
CA GLY C 382 12.79 3.08 1.20
C GLY C 382 13.07 1.61 1.45
N GLU C 383 14.12 1.29 2.19
CA GLU C 383 14.65 -0.04 2.36
C GLU C 383 14.24 -0.65 3.69
N TYR C 384 14.39 -1.98 3.78
CA TYR C 384 13.88 -2.74 4.92
C TYR C 384 14.83 -2.70 6.10
N TYR C 385 14.24 -2.59 7.28
CA TYR C 385 14.89 -2.18 8.51
C TYR C 385 14.42 -3.14 9.59
N LEU C 386 15.23 -3.34 10.62
CA LEU C 386 14.90 -4.30 11.65
C LEU C 386 14.47 -3.59 12.93
N GLU C 387 13.40 -4.08 13.57
CA GLU C 387 12.84 -3.45 14.76
C GLU C 387 12.69 -4.49 15.87
N ALA C 388 13.18 -4.17 17.06
CA ALA C 388 13.13 -5.10 18.18
C ALA C 388 11.72 -5.30 18.68
N GLY C 389 11.30 -6.57 18.77
CA GLY C 389 10.06 -6.94 19.41
C GLY C 389 10.24 -7.13 20.91
N ALA C 390 9.18 -7.66 21.55
CA ALA C 390 9.09 -7.69 23.00
C ALA C 390 10.18 -8.57 23.63
N LEU C 391 10.32 -9.80 23.16
CA LEU C 391 11.33 -10.68 23.74
C LEU C 391 12.75 -10.17 23.53
N VAL C 392 12.97 -9.34 22.50
CA VAL C 392 14.30 -8.74 22.32
C VAL C 392 14.47 -7.55 23.24
N LEU C 393 13.42 -6.75 23.42
CA LEU C 393 13.51 -5.63 24.36
C LEU C 393 13.69 -6.11 25.79
N ALA C 394 13.18 -7.29 26.09
CA ALA C 394 13.27 -7.84 27.44
C ALA C 394 14.57 -8.60 27.70
N ASP C 395 15.56 -8.53 26.80
CA ASP C 395 16.82 -9.22 27.02
C ASP C 395 17.40 -8.82 28.38
N GLY C 396 17.80 -9.82 29.15
CA GLY C 396 18.30 -9.58 30.48
C GLY C 396 17.24 -9.36 31.53
N GLY C 397 15.97 -9.60 31.21
CA GLY C 397 14.87 -9.38 32.15
C GLY C 397 13.76 -10.38 31.97
N ILE C 398 12.53 -9.92 32.16
CA ILE C 398 11.35 -10.79 32.19
C ILE C 398 10.35 -10.28 31.15
N ALA C 399 9.79 -11.21 30.37
CA ALA C 399 8.67 -10.91 29.49
C ALA C 399 7.50 -11.77 29.93
N VAL C 400 6.39 -11.11 30.26
CA VAL C 400 5.16 -11.74 30.73
C VAL C 400 4.17 -11.77 29.57
N ILE C 401 3.67 -12.96 29.25
CA ILE C 401 2.69 -13.17 28.19
C ILE C 401 1.39 -13.63 28.84
N ASP C 402 0.49 -12.67 29.06
CA ASP C 402 -0.83 -12.98 29.58
C ASP C 402 -1.76 -13.35 28.43
N GLU C 403 -2.76 -14.15 28.75
CA GLU C 403 -3.70 -14.67 27.75
C GLU C 403 -2.97 -15.38 26.61
N ILE C 404 -1.97 -16.21 26.97
CA ILE C 404 -1.16 -16.89 25.95
C ILE C 404 -1.98 -17.94 25.20
N ASP C 405 -3.08 -18.41 25.76
CA ASP C 405 -3.91 -19.35 25.01
C ASP C 405 -4.71 -18.65 23.93
N LYS C 406 -4.68 -17.31 23.88
CA LYS C 406 -5.40 -16.54 22.87
C LYS C 406 -4.58 -16.29 21.62
N MET C 407 -3.29 -16.68 21.64
CA MET C 407 -2.44 -16.65 20.46
C MET C 407 -2.88 -17.69 19.41
N ARG C 408 -2.75 -17.36 18.13
CA ARG C 408 -2.79 -18.39 17.11
C ARG C 408 -1.54 -19.25 17.21
N ASP C 409 -1.71 -20.58 17.16
CA ASP C 409 -0.55 -21.47 17.32
C ASP C 409 0.52 -21.15 16.27
N GLU C 410 0.08 -20.92 15.02
CA GLU C 410 0.96 -20.53 13.93
C GLU C 410 1.68 -19.22 14.22
N ASP C 411 1.11 -18.37 15.09
CA ASP C 411 1.83 -17.19 15.56
C ASP C 411 2.70 -17.48 16.78
N ARG C 412 2.22 -18.35 17.68
CA ARG C 412 2.90 -18.56 18.95
C ARG C 412 4.25 -19.27 18.79
N VAL C 413 4.37 -20.17 17.79
CA VAL C 413 5.63 -20.86 17.60
C VAL C 413 6.79 -19.93 17.28
N ALA C 414 6.51 -18.65 16.99
CA ALA C 414 7.60 -17.70 16.75
C ALA C 414 8.46 -17.47 17.98
N ILE C 415 7.98 -17.82 19.18
CA ILE C 415 8.77 -17.60 20.38
C ILE C 415 9.48 -18.86 20.87
N HIS C 416 9.36 -19.98 20.15
CA HIS C 416 9.99 -21.22 20.62
C HIS C 416 11.51 -21.08 20.68
N GLU C 417 12.10 -20.56 19.60
CA GLU C 417 13.54 -20.31 19.55
C GLU C 417 13.97 -19.35 20.67
N ALA C 418 13.24 -18.25 20.85
CA ALA C 418 13.63 -17.33 21.91
C ALA C 418 13.52 -17.98 23.28
N MET C 419 12.59 -18.93 23.44
CA MET C 419 12.39 -19.55 24.74
C MET C 419 13.50 -20.54 25.07
N GLU C 420 14.06 -21.24 24.07
CA GLU C 420 15.18 -22.13 24.37
C GLU C 420 16.53 -21.53 23.99
N GLN C 421 16.76 -21.25 22.71
CA GLN C 421 18.05 -20.72 22.30
C GLN C 421 18.23 -19.24 22.61
N GLN C 422 17.18 -18.56 23.08
CA GLN C 422 17.25 -17.17 23.53
C GLN C 422 17.80 -16.24 22.46
N THR C 423 17.57 -16.57 21.20
CA THR C 423 17.78 -15.65 20.08
C THR C 423 16.54 -15.62 19.20
N VAL C 424 16.30 -14.46 18.64
CA VAL C 424 15.30 -14.27 17.60
C VAL C 424 16.06 -14.04 16.32
N SER C 425 16.03 -15.01 15.43
CA SER C 425 16.73 -14.93 14.16
C SER C 425 15.71 -14.87 13.04
N ILE C 426 15.85 -13.89 12.15
CA ILE C 426 14.93 -13.73 11.03
C ILE C 426 15.71 -13.59 9.73
N ALA C 427 15.06 -14.00 8.63
CA ALA C 427 15.63 -13.94 7.28
C ALA C 427 14.48 -13.59 6.34
N LYS C 428 14.37 -12.31 5.98
CA LYS C 428 13.23 -11.76 5.25
C LYS C 428 13.66 -10.56 4.43
N ALA C 429 13.02 -10.37 3.28
CA ALA C 429 13.27 -9.20 2.42
C ALA C 429 14.75 -8.96 2.22
N GLY C 430 15.50 -10.04 2.10
CA GLY C 430 16.91 -9.95 1.79
C GLY C 430 17.81 -9.59 2.95
N ILE C 431 17.30 -9.56 4.17
CA ILE C 431 18.14 -9.29 5.33
C ILE C 431 18.10 -10.47 6.27
N VAL C 432 19.27 -10.84 6.77
CA VAL C 432 19.44 -11.97 7.66
C VAL C 432 20.05 -11.45 8.96
N ALA C 433 19.42 -11.75 10.08
CA ALA C 433 19.96 -11.28 11.36
C ALA C 433 19.45 -12.19 12.48
N LYS C 434 20.12 -12.08 13.64
CA LYS C 434 19.68 -12.77 14.84
C LYS C 434 20.04 -11.92 16.05
N LEU C 435 19.04 -11.62 16.87
CA LEU C 435 19.17 -10.80 18.05
C LEU C 435 19.02 -11.66 19.31
N ASN C 436 19.58 -11.17 20.40
CA ASN C 436 19.51 -11.88 21.67
C ASN C 436 18.16 -11.68 22.32
N ALA C 437 17.52 -12.78 22.73
CA ALA C 437 16.24 -12.71 23.44
C ALA C 437 16.36 -13.47 24.76
N ARG C 438 17.34 -13.09 25.56
CA ARG C 438 17.61 -13.74 26.84
C ARG C 438 16.67 -13.13 27.90
N ALA C 439 15.40 -13.50 27.78
CA ALA C 439 14.36 -13.08 28.70
C ALA C 439 13.60 -14.30 29.16
N ALA C 440 13.16 -14.28 30.42
CA ALA C 440 12.34 -15.34 30.97
C ALA C 440 10.87 -15.08 30.65
N VAL C 441 10.20 -16.08 30.09
CA VAL C 441 8.80 -15.97 29.72
C VAL C 441 7.95 -16.47 30.89
N ILE C 442 7.06 -15.61 31.36
CA ILE C 442 6.10 -15.94 32.40
C ILE C 442 4.72 -15.76 31.79
N ALA C 443 4.00 -16.85 31.59
CA ALA C 443 2.79 -16.83 30.78
C ALA C 443 1.62 -17.40 31.56
N ALA C 444 0.44 -16.93 31.22
CA ALA C 444 -0.78 -17.48 31.79
C ALA C 444 -1.86 -17.55 30.72
N GLY C 445 -2.76 -18.51 30.89
CA GLY C 445 -3.86 -18.68 29.95
C GLY C 445 -4.96 -19.50 30.58
N ASN C 446 -6.06 -19.63 29.82
CA ASN C 446 -7.15 -20.49 30.24
C ASN C 446 -7.07 -21.83 29.52
N PRO C 447 -7.68 -22.88 30.07
CA PRO C 447 -7.74 -24.16 29.35
C PRO C 447 -8.65 -24.06 28.13
N LYS C 448 -8.64 -25.17 27.37
CA LYS C 448 -9.36 -25.21 26.10
C LYS C 448 -10.82 -24.76 26.25
N PHE C 449 -11.46 -25.11 27.36
CA PHE C 449 -12.89 -24.84 27.54
C PHE C 449 -13.13 -23.71 28.54
N GLY C 450 -12.34 -22.65 28.47
CA GLY C 450 -12.50 -21.54 29.38
C GLY C 450 -12.08 -21.91 30.78
N ARG C 451 -12.81 -22.82 31.41
CA ARG C 451 -12.45 -23.37 32.70
C ARG C 451 -11.87 -24.76 32.49
N TYR C 452 -11.20 -25.26 33.53
CA TYR C 452 -10.73 -26.63 33.47
C TYR C 452 -11.91 -27.59 33.62
N ILE C 453 -11.90 -28.65 32.82
CA ILE C 453 -12.95 -29.66 32.82
C ILE C 453 -12.35 -30.95 33.35
N SER C 454 -12.66 -31.26 34.62
CA SER C 454 -12.10 -32.43 35.27
C SER C 454 -12.65 -33.73 34.69
N GLU C 455 -13.79 -33.67 34.01
CA GLU C 455 -14.32 -34.86 33.37
C GLU C 455 -13.56 -35.24 32.11
N ARG C 456 -12.71 -34.35 31.58
CA ARG C 456 -11.99 -34.57 30.33
C ARG C 456 -10.49 -34.73 30.57
N PRO C 457 -9.78 -35.43 29.67
CA PRO C 457 -8.34 -35.67 29.87
C PRO C 457 -7.51 -34.40 29.92
N VAL C 458 -6.31 -34.54 30.51
CA VAL C 458 -5.39 -33.41 30.65
C VAL C 458 -4.89 -32.92 29.30
N SER C 459 -4.78 -33.82 28.32
CA SER C 459 -4.24 -33.50 27.00
C SER C 459 -5.06 -32.41 26.33
N ASP C 460 -6.31 -32.73 25.97
CA ASP C 460 -7.16 -31.74 25.32
C ASP C 460 -7.69 -30.70 26.31
N ASN C 461 -7.29 -30.73 27.57
CA ASN C 461 -7.73 -29.64 28.42
C ASN C 461 -6.67 -28.54 28.45
N ILE C 462 -5.39 -28.92 28.46
CA ILE C 462 -4.33 -27.91 28.40
C ILE C 462 -4.30 -27.23 27.04
N ASN C 463 -4.35 -28.03 25.96
CA ASN C 463 -4.47 -27.52 24.60
C ASN C 463 -3.25 -26.71 24.20
N LEU C 464 -2.08 -27.28 24.45
CA LEU C 464 -0.82 -26.71 24.01
C LEU C 464 0.08 -27.82 23.51
N PRO C 465 0.94 -27.53 22.54
CA PRO C 465 1.84 -28.52 21.99
C PRO C 465 2.86 -28.98 23.01
N PRO C 466 3.41 -30.19 22.87
CA PRO C 466 4.50 -30.59 23.78
C PRO C 466 5.72 -29.75 23.56
N THR C 467 5.90 -29.26 22.33
CA THR C 467 7.08 -28.48 21.99
C THR C 467 7.17 -27.19 22.80
N ILE C 468 6.05 -26.52 23.06
CA ILE C 468 6.11 -25.32 23.88
C ILE C 468 6.02 -25.66 25.36
N LEU C 469 5.35 -26.76 25.71
CA LEU C 469 5.21 -27.09 27.13
C LEU C 469 6.56 -27.47 27.72
N SER C 470 7.38 -28.22 26.98
CA SER C 470 8.69 -28.61 27.51
C SER C 470 9.57 -27.41 27.75
N ARG C 471 9.35 -26.30 27.02
CA ARG C 471 10.10 -25.09 27.25
C ARG C 471 9.81 -24.50 28.63
N PHE C 472 8.70 -24.86 29.26
CA PHE C 472 8.32 -24.29 30.55
C PHE C 472 8.86 -25.14 31.70
N ASP C 473 9.64 -24.51 32.58
CA ASP C 473 10.22 -25.24 33.70
C ASP C 473 9.15 -25.71 34.67
N LEU C 474 8.18 -24.86 34.97
CA LEU C 474 7.07 -25.19 35.86
C LEU C 474 5.77 -24.78 35.20
N ILE C 475 4.78 -25.69 35.23
CA ILE C 475 3.44 -25.47 34.66
C ILE C 475 2.42 -25.80 35.74
N PHE C 476 1.69 -24.79 36.22
CA PHE C 476 0.69 -25.01 37.26
C PHE C 476 -0.71 -24.89 36.65
N ILE C 477 -1.55 -25.88 36.96
CA ILE C 477 -2.96 -25.88 36.60
C ILE C 477 -3.76 -25.33 37.78
N LEU C 478 -4.40 -24.19 37.59
CA LEU C 478 -5.19 -23.51 38.62
C LEU C 478 -6.66 -23.85 38.46
N LYS C 479 -7.19 -24.64 39.39
CA LYS C 479 -8.63 -24.87 39.44
C LYS C 479 -9.24 -24.00 40.52
N ASP C 480 -10.39 -23.40 40.20
CA ASP C 480 -11.14 -22.58 41.15
C ASP C 480 -12.31 -23.41 41.67
N GLN C 481 -12.01 -24.23 42.68
CA GLN C 481 -13.03 -25.12 43.25
C GLN C 481 -13.46 -24.59 44.61
N PRO C 482 -14.76 -24.34 44.79
CA PRO C 482 -15.24 -23.78 46.07
C PRO C 482 -15.26 -24.83 47.18
N GLY C 483 -14.73 -24.44 48.35
CA GLY C 483 -14.69 -25.32 49.51
C GLY C 483 -14.82 -24.54 50.79
N GLU C 484 -14.04 -24.92 51.80
CA GLU C 484 -13.97 -24.15 53.04
C GLU C 484 -13.17 -22.87 52.85
N GLN C 485 -12.35 -22.80 51.81
CA GLN C 485 -11.57 -21.62 51.50
C GLN C 485 -12.42 -20.39 51.25
N ASP C 486 -13.70 -20.57 50.89
CA ASP C 486 -14.49 -19.49 50.31
C ASP C 486 -14.62 -18.29 51.25
N ARG C 487 -15.07 -18.53 52.49
CA ARG C 487 -15.29 -17.42 53.42
C ARG C 487 -13.99 -16.68 53.73
N GLU C 488 -12.92 -17.42 53.98
CA GLU C 488 -11.61 -16.81 54.21
C GLU C 488 -11.23 -15.92 53.03
N LEU C 489 -11.38 -16.47 51.82
CA LEU C 489 -11.11 -15.73 50.59
C LEU C 489 -11.89 -14.41 50.56
N ALA C 490 -13.19 -14.49 50.82
CA ALA C 490 -14.02 -13.31 50.74
C ALA C 490 -13.56 -12.26 51.75
N ASN C 491 -13.24 -12.69 52.97
CA ASN C 491 -12.79 -11.75 54.00
C ASN C 491 -11.47 -11.09 53.62
N TYR C 492 -10.54 -11.87 53.08
CA TYR C 492 -9.28 -11.29 52.61
C TYR C 492 -9.55 -10.22 51.56
N ILE C 493 -10.44 -10.53 50.60
CA ILE C 493 -10.72 -9.58 49.54
C ILE C 493 -11.30 -8.30 50.12
N LEU C 494 -12.25 -8.43 51.03
CA LEU C 494 -12.89 -7.24 51.58
C LEU C 494 -11.89 -6.39 52.37
N ASP C 495 -10.99 -7.03 53.12
CA ASP C 495 -9.97 -6.26 53.83
C ASP C 495 -9.04 -5.55 52.86
N VAL C 496 -8.71 -6.19 51.73
CA VAL C 496 -7.88 -5.54 50.72
C VAL C 496 -8.59 -4.30 50.19
N HIS C 497 -9.89 -4.41 49.96
CA HIS C 497 -10.69 -3.26 49.51
C HIS C 497 -10.71 -2.16 50.56
N SER C 498 -10.76 -2.55 51.84
CA SER C 498 -10.82 -1.58 52.94
C SER C 498 -9.51 -0.83 53.14
N GLY C 499 -8.39 -1.30 52.60
CA GLY C 499 -7.11 -0.66 52.77
C GLY C 499 -6.20 -1.20 53.87
N LYS C 500 -6.47 -2.40 54.38
CA LYS C 500 -5.66 -3.04 55.42
C LYS C 500 -4.53 -3.82 54.76
N SER C 501 -3.33 -3.22 54.72
CA SER C 501 -2.18 -3.83 54.06
C SER C 501 -1.45 -4.80 54.99
N THR C 502 -0.65 -5.68 54.39
CA THR C 502 -0.02 -6.77 55.11
C THR C 502 1.24 -6.30 55.84
N LYS C 503 1.50 -6.92 56.98
CA LYS C 503 2.67 -6.59 57.80
C LYS C 503 3.80 -7.53 57.40
N ASN C 504 4.93 -7.44 58.13
CA ASN C 504 6.10 -8.29 57.92
C ASN C 504 6.34 -8.57 56.44
N ILE C 505 6.25 -7.48 55.66
CA ILE C 505 6.33 -7.55 54.21
C ILE C 505 7.58 -6.78 53.75
N ILE C 506 8.00 -7.06 52.52
CA ILE C 506 9.09 -6.32 51.90
C ILE C 506 8.49 -5.40 50.84
N ASP C 507 8.69 -4.09 50.99
CA ASP C 507 8.07 -3.15 50.06
C ASP C 507 8.61 -3.36 48.67
N ILE C 508 7.75 -3.09 47.67
CA ILE C 508 8.03 -3.51 46.31
C ILE C 508 9.28 -2.85 45.75
N ASP C 509 9.55 -1.61 46.14
CA ASP C 509 10.69 -0.88 45.61
C ASP C 509 12.01 -1.51 46.05
N THR C 510 12.16 -1.79 47.35
CA THR C 510 13.38 -2.42 47.84
C THR C 510 13.48 -3.88 47.43
N LEU C 511 12.34 -4.60 47.33
CA LEU C 511 12.41 -5.95 46.78
C LEU C 511 12.94 -5.94 45.35
N ARG C 512 12.53 -4.95 44.56
CA ARG C 512 13.09 -4.79 43.23
C ARG C 512 14.59 -4.56 43.33
N LYS C 513 15.03 -3.68 44.24
CA LYS C 513 16.46 -3.40 44.38
C LYS C 513 17.25 -4.67 44.75
N TYR C 514 16.67 -5.48 45.65
CA TYR C 514 17.31 -6.72 46.08
C TYR C 514 17.43 -7.70 44.93
N ILE C 515 16.35 -7.86 44.15
CA ILE C 515 16.39 -8.71 42.96
C ILE C 515 17.49 -8.25 42.03
N ALA C 516 17.57 -6.95 41.78
CA ALA C 516 18.59 -6.42 40.89
C ALA C 516 19.98 -6.85 41.35
N TYR C 517 20.29 -6.57 42.62
CA TYR C 517 21.61 -6.93 43.18
C TYR C 517 21.86 -8.43 43.07
N ALA C 518 20.89 -9.26 43.45
CA ALA C 518 21.09 -10.71 43.45
C ALA C 518 21.38 -11.23 42.05
N ARG C 519 20.61 -10.78 41.06
CA ARG C 519 20.85 -11.20 39.69
C ARG C 519 22.21 -10.72 39.20
N LYS C 520 22.61 -9.51 39.59
CA LYS C 520 23.82 -8.93 39.04
C LYS C 520 25.07 -9.59 39.60
N TYR C 521 25.06 -9.98 40.89
CA TYR C 521 26.29 -10.35 41.59
C TYR C 521 26.40 -11.79 42.07
N VAL C 522 25.32 -12.56 42.12
CA VAL C 522 25.33 -13.88 42.75
C VAL C 522 25.25 -14.95 41.68
N THR C 523 26.30 -15.75 41.57
CA THR C 523 26.41 -16.84 40.60
C THR C 523 26.57 -18.15 41.35
N PRO C 524 25.48 -18.80 41.76
CA PRO C 524 25.59 -20.00 42.60
C PRO C 524 26.25 -21.16 41.87
N LYS C 525 27.18 -21.81 42.58
CA LYS C 525 27.82 -23.02 42.12
C LYS C 525 27.12 -24.23 42.70
N ILE C 526 27.14 -25.33 41.96
CA ILE C 526 26.44 -26.55 42.34
C ILE C 526 27.41 -27.44 43.10
N THR C 527 27.00 -27.91 44.28
CA THR C 527 27.81 -28.84 45.06
C THR C 527 27.51 -30.27 44.63
N SER C 528 28.40 -31.19 44.98
CA SER C 528 28.27 -32.57 44.52
C SER C 528 27.01 -33.24 45.05
N GLU C 529 26.68 -32.98 46.32
CA GLU C 529 25.48 -33.57 46.91
C GLU C 529 24.22 -33.09 46.22
N ALA C 530 24.14 -31.79 45.93
CA ALA C 530 22.97 -31.26 45.23
C ALA C 530 22.85 -31.82 43.81
N LYS C 531 23.99 -31.96 43.12
CA LYS C 531 23.98 -32.54 41.79
C LYS C 531 23.50 -33.99 41.82
N ASN C 532 23.92 -34.76 42.84
CA ASN C 532 23.50 -36.14 42.95
C ASN C 532 22.00 -36.24 43.23
N LEU C 533 21.49 -35.36 44.11
CA LEU C 533 20.06 -35.33 44.39
C LEU C 533 19.27 -35.01 43.13
N ILE C 534 19.74 -34.02 42.36
CA ILE C 534 19.07 -33.64 41.13
C ILE C 534 19.05 -34.81 40.14
N THR C 535 20.19 -35.48 39.99
CA THR C 535 20.23 -36.61 39.07
C THR C 535 19.25 -37.70 39.47
N ASP C 536 19.24 -38.08 40.75
CA ASP C 536 18.33 -39.14 41.17
C ASP C 536 16.88 -38.75 40.89
N PHE C 537 16.52 -37.52 41.25
CA PHE C 537 15.13 -37.12 41.05
C PHE C 537 14.77 -37.07 39.58
N PHE C 538 15.72 -36.66 38.72
CA PHE C 538 15.46 -36.61 37.30
C PHE C 538 15.22 -38.01 36.75
N VAL C 539 15.99 -39.00 37.19
CA VAL C 539 15.77 -40.35 36.71
C VAL C 539 14.38 -40.83 37.16
N GLU C 540 14.03 -40.52 38.41
CA GLU C 540 12.69 -40.88 38.89
C GLU C 540 11.62 -40.24 38.02
N MET C 541 11.81 -38.97 37.65
CA MET C 541 10.88 -38.28 36.77
C MET C 541 10.74 -39.00 35.44
N ARG C 542 11.86 -39.40 34.84
CA ARG C 542 11.78 -40.02 33.53
C ARG C 542 11.08 -41.37 33.58
N LYS C 543 11.32 -42.15 34.63
CA LYS C 543 10.58 -43.40 34.78
C LYS C 543 9.09 -43.16 35.01
N LYS C 544 8.75 -42.20 35.88
CA LYS C 544 7.35 -41.91 36.17
C LYS C 544 6.64 -41.43 34.92
N SER C 545 7.35 -40.71 34.05
CA SER C 545 6.79 -40.24 32.79
C SER C 545 6.60 -41.38 31.82
N SER C 546 7.56 -42.31 31.77
CA SER C 546 7.39 -43.48 30.92
C SER C 546 6.20 -44.31 31.40
N GLU C 547 5.78 -44.10 32.66
CA GLU C 547 4.57 -44.75 33.14
C GLU C 547 3.31 -44.14 32.52
N THR C 548 3.34 -42.85 32.18
CA THR C 548 2.16 -42.12 31.66
C THR C 548 2.40 -41.63 30.23
N PRO C 549 2.16 -42.46 29.22
CA PRO C 549 2.48 -42.08 27.84
C PRO C 549 1.44 -41.21 27.16
N ASP C 550 0.35 -40.88 27.83
CA ASP C 550 -0.73 -40.14 27.20
C ASP C 550 -0.62 -38.64 27.39
N SER C 551 0.08 -38.21 28.43
CA SER C 551 0.05 -36.81 28.83
C SER C 551 0.77 -35.93 27.79
N PRO C 552 0.38 -34.66 27.68
CA PRO C 552 1.15 -33.73 26.84
C PRO C 552 2.35 -33.13 27.55
N ILE C 553 2.43 -33.23 28.88
CA ILE C 553 3.61 -32.80 29.61
C ILE C 553 4.63 -33.91 29.55
N LEU C 554 5.71 -33.69 28.80
CA LEU C 554 6.76 -34.68 28.69
C LEU C 554 7.86 -34.41 29.71
N ILE C 555 8.75 -35.39 29.86
CA ILE C 555 9.95 -35.23 30.66
C ILE C 555 11.09 -35.38 29.66
N THR C 556 11.80 -34.29 29.43
CA THR C 556 12.85 -34.16 28.44
C THR C 556 14.09 -33.67 29.15
N PRO C 557 15.24 -33.68 28.49
CA PRO C 557 16.44 -33.11 29.13
C PRO C 557 16.20 -31.71 29.67
N ARG C 558 15.25 -31.00 29.07
CA ARG C 558 14.88 -29.67 29.56
C ARG C 558 14.47 -29.70 31.02
N GLN C 559 13.84 -30.78 31.49
CA GLN C 559 13.42 -30.79 32.88
C GLN C 559 14.61 -30.91 33.82
N LEU C 560 15.63 -31.65 33.43
CA LEU C 560 16.86 -31.69 34.20
C LEU C 560 17.52 -30.32 34.24
N GLU C 561 17.62 -29.66 33.08
CA GLU C 561 18.12 -28.28 33.08
C GLU C 561 17.26 -27.36 33.95
N ALA C 562 15.96 -27.63 34.02
CA ALA C 562 15.10 -26.81 34.85
C ALA C 562 15.37 -27.04 36.33
N LEU C 563 15.61 -28.28 36.74
CA LEU C 563 16.00 -28.53 38.12
C LEU C 563 17.27 -27.75 38.44
N ILE C 564 18.27 -27.77 37.52
CA ILE C 564 19.49 -26.98 37.68
C ILE C 564 19.14 -25.51 37.92
N ARG C 565 18.37 -24.92 37.00
CA ARG C 565 18.03 -23.51 37.10
C ARG C 565 17.30 -23.17 38.39
N ILE C 566 16.34 -24.01 38.78
CA ILE C 566 15.51 -23.72 39.94
C ILE C 566 16.34 -23.77 41.21
N SER C 567 17.17 -24.80 41.39
CA SER C 567 17.97 -24.85 42.61
C SER C 567 18.99 -23.72 42.64
N GLU C 568 19.61 -23.43 41.50
CA GLU C 568 20.47 -22.26 41.39
C GLU C 568 19.73 -21.01 41.83
N ALA C 569 18.46 -20.89 41.42
CA ALA C 569 17.67 -19.71 41.75
C ALA C 569 17.32 -19.65 43.23
N TYR C 570 17.09 -20.80 43.87
CA TYR C 570 16.81 -20.78 45.31
C TYR C 570 18.02 -20.27 46.08
N ALA C 571 19.21 -20.73 45.69
CA ALA C 571 20.42 -20.18 46.26
C ALA C 571 20.51 -18.68 45.98
N LYS C 572 20.26 -18.28 44.72
CA LYS C 572 20.32 -16.87 44.36
C LYS C 572 19.36 -16.05 45.20
N MET C 573 18.19 -16.61 45.49
CA MET C 573 17.15 -15.93 46.25
C MET C 573 17.62 -15.71 47.68
N ALA C 574 18.37 -16.67 48.23
CA ALA C 574 18.94 -16.47 49.56
C ALA C 574 20.31 -15.81 49.52
N LEU C 575 20.80 -15.41 48.34
CA LEU C 575 22.11 -14.83 48.13
C LEU C 575 23.25 -15.81 48.38
N LYS C 576 22.94 -17.11 48.51
CA LYS C 576 23.97 -18.11 48.71
C LYS C 576 24.88 -18.20 47.50
N ALA C 577 26.17 -18.41 47.76
CA ALA C 577 27.15 -18.58 46.72
C ALA C 577 27.32 -20.05 46.31
N GLU C 578 26.61 -20.96 46.95
CA GLU C 578 26.68 -22.38 46.64
C GLU C 578 25.27 -22.96 46.63
N VAL C 579 25.08 -23.99 45.82
CA VAL C 579 23.80 -24.67 45.76
C VAL C 579 23.89 -25.83 46.74
N THR C 580 23.33 -25.64 47.93
CA THR C 580 23.40 -26.65 48.97
C THR C 580 22.27 -27.67 48.81
N ARG C 581 22.28 -28.69 49.66
CA ARG C 581 21.24 -29.71 49.62
C ARG C 581 19.86 -29.10 49.85
N GLU C 582 19.78 -28.09 50.72
CA GLU C 582 18.50 -27.44 51.02
C GLU C 582 17.86 -26.87 49.75
N ASP C 583 18.66 -26.18 48.93
CA ASP C 583 18.13 -25.57 47.72
C ASP C 583 17.71 -26.64 46.71
N ALA C 584 18.52 -27.70 46.57
CA ALA C 584 18.15 -28.82 45.71
C ALA C 584 16.84 -29.44 46.15
N GLU C 585 16.66 -29.61 47.46
CA GLU C 585 15.45 -30.22 47.97
C GLU C 585 14.24 -29.31 47.74
N ARG C 586 14.39 -28.00 47.96
CA ARG C 586 13.30 -27.07 47.69
C ARG C 586 12.92 -27.09 46.21
N ALA C 587 13.94 -27.12 45.34
CA ALA C 587 13.69 -27.21 43.91
C ALA C 587 12.92 -28.48 43.56
N ILE C 588 13.41 -29.62 44.04
CA ILE C 588 12.78 -30.91 43.74
C ILE C 588 11.33 -30.92 44.23
N ASN C 589 11.07 -30.30 45.39
CA ASN C 589 9.73 -30.36 45.94
C ASN C 589 8.76 -29.50 45.14
N ILE C 590 9.17 -28.29 44.73
CA ILE C 590 8.24 -27.51 43.92
C ILE C 590 8.03 -28.15 42.57
N MET C 591 9.07 -28.81 42.02
CA MET C 591 8.88 -29.60 40.82
C MET C 591 7.86 -30.71 41.04
N ARG C 592 7.93 -31.35 42.21
CA ARG C 592 7.00 -32.42 42.52
C ARG C 592 5.58 -31.88 42.65
N LEU C 593 5.43 -30.68 43.20
CA LEU C 593 4.13 -30.02 43.27
C LEU C 593 3.58 -29.72 41.89
N PHE C 594 4.41 -29.10 41.05
CA PHE C 594 4.08 -28.90 39.65
C PHE C 594 3.57 -30.18 39.01
N LEU C 595 4.31 -31.28 39.17
CA LEU C 595 3.91 -32.51 38.51
C LEU C 595 2.62 -33.07 39.09
N GLU C 596 2.37 -32.81 40.37
CA GLU C 596 1.10 -33.23 40.95
C GLU C 596 -0.07 -32.46 40.33
N SER C 597 0.08 -31.16 40.11
CA SER C 597 -1.04 -30.39 39.58
C SER C 597 -1.43 -30.87 38.18
N VAL C 598 -0.44 -31.10 37.31
CA VAL C 598 -0.75 -31.68 36.00
C VAL C 598 -1.05 -33.16 36.08
N GLY C 599 -0.79 -33.80 37.23
CA GLY C 599 -1.23 -35.15 37.45
C GLY C 599 -0.18 -36.26 37.34
N VAL C 600 0.83 -36.24 38.21
CA VAL C 600 1.81 -37.33 38.29
C VAL C 600 2.15 -37.52 39.76
N ASP C 601 1.78 -38.67 40.33
CA ASP C 601 2.16 -38.96 41.71
C ASP C 601 3.60 -39.46 41.76
N MET C 602 4.26 -39.23 42.90
CA MET C 602 5.62 -39.72 43.13
C MET C 602 5.74 -40.44 44.48
N GLN D 8 -15.83 64.09 27.77
CA GLN D 8 -15.44 62.78 27.26
C GLN D 8 -15.13 61.81 28.40
N ILE D 9 -15.58 60.57 28.26
CA ILE D 9 -15.42 59.53 29.28
C ILE D 9 -15.03 58.23 28.60
N ASP D 10 -13.98 57.57 29.10
CA ASP D 10 -13.54 56.30 28.56
C ASP D 10 -14.38 55.14 29.08
N TYR D 11 -13.74 53.98 29.34
CA TYR D 11 -14.47 52.78 29.70
C TYR D 11 -13.85 52.01 30.85
N ARG D 12 -12.75 52.49 31.43
CA ARG D 12 -12.06 51.77 32.50
C ARG D 12 -12.85 51.77 33.80
N ASP D 13 -13.42 52.92 34.16
CA ASP D 13 -14.14 53.05 35.41
C ASP D 13 -15.37 52.15 35.46
N VAL D 14 -16.11 52.05 34.35
CA VAL D 14 -17.31 51.23 34.33
C VAL D 14 -16.97 49.77 34.64
N PHE D 15 -15.91 49.24 34.01
CA PHE D 15 -15.56 47.85 34.26
C PHE D 15 -15.01 47.65 35.66
N ILE D 16 -14.21 48.60 36.16
CA ILE D 16 -13.66 48.45 37.50
C ILE D 16 -14.78 48.49 38.54
N GLU D 17 -15.78 49.35 38.34
CA GLU D 17 -16.94 49.40 39.21
C GLU D 17 -17.75 48.12 39.14
N PHE D 18 -17.96 47.60 37.92
CA PHE D 18 -18.67 46.35 37.74
C PHE D 18 -17.96 45.21 38.49
N LEU D 19 -16.63 45.18 38.42
CA LEU D 19 -15.90 44.16 39.13
C LEU D 19 -16.04 44.32 40.64
N THR D 20 -15.75 45.52 41.16
CA THR D 20 -15.62 45.66 42.61
C THR D 20 -16.95 45.73 43.36
N THR D 21 -17.93 46.46 42.82
CA THR D 21 -19.13 46.78 43.58
C THR D 21 -20.43 46.23 43.00
N PHE D 22 -20.41 45.64 41.82
CA PHE D 22 -21.63 45.12 41.20
C PHE D 22 -22.23 43.99 42.01
N LYS D 23 -23.43 44.21 42.54
CA LYS D 23 -24.15 43.14 43.20
C LYS D 23 -24.61 42.14 42.15
N GLY D 24 -24.35 40.86 42.40
CA GLY D 24 -24.71 39.83 41.44
C GLY D 24 -26.18 39.49 41.42
N ASN D 25 -26.49 38.19 41.48
CA ASN D 25 -27.88 37.76 41.50
C ASN D 25 -28.44 37.80 42.92
N ASN D 26 -27.61 37.51 43.92
CA ASN D 26 -28.02 37.52 45.31
C ASN D 26 -27.35 38.66 46.08
N ASN D 27 -27.04 39.76 45.37
CA ASN D 27 -26.30 40.89 45.94
C ASN D 27 -24.99 40.38 46.57
N GLN D 28 -24.14 39.81 45.71
CA GLN D 28 -22.96 39.08 46.17
C GLN D 28 -21.62 39.77 45.92
N ASN D 29 -21.59 40.83 45.12
CA ASN D 29 -20.34 41.38 44.62
C ASN D 29 -19.53 40.26 43.95
N LYS D 30 -20.17 39.68 42.94
CA LYS D 30 -19.68 38.46 42.30
C LYS D 30 -18.26 38.62 41.77
N TYR D 31 -17.96 39.76 41.14
CA TYR D 31 -16.74 39.88 40.38
C TYR D 31 -15.55 40.39 41.19
N ILE D 32 -15.76 41.13 42.28
CA ILE D 32 -14.64 41.36 43.20
C ILE D 32 -14.27 40.04 43.87
N GLU D 33 -15.23 39.13 44.03
CA GLU D 33 -14.95 37.79 44.53
C GLU D 33 -14.14 36.98 43.51
N ARG D 34 -14.54 37.05 42.24
CA ARG D 34 -13.76 36.34 41.22
C ARG D 34 -12.36 36.92 41.07
N ILE D 35 -12.22 38.25 41.18
CA ILE D 35 -10.90 38.86 41.13
C ILE D 35 -10.05 38.40 42.32
N ASN D 36 -10.65 38.39 43.52
CA ASN D 36 -9.92 37.94 44.70
C ASN D 36 -9.44 36.51 44.54
N GLU D 37 -10.32 35.62 44.05
CA GLU D 37 -9.93 34.24 43.82
C GLU D 37 -8.82 34.13 42.76
N LEU D 38 -8.90 34.95 41.72
CA LEU D 38 -7.88 34.95 40.67
C LEU D 38 -6.52 35.32 41.24
N VAL D 39 -6.49 36.36 42.07
CA VAL D 39 -5.22 36.78 42.66
C VAL D 39 -4.73 35.74 43.65
N ALA D 40 -5.65 35.07 44.36
CA ALA D 40 -5.27 34.05 45.33
C ALA D 40 -4.57 32.88 44.65
N TYR D 41 -5.19 32.29 43.62
CA TYR D 41 -4.60 31.12 42.98
C TYR D 41 -3.53 31.44 41.93
N ARG D 42 -3.20 32.71 41.72
CA ARG D 42 -2.16 33.12 40.76
C ARG D 42 -2.42 32.60 39.35
N LYS D 43 -3.67 32.42 38.99
CA LYS D 43 -4.01 32.11 37.61
C LYS D 43 -4.21 33.41 36.83
N LYS D 44 -3.92 33.35 35.54
CA LYS D 44 -3.78 34.54 34.70
C LYS D 44 -4.97 34.75 33.78
N SER D 45 -6.18 34.46 34.27
CA SER D 45 -7.36 34.50 33.42
C SER D 45 -8.60 34.75 34.27
N LEU D 46 -9.34 35.79 33.92
CA LEU D 46 -10.58 36.17 34.59
C LEU D 46 -11.76 35.90 33.68
N ILE D 47 -12.69 35.06 34.12
CA ILE D 47 -13.87 34.71 33.35
C ILE D 47 -15.01 35.60 33.80
N ILE D 48 -15.67 36.25 32.85
CA ILE D 48 -16.82 37.09 33.12
C ILE D 48 -17.98 36.66 32.23
N GLU D 49 -19.16 36.57 32.83
CA GLU D 49 -20.37 36.22 32.08
C GLU D 49 -20.83 37.41 31.25
N PHE D 50 -21.26 37.14 30.01
CA PHE D 50 -21.68 38.23 29.13
C PHE D 50 -22.98 38.87 29.59
N SER D 51 -23.90 38.07 30.14
CA SER D 51 -25.20 38.61 30.55
C SER D 51 -25.05 39.63 31.68
N ASP D 52 -24.10 39.41 32.60
CA ASP D 52 -23.89 40.36 33.69
C ASP D 52 -23.33 41.70 33.17
N VAL D 53 -22.40 41.64 32.23
CA VAL D 53 -21.86 42.87 31.64
C VAL D 53 -22.93 43.61 30.84
N LEU D 54 -23.76 42.88 30.10
CA LEU D 54 -24.86 43.51 29.40
C LEU D 54 -25.88 44.09 30.38
N SER D 55 -26.02 43.48 31.55
CA SER D 55 -26.91 43.95 32.61
C SER D 55 -26.37 45.17 33.37
N PHE D 56 -25.05 45.41 33.33
CA PHE D 56 -24.52 46.57 34.04
C PHE D 56 -24.40 47.78 33.11
N ASN D 57 -23.66 47.65 32.01
CA ASN D 57 -23.44 48.77 31.08
C ASN D 57 -23.43 48.24 29.65
N GLU D 58 -24.49 48.55 28.90
CA GLU D 58 -24.64 48.07 27.52
C GLU D 58 -23.51 48.53 26.60
N ASN D 59 -23.01 49.75 26.81
CA ASN D 59 -21.98 50.30 25.91
C ASN D 59 -20.72 49.45 25.92
N LEU D 60 -20.34 48.95 27.11
CA LEU D 60 -19.16 48.09 27.22
C LEU D 60 -19.36 46.78 26.46
N ALA D 61 -20.55 46.18 26.56
CA ALA D 61 -20.82 44.94 25.85
C ALA D 61 -20.80 45.12 24.33
N TYR D 62 -21.41 46.21 23.84
CA TYR D 62 -21.39 46.42 22.39
C TYR D 62 -19.96 46.68 21.91
N GLU D 63 -19.17 47.43 22.68
CA GLU D 63 -17.77 47.65 22.33
C GLU D 63 -17.00 46.34 22.32
N ILE D 64 -17.36 45.42 23.22
CA ILE D 64 -16.72 44.12 23.29
C ILE D 64 -17.05 43.28 22.05
N ILE D 65 -18.31 43.28 21.63
CA ILE D 65 -18.71 42.38 20.53
C ILE D 65 -18.26 42.92 19.18
N ASN D 66 -18.50 44.20 18.90
CA ASN D 66 -18.27 44.66 17.53
C ASN D 66 -16.87 45.21 17.29
N ASN D 67 -16.24 45.81 18.29
CA ASN D 67 -14.92 46.43 18.15
C ASN D 67 -13.85 45.72 18.98
N THR D 68 -13.86 44.37 18.96
CA THR D 68 -13.04 43.60 19.91
C THR D 68 -11.54 43.84 19.72
N LYS D 69 -11.09 43.90 18.47
CA LYS D 69 -9.65 43.82 18.17
C LYS D 69 -8.86 44.93 18.85
N ILE D 70 -9.42 46.14 18.90
CA ILE D 70 -8.68 47.28 19.44
C ILE D 70 -9.18 47.62 20.85
N ILE D 71 -10.43 47.26 21.16
CA ILE D 71 -10.98 47.53 22.49
C ILE D 71 -10.42 46.58 23.53
N LEU D 72 -9.94 45.40 23.13
CA LEU D 72 -9.54 44.38 24.10
C LEU D 72 -8.28 44.73 24.89
N PRO D 73 -7.19 45.23 24.29
CA PRO D 73 -5.99 45.52 25.09
C PRO D 73 -6.22 46.56 26.18
N ILE D 74 -7.12 47.52 25.93
CA ILE D 74 -7.40 48.55 26.93
C ILE D 74 -8.07 47.94 28.16
N LEU D 75 -9.06 47.06 27.93
CA LEU D 75 -9.72 46.38 29.04
C LEU D 75 -8.75 45.48 29.80
N GLU D 76 -7.87 44.77 29.08
CA GLU D 76 -6.91 43.91 29.77
C GLU D 76 -5.93 44.73 30.61
N GLY D 77 -5.51 45.89 30.10
CA GLY D 77 -4.64 46.75 30.88
C GLY D 77 -5.32 47.32 32.12
N ALA D 78 -6.58 47.72 31.98
CA ALA D 78 -7.34 48.18 33.14
C ALA D 78 -7.45 47.08 34.19
N LEU D 79 -7.71 45.83 33.77
CA LEU D 79 -7.80 44.74 34.72
C LEU D 79 -6.47 44.49 35.43
N TYR D 80 -5.35 44.54 34.68
CA TYR D 80 -4.05 44.34 35.31
C TYR D 80 -3.74 45.44 36.31
N ASP D 81 -4.07 46.69 35.96
CA ASP D 81 -3.86 47.80 36.89
C ASP D 81 -4.71 47.66 38.15
N HIS D 82 -5.99 47.31 38.00
CA HIS D 82 -6.84 47.10 39.17
C HIS D 82 -6.30 45.98 40.05
N ILE D 83 -5.83 44.88 39.45
CA ILE D 83 -5.29 43.77 40.22
C ILE D 83 -4.04 44.21 40.98
N LEU D 84 -3.14 44.94 40.32
CA LEU D 84 -1.92 45.39 40.98
C LEU D 84 -2.19 46.47 42.02
N GLN D 85 -3.29 47.20 41.88
CA GLN D 85 -3.72 48.11 42.95
C GLN D 85 -4.29 47.33 44.13
N LEU D 86 -5.04 46.26 43.84
CA LEU D 86 -5.60 45.42 44.90
C LEU D 86 -4.50 44.70 45.68
N ASP D 87 -3.47 44.23 44.98
CA ASP D 87 -2.38 43.48 45.60
C ASP D 87 -1.13 43.64 44.73
N PRO D 88 -0.20 44.53 45.10
CA PRO D 88 1.04 44.67 44.33
C PRO D 88 1.93 43.43 44.33
N THR D 89 1.67 42.43 45.19
CA THR D 89 2.46 41.20 45.19
C THR D 89 2.26 40.34 43.94
N TYR D 90 1.21 40.60 43.15
CA TYR D 90 1.06 39.93 41.86
C TYR D 90 2.21 40.26 40.91
N GLN D 91 2.72 41.49 40.99
CA GLN D 91 3.89 41.91 40.25
C GLN D 91 5.07 40.96 40.49
N ARG D 92 5.96 40.88 39.50
CA ARG D 92 7.16 40.06 39.48
C ARG D 92 6.86 38.56 39.51
N ASP D 93 5.58 38.17 39.48
CA ASP D 93 5.15 36.78 39.30
C ASP D 93 4.51 36.51 37.96
N ILE D 94 3.66 37.41 37.47
CA ILE D 94 2.93 37.28 36.21
C ILE D 94 2.93 38.63 35.51
N GLU D 95 3.37 38.64 34.26
CA GLU D 95 3.58 39.87 33.51
C GLU D 95 2.40 40.29 32.62
N LYS D 96 1.52 39.37 32.23
CA LYS D 96 0.39 39.69 31.37
C LYS D 96 -0.84 38.90 31.80
N VAL D 97 -1.98 39.56 31.89
CA VAL D 97 -3.26 38.89 32.18
C VAL D 97 -4.15 38.92 30.94
N HIS D 98 -5.24 38.16 30.99
CA HIS D 98 -6.20 38.01 29.89
C HIS D 98 -7.62 38.27 30.39
N VAL D 99 -8.41 38.97 29.59
CA VAL D 99 -9.83 39.18 29.85
C VAL D 99 -10.62 38.31 28.88
N ARG D 100 -11.14 37.19 29.36
CA ARG D 100 -11.85 36.21 28.54
C ARG D 100 -13.36 36.36 28.74
N ILE D 101 -14.06 36.81 27.70
CA ILE D 101 -15.51 37.00 27.75
C ILE D 101 -16.21 35.69 27.35
N VAL D 102 -17.18 35.27 28.15
CA VAL D 102 -17.86 33.98 27.96
C VAL D 102 -19.34 34.21 27.72
N GLY D 103 -19.96 33.23 27.06
CA GLY D 103 -21.39 33.20 26.78
C GLY D 103 -22.01 34.39 26.07
N ILE D 104 -21.49 34.76 24.92
CA ILE D 104 -22.08 35.84 24.13
C ILE D 104 -23.03 35.21 23.12
N PRO D 105 -23.95 35.98 22.51
CA PRO D 105 -24.75 35.42 21.40
C PRO D 105 -23.91 35.19 20.16
N ARG D 106 -24.47 35.44 18.98
CA ARG D 106 -23.74 35.27 17.71
C ARG D 106 -23.17 33.87 17.58
N VAL D 107 -23.88 32.88 18.12
CA VAL D 107 -23.47 31.47 18.08
C VAL D 107 -23.84 30.93 16.70
N ILE D 108 -22.86 30.84 15.82
CA ILE D 108 -23.09 30.46 14.42
C ILE D 108 -22.89 28.97 14.26
N GLU D 109 -23.79 28.34 13.51
CA GLU D 109 -23.65 26.93 13.20
C GLU D 109 -22.38 26.70 12.39
N LEU D 110 -21.66 25.62 12.72
CA LEU D 110 -20.32 25.42 12.17
C LEU D 110 -20.32 25.45 10.65
N ARG D 111 -21.27 24.75 10.03
CA ARG D 111 -21.32 24.69 8.57
C ARG D 111 -21.77 26.02 7.96
N LYS D 112 -22.60 26.79 8.68
CA LYS D 112 -23.23 27.99 8.15
C LYS D 112 -22.46 29.28 8.46
N ILE D 113 -21.21 29.20 8.90
CA ILE D 113 -20.47 30.43 9.10
C ILE D 113 -20.07 30.96 7.72
N ARG D 114 -20.04 32.27 7.56
CA ARG D 114 -19.80 32.84 6.23
C ARG D 114 -18.81 34.01 6.34
N SER D 115 -18.66 34.71 5.20
CA SER D 115 -17.69 35.81 5.11
C SER D 115 -18.02 36.91 6.10
N THR D 116 -19.30 37.29 6.18
CA THR D 116 -19.73 38.41 7.02
C THR D 116 -19.44 38.18 8.50
N ASP D 117 -18.99 36.98 8.87
CA ASP D 117 -18.69 36.61 10.23
C ASP D 117 -17.21 36.73 10.58
N ILE D 118 -16.36 37.07 9.60
CA ILE D 118 -14.91 37.22 9.79
C ILE D 118 -14.62 38.51 10.55
N GLY D 119 -13.67 38.44 11.48
CA GLY D 119 -13.24 39.60 12.23
C GLY D 119 -14.09 39.93 13.44
N LYS D 120 -15.28 39.34 13.56
CA LYS D 120 -16.14 39.52 14.71
C LYS D 120 -15.94 38.41 15.73
N LEU D 121 -16.26 38.74 16.97
CA LEU D 121 -16.18 37.77 18.06
C LEU D 121 -17.44 36.91 18.04
N ILE D 122 -17.25 35.60 17.82
CA ILE D 122 -18.33 34.65 17.62
C ILE D 122 -18.10 33.43 18.48
N THR D 123 -19.18 32.67 18.68
CA THR D 123 -19.14 31.41 19.40
C THR D 123 -19.55 30.26 18.48
N ILE D 124 -18.91 29.12 18.64
CA ILE D 124 -19.21 27.92 17.87
C ILE D 124 -19.36 26.75 18.83
N ASP D 125 -20.45 26.03 18.72
CA ASP D 125 -20.74 24.85 19.54
C ASP D 125 -20.39 23.62 18.71
N GLY D 126 -19.47 22.79 19.23
CA GLY D 126 -19.07 21.63 18.46
C GLY D 126 -18.21 20.70 19.30
N ILE D 127 -17.97 19.51 18.74
CA ILE D 127 -17.19 18.48 19.43
C ILE D 127 -15.72 18.65 19.09
N LEU D 128 -14.87 18.65 20.11
CA LEU D 128 -13.42 18.75 19.91
C LEU D 128 -12.85 17.38 19.56
N VAL D 129 -12.24 17.25 18.38
CA VAL D 129 -11.90 15.95 17.83
C VAL D 129 -10.40 15.68 17.77
N LYS D 130 -9.56 16.72 17.77
CA LYS D 130 -8.13 16.52 17.58
C LYS D 130 -7.40 17.71 18.19
N VAL D 131 -6.29 17.46 18.88
CA VAL D 131 -5.45 18.51 19.44
C VAL D 131 -3.99 18.19 19.17
N THR D 132 -3.16 19.22 19.24
CA THR D 132 -1.73 19.06 19.07
C THR D 132 -1.02 19.14 20.41
N PRO D 133 0.23 18.68 20.47
CA PRO D 133 1.07 18.93 21.65
C PRO D 133 1.29 20.43 21.86
N VAL D 134 1.83 20.75 23.02
CA VAL D 134 2.03 22.13 23.43
C VAL D 134 3.34 22.64 22.85
N LYS D 135 3.25 23.59 21.93
CA LYS D 135 4.40 24.18 21.27
C LYS D 135 4.56 25.62 21.76
N GLU D 136 5.51 26.34 21.15
CA GLU D 136 5.81 27.71 21.56
C GLU D 136 5.88 28.63 20.36
N ARG D 137 5.27 29.80 20.47
CA ARG D 137 5.28 30.81 19.42
C ARG D 137 5.98 32.07 19.92
N ILE D 138 6.68 32.75 19.02
CA ILE D 138 7.45 33.95 19.36
C ILE D 138 6.53 35.16 19.30
N TYR D 139 6.57 36.01 20.34
CA TYR D 139 5.92 37.30 20.22
C TYR D 139 6.88 38.48 20.22
N LYS D 140 7.99 38.41 20.96
CA LYS D 140 9.06 39.40 20.89
C LYS D 140 10.34 38.67 20.44
N ALA D 141 10.74 38.86 19.19
CA ALA D 141 11.93 38.18 18.72
C ALA D 141 13.18 38.98 19.07
N THR D 142 14.33 38.29 19.10
CA THR D 142 15.62 38.90 19.38
C THR D 142 16.66 38.39 18.39
N TYR D 143 17.12 39.27 17.51
CA TYR D 143 18.11 38.93 16.50
C TYR D 143 19.50 39.46 16.88
N LYS D 144 20.51 39.00 16.14
CA LYS D 144 21.87 39.52 16.23
C LYS D 144 22.44 39.62 14.82
N HIS D 145 23.01 40.78 14.51
CA HIS D 145 23.58 41.08 13.20
C HIS D 145 24.99 40.49 13.11
N ILE D 146 25.21 39.58 12.16
CA ILE D 146 26.53 38.99 11.98
C ILE D 146 27.34 39.96 11.11
N HIS D 147 28.28 40.67 11.75
CA HIS D 147 29.09 41.69 11.08
C HIS D 147 30.19 42.18 12.00
N PRO D 148 31.42 42.34 11.50
CA PRO D 148 32.52 42.79 12.36
C PRO D 148 32.45 44.27 12.74
N ASP D 149 31.27 44.87 12.62
CA ASP D 149 31.05 46.26 13.01
C ASP D 149 29.86 46.43 13.94
N CYS D 150 28.76 45.75 13.67
CA CYS D 150 27.54 45.89 14.47
C CYS D 150 27.62 45.04 15.73
N MET D 151 27.24 43.76 15.61
CA MET D 151 27.31 42.80 16.71
C MET D 151 26.43 43.20 17.89
N GLN D 152 25.28 43.82 17.61
CA GLN D 152 24.39 44.33 18.63
C GLN D 152 23.11 43.50 18.69
N GLU D 153 22.58 43.30 19.89
CA GLU D 153 21.31 42.63 20.09
C GLU D 153 20.16 43.64 19.97
N PHE D 154 19.08 43.21 19.32
CA PHE D 154 17.93 44.07 19.13
C PHE D 154 16.68 43.23 18.92
N GLU D 155 15.58 43.66 19.54
CA GLU D 155 14.29 43.06 19.24
C GLU D 155 13.84 43.48 17.85
N TRP D 156 13.54 42.51 16.99
CA TRP D 156 13.21 42.88 15.62
C TRP D 156 11.78 43.34 15.45
N PRO D 157 10.75 42.59 15.89
CA PRO D 157 9.38 43.09 15.67
C PRO D 157 9.14 44.42 16.38
N GLU D 158 9.77 45.47 15.85
CA GLU D 158 9.78 46.79 16.47
C GLU D 158 8.53 47.55 16.04
N ASP D 159 7.97 48.31 16.98
CA ASP D 159 6.70 49.01 16.81
C ASP D 159 5.56 48.04 16.50
N GLU D 160 5.82 46.74 16.57
CA GLU D 160 4.85 45.72 16.23
C GLU D 160 5.09 44.49 17.09
N GLU D 161 4.63 43.35 16.61
CA GLU D 161 4.76 42.07 17.26
C GLU D 161 4.93 41.05 16.14
N MET D 162 5.67 39.99 16.40
CA MET D 162 5.91 39.00 15.36
C MET D 162 4.57 38.55 14.76
N PRO D 163 4.37 38.73 13.46
CA PRO D 163 3.11 38.34 12.83
C PRO D 163 3.05 36.83 12.59
N GLU D 164 1.96 36.40 11.98
CA GLU D 164 1.80 34.97 11.67
C GLU D 164 2.92 34.46 10.78
N VAL D 165 3.20 35.15 9.68
CA VAL D 165 4.39 34.85 8.89
C VAL D 165 5.64 35.24 9.69
N LEU D 166 6.71 34.51 9.47
CA LEU D 166 8.00 34.83 10.08
C LEU D 166 8.82 35.63 9.08
N GLU D 167 9.14 36.88 9.43
CA GLU D 167 9.95 37.74 8.59
C GLU D 167 11.12 38.32 9.38
N MET D 168 12.32 38.19 8.84
CA MET D 168 13.55 38.77 9.35
C MET D 168 13.88 40.03 8.58
N PRO D 169 14.60 40.97 9.20
CA PRO D 169 14.87 42.25 8.53
C PRO D 169 15.85 42.12 7.39
N THR D 170 15.82 43.12 6.50
CA THR D 170 16.77 43.26 5.42
C THR D 170 17.76 44.38 5.66
N ILE D 171 17.42 45.35 6.50
CA ILE D 171 18.32 46.45 6.86
C ILE D 171 18.42 46.49 8.38
N CYS D 172 19.65 46.54 8.88
CA CYS D 172 19.92 46.55 10.32
C CYS D 172 19.50 47.88 10.95
N PRO D 173 18.64 47.86 11.98
CA PRO D 173 18.25 49.12 12.63
C PRO D 173 19.30 49.67 13.60
N LYS D 174 20.34 48.90 13.93
CA LYS D 174 21.37 49.37 14.86
C LYS D 174 22.55 50.03 14.17
N CYS D 175 22.73 49.82 12.86
CA CYS D 175 23.83 50.44 12.14
C CYS D 175 23.41 50.91 10.75
N GLY D 176 22.53 50.16 10.09
CA GLY D 176 22.08 50.50 8.76
C GLY D 176 22.69 49.69 7.63
N LYS D 177 23.33 48.56 7.94
CA LYS D 177 24.06 47.75 6.98
C LYS D 177 23.45 46.36 6.92
N PRO D 178 23.11 45.86 5.72
CA PRO D 178 22.52 44.51 5.63
C PRO D 178 23.52 43.38 5.83
N GLY D 179 22.99 42.18 6.04
CA GLY D 179 23.80 40.98 6.23
C GLY D 179 22.97 39.84 6.81
N GLN D 180 23.66 38.92 7.50
CA GLN D 180 23.02 37.76 8.12
C GLN D 180 22.50 38.09 9.51
N PHE D 181 21.35 37.50 9.87
CA PHE D 181 20.71 37.72 11.15
C PHE D 181 20.47 36.39 11.85
N ARG D 182 20.99 36.25 13.07
CA ARG D 182 20.86 35.02 13.86
C ARG D 182 19.89 35.24 15.02
N LEU D 183 18.99 34.28 15.23
CA LEU D 183 18.03 34.36 16.32
C LEU D 183 18.68 34.04 17.66
N ILE D 184 18.44 34.90 18.66
CA ILE D 184 18.89 34.66 20.03
C ILE D 184 17.67 34.24 20.84
N PRO D 185 17.58 32.98 21.28
CA PRO D 185 16.39 32.54 22.03
C PRO D 185 16.29 33.00 23.48
N GLU D 186 17.39 33.41 24.12
CA GLU D 186 17.31 33.78 25.53
C GLU D 186 16.53 35.07 25.73
N LYS D 187 16.83 36.11 24.95
CA LYS D 187 16.15 37.40 25.10
C LYS D 187 14.89 37.48 24.27
N THR D 188 14.36 36.33 23.86
CA THR D 188 13.14 36.23 23.08
C THR D 188 12.03 35.71 23.98
N LYS D 189 10.83 36.26 23.81
CA LYS D 189 9.71 35.96 24.68
C LYS D 189 8.63 35.22 23.90
N LEU D 190 8.12 34.15 24.49
CA LEU D 190 7.26 33.21 23.81
C LEU D 190 5.94 33.06 24.55
N ILE D 191 4.93 32.62 23.81
CA ILE D 191 3.62 32.28 24.36
C ILE D 191 3.33 30.84 23.99
N ASP D 192 2.79 30.09 24.96
CA ASP D 192 2.39 28.71 24.72
C ASP D 192 1.37 28.65 23.59
N TRP D 193 1.32 27.52 22.90
CA TRP D 193 0.55 27.43 21.66
C TRP D 193 0.04 26.01 21.45
N GLN D 194 -1.21 25.90 21.00
CA GLN D 194 -1.82 24.61 20.75
C GLN D 194 -2.88 24.73 19.67
N LYS D 195 -2.82 23.84 18.69
CA LYS D 195 -3.82 23.76 17.63
C LYS D 195 -4.83 22.67 17.98
N ALA D 196 -6.10 22.94 17.73
CA ALA D 196 -7.15 21.96 17.95
C ALA D 196 -8.11 22.00 16.78
N VAL D 197 -8.88 20.93 16.66
CA VAL D 197 -9.89 20.81 15.60
C VAL D 197 -11.23 20.53 16.26
N ILE D 198 -12.27 21.23 15.80
CA ILE D 198 -13.63 20.95 16.23
C ILE D 198 -14.47 20.62 14.99
N GLN D 199 -15.43 19.72 15.18
CA GLN D 199 -16.36 19.39 14.09
C GLN D 199 -17.79 19.58 14.61
N GLU D 200 -18.71 19.76 13.66
CA GLU D 200 -20.07 20.11 14.03
C GLU D 200 -20.75 18.97 14.78
N ARG D 201 -21.65 19.33 15.67
CA ARG D 201 -22.35 18.32 16.43
C ARG D 201 -23.09 17.38 15.49
N PRO D 202 -23.16 16.08 15.79
CA PRO D 202 -23.77 15.14 14.84
C PRO D 202 -25.20 15.49 14.45
N GLU D 203 -25.95 16.13 15.35
CA GLU D 203 -27.31 16.54 15.02
C GLU D 203 -27.35 17.68 14.02
N GLU D 204 -26.22 18.32 13.74
CA GLU D 204 -26.13 19.48 12.86
C GLU D 204 -25.70 19.13 11.43
N VAL D 205 -25.23 17.92 11.20
CA VAL D 205 -24.70 17.54 9.88
C VAL D 205 -25.86 17.32 8.93
N PRO D 206 -25.87 17.97 7.77
CA PRO D 206 -26.98 17.83 6.82
C PRO D 206 -27.12 16.41 6.30
N SER D 207 -28.28 16.16 5.71
CA SER D 207 -28.65 14.83 5.25
C SER D 207 -27.65 14.31 4.21
N GLY D 208 -27.15 13.10 4.45
CA GLY D 208 -26.28 12.40 3.52
C GLY D 208 -24.91 13.00 3.32
N GLN D 209 -24.60 14.11 4.00
CA GLN D 209 -23.33 14.79 3.87
C GLN D 209 -22.38 14.42 5.00
N LEU D 210 -21.09 14.79 4.83
CA LEU D 210 -20.06 14.51 5.82
C LEU D 210 -19.80 15.74 6.69
N PRO D 211 -19.44 15.54 7.96
CA PRO D 211 -19.32 16.67 8.89
C PRO D 211 -18.15 17.59 8.56
N ARG D 212 -18.40 18.90 8.69
CA ARG D 212 -17.35 19.88 8.48
C ARG D 212 -16.53 20.05 9.74
N GLN D 213 -15.32 20.56 9.56
CA GLN D 213 -14.41 20.83 10.67
C GLN D 213 -13.89 22.26 10.58
N LEU D 214 -13.39 22.74 11.70
CA LEU D 214 -12.83 24.08 11.81
C LEU D 214 -11.64 24.02 12.74
N GLU D 215 -10.56 24.66 12.33
CA GLU D 215 -9.32 24.69 13.08
C GLU D 215 -9.34 25.88 14.04
N ILE D 216 -9.00 25.62 15.31
CA ILE D 216 -8.99 26.64 16.35
C ILE D 216 -7.62 26.66 17.02
N ILE D 217 -7.21 27.82 17.52
CA ILE D 217 -5.90 28.02 18.11
C ILE D 217 -6.04 28.57 19.52
N LEU D 218 -5.41 27.90 20.49
CA LEU D 218 -5.41 28.26 21.90
C LEU D 218 -4.00 28.68 22.32
N GLU D 219 -3.89 29.83 22.96
CA GLU D 219 -2.60 30.35 23.40
C GLU D 219 -2.63 30.66 24.90
N ASP D 220 -1.44 30.74 25.48
CA ASP D 220 -1.22 31.00 26.91
C ASP D 220 -2.00 29.95 27.71
N ASP D 221 -2.73 30.34 28.76
CA ASP D 221 -3.35 29.39 29.69
C ASP D 221 -4.51 28.61 29.07
N LEU D 222 -4.91 28.92 27.84
CA LEU D 222 -5.95 28.15 27.17
C LEU D 222 -5.47 26.77 26.74
N VAL D 223 -4.16 26.56 26.68
CA VAL D 223 -3.64 25.28 26.22
C VAL D 223 -4.11 24.16 27.15
N ASP D 224 -4.54 23.04 26.54
CA ASP D 224 -4.93 21.85 27.29
C ASP D 224 -6.09 22.14 28.24
N SER D 225 -7.03 22.97 27.78
CA SER D 225 -8.19 23.31 28.57
C SER D 225 -9.40 22.44 28.26
N ALA D 226 -9.27 21.51 27.31
CA ALA D 226 -10.31 20.54 27.02
C ALA D 226 -9.67 19.34 26.34
N ARG D 227 -10.25 18.17 26.57
CA ARG D 227 -9.69 16.93 26.05
C ARG D 227 -10.42 16.50 24.80
N PRO D 228 -9.76 15.71 23.94
CA PRO D 228 -10.44 15.18 22.75
C PRO D 228 -11.68 14.39 23.15
N GLY D 229 -12.79 14.67 22.47
CA GLY D 229 -14.08 14.10 22.78
C GLY D 229 -15.02 15.05 23.50
N ASP D 230 -14.48 16.00 24.25
CA ASP D 230 -15.31 16.96 24.97
C ASP D 230 -16.10 17.84 24.00
N ARG D 231 -17.38 18.01 24.28
CA ARG D 231 -18.20 18.96 23.55
C ARG D 231 -17.94 20.36 24.09
N VAL D 232 -17.45 21.25 23.24
CA VAL D 232 -16.98 22.56 23.65
C VAL D 232 -17.78 23.65 22.95
N LYS D 233 -17.64 24.87 23.50
CA LYS D 233 -18.28 26.10 23.02
C LYS D 233 -17.17 27.13 22.92
N VAL D 234 -16.57 27.26 21.74
CA VAL D 234 -15.40 28.10 21.57
C VAL D 234 -15.83 29.50 21.16
N THR D 235 -15.27 30.51 21.82
CA THR D 235 -15.49 31.91 21.46
C THR D 235 -14.17 32.50 20.96
N GLY D 236 -14.25 33.31 19.92
CA GLY D 236 -13.03 33.87 19.35
C GLY D 236 -13.30 34.64 18.08
N ILE D 237 -12.23 34.91 17.34
CA ILE D 237 -12.30 35.73 16.13
C ILE D 237 -11.72 34.95 14.98
N LEU D 238 -12.36 35.05 13.81
CA LEU D 238 -12.02 34.28 12.63
C LEU D 238 -10.99 34.98 11.76
N ASP D 239 -10.20 34.18 11.06
CA ASP D 239 -9.15 34.67 10.17
C ASP D 239 -8.86 33.62 9.10
N ILE D 240 -7.98 33.98 8.15
CA ILE D 240 -7.63 33.15 7.00
C ILE D 240 -6.29 32.47 7.23
N LYS D 241 -6.20 31.21 6.81
CA LYS D 241 -5.05 30.34 7.07
C LYS D 241 -3.98 30.54 5.98
N GLN D 242 -2.77 30.92 6.40
CA GLN D 242 -1.66 31.18 5.50
C GLN D 242 -0.57 30.13 5.73
N ASP D 243 -0.25 29.36 4.70
CA ASP D 243 0.77 28.31 4.78
C ASP D 243 2.11 28.73 4.20
N SER D 244 2.14 29.70 3.29
CA SER D 244 3.34 30.27 2.70
C SER D 244 2.96 31.43 1.78
N PRO D 245 2.47 32.54 2.34
CA PRO D 245 1.92 33.62 1.52
C PRO D 245 2.90 34.68 1.04
N VAL D 246 4.14 34.69 1.54
CA VAL D 246 5.07 35.74 1.14
C VAL D 246 5.53 35.54 -0.30
N LYS D 247 5.33 34.34 -0.85
CA LYS D 247 5.64 34.06 -2.24
C LYS D 247 4.32 34.02 -3.01
N ARG D 248 4.37 34.38 -4.28
CA ARG D 248 3.17 34.52 -5.11
C ARG D 248 2.72 33.22 -5.75
N GLY D 249 2.23 33.30 -6.99
CA GLY D 249 1.77 32.13 -7.73
C GLY D 249 0.38 31.61 -7.36
N SER D 250 -0.64 32.43 -7.64
CA SER D 250 -2.05 32.10 -7.44
C SER D 250 -2.37 31.88 -5.97
N ARG D 251 -3.37 31.03 -5.68
CA ARG D 251 -3.80 30.74 -4.32
C ARG D 251 -4.33 31.99 -3.63
N ALA D 252 -5.27 32.67 -4.30
CA ALA D 252 -5.96 33.79 -3.68
C ALA D 252 -7.05 33.34 -2.71
N VAL D 253 -7.18 32.04 -2.46
CA VAL D 253 -8.23 31.47 -1.64
C VAL D 253 -7.60 30.94 -0.36
N PHE D 254 -8.35 31.03 0.73
CA PHE D 254 -7.83 30.66 2.05
C PHE D 254 -8.86 29.85 2.83
N ASP D 255 -8.36 29.14 3.84
CA ASP D 255 -9.16 28.39 4.80
C ASP D 255 -9.47 29.26 6.03
N ILE D 256 -10.39 28.79 6.86
CA ILE D 256 -10.85 29.52 8.05
C ILE D 256 -10.16 28.94 9.27
N TYR D 257 -9.79 29.81 10.20
CA TYR D 257 -9.37 29.37 11.53
C TYR D 257 -9.84 30.39 12.56
N MET D 258 -9.92 29.94 13.81
CA MET D 258 -10.37 30.78 14.92
C MET D 258 -9.22 31.02 15.90
N LYS D 259 -8.86 32.27 16.13
CA LYS D 259 -8.07 32.61 17.31
C LYS D 259 -9.01 32.62 18.51
N VAL D 260 -8.79 31.70 19.47
CA VAL D 260 -9.71 31.49 20.57
C VAL D 260 -9.41 32.48 21.67
N SER D 261 -10.46 33.07 22.22
CA SER D 261 -10.35 33.87 23.41
C SER D 261 -11.09 33.28 24.60
N SER D 262 -11.95 32.28 24.37
CA SER D 262 -12.81 31.75 25.42
C SER D 262 -13.27 30.36 25.03
N ILE D 263 -13.39 29.49 26.03
CA ILE D 263 -13.81 28.11 25.81
C ILE D 263 -14.43 27.59 27.11
N GLU D 264 -15.51 26.84 26.98
CA GLU D 264 -16.19 26.22 28.10
C GLU D 264 -16.66 24.83 27.70
N VAL D 265 -16.66 23.92 28.66
CA VAL D 265 -16.89 22.50 28.39
C VAL D 265 -18.34 22.17 28.72
N SER D 266 -18.84 21.09 28.13
CA SER D 266 -20.23 20.64 28.24
C SER D 266 -21.17 21.62 27.52
N SER D 273 -22.68 26.95 36.29
CA SER D 273 -22.18 25.72 36.90
C SER D 273 -22.08 25.92 38.42
N GLU D 274 -23.14 26.42 39.02
CA GLU D 274 -23.09 26.77 40.43
C GLU D 274 -24.33 26.28 41.18
N GLU D 275 -25.52 26.64 40.69
CA GLU D 275 -26.76 26.14 41.26
C GLU D 275 -26.88 24.64 41.14
N ASP D 276 -26.13 24.02 40.21
CA ASP D 276 -26.23 22.58 40.00
C ASP D 276 -25.90 21.78 41.26
N GLU D 277 -24.88 22.19 42.02
CA GLU D 277 -24.55 21.42 43.22
C GLU D 277 -25.69 21.42 44.23
N LYS D 278 -26.21 22.61 44.54
CA LYS D 278 -27.30 22.71 45.50
C LYS D 278 -28.55 22.00 44.97
N LYS D 279 -28.79 22.06 43.67
CA LYS D 279 -29.96 21.38 43.10
C LYS D 279 -29.84 19.87 43.18
N ILE D 280 -28.66 19.32 42.85
CA ILE D 280 -28.54 17.87 42.93
C ILE D 280 -28.55 17.41 44.38
N LYS D 281 -28.00 18.22 45.30
CA LYS D 281 -28.12 17.87 46.72
C LYS D 281 -29.59 17.84 47.14
N ASP D 282 -30.36 18.85 46.73
CA ASP D 282 -31.79 18.84 47.00
C ASP D 282 -32.45 17.60 46.43
N LEU D 283 -31.97 17.16 45.26
CA LEU D 283 -32.48 15.92 44.68
C LEU D 283 -32.14 14.73 45.58
N ALA D 284 -30.91 14.69 46.11
CA ALA D 284 -30.48 13.55 46.91
C ALA D 284 -31.06 13.55 48.32
N LYS D 285 -31.66 14.66 48.75
CA LYS D 285 -32.35 14.63 50.03
C LYS D 285 -33.61 13.78 49.94
N ASP D 286 -34.06 13.46 48.74
CA ASP D 286 -35.24 12.66 48.53
C ASP D 286 -35.06 11.27 49.15
N PRO D 287 -35.97 10.81 50.00
CA PRO D 287 -35.84 9.46 50.56
C PRO D 287 -35.97 8.36 49.52
N TRP D 288 -36.57 8.64 48.36
CA TRP D 288 -36.73 7.68 47.28
C TRP D 288 -35.92 8.07 46.04
N ILE D 289 -34.76 8.71 46.23
CA ILE D 289 -34.02 9.23 45.08
C ILE D 289 -33.61 8.11 44.14
N ARG D 290 -33.32 6.91 44.68
CA ARG D 290 -32.90 5.81 43.83
C ARG D 290 -34.00 5.41 42.86
N ASP D 291 -35.23 5.30 43.35
CA ASP D 291 -36.33 4.93 42.48
C ASP D 291 -36.64 6.00 41.45
N ARG D 292 -36.50 7.28 41.82
CA ARG D 292 -36.72 8.34 40.83
C ARG D 292 -35.70 8.25 39.71
N ILE D 293 -34.42 8.13 40.05
CA ILE D 293 -33.40 7.98 39.00
C ILE D 293 -33.73 6.78 38.13
N ILE D 294 -34.04 5.64 38.76
CA ILE D 294 -34.30 4.42 37.99
C ILE D 294 -35.49 4.61 37.05
N SER D 295 -36.54 5.28 37.51
CA SER D 295 -37.63 5.53 36.61
C SER D 295 -37.29 6.59 35.57
N SER D 296 -36.21 7.35 35.75
CA SER D 296 -35.80 8.32 34.74
C SER D 296 -34.96 7.71 33.63
N ILE D 297 -34.67 6.41 33.70
CA ILE D 297 -33.79 5.73 32.77
C ILE D 297 -34.61 5.13 31.64
N ALA D 298 -34.37 5.61 30.42
CA ALA D 298 -35.09 5.18 29.23
C ALA D 298 -36.61 5.31 29.44
N PRO D 299 -37.12 6.53 29.65
CA PRO D 299 -38.52 6.67 30.07
C PRO D 299 -39.53 6.27 29.01
N SER D 300 -39.12 6.16 27.74
CA SER D 300 -40.02 5.79 26.66
C SER D 300 -40.11 4.28 26.45
N ILE D 301 -39.67 3.50 27.43
CA ILE D 301 -39.65 2.04 27.35
C ILE D 301 -40.57 1.49 28.42
N TYR D 302 -41.55 0.69 28.01
CA TYR D 302 -42.46 0.04 28.94
C TYR D 302 -41.77 -1.15 29.60
N GLY D 303 -41.62 -1.11 30.92
CA GLY D 303 -41.06 -2.25 31.63
C GLY D 303 -39.55 -2.28 31.68
N HIS D 304 -38.98 -3.50 31.70
CA HIS D 304 -37.53 -3.71 31.78
C HIS D 304 -36.92 -2.95 32.96
N TRP D 305 -37.57 -3.07 34.11
CA TRP D 305 -37.16 -2.30 35.28
C TRP D 305 -35.84 -2.82 35.85
N GLU D 306 -35.63 -4.14 35.84
CA GLU D 306 -34.36 -4.67 36.28
C GLU D 306 -33.22 -4.12 35.43
N LEU D 307 -33.44 -4.02 34.12
CA LEU D 307 -32.43 -3.46 33.23
C LEU D 307 -32.23 -1.98 33.49
N LYS D 308 -33.31 -1.24 33.76
CA LYS D 308 -33.16 0.19 34.06
C LYS D 308 -32.34 0.38 35.32
N GLU D 309 -32.58 -0.46 36.34
CA GLU D 309 -31.78 -0.41 37.56
C GLU D 309 -30.31 -0.71 37.30
N ALA D 310 -30.03 -1.79 36.57
CA ALA D 310 -28.66 -2.16 36.30
C ALA D 310 -27.94 -1.07 35.49
N LEU D 311 -28.64 -0.47 34.53
CA LEU D 311 -28.03 0.60 33.75
C LEU D 311 -27.73 1.81 34.62
N ALA D 312 -28.63 2.13 35.54
CA ALA D 312 -28.34 3.24 36.46
C ALA D 312 -27.10 2.92 37.29
N LEU D 313 -26.99 1.67 37.76
CA LEU D 313 -25.82 1.25 38.53
C LEU D 313 -24.54 1.41 37.73
N ALA D 314 -24.52 0.90 36.50
CA ALA D 314 -23.33 1.04 35.67
C ALA D 314 -23.02 2.51 35.39
N LEU D 315 -24.06 3.35 35.35
CA LEU D 315 -23.85 4.79 35.18
C LEU D 315 -23.08 5.37 36.36
N PHE D 316 -23.45 4.97 37.58
CA PHE D 316 -22.84 5.52 38.78
C PHE D 316 -21.57 4.76 39.19
N GLY D 317 -21.63 3.43 39.21
CA GLY D 317 -20.45 2.63 39.51
C GLY D 317 -19.87 2.64 40.92
N GLY D 318 -19.18 1.55 41.25
CA GLY D 318 -18.50 1.43 42.53
C GLY D 318 -17.24 2.26 42.59
N VAL D 319 -16.39 2.01 43.57
CA VAL D 319 -15.20 2.80 43.84
C VAL D 319 -13.97 1.99 43.45
N PRO D 320 -13.05 2.54 42.68
CA PRO D 320 -11.80 1.83 42.38
C PRO D 320 -10.82 1.89 43.55
N LYS D 321 -10.13 0.77 43.75
CA LYS D 321 -9.09 0.67 44.77
C LYS D 321 -7.75 0.59 44.07
N VAL D 322 -6.87 1.55 44.33
CA VAL D 322 -5.53 1.62 43.74
C VAL D 322 -4.48 1.55 44.85
N LEU D 323 -3.63 0.52 44.80
CA LEU D 323 -2.71 0.22 45.90
C LEU D 323 -1.25 0.33 45.44
N GLU D 324 -0.33 -0.08 46.32
CA GLU D 324 1.08 -0.02 45.99
C GLU D 324 1.44 -0.99 44.87
N ASP D 325 0.89 -2.21 44.92
CA ASP D 325 1.23 -3.25 43.96
C ASP D 325 0.18 -3.37 42.85
N THR D 326 -1.09 -3.50 43.21
CA THR D 326 -2.17 -3.66 42.25
C THR D 326 -3.13 -2.49 42.30
N ARG D 327 -4.16 -2.59 41.46
CA ARG D 327 -5.35 -1.76 41.53
C ARG D 327 -6.55 -2.65 41.26
N ILE D 328 -7.71 -2.29 41.80
CA ILE D 328 -8.90 -3.13 41.72
C ILE D 328 -10.00 -2.35 41.03
N ARG D 329 -10.68 -3.00 40.08
CA ARG D 329 -11.59 -2.33 39.16
C ARG D 329 -12.84 -1.78 39.86
N GLY D 330 -13.25 -0.58 39.47
CA GLY D 330 -14.40 0.06 40.07
C GLY D 330 -15.64 0.15 39.19
N ASP D 331 -15.47 0.03 37.87
CA ASP D 331 -16.57 0.16 36.92
C ASP D 331 -17.38 -1.14 36.85
N ILE D 332 -18.66 -1.00 36.51
CA ILE D 332 -19.60 -2.12 36.48
C ILE D 332 -19.92 -2.48 35.03
N HIS D 333 -19.72 -3.76 34.68
CA HIS D 333 -20.01 -4.26 33.34
C HIS D 333 -21.37 -4.95 33.36
N ILE D 334 -22.18 -4.72 32.30
CA ILE D 334 -23.54 -5.24 32.19
C ILE D 334 -23.71 -5.92 30.83
N LEU D 335 -24.36 -7.09 30.82
CA LEU D 335 -24.64 -7.82 29.59
C LEU D 335 -26.14 -8.07 29.47
N ILE D 336 -26.70 -7.70 28.32
CA ILE D 336 -28.11 -7.94 28.00
C ILE D 336 -28.14 -8.86 26.79
N ILE D 337 -28.54 -10.12 26.99
CA ILE D 337 -28.74 -11.05 25.90
C ILE D 337 -30.23 -11.25 25.74
N GLY D 338 -30.79 -10.83 24.61
CA GLY D 338 -32.22 -10.81 24.49
C GLY D 338 -32.72 -11.02 23.08
N ASP D 339 -33.98 -11.45 22.99
CA ASP D 339 -34.67 -11.62 21.73
C ASP D 339 -34.67 -10.32 20.92
N PRO D 340 -34.90 -10.40 19.62
CA PRO D 340 -34.96 -9.19 18.79
C PRO D 340 -36.19 -8.33 19.06
N GLY D 341 -35.98 -7.01 18.96
CA GLY D 341 -37.05 -6.06 19.15
C GLY D 341 -37.40 -5.82 20.60
N THR D 342 -36.42 -5.96 21.50
CA THR D 342 -36.65 -5.91 22.94
C THR D 342 -36.07 -4.65 23.58
N ALA D 343 -36.01 -3.56 22.84
CA ALA D 343 -35.59 -2.26 23.34
C ALA D 343 -34.13 -2.22 23.81
N LYS D 344 -33.33 -3.21 23.43
CA LYS D 344 -31.92 -3.22 23.83
C LYS D 344 -31.19 -2.02 23.26
N SER D 345 -31.19 -1.89 21.94
CA SER D 345 -30.44 -0.79 21.33
C SER D 345 -30.95 0.56 21.81
N GLN D 346 -32.26 0.68 22.03
CA GLN D 346 -32.82 1.96 22.43
C GLN D 346 -32.38 2.36 23.83
N MET D 347 -32.41 1.42 24.77
CA MET D 347 -31.92 1.69 26.11
C MET D 347 -30.43 2.00 26.09
N LEU D 348 -29.65 1.28 25.26
CA LEU D 348 -28.21 1.55 25.22
C LEU D 348 -27.93 2.92 24.62
N GLN D 349 -28.71 3.32 23.62
CA GLN D 349 -28.58 4.65 23.06
C GLN D 349 -28.92 5.71 24.12
N PHE D 350 -29.98 5.47 24.90
CA PHE D 350 -30.30 6.41 25.97
C PHE D 350 -29.15 6.55 26.95
N ILE D 351 -28.62 5.44 27.46
CA ILE D 351 -27.59 5.59 28.48
C ILE D 351 -26.31 6.14 27.88
N SER D 352 -26.07 5.95 26.58
CA SER D 352 -24.95 6.66 25.99
C SER D 352 -25.23 8.16 25.94
N ARG D 353 -26.50 8.56 25.81
CA ARG D 353 -26.79 9.99 25.83
C ARG D 353 -26.66 10.57 27.24
N VAL D 354 -27.14 9.83 28.25
CA VAL D 354 -27.20 10.35 29.61
C VAL D 354 -25.85 10.28 30.32
N ALA D 355 -24.96 9.39 29.90
CA ALA D 355 -23.69 9.25 30.57
C ALA D 355 -22.87 10.51 30.38
N PRO D 356 -22.23 11.02 31.42
CA PRO D 356 -21.40 12.22 31.25
C PRO D 356 -20.30 12.06 30.22
N ARG D 357 -19.77 10.85 30.03
CA ARG D 357 -18.84 10.56 28.94
C ARG D 357 -19.05 9.12 28.47
N ALA D 358 -19.43 8.95 27.20
CA ALA D 358 -19.74 7.62 26.70
C ALA D 358 -19.35 7.48 25.25
N VAL D 359 -19.13 6.22 24.85
CA VAL D 359 -18.77 5.86 23.48
C VAL D 359 -19.63 4.68 23.07
N TYR D 360 -20.27 4.78 21.91
CA TYR D 360 -21.18 3.75 21.39
C TYR D 360 -20.50 3.03 20.25
N THR D 361 -20.52 1.70 20.27
CA THR D 361 -19.91 0.88 19.24
C THR D 361 -20.82 -0.31 18.95
N THR D 362 -20.67 -0.87 17.75
CA THR D 362 -21.44 -2.04 17.37
C THR D 362 -20.52 -3.21 17.05
N GLY D 363 -20.90 -4.39 17.52
CA GLY D 363 -20.08 -5.59 17.36
C GLY D 363 -19.68 -5.86 15.92
N LYS D 364 -20.55 -5.55 14.96
CA LYS D 364 -20.21 -5.71 13.57
C LYS D 364 -19.52 -4.49 12.96
N GLY D 365 -19.68 -3.31 13.56
CA GLY D 365 -19.00 -2.12 13.11
C GLY D 365 -17.64 -1.88 13.70
N SER D 366 -17.18 -2.73 14.62
CA SER D 366 -15.92 -2.51 15.32
C SER D 366 -15.00 -3.71 15.14
N THR D 367 -13.69 -3.42 15.13
CA THR D 367 -12.65 -4.43 15.07
C THR D 367 -12.03 -4.62 16.46
N ALA D 368 -11.06 -5.51 16.55
CA ALA D 368 -10.33 -5.61 17.82
C ALA D 368 -9.45 -4.38 18.02
N ALA D 369 -8.79 -3.92 16.95
CA ALA D 369 -7.96 -2.73 17.04
C ALA D 369 -8.80 -1.47 17.17
N GLY D 370 -9.99 -1.47 16.58
CA GLY D 370 -10.83 -0.30 16.73
C GLY D 370 -11.40 -0.16 18.12
N LEU D 371 -11.51 -1.27 18.87
CA LEU D 371 -12.09 -1.30 20.21
C LEU D 371 -11.05 -1.11 21.32
N THR D 372 -9.78 -1.39 21.05
CA THR D 372 -8.72 -1.26 22.05
C THR D 372 -7.69 -0.21 21.63
N ALA D 373 -6.78 -0.57 20.71
CA ALA D 373 -5.78 0.39 20.25
C ALA D 373 -5.19 -0.10 18.94
N ALA D 374 -5.01 0.81 18.00
CA ALA D 374 -4.61 0.49 16.63
C ALA D 374 -3.20 0.98 16.32
N VAL D 375 -2.40 0.13 15.68
CA VAL D 375 -1.07 0.50 15.25
C VAL D 375 -1.15 0.94 13.79
N VAL D 376 -1.11 2.26 13.57
CA VAL D 376 -1.32 2.86 12.25
C VAL D 376 0.02 3.23 11.65
N ARG D 377 0.21 2.88 10.37
CA ARG D 377 1.41 3.30 9.65
C ARG D 377 1.17 4.73 9.21
N GLU D 378 1.71 5.67 9.99
CA GLU D 378 1.70 7.08 9.62
C GLU D 378 2.64 7.27 8.42
N LYS D 379 2.05 7.55 7.24
CA LYS D 379 2.81 7.72 6.01
C LYS D 379 3.63 9.00 5.98
N GLY D 380 3.55 9.85 7.02
CA GLY D 380 4.36 11.05 7.07
C GLY D 380 5.77 10.71 7.52
N THR D 381 5.94 10.35 8.80
CA THR D 381 7.26 9.90 9.25
C THR D 381 7.64 8.57 8.64
N GLY D 382 6.66 7.81 8.12
CA GLY D 382 6.90 6.50 7.56
C GLY D 382 6.82 5.37 8.56
N GLU D 383 6.87 5.69 9.85
CA GLU D 383 6.96 4.72 10.93
C GLU D 383 5.61 4.59 11.64
N TYR D 384 5.53 3.57 12.49
CA TYR D 384 4.29 3.18 13.12
C TYR D 384 3.96 4.04 14.34
N TYR D 385 2.67 4.27 14.51
CA TYR D 385 2.07 5.26 15.39
C TYR D 385 0.95 4.59 16.15
N LEU D 386 0.66 5.05 17.37
CA LEU D 386 -0.36 4.42 18.20
C LEU D 386 -1.60 5.30 18.24
N GLU D 387 -2.78 4.68 18.08
CA GLU D 387 -4.04 5.44 18.07
C GLU D 387 -5.01 4.81 19.05
N ALA D 388 -5.63 5.65 19.86
CA ALA D 388 -6.51 5.17 20.91
C ALA D 388 -7.73 4.50 20.33
N GLY D 389 -8.02 3.29 20.77
CA GLY D 389 -9.22 2.61 20.37
C GLY D 389 -10.41 3.01 21.22
N ALA D 390 -11.51 2.28 21.02
CA ALA D 390 -12.78 2.69 21.61
C ALA D 390 -12.72 2.67 23.13
N LEU D 391 -12.29 1.54 23.70
CA LEU D 391 -12.25 1.41 25.15
C LEU D 391 -11.26 2.37 25.80
N VAL D 392 -10.23 2.82 25.07
CA VAL D 392 -9.30 3.80 25.63
C VAL D 392 -9.92 5.20 25.62
N LEU D 393 -10.63 5.55 24.56
CA LEU D 393 -11.25 6.87 24.49
C LEU D 393 -12.34 7.03 25.54
N ALA D 394 -12.94 5.93 25.98
CA ALA D 394 -14.00 5.93 26.96
C ALA D 394 -13.50 5.89 28.40
N ASP D 395 -12.21 6.10 28.63
CA ASP D 395 -11.67 6.05 29.97
C ASP D 395 -12.39 7.00 30.93
N GLY D 396 -12.73 6.48 32.10
CA GLY D 396 -13.49 7.17 33.11
C GLY D 396 -14.98 7.20 32.87
N GLY D 397 -15.47 6.48 31.86
CA GLY D 397 -16.88 6.51 31.51
C GLY D 397 -17.40 5.18 31.02
N ILE D 398 -18.27 5.23 30.02
CA ILE D 398 -19.05 4.08 29.60
C ILE D 398 -18.74 3.78 28.13
N ALA D 399 -18.53 2.51 27.83
CA ALA D 399 -18.38 1.99 26.47
C ALA D 399 -19.52 1.01 26.20
N VAL D 400 -20.26 1.28 25.13
CA VAL D 400 -21.41 0.49 24.75
C VAL D 400 -20.99 -0.44 23.64
N ILE D 401 -21.20 -1.75 23.84
CA ILE D 401 -20.96 -2.71 22.77
C ILE D 401 -22.29 -3.35 22.39
N ASP D 402 -22.95 -2.79 21.38
CA ASP D 402 -24.19 -3.35 20.89
C ASP D 402 -23.87 -4.43 19.87
N GLU D 403 -24.78 -5.38 19.74
CA GLU D 403 -24.63 -6.53 18.85
C GLU D 403 -23.33 -7.28 19.14
N ILE D 404 -23.07 -7.50 20.44
CA ILE D 404 -21.81 -8.16 20.78
C ILE D 404 -21.80 -9.60 20.32
N ASP D 405 -22.96 -10.21 20.08
CA ASP D 405 -22.89 -11.59 19.60
C ASP D 405 -22.42 -11.66 18.15
N LYS D 406 -22.34 -10.54 17.43
CA LYS D 406 -21.93 -10.51 16.04
C LYS D 406 -20.44 -10.33 15.85
N MET D 407 -19.69 -10.09 16.91
CA MET D 407 -18.23 -10.06 16.86
C MET D 407 -17.72 -11.45 16.53
N ARG D 408 -16.59 -11.53 15.82
CA ARG D 408 -15.87 -12.80 15.82
C ARG D 408 -15.33 -13.09 17.21
N ASP D 409 -15.48 -14.34 17.65
CA ASP D 409 -15.03 -14.68 19.01
C ASP D 409 -13.55 -14.36 19.19
N GLU D 410 -12.74 -14.76 18.20
CA GLU D 410 -11.31 -14.46 18.18
C GLU D 410 -11.03 -12.97 18.18
N ASP D 411 -11.97 -12.14 17.70
CA ASP D 411 -11.79 -10.70 17.81
C ASP D 411 -12.25 -10.19 19.17
N ARG D 412 -13.33 -10.77 19.71
CA ARG D 412 -13.92 -10.27 20.96
C ARG D 412 -13.02 -10.53 22.16
N VAL D 413 -12.22 -11.60 22.12
CA VAL D 413 -11.32 -11.84 23.24
C VAL D 413 -10.29 -10.73 23.40
N ALA D 414 -10.21 -9.80 22.45
CA ALA D 414 -9.32 -8.68 22.61
C ALA D 414 -9.71 -7.76 23.75
N ILE D 415 -10.94 -7.83 24.23
CA ILE D 415 -11.36 -6.89 25.28
C ILE D 415 -11.30 -7.52 26.68
N HIS D 416 -10.80 -8.75 26.83
CA HIS D 416 -10.77 -9.39 28.15
C HIS D 416 -9.90 -8.61 29.12
N GLU D 417 -8.67 -8.31 28.68
CA GLU D 417 -7.76 -7.53 29.53
C GLU D 417 -8.35 -6.19 29.86
N ALA D 418 -8.89 -5.50 28.86
CA ALA D 418 -9.45 -4.18 29.14
C ALA D 418 -10.60 -4.27 30.12
N MET D 419 -11.36 -5.37 30.09
CA MET D 419 -12.52 -5.48 30.96
C MET D 419 -12.11 -5.72 32.40
N GLU D 420 -11.01 -6.44 32.63
CA GLU D 420 -10.59 -6.68 34.01
C GLU D 420 -9.50 -5.72 34.48
N GLN D 421 -8.31 -5.73 33.86
CA GLN D 421 -7.22 -4.87 34.30
C GLN D 421 -7.34 -3.42 33.85
N GLN D 422 -8.33 -3.10 33.02
CA GLN D 422 -8.55 -1.71 32.59
C GLN D 422 -7.29 -1.10 31.99
N THR D 423 -6.50 -1.96 31.34
CA THR D 423 -5.41 -1.56 30.46
C THR D 423 -5.55 -2.28 29.13
N VAL D 424 -5.16 -1.61 28.06
CA VAL D 424 -5.00 -2.24 26.75
C VAL D 424 -3.51 -2.21 26.44
N SER D 425 -2.88 -3.38 26.42
CA SER D 425 -1.46 -3.47 26.15
C SER D 425 -1.24 -4.22 24.83
N ILE D 426 -0.49 -3.60 23.93
CA ILE D 426 -0.21 -4.20 22.63
C ILE D 426 1.30 -4.20 22.37
N ALA D 427 1.71 -5.16 21.56
CA ALA D 427 3.11 -5.41 21.22
C ALA D 427 3.11 -5.81 19.75
N LYS D 428 3.37 -4.83 18.88
CA LYS D 428 3.23 -5.02 17.44
C LYS D 428 4.19 -4.07 16.75
N ALA D 429 4.69 -4.48 15.58
CA ALA D 429 5.52 -3.62 14.72
C ALA D 429 6.62 -2.92 15.50
N GLY D 430 7.16 -3.58 16.51
CA GLY D 430 8.27 -3.06 17.26
C GLY D 430 7.94 -2.03 18.30
N ILE D 431 6.66 -1.80 18.59
CA ILE D 431 6.27 -0.88 19.65
C ILE D 431 5.48 -1.67 20.68
N VAL D 432 5.86 -1.47 21.94
CA VAL D 432 5.29 -2.16 23.09
C VAL D 432 4.72 -1.07 23.98
N ALA D 433 3.43 -1.16 24.28
CA ALA D 433 2.83 -0.10 25.08
C ALA D 433 1.59 -0.63 25.77
N LYS D 434 1.14 0.12 26.77
CA LYS D 434 -0.11 -0.17 27.46
C LYS D 434 -0.76 1.14 27.85
N LEU D 435 -2.01 1.33 27.44
CA LEU D 435 -2.77 2.53 27.71
C LEU D 435 -3.87 2.22 28.71
N ASN D 436 -4.34 3.25 29.41
CA ASN D 436 -5.40 3.07 30.39
C ASN D 436 -6.76 3.00 29.72
N ALA D 437 -7.50 1.92 30.00
CA ALA D 437 -8.85 1.69 29.47
C ALA D 437 -9.82 1.40 30.63
N ARG D 438 -9.92 2.35 31.56
CA ARG D 438 -10.77 2.23 32.75
C ARG D 438 -12.21 2.63 32.39
N ALA D 439 -12.88 1.73 31.67
CA ALA D 439 -14.24 1.98 31.21
C ALA D 439 -15.17 0.84 31.60
N ALA D 440 -16.42 1.19 31.87
CA ALA D 440 -17.46 0.21 32.13
C ALA D 440 -18.09 -0.21 30.82
N VAL D 441 -18.13 -1.51 30.58
CA VAL D 441 -18.66 -2.07 29.34
C VAL D 441 -20.12 -2.46 29.54
N ILE D 442 -21.01 -1.90 28.70
CA ILE D 442 -22.42 -2.24 28.72
C ILE D 442 -22.75 -2.78 27.33
N ALA D 443 -23.07 -4.06 27.27
CA ALA D 443 -23.14 -4.77 26.00
C ALA D 443 -24.52 -5.39 25.85
N ALA D 444 -24.95 -5.52 24.60
CA ALA D 444 -26.22 -6.18 24.30
C ALA D 444 -26.06 -7.02 23.04
N GLY D 445 -26.82 -8.11 22.99
CA GLY D 445 -26.74 -9.00 21.86
C GLY D 445 -27.94 -9.92 21.80
N ASN D 446 -27.97 -10.68 20.78
CA ASN D 446 -29.00 -11.68 20.61
C ASN D 446 -28.45 -13.05 20.98
N PRO D 447 -29.33 -14.02 21.25
CA PRO D 447 -28.88 -15.39 21.46
C PRO D 447 -28.33 -16.01 20.18
N LYS D 448 -27.79 -17.22 20.34
CA LYS D 448 -27.18 -17.92 19.20
C LYS D 448 -28.12 -18.02 18.02
N PHE D 449 -29.40 -18.26 18.29
CA PHE D 449 -30.39 -18.50 17.24
C PHE D 449 -31.34 -17.32 17.08
N GLY D 450 -30.81 -16.11 17.14
CA GLY D 450 -31.61 -14.91 17.01
C GLY D 450 -32.49 -14.61 18.21
N ARG D 451 -33.44 -15.49 18.49
CA ARG D 451 -34.27 -15.43 19.68
C ARG D 451 -33.83 -16.51 20.66
N TYR D 452 -34.25 -16.34 21.91
CA TYR D 452 -33.97 -17.36 22.91
C TYR D 452 -34.83 -18.59 22.64
N ILE D 453 -34.21 -19.76 22.76
CA ILE D 453 -34.85 -21.05 22.51
C ILE D 453 -34.93 -21.76 23.85
N SER D 454 -36.13 -21.76 24.45
CA SER D 454 -36.30 -22.38 25.76
C SER D 454 -36.09 -23.89 25.71
N GLU D 455 -36.19 -24.49 24.53
CA GLU D 455 -35.95 -25.92 24.38
C GLU D 455 -34.48 -26.29 24.50
N ARG D 456 -33.58 -25.33 24.41
CA ARG D 456 -32.16 -25.64 24.47
C ARG D 456 -31.52 -25.04 25.74
N PRO D 457 -30.43 -25.62 26.21
CA PRO D 457 -29.82 -25.14 27.46
C PRO D 457 -29.34 -23.70 27.35
N VAL D 458 -29.13 -23.10 28.52
CA VAL D 458 -28.67 -21.71 28.58
C VAL D 458 -27.28 -21.59 28.00
N SER D 459 -26.49 -22.66 28.11
CA SER D 459 -25.10 -22.69 27.65
C SER D 459 -25.01 -22.40 26.16
N ASP D 460 -25.46 -23.33 25.33
CA ASP D 460 -25.38 -23.12 23.89
C ASP D 460 -26.40 -22.09 23.41
N ASN D 461 -27.14 -21.45 24.30
CA ASN D 461 -28.04 -20.39 23.89
C ASN D 461 -27.37 -19.03 24.01
N ILE D 462 -26.62 -18.83 25.10
CA ILE D 462 -25.88 -17.60 25.29
C ILE D 462 -24.74 -17.51 24.29
N ASN D 463 -23.99 -18.61 24.13
CA ASN D 463 -22.97 -18.73 23.10
C ASN D 463 -21.86 -17.70 23.32
N LEU D 464 -21.40 -17.62 24.55
CA LEU D 464 -20.29 -16.78 24.95
C LEU D 464 -19.41 -17.58 25.89
N PRO D 465 -18.10 -17.36 25.85
CA PRO D 465 -17.19 -18.14 26.71
C PRO D 465 -17.34 -17.76 28.17
N PRO D 466 -16.98 -18.65 29.09
CA PRO D 466 -17.01 -18.27 30.52
C PRO D 466 -16.03 -17.17 30.87
N THR D 467 -14.92 -17.05 30.16
CA THR D 467 -13.94 -16.01 30.46
C THR D 467 -14.53 -14.63 30.26
N ILE D 468 -15.37 -14.43 29.23
CA ILE D 468 -15.98 -13.11 29.10
C ILE D 468 -17.22 -13.01 29.96
N LEU D 469 -17.88 -14.13 30.25
CA LEU D 469 -19.06 -14.04 31.09
C LEU D 469 -18.70 -13.59 32.50
N SER D 470 -17.59 -14.10 33.05
CA SER D 470 -17.21 -13.71 34.41
C SER D 470 -16.84 -12.24 34.50
N ARG D 471 -16.40 -11.63 33.41
CA ARG D 471 -16.12 -10.21 33.45
C ARG D 471 -17.40 -9.39 33.65
N PHE D 472 -18.57 -9.97 33.37
CA PHE D 472 -19.83 -9.25 33.47
C PHE D 472 -20.45 -9.41 34.87
N ASP D 473 -20.69 -8.29 35.55
CA ASP D 473 -21.26 -8.34 36.89
C ASP D 473 -22.69 -8.86 36.86
N LEU D 474 -23.50 -8.37 35.93
CA LEU D 474 -24.88 -8.78 35.76
C LEU D 474 -25.15 -9.13 34.29
N ILE D 475 -25.83 -10.24 34.08
CA ILE D 475 -26.19 -10.76 32.75
C ILE D 475 -27.69 -11.02 32.77
N PHE D 476 -28.46 -10.14 32.15
CA PHE D 476 -29.90 -10.37 32.08
C PHE D 476 -30.27 -10.89 30.69
N ILE D 477 -31.13 -11.91 30.67
CA ILE D 477 -31.67 -12.49 29.45
C ILE D 477 -33.08 -11.94 29.23
N LEU D 478 -33.27 -11.24 28.11
CA LEU D 478 -34.54 -10.64 27.73
C LEU D 478 -35.29 -11.61 26.82
N LYS D 479 -36.34 -12.24 27.34
CA LYS D 479 -37.20 -13.09 26.53
C LYS D 479 -38.43 -12.28 26.14
N ASP D 480 -38.86 -12.42 24.89
CA ASP D 480 -40.04 -11.70 24.41
C ASP D 480 -41.19 -12.70 24.33
N GLN D 481 -41.85 -12.90 25.49
CA GLN D 481 -42.92 -13.88 25.60
C GLN D 481 -44.25 -13.13 25.65
N PRO D 482 -45.15 -13.38 24.69
CA PRO D 482 -46.43 -12.66 24.65
C PRO D 482 -47.38 -13.14 25.74
N GLY D 483 -48.00 -12.20 26.44
CA GLY D 483 -48.96 -12.51 27.49
C GLY D 483 -50.03 -11.47 27.57
N GLU D 484 -50.44 -11.12 28.79
CA GLU D 484 -51.39 -10.03 29.00
C GLU D 484 -50.73 -8.67 28.84
N GLN D 485 -49.40 -8.62 28.89
CA GLN D 485 -48.68 -7.36 28.77
C GLN D 485 -49.02 -6.60 27.50
N ASP D 486 -49.46 -7.31 26.46
CA ASP D 486 -49.44 -6.77 25.10
C ASP D 486 -50.24 -5.48 24.95
N ARG D 487 -51.49 -5.47 25.42
CA ARG D 487 -52.30 -4.26 25.27
C ARG D 487 -51.68 -3.07 25.96
N GLU D 488 -51.24 -3.25 27.22
CA GLU D 488 -50.57 -2.18 27.96
C GLU D 488 -49.32 -1.70 27.23
N LEU D 489 -48.51 -2.64 26.75
CA LEU D 489 -47.33 -2.34 25.97
C LEU D 489 -47.68 -1.43 24.80
N ALA D 490 -48.65 -1.86 23.99
CA ALA D 490 -49.00 -1.11 22.79
C ALA D 490 -49.53 0.26 23.16
N ASN D 491 -50.35 0.34 24.20
CA ASN D 491 -50.90 1.64 24.61
C ASN D 491 -49.79 2.58 25.02
N TYR D 492 -48.81 2.07 25.79
CA TYR D 492 -47.66 2.87 26.17
C TYR D 492 -46.91 3.37 24.95
N ILE D 493 -46.66 2.47 24.00
CA ILE D 493 -45.90 2.84 22.81
C ILE D 493 -46.61 3.95 22.05
N LEU D 494 -47.93 3.79 21.85
CA LEU D 494 -48.71 4.79 21.14
C LEU D 494 -48.76 6.10 21.90
N ASP D 495 -48.78 6.04 23.23
CA ASP D 495 -48.71 7.27 24.04
C ASP D 495 -47.38 7.97 23.81
N VAL D 496 -46.29 7.19 23.68
CA VAL D 496 -44.99 7.77 23.38
C VAL D 496 -45.03 8.46 22.03
N HIS D 497 -45.66 7.83 21.04
CA HIS D 497 -45.80 8.44 19.71
C HIS D 497 -46.67 9.70 19.78
N SER D 498 -47.72 9.67 20.59
CA SER D 498 -48.64 10.79 20.68
C SER D 498 -48.00 12.01 21.32
N GLY D 499 -46.90 11.84 22.03
CA GLY D 499 -46.28 12.92 22.75
C GLY D 499 -46.64 13.00 24.22
N LYS D 500 -47.16 11.93 24.81
CA LYS D 500 -47.44 11.91 26.25
C LYS D 500 -46.15 11.53 26.94
N SER D 501 -45.43 12.53 27.41
CA SER D 501 -44.15 12.29 28.06
C SER D 501 -44.41 11.93 29.51
N THR D 502 -43.40 11.33 30.14
CA THR D 502 -43.62 10.85 31.48
C THR D 502 -43.67 12.06 32.41
N LYS D 503 -44.49 11.97 33.43
CA LYS D 503 -44.61 13.12 34.29
C LYS D 503 -43.60 12.94 35.41
N ASN D 504 -43.52 13.97 36.26
CA ASN D 504 -42.68 13.99 37.45
C ASN D 504 -41.34 13.26 37.24
N ILE D 505 -40.64 13.60 36.16
CA ILE D 505 -39.41 12.92 35.79
C ILE D 505 -38.21 13.84 35.98
N ILE D 506 -37.01 13.26 35.96
CA ILE D 506 -35.77 14.00 36.03
C ILE D 506 -35.26 14.16 34.61
N ASP D 507 -35.15 15.40 34.15
CA ASP D 507 -34.73 15.64 32.78
C ASP D 507 -33.32 15.11 32.57
N ILE D 508 -33.04 14.70 31.33
CA ILE D 508 -31.84 13.93 31.05
C ILE D 508 -30.59 14.74 31.38
N ASP D 509 -30.64 16.05 31.16
CA ASP D 509 -29.47 16.92 31.36
C ASP D 509 -29.08 17.00 32.84
N THR D 510 -30.04 17.26 33.71
CA THR D 510 -29.68 17.34 35.12
C THR D 510 -29.34 15.97 35.67
N LEU D 511 -29.96 14.91 35.15
CA LEU D 511 -29.56 13.57 35.56
C LEU D 511 -28.09 13.31 35.25
N ARG D 512 -27.64 13.74 34.07
CA ARG D 512 -26.23 13.64 33.74
C ARG D 512 -25.37 14.47 34.69
N LYS D 513 -25.81 15.71 34.98
CA LYS D 513 -25.04 16.55 35.91
C LYS D 513 -24.90 15.86 37.26
N TYR D 514 -25.98 15.22 37.70
CA TYR D 514 -26.02 14.50 38.98
C TYR D 514 -25.07 13.31 38.96
N ILE D 515 -25.07 12.54 37.88
CA ILE D 515 -24.11 11.45 37.75
C ILE D 515 -22.69 11.98 37.83
N ALA D 516 -22.41 13.08 37.12
CA ALA D 516 -21.08 13.68 37.16
C ALA D 516 -20.66 14.01 38.60
N TYR D 517 -21.52 14.73 39.32
CA TYR D 517 -21.21 15.09 40.71
C TYR D 517 -20.98 13.85 41.57
N ALA D 518 -21.88 12.87 41.49
CA ALA D 518 -21.78 11.70 42.35
C ALA D 518 -20.51 10.91 42.08
N ARG D 519 -20.17 10.70 40.80
CA ARG D 519 -18.94 9.99 40.50
C ARG D 519 -17.73 10.78 40.99
N LYS D 520 -17.79 12.11 40.89
CA LYS D 520 -16.60 12.89 41.22
C LYS D 520 -16.38 12.99 42.72
N TYR D 521 -17.44 13.06 43.52
CA TYR D 521 -17.31 13.50 44.91
C TYR D 521 -17.70 12.47 45.96
N VAL D 522 -18.38 11.39 45.60
CA VAL D 522 -18.91 10.44 46.58
C VAL D 522 -18.09 9.16 46.50
N THR D 523 -17.37 8.85 47.57
CA THR D 523 -16.53 7.66 47.66
C THR D 523 -17.02 6.81 48.83
N PRO D 524 -18.00 5.94 48.60
CA PRO D 524 -18.59 5.18 49.71
C PRO D 524 -17.62 4.17 50.32
N LYS D 525 -17.62 4.14 51.66
CA LYS D 525 -16.90 3.15 52.45
C LYS D 525 -17.86 2.04 52.84
N ILE D 526 -17.35 0.81 52.94
CA ILE D 526 -18.17 -0.37 53.21
C ILE D 526 -18.25 -0.61 54.70
N THR D 527 -19.46 -0.74 55.22
CA THR D 527 -19.65 -0.99 56.64
C THR D 527 -19.55 -2.48 56.92
N SER D 528 -19.29 -2.82 58.19
CA SER D 528 -19.02 -4.21 58.56
C SER D 528 -20.24 -5.09 58.39
N GLU D 529 -21.43 -4.59 58.73
CA GLU D 529 -22.64 -5.39 58.53
C GLU D 529 -22.84 -5.68 57.04
N ALA D 530 -22.60 -4.67 56.19
CA ALA D 530 -22.72 -4.86 54.75
C ALA D 530 -21.66 -5.83 54.24
N LYS D 531 -20.44 -5.71 54.75
CA LYS D 531 -19.38 -6.64 54.35
C LYS D 531 -19.74 -8.07 54.76
N ASN D 532 -20.33 -8.25 55.94
CA ASN D 532 -20.75 -9.58 56.39
C ASN D 532 -21.89 -10.13 55.53
N LEU D 533 -22.87 -9.29 55.19
CA LEU D 533 -23.97 -9.73 54.33
C LEU D 533 -23.45 -10.13 52.95
N ILE D 534 -22.56 -9.31 52.38
CA ILE D 534 -21.99 -9.60 51.08
C ILE D 534 -21.23 -10.91 51.11
N THR D 535 -20.41 -11.12 52.13
CA THR D 535 -19.66 -12.38 52.25
C THR D 535 -20.58 -13.58 52.37
N ASP D 536 -21.60 -13.49 53.22
CA ASP D 536 -22.52 -14.62 53.40
C ASP D 536 -23.21 -14.96 52.09
N PHE D 537 -23.70 -13.94 51.37
CA PHE D 537 -24.33 -14.25 50.10
C PHE D 537 -23.33 -14.80 49.11
N PHE D 538 -22.08 -14.34 49.14
CA PHE D 538 -21.08 -14.85 48.21
C PHE D 538 -20.81 -16.33 48.45
N VAL D 539 -20.75 -16.74 49.71
CA VAL D 539 -20.55 -18.16 50.00
C VAL D 539 -21.76 -18.98 49.55
N GLU D 540 -22.97 -18.47 49.82
CA GLU D 540 -24.17 -19.16 49.32
C GLU D 540 -24.10 -19.27 47.79
N MET D 541 -23.64 -18.21 47.13
CA MET D 541 -23.47 -18.20 45.68
C MET D 541 -22.53 -19.30 45.22
N ARG D 542 -21.39 -19.45 45.90
CA ARG D 542 -20.41 -20.44 45.47
C ARG D 542 -20.92 -21.87 45.66
N LYS D 543 -21.67 -22.12 46.73
CA LYS D 543 -22.29 -23.45 46.86
C LYS D 543 -23.30 -23.70 45.74
N LYS D 544 -24.13 -22.69 45.42
CA LYS D 544 -25.07 -22.85 44.31
C LYS D 544 -24.33 -23.05 42.99
N SER D 545 -23.13 -22.48 42.85
CA SER D 545 -22.34 -22.71 41.65
C SER D 545 -21.84 -24.13 41.59
N SER D 546 -21.42 -24.68 42.73
CA SER D 546 -21.03 -26.09 42.77
C SER D 546 -22.23 -26.98 42.51
N GLU D 547 -23.45 -26.44 42.64
CA GLU D 547 -24.65 -27.20 42.29
C GLU D 547 -24.77 -27.42 40.78
N THR D 548 -24.47 -26.39 39.97
CA THR D 548 -24.71 -26.42 38.53
C THR D 548 -23.40 -26.18 37.78
N PRO D 549 -22.52 -27.19 37.72
CA PRO D 549 -21.30 -27.03 36.91
C PRO D 549 -21.57 -27.08 35.42
N ASP D 550 -22.75 -27.58 35.01
CA ASP D 550 -23.18 -27.48 33.62
C ASP D 550 -23.55 -26.06 33.21
N SER D 551 -23.91 -25.22 34.18
CA SER D 551 -24.31 -23.86 33.86
C SER D 551 -23.11 -23.07 33.35
N PRO D 552 -23.29 -22.25 32.32
CA PRO D 552 -22.15 -21.48 31.77
C PRO D 552 -21.78 -20.27 32.61
N ILE D 553 -22.66 -19.82 33.51
CA ILE D 553 -22.32 -18.78 34.46
C ILE D 553 -21.58 -19.42 35.63
N LEU D 554 -20.30 -19.13 35.76
CA LEU D 554 -19.56 -19.63 36.90
C LEU D 554 -19.63 -18.61 38.01
N ILE D 555 -19.20 -19.00 39.20
CA ILE D 555 -19.10 -18.05 40.31
C ILE D 555 -17.63 -18.01 40.69
N THR D 556 -17.02 -16.85 40.48
CA THR D 556 -15.60 -16.62 40.65
C THR D 556 -15.43 -15.47 41.63
N PRO D 557 -14.22 -15.21 42.12
CA PRO D 557 -14.00 -14.04 42.97
C PRO D 557 -14.46 -12.74 42.33
N ARG D 558 -14.53 -12.74 41.00
CA ARG D 558 -15.08 -11.58 40.31
C ARG D 558 -16.49 -11.26 40.78
N GLN D 559 -17.28 -12.27 41.15
CA GLN D 559 -18.65 -12.01 41.59
C GLN D 559 -18.68 -11.35 42.96
N LEU D 560 -17.76 -11.71 43.86
CA LEU D 560 -17.63 -11.01 45.13
C LEU D 560 -17.23 -9.55 44.89
N GLU D 561 -16.24 -9.34 44.02
CA GLU D 561 -15.89 -7.97 43.65
C GLU D 561 -17.10 -7.23 43.07
N ALA D 562 -17.98 -7.95 42.38
CA ALA D 562 -19.17 -7.34 41.79
C ALA D 562 -20.16 -6.93 42.86
N LEU D 563 -20.34 -7.77 43.88
CA LEU D 563 -21.17 -7.37 45.01
C LEU D 563 -20.62 -6.08 45.63
N ILE D 564 -19.29 -6.02 45.82
CA ILE D 564 -18.66 -4.81 46.33
C ILE D 564 -19.06 -3.60 45.48
N ARG D 565 -18.80 -3.72 44.18
CA ARG D 565 -19.02 -2.60 43.26
C ARG D 565 -20.48 -2.17 43.23
N ILE D 566 -21.40 -3.14 43.21
CA ILE D 566 -22.82 -2.82 43.08
C ILE D 566 -23.32 -2.09 44.33
N SER D 567 -22.99 -2.59 45.52
CA SER D 567 -23.49 -1.89 46.71
C SER D 567 -22.82 -0.52 46.86
N GLU D 568 -21.51 -0.44 46.59
CA GLU D 568 -20.84 0.86 46.54
C GLU D 568 -21.58 1.81 45.61
N ALA D 569 -22.02 1.29 44.46
CA ALA D 569 -22.72 2.10 43.48
C ALA D 569 -24.09 2.52 43.97
N TYR D 570 -24.77 1.67 44.74
CA TYR D 570 -26.06 2.06 45.29
C TYR D 570 -25.89 3.25 46.23
N ALA D 571 -24.88 3.17 47.09
CA ALA D 571 -24.60 4.29 47.99
C ALA D 571 -24.26 5.55 47.19
N LYS D 572 -23.40 5.40 46.17
CA LYS D 572 -23.08 6.55 45.34
C LYS D 572 -24.33 7.15 44.71
N MET D 573 -25.28 6.27 44.34
CA MET D 573 -26.51 6.70 43.67
C MET D 573 -27.35 7.57 44.59
N ALA D 574 -27.37 7.25 45.88
CA ALA D 574 -28.07 8.09 46.85
C ALA D 574 -27.19 9.19 47.46
N LEU D 575 -25.94 9.32 47.03
CA LEU D 575 -24.93 10.25 47.55
C LEU D 575 -24.49 9.91 48.97
N LYS D 576 -24.82 8.72 49.45
CA LYS D 576 -24.38 8.25 50.77
C LYS D 576 -22.87 8.07 50.80
N ALA D 577 -22.26 8.39 51.93
CA ALA D 577 -20.82 8.17 52.08
C ALA D 577 -20.49 6.78 52.64
N GLU D 578 -21.50 5.97 52.96
CA GLU D 578 -21.29 4.62 53.47
C GLU D 578 -22.27 3.64 52.85
N VAL D 579 -21.84 2.38 52.78
CA VAL D 579 -22.64 1.28 52.26
C VAL D 579 -23.33 0.61 53.45
N THR D 580 -24.61 0.93 53.64
CA THR D 580 -25.41 0.40 54.74
C THR D 580 -26.01 -0.96 54.36
N ARG D 581 -26.73 -1.56 55.31
CA ARG D 581 -27.41 -2.84 55.04
C ARG D 581 -28.31 -2.75 53.82
N GLU D 582 -28.97 -1.59 53.65
CA GLU D 582 -29.91 -1.42 52.55
C GLU D 582 -29.25 -1.69 51.22
N ASP D 583 -28.07 -1.12 51.01
CA ASP D 583 -27.38 -1.28 49.73
C ASP D 583 -26.91 -2.71 49.51
N ALA D 584 -26.39 -3.35 50.56
CA ALA D 584 -25.98 -4.75 50.44
C ALA D 584 -27.15 -5.62 50.04
N GLU D 585 -28.31 -5.44 50.69
CA GLU D 585 -29.48 -6.25 50.36
C GLU D 585 -30.01 -5.94 48.96
N ARG D 586 -30.00 -4.67 48.55
CA ARG D 586 -30.43 -4.34 47.20
C ARG D 586 -29.52 -4.99 46.15
N ALA D 587 -28.21 -4.93 46.39
CA ALA D 587 -27.25 -5.59 45.50
C ALA D 587 -27.52 -7.08 45.44
N ILE D 588 -27.71 -7.71 46.61
CA ILE D 588 -27.98 -9.15 46.65
C ILE D 588 -29.25 -9.48 45.88
N ASN D 589 -30.26 -8.60 45.91
CA ASN D 589 -31.50 -8.91 45.22
C ASN D 589 -31.33 -8.83 43.71
N ILE D 590 -30.61 -7.82 43.19
CA ILE D 590 -30.40 -7.86 41.73
C ILE D 590 -29.50 -9.02 41.34
N MET D 591 -28.53 -9.36 42.17
CA MET D 591 -27.66 -10.49 41.86
C MET D 591 -28.46 -11.78 41.75
N ARG D 592 -29.38 -12.01 42.69
CA ARG D 592 -30.24 -13.20 42.64
C ARG D 592 -31.21 -13.15 41.47
N LEU D 593 -31.71 -11.95 41.13
CA LEU D 593 -32.59 -11.80 39.97
C LEU D 593 -31.86 -12.14 38.67
N PHE D 594 -30.68 -11.55 38.49
CA PHE D 594 -29.77 -11.92 37.41
C PHE D 594 -29.60 -13.43 37.33
N LEU D 595 -29.30 -14.07 38.47
CA LEU D 595 -29.05 -15.51 38.44
C LEU D 595 -30.32 -16.26 38.10
N GLU D 596 -31.47 -15.67 38.41
CA GLU D 596 -32.76 -16.23 38.01
C GLU D 596 -32.94 -16.18 36.49
N SER D 597 -32.58 -15.06 35.85
CA SER D 597 -32.83 -14.95 34.41
C SER D 597 -32.00 -15.96 33.63
N VAL D 598 -30.71 -16.09 33.98
CA VAL D 598 -29.85 -17.11 33.37
C VAL D 598 -30.10 -18.51 33.92
N GLY D 599 -31.03 -18.65 34.87
CA GLY D 599 -31.50 -19.96 35.28
C GLY D 599 -30.73 -20.66 36.39
N VAL D 600 -30.56 -20.01 37.53
CA VAL D 600 -30.07 -20.65 38.75
C VAL D 600 -30.97 -20.23 39.90
N ASP D 601 -31.70 -21.18 40.48
CA ASP D 601 -32.60 -20.90 41.59
C ASP D 601 -31.88 -21.08 42.93
N MET D 602 -32.45 -20.48 43.97
CA MET D 602 -31.92 -20.60 45.33
C MET D 602 -32.97 -21.18 46.30
N GLN E 8 -32.39 51.78 -27.67
CA GLN E 8 -31.81 53.09 -27.42
C GLN E 8 -32.37 53.70 -26.13
N ILE E 9 -32.81 52.84 -25.21
CA ILE E 9 -33.34 53.25 -23.92
C ILE E 9 -32.82 52.28 -22.87
N ASP E 10 -32.30 52.81 -21.76
CA ASP E 10 -31.77 51.96 -20.70
C ASP E 10 -32.88 51.08 -20.13
N TYR E 11 -32.48 50.07 -19.39
CA TYR E 11 -33.42 49.09 -18.87
C TYR E 11 -33.63 49.16 -17.36
N ARG E 12 -33.04 50.15 -16.66
CA ARG E 12 -33.23 50.19 -15.22
C ARG E 12 -34.69 50.47 -14.89
N ASP E 13 -35.29 51.44 -15.58
CA ASP E 13 -36.72 51.69 -15.44
C ASP E 13 -37.52 50.51 -15.99
N VAL E 14 -37.11 49.97 -17.14
CA VAL E 14 -37.80 48.82 -17.74
C VAL E 14 -37.78 47.64 -16.78
N PHE E 15 -36.63 47.36 -16.18
CA PHE E 15 -36.52 46.21 -15.29
C PHE E 15 -37.29 46.44 -13.99
N ILE E 16 -37.28 47.68 -13.46
CA ILE E 16 -38.05 47.97 -12.26
C ILE E 16 -39.55 47.82 -12.55
N GLU E 17 -39.99 48.25 -13.73
CA GLU E 17 -41.38 48.08 -14.13
C GLU E 17 -41.73 46.59 -14.26
N PHE E 18 -40.83 45.81 -14.86
CA PHE E 18 -41.03 44.37 -14.97
C PHE E 18 -41.16 43.72 -13.59
N LEU E 19 -40.31 44.13 -12.65
CA LEU E 19 -40.37 43.56 -11.30
C LEU E 19 -41.70 43.91 -10.62
N THR E 20 -42.05 45.20 -10.62
CA THR E 20 -43.18 45.65 -9.81
C THR E 20 -44.54 45.32 -10.41
N THR E 21 -44.68 45.32 -11.75
CA THR E 21 -45.99 45.29 -12.38
C THR E 21 -46.30 44.04 -13.19
N PHE E 22 -45.32 43.13 -13.40
CA PHE E 22 -45.57 41.93 -14.18
C PHE E 22 -46.53 41.01 -13.42
N LYS E 23 -47.75 40.87 -13.93
CA LYS E 23 -48.71 39.96 -13.33
C LYS E 23 -48.35 38.53 -13.71
N GLY E 24 -48.30 37.66 -12.71
CA GLY E 24 -47.99 36.27 -12.99
C GLY E 24 -49.17 35.50 -13.54
N ASN E 25 -49.40 34.32 -12.99
CA ASN E 25 -50.53 33.48 -13.39
C ASN E 25 -51.78 33.78 -12.58
N ASN E 26 -51.63 34.11 -11.30
CA ASN E 26 -52.77 34.40 -10.44
C ASN E 26 -52.85 35.88 -10.08
N ASN E 27 -52.27 36.73 -10.93
CA ASN E 27 -52.20 38.17 -10.69
C ASN E 27 -51.67 38.48 -9.29
N GLN E 28 -50.44 38.06 -9.05
CA GLN E 28 -49.86 38.12 -7.71
C GLN E 28 -48.78 39.18 -7.56
N ASN E 29 -48.33 39.80 -8.65
CA ASN E 29 -47.14 40.64 -8.65
C ASN E 29 -45.99 39.83 -8.07
N LYS E 30 -45.69 38.75 -8.78
CA LYS E 30 -44.80 37.70 -8.30
C LYS E 30 -43.43 38.25 -7.88
N TYR E 31 -42.87 39.18 -8.67
CA TYR E 31 -41.49 39.59 -8.45
C TYR E 31 -41.35 40.71 -7.45
N ILE E 32 -42.37 41.56 -7.29
CA ILE E 32 -42.37 42.47 -6.14
C ILE E 32 -42.53 41.68 -4.85
N GLU E 33 -43.21 40.54 -4.92
CA GLU E 33 -43.32 39.63 -3.78
C GLU E 33 -41.98 38.99 -3.44
N ARG E 34 -41.26 38.54 -4.46
CA ARG E 34 -39.92 37.99 -4.23
C ARG E 34 -38.97 39.06 -3.71
N ILE E 35 -39.12 40.31 -4.17
CA ILE E 35 -38.32 41.42 -3.65
C ILE E 35 -38.61 41.62 -2.17
N ASN E 36 -39.88 41.66 -1.81
CA ASN E 36 -40.27 41.84 -0.41
C ASN E 36 -39.71 40.72 0.46
N GLU E 37 -39.83 39.46 -0.02
CA GLU E 37 -39.28 38.33 0.72
C GLU E 37 -37.76 38.44 0.86
N LEU E 38 -37.09 38.91 -0.20
CA LEU E 38 -35.65 39.09 -0.15
C LEU E 38 -35.26 40.09 0.92
N VAL E 39 -36.00 41.21 0.99
CA VAL E 39 -35.70 42.24 1.97
C VAL E 39 -36.00 41.76 3.39
N ALA E 40 -37.07 40.97 3.55
CA ALA E 40 -37.46 40.53 4.89
C ALA E 40 -36.41 39.65 5.54
N TYR E 41 -36.01 38.56 4.88
CA TYR E 41 -35.07 37.60 5.45
C TYR E 41 -33.62 37.99 5.29
N ARG E 42 -33.35 39.16 4.69
CA ARG E 42 -31.99 39.62 4.45
C ARG E 42 -31.21 38.65 3.56
N LYS E 43 -31.90 38.02 2.62
CA LYS E 43 -31.22 37.25 1.60
C LYS E 43 -30.81 38.17 0.47
N LYS E 44 -29.67 37.87 -0.15
CA LYS E 44 -28.99 38.79 -1.06
C LYS E 44 -29.04 38.30 -2.51
N SER E 45 -30.16 37.70 -2.92
CA SER E 45 -30.23 37.07 -4.22
C SER E 45 -31.68 37.03 -4.70
N LEU E 46 -31.93 37.62 -5.88
CA LEU E 46 -33.26 37.64 -6.49
C LEU E 46 -33.26 36.81 -7.77
N ILE E 47 -34.14 35.82 -7.84
CA ILE E 47 -34.23 34.92 -8.99
C ILE E 47 -35.31 35.42 -9.94
N ILE E 48 -34.99 35.48 -11.23
CA ILE E 48 -35.98 35.84 -12.24
C ILE E 48 -36.02 34.74 -13.30
N GLU E 49 -37.24 34.34 -13.67
CA GLU E 49 -37.46 33.36 -14.73
C GLU E 49 -37.24 34.02 -16.09
N PHE E 50 -36.58 33.31 -17.00
CA PHE E 50 -36.30 33.91 -18.31
C PHE E 50 -37.56 34.04 -19.15
N SER E 51 -38.47 33.07 -19.07
CA SER E 51 -39.66 33.11 -19.90
C SER E 51 -40.50 34.36 -19.60
N ASP E 52 -40.53 34.78 -18.34
CA ASP E 52 -41.28 35.99 -17.99
C ASP E 52 -40.63 37.23 -18.61
N VAL E 53 -39.30 37.29 -18.61
CA VAL E 53 -38.61 38.42 -19.22
C VAL E 53 -38.85 38.45 -20.72
N LEU E 54 -38.82 37.28 -21.37
CA LEU E 54 -39.10 37.23 -22.80
C LEU E 54 -40.55 37.60 -23.10
N SER E 55 -41.49 37.26 -22.20
CA SER E 55 -42.88 37.61 -22.36
C SER E 55 -43.17 39.08 -22.05
N PHE E 56 -42.28 39.75 -21.32
CA PHE E 56 -42.49 41.17 -20.99
C PHE E 56 -41.83 42.07 -22.04
N ASN E 57 -40.52 41.91 -22.24
CA ASN E 57 -39.77 42.72 -23.18
C ASN E 57 -38.74 41.82 -23.85
N GLU E 58 -38.98 41.44 -25.11
CA GLU E 58 -38.06 40.53 -25.79
C GLU E 58 -36.66 41.14 -25.91
N ASN E 59 -36.57 42.44 -26.19
CA ASN E 59 -35.25 43.06 -26.31
C ASN E 59 -34.51 43.05 -24.98
N LEU E 60 -35.23 43.17 -23.86
CA LEU E 60 -34.56 43.04 -22.56
C LEU E 60 -33.96 41.65 -22.42
N ALA E 61 -34.68 40.63 -22.85
CA ALA E 61 -34.16 39.26 -22.78
C ALA E 61 -32.93 39.11 -23.67
N TYR E 62 -32.98 39.67 -24.88
CA TYR E 62 -31.83 39.59 -25.79
C TYR E 62 -30.62 40.31 -25.21
N GLU E 63 -30.82 41.49 -24.62
CA GLU E 63 -29.72 42.22 -23.99
C GLU E 63 -29.19 41.48 -22.76
N ILE E 64 -30.06 40.80 -22.02
CA ILE E 64 -29.62 40.05 -20.85
C ILE E 64 -28.73 38.89 -21.26
N ILE E 65 -29.10 38.19 -22.34
CA ILE E 65 -28.33 37.02 -22.75
C ILE E 65 -27.03 37.42 -23.45
N ASN E 66 -27.07 38.40 -24.35
CA ASN E 66 -25.92 38.64 -25.21
C ASN E 66 -24.87 39.59 -24.62
N ASN E 67 -25.29 40.61 -23.86
CA ASN E 67 -24.35 41.58 -23.31
C ASN E 67 -24.31 41.54 -21.79
N THR E 68 -24.26 40.33 -21.23
CA THR E 68 -24.38 40.15 -19.78
C THR E 68 -23.26 40.83 -19.03
N LYS E 69 -22.06 40.79 -19.57
CA LYS E 69 -20.83 41.03 -18.81
C LYS E 69 -20.85 42.38 -18.08
N ILE E 70 -21.35 43.42 -18.74
CA ILE E 70 -21.41 44.74 -18.13
C ILE E 70 -22.83 45.15 -17.75
N ILE E 71 -23.86 44.59 -18.40
CA ILE E 71 -25.23 44.97 -18.09
C ILE E 71 -25.69 44.42 -16.73
N LEU E 72 -25.08 43.33 -16.23
CA LEU E 72 -25.60 42.75 -14.99
C LEU E 72 -25.34 43.61 -13.76
N PRO E 73 -24.13 44.15 -13.52
CA PRO E 73 -23.94 44.96 -12.31
C PRO E 73 -24.78 46.24 -12.24
N ILE E 74 -25.04 46.90 -13.38
CA ILE E 74 -25.85 48.11 -13.35
C ILE E 74 -27.31 47.80 -13.01
N LEU E 75 -27.87 46.74 -13.61
CA LEU E 75 -29.22 46.34 -13.26
C LEU E 75 -29.31 45.90 -11.80
N GLU E 76 -28.28 45.20 -11.30
CA GLU E 76 -28.29 44.83 -9.88
C GLU E 76 -28.22 46.06 -8.99
N GLY E 77 -27.52 47.10 -9.43
CA GLY E 77 -27.50 48.35 -8.67
C GLY E 77 -28.84 49.05 -8.65
N ALA E 78 -29.54 49.07 -9.79
CA ALA E 78 -30.90 49.61 -9.82
C ALA E 78 -31.82 48.82 -8.89
N LEU E 79 -31.67 47.50 -8.88
CA LEU E 79 -32.45 46.68 -7.96
C LEU E 79 -32.10 47.02 -6.51
N TYR E 80 -30.82 47.25 -6.24
CA TYR E 80 -30.39 47.67 -4.91
C TYR E 80 -31.02 49.00 -4.51
N ASP E 81 -31.15 49.92 -5.47
CA ASP E 81 -31.82 51.19 -5.21
C ASP E 81 -33.27 50.96 -4.81
N HIS E 82 -33.98 50.12 -5.57
CA HIS E 82 -35.38 49.82 -5.26
C HIS E 82 -35.51 49.16 -3.88
N ILE E 83 -34.64 48.19 -3.59
CA ILE E 83 -34.69 47.47 -2.32
C ILE E 83 -34.39 48.38 -1.13
N LEU E 84 -33.32 49.18 -1.24
CA LEU E 84 -32.90 50.02 -0.11
C LEU E 84 -33.82 51.23 0.10
N GLN E 85 -34.49 51.73 -0.94
CA GLN E 85 -35.53 52.71 -0.68
C GLN E 85 -36.77 52.06 -0.10
N LEU E 86 -37.05 50.81 -0.49
CA LEU E 86 -38.16 50.08 0.12
C LEU E 86 -37.94 49.90 1.62
N ASP E 87 -36.70 49.67 2.03
CA ASP E 87 -36.34 49.44 3.43
C ASP E 87 -34.91 49.90 3.63
N PRO E 88 -34.70 51.10 4.18
CA PRO E 88 -33.33 51.61 4.36
C PRO E 88 -32.46 50.78 5.30
N THR E 89 -33.04 49.90 6.12
CA THR E 89 -32.22 49.06 6.99
C THR E 89 -31.42 48.02 6.22
N TYR E 90 -31.75 47.80 4.94
CA TYR E 90 -30.92 46.95 4.09
C TYR E 90 -29.50 47.52 3.95
N GLN E 91 -29.38 48.85 3.96
CA GLN E 91 -28.07 49.50 3.96
C GLN E 91 -27.17 49.01 5.09
N ARG E 92 -25.87 48.92 4.79
CA ARG E 92 -24.84 48.56 5.75
C ARG E 92 -25.03 47.16 6.35
N ASP E 93 -26.03 46.44 5.88
CA ASP E 93 -26.19 45.01 6.14
C ASP E 93 -25.86 44.17 4.94
N ILE E 94 -26.27 44.61 3.75
CA ILE E 94 -25.98 43.95 2.48
C ILE E 94 -25.69 45.06 1.48
N GLU E 95 -24.53 44.99 0.84
CA GLU E 95 -24.09 46.06 -0.03
C GLU E 95 -24.38 45.82 -1.51
N LYS E 96 -24.49 44.56 -1.94
CA LYS E 96 -24.81 44.23 -3.32
C LYS E 96 -25.72 43.01 -3.34
N VAL E 97 -26.75 43.06 -4.17
CA VAL E 97 -27.65 41.95 -4.37
C VAL E 97 -27.36 41.32 -5.74
N HIS E 98 -28.01 40.21 -5.99
CA HIS E 98 -27.79 39.42 -7.19
C HIS E 98 -29.09 39.23 -7.95
N VAL E 99 -29.01 39.34 -9.27
CA VAL E 99 -30.09 39.00 -10.19
C VAL E 99 -29.69 37.71 -10.90
N ARG E 100 -30.30 36.59 -10.49
CA ARG E 100 -29.99 35.28 -11.02
C ARG E 100 -31.05 34.90 -12.06
N ILE E 101 -30.64 34.82 -13.32
CA ILE E 101 -31.54 34.49 -14.41
C ILE E 101 -31.61 32.97 -14.50
N VAL E 102 -32.82 32.42 -14.55
CA VAL E 102 -32.98 30.98 -14.51
C VAL E 102 -33.62 30.54 -15.82
N GLY E 103 -33.37 29.27 -16.17
CA GLY E 103 -33.95 28.66 -17.35
C GLY E 103 -33.70 29.41 -18.65
N ILE E 104 -32.45 29.47 -19.10
CA ILE E 104 -32.07 30.20 -20.30
C ILE E 104 -32.17 29.28 -21.52
N PRO E 105 -32.55 29.79 -22.68
CA PRO E 105 -32.60 28.91 -23.87
C PRO E 105 -31.24 28.38 -24.30
N ARG E 106 -30.16 29.13 -24.07
CA ARG E 106 -28.82 28.73 -24.52
C ARG E 106 -28.27 27.65 -23.59
N VAL E 107 -28.71 26.41 -23.84
CA VAL E 107 -28.22 25.24 -23.10
C VAL E 107 -27.21 24.51 -23.97
N ILE E 108 -26.17 23.95 -23.35
CA ILE E 108 -25.12 23.26 -24.07
C ILE E 108 -24.87 21.92 -23.40
N GLU E 109 -25.07 20.83 -24.14
CA GLU E 109 -24.65 19.54 -23.62
C GLU E 109 -23.18 19.57 -23.26
N LEU E 110 -22.85 18.96 -22.12
CA LEU E 110 -21.57 19.16 -21.47
C LEU E 110 -20.40 18.87 -22.41
N ARG E 111 -20.45 17.75 -23.12
CA ARG E 111 -19.34 17.30 -23.95
C ARG E 111 -19.11 18.20 -25.16
N LYS E 112 -20.15 18.90 -25.62
CA LYS E 112 -20.13 19.64 -26.89
C LYS E 112 -19.73 21.11 -26.75
N ILE E 113 -19.14 21.55 -25.62
CA ILE E 113 -18.77 22.96 -25.54
C ILE E 113 -17.46 23.14 -26.32
N ARG E 114 -17.29 24.32 -26.92
CA ARG E 114 -16.14 24.57 -27.79
C ARG E 114 -15.59 25.97 -27.52
N SER E 115 -14.67 26.38 -28.39
CA SER E 115 -13.96 27.65 -28.25
C SER E 115 -14.93 28.83 -28.26
N THR E 116 -15.84 28.86 -29.24
CA THR E 116 -16.71 30.02 -29.45
C THR E 116 -17.65 30.31 -28.28
N ASP E 117 -17.69 29.43 -27.27
CA ASP E 117 -18.58 29.59 -26.13
C ASP E 117 -17.93 30.25 -24.92
N ILE E 118 -16.64 30.61 -24.99
CA ILE E 118 -16.02 31.32 -23.88
C ILE E 118 -16.56 32.74 -23.85
N GLY E 119 -16.89 33.22 -22.66
CA GLY E 119 -17.39 34.57 -22.51
C GLY E 119 -18.88 34.74 -22.72
N LYS E 120 -19.57 33.74 -23.27
CA LYS E 120 -21.01 33.76 -23.44
C LYS E 120 -21.70 33.07 -22.27
N LEU E 121 -22.93 33.50 -21.99
CA LEU E 121 -23.74 32.96 -20.92
C LEU E 121 -24.50 31.71 -21.38
N ILE E 122 -24.21 30.56 -20.77
CA ILE E 122 -24.80 29.29 -21.16
C ILE E 122 -25.26 28.54 -19.90
N THR E 123 -26.15 27.56 -20.13
CA THR E 123 -26.67 26.67 -19.10
C THR E 123 -26.24 25.25 -19.42
N ILE E 124 -25.95 24.48 -18.37
CA ILE E 124 -25.51 23.09 -18.50
C ILE E 124 -26.33 22.24 -17.54
N ASP E 125 -26.90 21.16 -18.09
CA ASP E 125 -27.71 20.22 -17.34
C ASP E 125 -26.83 19.02 -16.99
N GLY E 126 -26.69 18.75 -15.69
CA GLY E 126 -25.83 17.64 -15.33
C GLY E 126 -25.93 17.30 -13.86
N ILE E 127 -25.32 16.19 -13.51
CA ILE E 127 -25.33 15.71 -12.13
C ILE E 127 -24.16 16.33 -11.42
N LEU E 128 -24.43 16.97 -10.28
CA LEU E 128 -23.39 17.55 -9.45
C LEU E 128 -22.80 16.45 -8.59
N VAL E 129 -21.48 16.23 -8.68
CA VAL E 129 -20.89 15.04 -8.11
C VAL E 129 -20.04 15.32 -6.87
N LYS E 130 -19.46 16.51 -6.74
CA LYS E 130 -18.57 16.73 -5.60
C LYS E 130 -18.40 18.23 -5.40
N VAL E 131 -18.30 18.64 -4.14
CA VAL E 131 -18.06 20.03 -3.79
C VAL E 131 -16.97 20.09 -2.72
N THR E 132 -16.43 21.29 -2.53
CA THR E 132 -15.43 21.56 -1.50
C THR E 132 -16.07 22.23 -0.30
N PRO E 133 -15.40 22.24 0.85
CA PRO E 133 -15.89 23.05 1.98
C PRO E 133 -15.94 24.53 1.64
N VAL E 134 -16.56 25.30 2.53
CA VAL E 134 -16.84 26.70 2.29
C VAL E 134 -15.58 27.52 2.54
N LYS E 135 -14.82 27.77 1.47
CA LYS E 135 -13.61 28.59 1.53
C LYS E 135 -13.99 30.04 1.30
N GLU E 136 -13.00 30.93 1.21
CA GLU E 136 -13.26 32.31 0.84
C GLU E 136 -12.04 32.90 0.14
N ARG E 137 -12.31 33.68 -0.90
CA ARG E 137 -11.31 34.29 -1.75
C ARG E 137 -11.22 35.79 -1.49
N ILE E 138 -9.99 36.31 -1.50
CA ILE E 138 -9.75 37.74 -1.34
C ILE E 138 -10.02 38.44 -2.67
N TYR E 139 -10.82 39.50 -2.64
CA TYR E 139 -11.07 40.31 -3.83
C TYR E 139 -10.60 41.75 -3.70
N LYS E 140 -10.20 42.19 -2.51
CA LYS E 140 -9.61 43.51 -2.30
C LYS E 140 -8.69 43.39 -1.09
N ALA E 141 -7.38 43.34 -1.35
CA ALA E 141 -6.37 43.20 -0.30
C ALA E 141 -5.92 44.57 0.24
N THR E 142 -5.32 44.54 1.42
CA THR E 142 -4.72 45.72 2.05
C THR E 142 -3.35 45.32 2.59
N TYR E 143 -2.30 45.87 2.01
CA TYR E 143 -0.92 45.56 2.39
C TYR E 143 -0.33 46.62 3.29
N LYS E 144 0.85 46.31 3.84
CA LYS E 144 1.65 47.24 4.61
C LYS E 144 3.10 47.07 4.20
N HIS E 145 3.75 48.19 3.88
CA HIS E 145 5.13 48.16 3.42
C HIS E 145 6.08 48.12 4.61
N ILE E 146 6.83 47.02 4.74
CA ILE E 146 7.82 46.87 5.80
C ILE E 146 9.11 47.49 5.30
N HIS E 147 9.45 48.65 5.86
CA HIS E 147 10.61 49.44 5.44
C HIS E 147 10.77 50.58 6.42
N PRO E 148 11.99 50.93 6.82
CA PRO E 148 12.16 51.97 7.84
C PRO E 148 11.79 53.37 7.36
N ASP E 149 10.99 53.47 6.29
CA ASP E 149 10.52 54.76 5.77
C ASP E 149 9.02 54.82 5.53
N CYS E 150 8.42 53.77 4.96
CA CYS E 150 7.02 53.82 4.56
C CYS E 150 6.03 53.54 5.69
N MET E 151 5.71 52.27 5.92
CA MET E 151 4.80 51.84 6.99
C MET E 151 3.38 52.41 6.81
N GLN E 152 2.92 52.44 5.57
CA GLN E 152 1.62 53.01 5.22
C GLN E 152 0.64 51.89 4.87
N GLU E 153 -0.61 52.06 5.26
CA GLU E 153 -1.65 51.11 4.92
C GLU E 153 -2.19 51.43 3.54
N PHE E 154 -2.39 50.41 2.71
CA PHE E 154 -2.91 50.67 1.37
C PHE E 154 -3.54 49.43 0.78
N GLU E 155 -4.70 49.60 0.17
CA GLU E 155 -5.29 48.55 -0.65
C GLU E 155 -4.50 48.44 -1.95
N TRP E 156 -4.00 47.24 -2.27
CA TRP E 156 -3.09 47.17 -3.41
C TRP E 156 -3.81 47.05 -4.76
N PRO E 157 -4.72 46.07 -4.98
CA PRO E 157 -5.38 46.00 -6.29
C PRO E 157 -6.27 47.21 -6.56
N GLU E 158 -5.64 48.37 -6.79
CA GLU E 158 -6.37 49.63 -6.90
C GLU E 158 -6.88 49.84 -8.33
N ASP E 159 -8.07 50.44 -8.41
CA ASP E 159 -8.86 50.65 -9.63
C ASP E 159 -9.25 49.35 -10.33
N GLU E 160 -9.05 48.19 -9.72
CA GLU E 160 -9.39 46.91 -10.33
C GLU E 160 -9.81 45.95 -9.22
N GLU E 161 -9.70 44.65 -9.47
CA GLU E 161 -10.09 43.66 -8.48
C GLU E 161 -9.15 42.47 -8.56
N MET E 162 -8.89 41.87 -7.40
CA MET E 162 -7.96 40.75 -7.31
C MET E 162 -8.35 39.61 -8.25
N PRO E 163 -7.47 39.19 -9.16
CA PRO E 163 -7.78 38.08 -10.06
C PRO E 163 -7.64 36.74 -9.35
N GLU E 164 -7.84 35.66 -10.10
CA GLU E 164 -7.66 34.32 -9.54
C GLU E 164 -6.24 34.16 -8.99
N VAL E 165 -5.24 34.56 -9.77
CA VAL E 165 -3.87 34.58 -9.26
C VAL E 165 -3.76 35.65 -8.18
N LEU E 166 -2.94 35.37 -7.18
CA LEU E 166 -2.64 36.33 -6.12
C LEU E 166 -1.28 36.96 -6.40
N GLU E 167 -1.25 38.28 -6.58
CA GLU E 167 -0.02 39.00 -6.83
C GLU E 167 0.14 40.17 -5.87
N MET E 168 1.32 40.26 -5.25
CA MET E 168 1.71 41.34 -4.36
C MET E 168 2.54 42.37 -5.10
N PRO E 169 2.58 43.61 -4.64
CA PRO E 169 3.32 44.64 -5.37
C PRO E 169 4.82 44.42 -5.29
N THR E 170 5.52 45.01 -6.25
CA THR E 170 6.98 45.02 -6.26
C THR E 170 7.55 46.37 -5.89
N ILE E 171 6.82 47.46 -6.15
CA ILE E 171 7.22 48.81 -5.78
C ILE E 171 6.07 49.42 -4.99
N CYS E 172 6.38 49.99 -3.84
CA CYS E 172 5.36 50.62 -3.02
C CYS E 172 4.90 51.88 -3.74
N PRO E 173 3.61 52.02 -4.06
CA PRO E 173 3.14 53.23 -4.75
C PRO E 173 3.03 54.45 -3.84
N LYS E 174 3.20 54.28 -2.53
CA LYS E 174 3.13 55.38 -1.59
C LYS E 174 4.48 56.05 -1.36
N CYS E 175 5.57 55.41 -1.77
CA CYS E 175 6.90 55.98 -1.59
C CYS E 175 7.81 55.75 -2.80
N GLY E 176 7.71 54.58 -3.42
CA GLY E 176 8.52 54.27 -4.58
C GLY E 176 9.71 53.38 -4.34
N LYS E 177 9.78 52.72 -3.18
CA LYS E 177 10.93 51.93 -2.79
C LYS E 177 10.51 50.48 -2.61
N PRO E 178 11.21 49.53 -3.23
CA PRO E 178 10.83 48.12 -3.09
C PRO E 178 11.17 47.61 -1.69
N GLY E 179 10.61 46.45 -1.37
CA GLY E 179 10.88 45.87 -0.07
C GLY E 179 9.86 44.80 0.27
N GLN E 180 9.68 44.61 1.59
CA GLN E 180 8.78 43.61 2.11
C GLN E 180 7.35 44.12 2.17
N PHE E 181 6.39 43.24 1.88
CA PHE E 181 4.97 43.59 1.92
C PHE E 181 4.24 42.56 2.78
N ARG E 182 3.58 43.03 3.84
CA ARG E 182 2.83 42.18 4.76
C ARG E 182 1.32 42.40 4.60
N LEU E 183 0.57 41.30 4.55
CA LEU E 183 -0.88 41.38 4.42
C LEU E 183 -1.55 41.77 5.72
N ILE E 184 -2.42 42.77 5.67
CA ILE E 184 -3.25 43.17 6.80
C ILE E 184 -4.67 42.66 6.54
N PRO E 185 -5.16 41.69 7.32
CA PRO E 185 -6.50 41.14 7.07
C PRO E 185 -7.67 42.03 7.50
N GLU E 186 -7.46 43.02 8.37
CA GLU E 186 -8.57 43.83 8.85
C GLU E 186 -9.18 44.68 7.75
N LYS E 187 -8.33 45.36 6.97
CA LYS E 187 -8.79 46.20 5.88
C LYS E 187 -8.90 45.44 4.56
N THR E 188 -9.02 44.13 4.63
CA THR E 188 -9.08 43.24 3.47
C THR E 188 -10.51 42.75 3.24
N LYS E 189 -10.87 42.56 1.97
CA LYS E 189 -12.23 42.22 1.55
C LYS E 189 -12.26 40.79 1.02
N LEU E 190 -13.09 39.95 1.64
CA LEU E 190 -13.24 38.53 1.31
C LEU E 190 -14.57 38.28 0.60
N ILE E 191 -14.74 37.05 0.13
CA ILE E 191 -16.05 36.59 -0.37
C ILE E 191 -16.06 35.06 -0.38
N ASP E 192 -17.22 34.49 -0.04
CA ASP E 192 -17.41 33.04 0.00
C ASP E 192 -17.00 32.40 -1.33
N TRP E 193 -16.58 31.13 -1.27
CA TRP E 193 -16.02 30.47 -2.45
C TRP E 193 -16.14 28.96 -2.27
N GLN E 194 -16.53 28.27 -3.35
CA GLN E 194 -16.65 26.82 -3.33
C GLN E 194 -16.49 26.27 -4.74
N LYS E 195 -15.64 25.26 -4.88
CA LYS E 195 -15.43 24.58 -6.16
C LYS E 195 -16.28 23.32 -6.20
N ALA E 196 -16.88 23.05 -7.35
CA ALA E 196 -17.67 21.83 -7.54
C ALA E 196 -17.42 21.27 -8.93
N VAL E 197 -17.81 20.01 -9.13
CA VAL E 197 -17.71 19.35 -10.43
C VAL E 197 -19.08 18.80 -10.80
N ILE E 198 -19.51 19.02 -12.05
CA ILE E 198 -20.72 18.40 -12.58
C ILE E 198 -20.35 17.57 -13.80
N GLN E 199 -21.02 16.44 -13.97
CA GLN E 199 -20.77 15.57 -15.10
C GLN E 199 -22.07 15.29 -15.83
N GLU E 200 -21.94 14.87 -17.09
CA GLU E 200 -23.10 14.71 -17.95
C GLU E 200 -24.01 13.58 -17.45
N ARG E 201 -25.30 13.75 -17.70
CA ARG E 201 -26.28 12.74 -17.31
C ARG E 201 -25.96 11.42 -18.01
N PRO E 202 -26.17 10.28 -17.34
CA PRO E 202 -25.81 8.98 -17.95
C PRO E 202 -26.46 8.74 -19.30
N GLU E 203 -27.66 9.28 -19.53
CA GLU E 203 -28.30 9.19 -20.83
C GLU E 203 -27.61 10.03 -21.90
N GLU E 204 -26.66 10.89 -21.50
CA GLU E 204 -25.92 11.75 -22.41
C GLU E 204 -24.55 11.19 -22.77
N VAL E 205 -24.07 10.20 -22.03
CA VAL E 205 -22.74 9.62 -22.25
C VAL E 205 -22.81 8.68 -23.46
N PRO E 206 -21.91 8.79 -24.44
CA PRO E 206 -21.99 7.90 -25.60
C PRO E 206 -21.81 6.46 -25.18
N SER E 207 -22.23 5.55 -26.04
CA SER E 207 -22.16 4.13 -25.70
C SER E 207 -20.72 3.74 -25.49
N GLY E 208 -20.44 3.11 -24.35
CA GLY E 208 -19.11 2.61 -24.10
C GLY E 208 -18.06 3.67 -23.88
N GLN E 209 -18.40 4.95 -23.92
CA GLN E 209 -17.43 6.03 -23.73
C GLN E 209 -17.47 6.52 -22.27
N LEU E 210 -16.46 7.35 -21.92
CA LEU E 210 -16.31 7.79 -20.53
C LEU E 210 -16.97 9.14 -20.31
N PRO E 211 -17.53 9.35 -19.10
CA PRO E 211 -18.23 10.60 -18.83
C PRO E 211 -17.26 11.76 -18.66
N ARG E 212 -17.60 12.89 -19.26
CA ARG E 212 -16.82 14.10 -19.09
C ARG E 212 -17.27 14.83 -17.83
N GLN E 213 -16.39 15.67 -17.31
CA GLN E 213 -16.68 16.45 -16.11
C GLN E 213 -16.33 17.90 -16.37
N LEU E 214 -16.87 18.78 -15.52
CA LEU E 214 -16.60 20.20 -15.64
C LEU E 214 -16.51 20.85 -14.26
N GLU E 215 -15.51 21.70 -14.09
CA GLU E 215 -15.27 22.39 -12.84
C GLU E 215 -16.04 23.72 -12.84
N ILE E 216 -16.77 23.97 -11.76
CA ILE E 216 -17.59 25.17 -11.62
C ILE E 216 -17.24 25.87 -10.31
N ILE E 217 -17.42 27.18 -10.29
CA ILE E 217 -17.07 28.02 -9.16
C ILE E 217 -18.32 28.75 -8.69
N LEU E 218 -18.65 28.60 -7.41
CA LEU E 218 -19.81 29.21 -6.77
C LEU E 218 -19.35 30.17 -5.69
N GLU E 219 -19.81 31.42 -5.75
CA GLU E 219 -19.42 32.43 -4.78
C GLU E 219 -20.65 33.06 -4.14
N ASP E 220 -20.41 33.73 -3.00
CA ASP E 220 -21.44 34.36 -2.19
C ASP E 220 -22.53 33.35 -1.84
N ASP E 221 -23.80 33.76 -1.95
CA ASP E 221 -24.91 32.94 -1.48
C ASP E 221 -25.12 31.67 -2.30
N LEU E 222 -24.38 31.48 -3.39
CA LEU E 222 -24.48 30.21 -4.12
C LEU E 222 -23.81 29.08 -3.38
N VAL E 223 -22.92 29.38 -2.44
CA VAL E 223 -22.18 28.35 -1.74
C VAL E 223 -23.11 27.41 -0.99
N ASP E 224 -22.86 26.10 -1.10
CA ASP E 224 -23.60 25.07 -0.38
C ASP E 224 -25.08 25.10 -0.73
N SER E 225 -25.38 25.38 -2.00
CA SER E 225 -26.77 25.42 -2.46
C SER E 225 -27.22 24.12 -3.09
N ALA E 226 -26.35 23.11 -3.15
CA ALA E 226 -26.75 21.79 -3.63
C ALA E 226 -25.80 20.73 -3.09
N ARG E 227 -26.33 19.54 -2.87
CA ARG E 227 -25.55 18.45 -2.33
C ARG E 227 -25.13 17.50 -3.45
N PRO E 228 -24.04 16.75 -3.23
CA PRO E 228 -23.60 15.76 -4.24
C PRO E 228 -24.69 14.76 -4.56
N GLY E 229 -24.89 14.51 -5.86
CA GLY E 229 -25.91 13.63 -6.36
C GLY E 229 -27.11 14.35 -6.94
N ASP E 230 -27.38 15.56 -6.44
CA ASP E 230 -28.51 16.35 -6.94
C ASP E 230 -28.26 16.72 -8.40
N ARG E 231 -29.28 16.55 -9.24
CA ARG E 231 -29.21 16.99 -10.64
C ARG E 231 -29.45 18.49 -10.74
N VAL E 232 -28.48 19.21 -11.31
CA VAL E 232 -28.54 20.67 -11.35
C VAL E 232 -28.58 21.14 -12.79
N LYS E 233 -28.98 22.40 -12.92
CA LYS E 233 -29.09 23.12 -14.19
C LYS E 233 -28.36 24.43 -13.91
N VAL E 234 -27.05 24.45 -14.18
CA VAL E 234 -26.19 25.58 -13.81
C VAL E 234 -26.10 26.56 -14.98
N THR E 235 -26.28 27.85 -14.70
CA THR E 235 -26.12 28.90 -15.68
C THR E 235 -24.90 29.74 -15.31
N GLY E 236 -24.14 30.17 -16.31
CA GLY E 236 -22.96 30.96 -16.03
C GLY E 236 -22.16 31.22 -17.29
N ILE E 237 -20.92 31.66 -17.06
CA ILE E 237 -20.00 32.04 -18.14
C ILE E 237 -18.71 31.29 -17.98
N LEU E 238 -18.13 30.84 -19.10
CA LEU E 238 -16.96 29.99 -19.11
C LEU E 238 -15.66 30.80 -19.15
N ASP E 239 -14.61 30.24 -18.57
CA ASP E 239 -13.30 30.89 -18.57
C ASP E 239 -12.22 29.82 -18.42
N ILE E 240 -10.96 30.24 -18.49
CA ILE E 240 -9.82 29.32 -18.51
C ILE E 240 -9.15 29.28 -17.14
N LYS E 241 -8.84 28.08 -16.67
CA LYS E 241 -8.29 27.84 -15.33
C LYS E 241 -6.78 27.93 -15.34
N GLN E 242 -6.24 28.80 -14.50
CA GLN E 242 -4.81 29.07 -14.40
C GLN E 242 -4.29 28.56 -13.06
N ASP E 243 -3.35 27.61 -13.11
CA ASP E 243 -2.72 27.09 -11.90
C ASP E 243 -1.32 27.64 -11.67
N SER E 244 -0.63 28.09 -12.73
CA SER E 244 0.69 28.72 -12.67
C SER E 244 1.09 29.24 -14.06
N PRO E 245 0.43 30.29 -14.57
CA PRO E 245 0.65 30.71 -15.96
C PRO E 245 1.78 31.70 -16.19
N VAL E 246 2.32 32.34 -15.15
CA VAL E 246 3.35 33.37 -15.34
C VAL E 246 4.74 32.82 -15.67
N LYS E 247 4.97 31.52 -15.48
CA LYS E 247 6.25 30.89 -15.77
C LYS E 247 6.20 30.15 -17.10
N ARG E 248 7.37 30.03 -17.74
CA ARG E 248 7.41 29.43 -19.07
C ARG E 248 7.45 27.91 -18.95
N GLY E 249 8.14 27.25 -19.89
CA GLY E 249 8.23 25.80 -19.86
C GLY E 249 6.95 25.13 -20.30
N SER E 250 6.54 25.38 -21.54
CA SER E 250 5.35 24.78 -22.16
C SER E 250 4.09 25.28 -21.44
N ARG E 251 3.03 24.46 -21.42
CA ARG E 251 1.75 24.76 -20.78
C ARG E 251 1.08 25.98 -21.40
N ALA E 252 0.97 25.99 -22.73
CA ALA E 252 0.16 26.98 -23.42
C ALA E 252 -1.31 26.60 -23.42
N VAL E 253 -1.67 25.51 -22.75
CA VAL E 253 -3.01 24.94 -22.78
C VAL E 253 -3.67 25.13 -21.42
N PHE E 254 -4.98 25.36 -21.43
CA PHE E 254 -5.73 25.58 -20.20
C PHE E 254 -7.02 24.77 -20.23
N ASP E 255 -7.55 24.50 -19.04
CA ASP E 255 -8.83 23.82 -18.88
C ASP E 255 -9.95 24.85 -18.80
N ILE E 256 -11.18 24.36 -19.01
CA ILE E 256 -12.36 25.22 -18.98
C ILE E 256 -13.09 25.02 -17.66
N TYR E 257 -13.61 26.13 -17.12
CA TYR E 257 -14.47 26.06 -15.94
C TYR E 257 -15.58 27.10 -16.10
N MET E 258 -16.66 26.90 -15.34
CA MET E 258 -17.82 27.78 -15.41
C MET E 258 -17.88 28.58 -14.12
N LYS E 259 -17.84 29.90 -14.26
CA LYS E 259 -18.21 30.81 -13.20
C LYS E 259 -19.73 30.84 -13.15
N VAL E 260 -20.33 30.38 -12.03
CA VAL E 260 -21.78 30.20 -11.96
C VAL E 260 -22.46 31.49 -11.52
N SER E 261 -23.59 31.79 -12.14
CA SER E 261 -24.46 32.86 -11.69
C SER E 261 -25.84 32.38 -11.21
N SER E 262 -26.22 31.14 -11.52
CA SER E 262 -27.57 30.64 -11.29
C SER E 262 -27.58 29.13 -11.28
N ILE E 263 -28.43 28.56 -10.44
CA ILE E 263 -28.53 27.10 -10.35
C ILE E 263 -29.92 26.73 -9.86
N GLU E 264 -30.48 25.67 -10.44
CA GLU E 264 -31.78 25.14 -10.07
C GLU E 264 -31.68 23.62 -10.10
N VAL E 265 -32.45 22.97 -9.22
CA VAL E 265 -32.34 21.54 -9.03
C VAL E 265 -33.50 20.88 -9.78
N SER E 266 -33.31 19.59 -10.10
CA SER E 266 -34.27 18.80 -10.89
C SER E 266 -34.34 19.30 -12.33
N SER E 273 -41.67 26.80 -10.63
CA SER E 273 -41.71 26.20 -9.31
C SER E 273 -42.88 26.78 -8.52
N GLU E 274 -44.03 26.86 -9.15
CA GLU E 274 -45.17 27.55 -8.55
C GLU E 274 -46.47 26.78 -8.77
N GLU E 275 -46.79 26.49 -10.04
CA GLU E 275 -47.98 25.72 -10.37
C GLU E 275 -47.92 24.29 -9.84
N ASP E 276 -46.72 23.78 -9.58
CA ASP E 276 -46.58 22.41 -9.06
C ASP E 276 -47.31 22.23 -7.73
N GLU E 277 -47.23 23.21 -6.83
CA GLU E 277 -47.89 23.10 -5.54
C GLU E 277 -49.41 22.98 -5.69
N LYS E 278 -50.02 23.89 -6.45
CA LYS E 278 -51.45 23.80 -6.66
C LYS E 278 -51.84 22.54 -7.42
N LYS E 279 -50.98 22.05 -8.32
CA LYS E 279 -51.29 20.83 -9.05
C LYS E 279 -51.32 19.60 -8.13
N ILE E 280 -50.33 19.48 -7.23
CA ILE E 280 -50.38 18.32 -6.32
C ILE E 280 -51.53 18.49 -5.34
N LYS E 281 -51.85 19.73 -4.96
CA LYS E 281 -52.98 19.97 -4.06
C LYS E 281 -54.30 19.55 -4.72
N ASP E 282 -54.48 19.92 -5.99
CA ASP E 282 -55.64 19.44 -6.73
C ASP E 282 -55.65 17.91 -6.83
N LEU E 283 -54.47 17.30 -6.99
CA LEU E 283 -54.40 15.84 -7.05
C LEU E 283 -54.91 15.19 -5.77
N ALA E 284 -54.57 15.76 -4.62
CA ALA E 284 -54.93 15.09 -3.37
C ALA E 284 -56.41 15.18 -3.02
N LYS E 285 -57.19 15.97 -3.74
CA LYS E 285 -58.62 16.01 -3.51
C LYS E 285 -59.38 14.82 -4.10
N ASP E 286 -58.75 14.02 -4.96
CA ASP E 286 -59.40 12.86 -5.58
C ASP E 286 -59.83 11.84 -4.53
N PRO E 287 -61.08 11.37 -4.55
CA PRO E 287 -61.49 10.31 -3.60
C PRO E 287 -60.77 9.00 -3.79
N TRP E 288 -60.15 8.76 -4.95
CA TRP E 288 -59.38 7.55 -5.20
C TRP E 288 -57.89 7.84 -5.40
N ILE E 289 -57.36 8.85 -4.71
CA ILE E 289 -55.99 9.28 -4.95
C ILE E 289 -54.99 8.17 -4.60
N ARG E 290 -55.28 7.41 -3.54
CA ARG E 290 -54.37 6.34 -3.13
C ARG E 290 -54.32 5.23 -4.18
N ASP E 291 -55.48 4.83 -4.70
CA ASP E 291 -55.50 3.84 -5.77
C ASP E 291 -54.83 4.38 -7.02
N ARG E 292 -55.00 5.67 -7.28
CA ARG E 292 -54.38 6.30 -8.44
C ARG E 292 -52.85 6.24 -8.36
N ILE E 293 -52.29 6.65 -7.22
CA ILE E 293 -50.85 6.57 -7.02
C ILE E 293 -50.36 5.12 -7.15
N ILE E 294 -51.05 4.19 -6.48
CA ILE E 294 -50.64 2.79 -6.51
C ILE E 294 -50.64 2.23 -7.93
N SER E 295 -51.67 2.56 -8.72
CA SER E 295 -51.68 2.12 -10.10
C SER E 295 -50.67 2.86 -10.96
N SER E 296 -50.13 3.98 -10.47
CA SER E 296 -49.05 4.67 -11.16
C SER E 296 -47.67 4.11 -10.84
N ILE E 297 -47.57 3.09 -9.98
CA ILE E 297 -46.30 2.52 -9.56
C ILE E 297 -45.95 1.37 -10.51
N ALA E 298 -44.84 1.50 -11.23
CA ALA E 298 -44.39 0.52 -12.19
C ALA E 298 -45.49 0.24 -13.20
N PRO E 299 -45.86 1.23 -14.02
CA PRO E 299 -47.04 1.05 -14.87
C PRO E 299 -46.86 -0.04 -15.92
N SER E 300 -45.63 -0.47 -16.18
CA SER E 300 -45.36 -1.49 -17.16
C SER E 300 -45.32 -2.90 -16.56
N ILE E 301 -45.89 -3.10 -15.37
CA ILE E 301 -45.87 -4.41 -14.72
C ILE E 301 -47.31 -4.89 -14.54
N TYR E 302 -47.64 -6.04 -15.13
CA TYR E 302 -48.96 -6.64 -15.01
C TYR E 302 -49.13 -7.25 -13.62
N GLY E 303 -50.12 -6.79 -12.88
CA GLY E 303 -50.40 -7.38 -11.58
C GLY E 303 -49.52 -6.79 -10.49
N HIS E 304 -49.22 -7.62 -9.48
CA HIS E 304 -48.41 -7.22 -8.33
C HIS E 304 -48.97 -5.96 -7.68
N TRP E 305 -50.29 -5.93 -7.48
CA TRP E 305 -50.91 -4.74 -6.90
C TRP E 305 -50.55 -4.62 -5.43
N GLU E 306 -50.48 -5.74 -4.71
CA GLU E 306 -50.08 -5.68 -3.32
C GLU E 306 -48.66 -5.10 -3.20
N LEU E 307 -47.74 -5.55 -4.06
CA LEU E 307 -46.38 -5.04 -4.00
C LEU E 307 -46.32 -3.58 -4.41
N LYS E 308 -47.10 -3.19 -5.44
CA LYS E 308 -47.09 -1.79 -5.85
C LYS E 308 -47.59 -0.91 -4.72
N GLU E 309 -48.61 -1.36 -4.00
CA GLU E 309 -49.11 -0.65 -2.83
C GLU E 309 -48.02 -0.53 -1.77
N ALA E 310 -47.31 -1.63 -1.51
CA ALA E 310 -46.23 -1.61 -0.50
C ALA E 310 -45.14 -0.62 -0.90
N LEU E 311 -44.79 -0.59 -2.18
CA LEU E 311 -43.79 0.36 -2.65
C LEU E 311 -44.26 1.80 -2.49
N ALA E 312 -45.54 2.05 -2.77
CA ALA E 312 -46.08 3.40 -2.58
C ALA E 312 -45.98 3.81 -1.12
N LEU E 313 -46.32 2.90 -0.21
CA LEU E 313 -46.20 3.21 1.21
C LEU E 313 -44.77 3.55 1.57
N ALA E 314 -43.82 2.69 1.18
CA ALA E 314 -42.41 2.91 1.50
C ALA E 314 -41.91 4.22 0.92
N LEU E 315 -42.45 4.62 -0.23
CA LEU E 315 -42.10 5.91 -0.80
C LEU E 315 -42.58 7.04 0.10
N PHE E 316 -43.78 6.89 0.69
CA PHE E 316 -44.31 7.98 1.51
C PHE E 316 -43.81 7.92 2.96
N GLY E 317 -43.84 6.76 3.58
CA GLY E 317 -43.33 6.57 4.92
C GLY E 317 -44.10 7.22 6.05
N GLY E 318 -43.97 6.66 7.26
CA GLY E 318 -44.60 7.23 8.45
C GLY E 318 -43.89 8.49 8.90
N VAL E 319 -44.12 8.92 10.13
CA VAL E 319 -43.53 10.15 10.65
C VAL E 319 -42.45 9.77 11.67
N PRO E 320 -41.23 10.25 11.51
CA PRO E 320 -40.22 10.01 12.54
C PRO E 320 -40.49 10.90 13.75
N LYS E 321 -40.30 10.33 14.93
CA LYS E 321 -40.49 11.01 16.21
C LYS E 321 -39.12 11.27 16.82
N VAL E 322 -38.80 12.53 17.07
CA VAL E 322 -37.52 12.92 17.65
C VAL E 322 -37.82 13.52 19.02
N LEU E 323 -37.35 12.86 20.07
CA LEU E 323 -37.78 13.11 21.44
C LEU E 323 -36.65 13.60 22.33
N GLU E 324 -36.98 13.71 23.62
CA GLU E 324 -36.04 14.16 24.63
C GLU E 324 -34.90 13.15 24.80
N ASP E 325 -35.26 11.87 24.92
CA ASP E 325 -34.31 10.81 25.21
C ASP E 325 -33.94 9.98 23.98
N THR E 326 -34.93 9.45 23.29
CA THR E 326 -34.70 8.63 22.10
C THR E 326 -35.30 9.31 20.88
N ARG E 327 -35.18 8.63 19.75
CA ARG E 327 -35.90 8.97 18.54
C ARG E 327 -36.44 7.67 17.96
N ILE E 328 -37.55 7.76 17.24
CA ILE E 328 -38.30 6.60 16.79
C ILE E 328 -38.31 6.59 15.25
N ARG E 329 -38.01 5.43 14.67
CA ARG E 329 -37.81 5.33 13.24
C ARG E 329 -39.12 5.56 12.49
N GLY E 330 -39.05 6.37 11.43
CA GLY E 330 -40.24 6.68 10.66
C GLY E 330 -40.31 6.07 9.27
N ASP E 331 -39.17 5.68 8.72
CA ASP E 331 -39.11 5.15 7.36
C ASP E 331 -39.60 3.69 7.35
N ILE E 332 -40.11 3.25 6.21
CA ILE E 332 -40.76 1.95 6.08
C ILE E 332 -39.87 1.01 5.27
N HIS E 333 -39.60 -0.17 5.83
CA HIS E 333 -38.79 -1.18 5.17
C HIS E 333 -39.69 -2.22 4.51
N ILE E 334 -39.31 -2.66 3.31
CA ILE E 334 -40.09 -3.62 2.52
C ILE E 334 -39.15 -4.73 2.05
N LEU E 335 -39.59 -5.99 2.14
CA LEU E 335 -38.82 -7.11 1.59
C LEU E 335 -39.70 -7.93 0.65
N ILE E 336 -39.21 -8.17 -0.56
CA ILE E 336 -39.89 -8.99 -1.57
C ILE E 336 -39.01 -10.19 -1.87
N ILE E 337 -39.45 -11.39 -1.49
CA ILE E 337 -38.75 -12.62 -1.85
C ILE E 337 -39.60 -13.34 -2.89
N GLY E 338 -39.03 -13.54 -4.08
CA GLY E 338 -39.84 -14.04 -5.17
C GLY E 338 -39.06 -14.89 -6.14
N ASP E 339 -39.80 -15.72 -6.87
CA ASP E 339 -39.26 -16.58 -7.92
C ASP E 339 -38.49 -15.72 -8.93
N PRO E 340 -37.62 -16.34 -9.74
CA PRO E 340 -36.90 -15.55 -10.73
C PRO E 340 -37.84 -15.08 -11.82
N GLY E 341 -37.62 -13.86 -12.28
CA GLY E 341 -38.43 -13.31 -13.36
C GLY E 341 -39.80 -12.82 -12.95
N THR E 342 -39.96 -12.33 -11.72
CA THR E 342 -41.25 -11.90 -11.20
C THR E 342 -41.32 -10.38 -11.11
N ALA E 343 -40.57 -9.69 -11.98
CA ALA E 343 -40.56 -8.24 -12.10
C ALA E 343 -39.99 -7.54 -10.87
N LYS E 344 -39.28 -8.28 -10.01
CA LYS E 344 -38.74 -7.66 -8.80
C LYS E 344 -37.80 -6.50 -9.15
N SER E 345 -36.76 -6.80 -9.91
CA SER E 345 -35.76 -5.79 -10.24
C SER E 345 -36.39 -4.62 -10.99
N GLN E 346 -37.37 -4.87 -11.86
CA GLN E 346 -37.96 -3.79 -12.64
C GLN E 346 -38.74 -2.81 -11.77
N MET E 347 -39.55 -3.34 -10.83
CA MET E 347 -40.24 -2.45 -9.91
C MET E 347 -39.26 -1.69 -9.02
N LEU E 348 -38.18 -2.35 -8.58
CA LEU E 348 -37.23 -1.64 -7.71
C LEU E 348 -36.51 -0.54 -8.48
N GLN E 349 -36.20 -0.78 -9.75
CA GLN E 349 -35.64 0.28 -10.58
C GLN E 349 -36.62 1.43 -10.71
N PHE E 350 -37.90 1.11 -10.87
CA PHE E 350 -38.89 2.19 -10.96
C PHE E 350 -38.83 3.05 -9.71
N ILE E 351 -38.87 2.42 -8.53
CA ILE E 351 -38.97 3.24 -7.31
C ILE E 351 -37.69 4.02 -7.11
N SER E 352 -36.57 3.53 -7.61
CA SER E 352 -35.39 4.39 -7.60
C SER E 352 -35.58 5.57 -8.53
N ARG E 353 -36.30 5.38 -9.63
CA ARG E 353 -36.48 6.47 -10.57
C ARG E 353 -37.43 7.53 -10.04
N VAL E 354 -38.55 7.12 -9.46
CA VAL E 354 -39.59 8.07 -9.06
C VAL E 354 -39.28 8.74 -7.72
N ALA E 355 -38.44 8.14 -6.91
CA ALA E 355 -38.14 8.70 -5.60
C ALA E 355 -37.40 10.03 -5.75
N PRO E 356 -37.79 11.06 -4.98
CA PRO E 356 -37.02 12.31 -4.99
C PRO E 356 -35.58 12.14 -4.55
N ARG E 357 -35.26 11.17 -3.70
CA ARG E 357 -33.86 10.84 -3.39
C ARG E 357 -33.74 9.36 -3.09
N ALA E 358 -32.95 8.64 -3.91
CA ALA E 358 -32.84 7.18 -3.80
C ALA E 358 -31.45 6.71 -4.18
N VAL E 359 -31.07 5.56 -3.65
CA VAL E 359 -29.80 4.90 -3.95
C VAL E 359 -30.07 3.43 -4.20
N TYR E 360 -29.56 2.91 -5.30
CA TYR E 360 -29.78 1.53 -5.74
C TYR E 360 -28.49 0.73 -5.57
N THR E 361 -28.58 -0.45 -4.96
CA THR E 361 -27.44 -1.32 -4.76
C THR E 361 -27.86 -2.78 -4.89
N THR E 362 -26.87 -3.62 -5.13
CA THR E 362 -27.07 -5.05 -5.26
C THR E 362 -26.31 -5.75 -4.15
N GLY E 363 -26.93 -6.81 -3.60
CA GLY E 363 -26.31 -7.57 -2.54
C GLY E 363 -24.93 -8.10 -2.91
N LYS E 364 -24.71 -8.44 -4.18
CA LYS E 364 -23.39 -8.90 -4.60
C LYS E 364 -22.50 -7.73 -5.01
N GLY E 365 -23.06 -6.59 -5.36
CA GLY E 365 -22.26 -5.43 -5.68
C GLY E 365 -21.83 -4.62 -4.48
N SER E 366 -22.26 -5.02 -3.29
CA SER E 366 -22.06 -4.28 -2.06
C SER E 366 -21.32 -5.13 -1.02
N THR E 367 -20.47 -4.46 -0.23
CA THR E 367 -19.80 -5.05 0.92
C THR E 367 -20.51 -4.59 2.18
N ALA E 368 -20.04 -5.03 3.35
CA ALA E 368 -20.57 -4.44 4.58
C ALA E 368 -20.12 -3.00 4.73
N ALA E 369 -18.84 -2.73 4.41
CA ALA E 369 -18.33 -1.37 4.48
C ALA E 369 -18.91 -0.50 3.36
N GLY E 370 -19.19 -1.11 2.21
CA GLY E 370 -19.80 -0.38 1.11
C GLY E 370 -21.24 -0.02 1.34
N LEU E 371 -21.92 -0.76 2.21
CA LEU E 371 -23.32 -0.51 2.54
C LEU E 371 -23.50 0.42 3.73
N THR E 372 -22.51 0.51 4.62
CA THR E 372 -22.65 1.29 5.83
C THR E 372 -21.66 2.46 5.85
N ALA E 373 -20.38 2.19 6.11
CA ALA E 373 -19.39 3.25 6.17
C ALA E 373 -18.02 2.62 6.02
N ALA E 374 -17.19 3.26 5.22
CA ALA E 374 -15.90 2.72 4.84
C ALA E 374 -14.80 3.55 5.49
N VAL E 375 -13.81 2.88 6.09
CA VAL E 375 -12.63 3.54 6.62
C VAL E 375 -11.53 3.45 5.56
N VAL E 376 -11.27 4.55 4.86
CA VAL E 376 -10.34 4.52 3.74
C VAL E 376 -9.01 5.09 4.19
N ARG E 377 -7.93 4.36 3.92
CA ARG E 377 -6.57 4.85 4.15
C ARG E 377 -6.21 5.69 2.94
N GLU E 378 -6.39 7.00 3.04
CA GLU E 378 -5.96 7.89 1.97
C GLU E 378 -4.44 7.88 1.94
N LYS E 379 -3.85 7.21 0.93
CA LYS E 379 -2.40 7.11 0.80
C LYS E 379 -1.73 8.43 0.44
N GLY E 380 -2.51 9.49 0.24
CA GLY E 380 -1.96 10.81 0.01
C GLY E 380 -1.60 11.42 1.35
N THR E 381 -2.62 11.76 2.16
CA THR E 381 -2.37 12.29 3.49
C THR E 381 -1.74 11.25 4.43
N GLY E 382 -1.88 9.96 4.12
CA GLY E 382 -1.34 8.91 4.96
C GLY E 382 -2.26 8.46 6.08
N GLU E 383 -3.29 9.24 6.40
CA GLU E 383 -4.15 9.02 7.55
C GLU E 383 -5.50 8.43 7.14
N TYR E 384 -6.19 7.88 8.14
CA TYR E 384 -7.45 7.18 7.94
C TYR E 384 -8.64 8.14 7.97
N TYR E 385 -9.61 7.87 7.10
CA TYR E 385 -10.68 8.79 6.75
C TYR E 385 -11.99 8.03 6.73
N LEU E 386 -13.09 8.75 6.95
CA LEU E 386 -14.41 8.12 6.99
C LEU E 386 -15.15 8.44 5.69
N GLU E 387 -15.79 7.42 5.09
CA GLU E 387 -16.46 7.62 3.81
C GLU E 387 -17.86 7.04 3.87
N ALA E 388 -18.83 7.81 3.36
CA ALA E 388 -20.21 7.39 3.43
C ALA E 388 -20.45 6.18 2.56
N GLY E 389 -21.01 5.14 3.16
CA GLY E 389 -21.46 3.97 2.44
C GLY E 389 -22.86 4.19 1.90
N ALA E 390 -23.47 3.09 1.44
CA ALA E 390 -24.74 3.22 0.71
C ALA E 390 -25.84 3.75 1.62
N LEU E 391 -26.04 3.13 2.78
CA LEU E 391 -27.12 3.51 3.67
C LEU E 391 -26.96 4.93 4.21
N VAL E 392 -25.75 5.47 4.25
CA VAL E 392 -25.57 6.84 4.70
C VAL E 392 -25.91 7.84 3.60
N LEU E 393 -25.52 7.53 2.36
CA LEU E 393 -25.85 8.40 1.24
C LEU E 393 -27.35 8.48 0.99
N ALA E 394 -28.10 7.48 1.42
CA ALA E 394 -29.54 7.46 1.25
C ALA E 394 -30.29 8.20 2.37
N ASP E 395 -29.58 8.95 3.22
CA ASP E 395 -30.22 9.64 4.34
C ASP E 395 -31.38 10.51 3.84
N GLY E 396 -32.51 10.39 4.51
CA GLY E 396 -33.71 11.10 4.10
C GLY E 396 -34.41 10.49 2.92
N GLY E 397 -33.96 9.33 2.46
CA GLY E 397 -34.57 8.76 1.27
C GLY E 397 -34.64 7.25 1.29
N ILE E 398 -34.41 6.64 0.14
CA ILE E 398 -34.67 5.22 -0.06
C ILE E 398 -33.36 4.53 -0.45
N ALA E 399 -33.13 3.37 0.15
CA ALA E 399 -32.05 2.49 -0.18
C ALA E 399 -32.65 1.19 -0.71
N VAL E 400 -32.31 0.85 -1.95
CA VAL E 400 -32.81 -0.34 -2.61
C VAL E 400 -31.72 -1.39 -2.55
N ILE E 401 -32.01 -2.56 -2.00
CA ILE E 401 -31.05 -3.66 -1.98
C ILE E 401 -31.65 -4.80 -2.80
N ASP E 402 -31.26 -4.91 -4.06
CA ASP E 402 -31.69 -6.04 -4.87
C ASP E 402 -30.74 -7.22 -4.65
N GLU E 403 -31.26 -8.42 -4.90
CA GLU E 403 -30.53 -9.69 -4.74
C GLU E 403 -29.98 -9.86 -3.32
N ILE E 404 -30.82 -9.58 -2.33
CA ILE E 404 -30.35 -9.58 -0.94
C ILE E 404 -30.01 -11.00 -0.49
N ASP E 405 -30.50 -12.03 -1.16
CA ASP E 405 -30.10 -13.39 -0.80
C ASP E 405 -28.69 -13.76 -1.27
N LYS E 406 -28.05 -12.92 -2.06
CA LYS E 406 -26.68 -13.18 -2.51
C LYS E 406 -25.62 -12.57 -1.58
N MET E 407 -26.04 -11.83 -0.57
CA MET E 407 -25.13 -11.29 0.42
C MET E 407 -24.55 -12.41 1.28
N ARG E 408 -23.31 -12.25 1.71
CA ARG E 408 -22.81 -13.04 2.83
C ARG E 408 -23.54 -12.62 4.11
N ASP E 409 -23.97 -13.59 4.91
CA ASP E 409 -24.66 -13.23 6.15
C ASP E 409 -23.77 -12.34 7.01
N GLU E 410 -22.47 -12.66 7.08
CA GLU E 410 -21.53 -11.86 7.83
C GLU E 410 -21.49 -10.41 7.34
N ASP E 411 -21.78 -10.19 6.06
CA ASP E 411 -21.93 -8.84 5.54
C ASP E 411 -23.33 -8.27 5.75
N ARG E 412 -24.37 -9.10 5.61
CA ARG E 412 -25.73 -8.56 5.68
C ARG E 412 -26.09 -8.10 7.09
N VAL E 413 -25.52 -8.70 8.14
CA VAL E 413 -25.83 -8.22 9.49
C VAL E 413 -25.32 -6.82 9.77
N ALA E 414 -24.42 -6.29 8.93
CA ALA E 414 -23.89 -4.94 9.12
C ALA E 414 -24.93 -3.85 8.97
N ILE E 415 -26.10 -4.15 8.41
CA ILE E 415 -27.11 -3.12 8.23
C ILE E 415 -28.20 -3.16 9.28
N HIS E 416 -28.11 -4.06 10.27
CA HIS E 416 -29.17 -4.17 11.27
C HIS E 416 -29.32 -2.87 12.07
N GLU E 417 -28.20 -2.34 12.57
CA GLU E 417 -28.25 -1.06 13.26
C GLU E 417 -28.80 0.01 12.36
N ALA E 418 -28.32 0.08 11.12
CA ALA E 418 -28.82 1.11 10.22
C ALA E 418 -30.32 0.97 9.94
N MET E 419 -30.83 -0.27 9.94
CA MET E 419 -32.22 -0.50 9.60
C MET E 419 -33.15 -0.07 10.71
N GLU E 420 -32.74 -0.27 11.97
CA GLU E 420 -33.58 0.13 13.11
C GLU E 420 -33.18 1.47 13.72
N GLN E 421 -31.96 1.59 14.24
CA GLN E 421 -31.54 2.83 14.87
C GLN E 421 -31.18 3.91 13.87
N GLN E 422 -31.10 3.57 12.57
CA GLN E 422 -30.85 4.54 11.51
C GLN E 422 -29.59 5.36 11.79
N THR E 423 -28.63 4.74 12.46
CA THR E 423 -27.26 5.23 12.55
C THR E 423 -26.34 4.08 12.16
N VAL E 424 -25.22 4.43 11.54
CA VAL E 424 -24.13 3.49 11.32
C VAL E 424 -22.99 3.98 12.20
N SER E 425 -22.64 3.20 13.22
CA SER E 425 -21.56 3.58 14.11
C SER E 425 -20.43 2.61 13.90
N ILE E 426 -19.23 3.14 13.66
CA ILE E 426 -18.06 2.30 13.44
C ILE E 426 -16.94 2.73 14.37
N ALA E 427 -16.08 1.76 14.70
CA ALA E 427 -14.94 1.97 15.58
C ALA E 427 -13.82 1.09 15.05
N LYS E 428 -12.93 1.69 14.24
CA LYS E 428 -11.92 0.95 13.51
C LYS E 428 -10.72 1.86 13.26
N ALA E 429 -9.52 1.25 13.24
CA ALA E 429 -8.27 1.92 12.85
C ALA E 429 -8.07 3.28 13.51
N GLY E 430 -8.43 3.39 14.79
CA GLY E 430 -8.19 4.62 15.52
C GLY E 430 -9.20 5.73 15.30
N ILE E 431 -10.33 5.44 14.67
CA ILE E 431 -11.43 6.40 14.55
C ILE E 431 -12.70 5.78 15.09
N VAL E 432 -13.42 6.54 15.90
CA VAL E 432 -14.73 6.14 16.41
C VAL E 432 -15.71 7.22 15.98
N ALA E 433 -16.75 6.83 15.25
CA ALA E 433 -17.67 7.82 14.72
C ALA E 433 -19.00 7.15 14.43
N LYS E 434 -20.03 7.98 14.22
CA LYS E 434 -21.36 7.48 13.87
C LYS E 434 -22.05 8.45 12.92
N LEU E 435 -22.54 7.93 11.80
CA LEU E 435 -23.24 8.73 10.78
C LEU E 435 -24.73 8.40 10.76
N ASN E 436 -25.52 9.35 10.26
CA ASN E 436 -26.96 9.19 10.12
C ASN E 436 -27.33 8.34 8.92
N ALA E 437 -28.11 7.29 9.16
CA ALA E 437 -28.57 6.41 8.09
C ALA E 437 -30.09 6.34 8.09
N ARG E 438 -30.74 7.49 7.97
CA ARG E 438 -32.20 7.57 8.01
C ARG E 438 -32.78 7.31 6.61
N ALA E 439 -32.73 6.04 6.22
CA ALA E 439 -33.19 5.62 4.90
C ALA E 439 -34.15 4.44 5.03
N ALA E 440 -35.09 4.39 4.09
CA ALA E 440 -36.00 3.26 3.98
C ALA E 440 -35.37 2.21 3.07
N VAL E 441 -35.32 0.97 3.55
CA VAL E 441 -34.72 -0.14 2.82
C VAL E 441 -35.82 -0.89 2.04
N ILE E 442 -35.60 -1.04 0.75
CA ILE E 442 -36.50 -1.80 -0.10
C ILE E 442 -35.66 -2.92 -0.71
N ALA E 443 -35.97 -4.16 -0.36
CA ALA E 443 -35.11 -5.29 -0.67
C ALA E 443 -35.87 -6.33 -1.49
N ALA E 444 -35.13 -7.08 -2.30
CA ALA E 444 -35.70 -8.17 -3.06
C ALA E 444 -34.67 -9.29 -3.14
N GLY E 445 -35.17 -10.51 -3.24
CA GLY E 445 -34.28 -11.66 -3.33
C GLY E 445 -35.02 -12.89 -3.81
N ASN E 446 -34.27 -13.97 -4.02
CA ASN E 446 -34.90 -15.24 -4.35
C ASN E 446 -35.00 -16.14 -3.13
N PRO E 447 -35.85 -17.16 -3.17
CA PRO E 447 -35.85 -18.18 -2.12
C PRO E 447 -34.54 -18.95 -2.12
N LYS E 448 -34.37 -19.78 -1.08
CA LYS E 448 -33.12 -20.52 -0.93
C LYS E 448 -32.78 -21.29 -2.20
N PHE E 449 -33.77 -21.83 -2.88
CA PHE E 449 -33.58 -22.66 -4.06
C PHE E 449 -33.96 -21.92 -5.34
N GLY E 450 -33.59 -20.65 -5.46
CA GLY E 450 -33.92 -19.91 -6.66
C GLY E 450 -35.40 -19.60 -6.79
N ARG E 451 -36.20 -20.65 -6.93
CA ARG E 451 -37.66 -20.59 -6.95
C ARG E 451 -38.24 -21.05 -5.61
N TYR E 452 -39.47 -20.63 -5.34
CA TYR E 452 -40.12 -21.05 -4.11
C TYR E 452 -40.57 -22.51 -4.21
N ILE E 453 -40.35 -23.26 -3.13
CA ILE E 453 -40.71 -24.66 -3.05
C ILE E 453 -41.82 -24.80 -2.00
N SER E 454 -43.07 -24.94 -2.47
CA SER E 454 -44.20 -25.07 -1.55
C SER E 454 -44.17 -26.38 -0.78
N GLU E 455 -43.42 -27.37 -1.27
CA GLU E 455 -43.30 -28.63 -0.57
C GLU E 455 -42.48 -28.52 0.71
N ARG E 456 -41.74 -27.40 0.90
CA ARG E 456 -40.90 -27.15 2.05
C ARG E 456 -41.43 -25.99 2.89
N PRO E 457 -41.11 -25.96 4.18
CA PRO E 457 -41.58 -24.87 5.04
C PRO E 457 -41.04 -23.52 4.62
N VAL E 458 -41.74 -22.47 5.06
CA VAL E 458 -41.38 -21.09 4.72
C VAL E 458 -40.05 -20.69 5.35
N SER E 459 -39.70 -21.30 6.48
CA SER E 459 -38.48 -20.91 7.19
C SER E 459 -37.28 -21.11 6.28
N ASP E 460 -36.95 -22.36 6.00
CA ASP E 460 -35.79 -22.63 5.17
C ASP E 460 -36.03 -22.30 3.70
N ASN E 461 -37.16 -21.71 3.33
CA ASN E 461 -37.34 -21.23 1.96
C ASN E 461 -36.95 -19.77 1.87
N ILE E 462 -37.32 -18.99 2.89
CA ILE E 462 -36.92 -17.58 2.97
C ILE E 462 -35.42 -17.48 3.18
N ASN E 463 -34.89 -18.31 4.10
CA ASN E 463 -33.45 -18.42 4.32
C ASN E 463 -32.86 -17.10 4.82
N LEU E 464 -33.54 -16.51 5.80
CA LEU E 464 -33.10 -15.28 6.43
C LEU E 464 -33.34 -15.37 7.92
N PRO E 465 -32.49 -14.74 8.72
CA PRO E 465 -32.63 -14.80 10.17
C PRO E 465 -33.86 -14.04 10.65
N PRO E 466 -34.39 -14.38 11.83
CA PRO E 466 -35.50 -13.58 12.37
C PRO E 466 -35.08 -12.17 12.73
N THR E 467 -33.80 -11.98 13.10
CA THR E 467 -33.32 -10.68 13.52
C THR E 467 -33.45 -9.66 12.40
N ILE E 468 -33.22 -10.06 11.14
CA ILE E 468 -33.42 -9.11 10.07
C ILE E 468 -34.85 -9.08 9.55
N LEU E 469 -35.56 -10.20 9.57
CA LEU E 469 -36.92 -10.21 9.03
C LEU E 469 -37.82 -9.32 9.87
N SER E 470 -37.61 -9.31 11.19
CA SER E 470 -38.41 -8.44 12.05
C SER E 470 -38.15 -6.97 11.76
N ARG E 471 -36.97 -6.62 11.25
CA ARG E 471 -36.72 -5.24 10.83
C ARG E 471 -37.60 -4.83 9.65
N PHE E 472 -38.18 -5.80 8.94
CA PHE E 472 -38.99 -5.52 7.76
C PHE E 472 -40.46 -5.39 8.16
N ASP E 473 -41.06 -4.25 7.79
CA ASP E 473 -42.47 -4.04 8.11
C ASP E 473 -43.37 -4.99 7.33
N LEU E 474 -43.09 -5.15 6.03
CA LEU E 474 -43.84 -6.02 5.13
C LEU E 474 -42.92 -6.91 4.33
N ILE E 475 -43.29 -8.19 4.24
CA ILE E 475 -42.56 -9.20 3.48
C ILE E 475 -43.54 -9.89 2.56
N PHE E 476 -43.31 -9.82 1.26
CA PHE E 476 -44.17 -10.55 0.34
C PHE E 476 -43.37 -11.69 -0.30
N ILE E 477 -44.08 -12.77 -0.57
CA ILE E 477 -43.53 -13.92 -1.28
C ILE E 477 -44.20 -14.00 -2.64
N LEU E 478 -43.40 -13.82 -3.68
CA LEU E 478 -43.85 -13.82 -5.07
C LEU E 478 -43.62 -15.20 -5.66
N LYS E 479 -44.70 -15.91 -5.93
CA LYS E 479 -44.62 -17.18 -6.63
C LYS E 479 -44.98 -16.94 -8.09
N ASP E 480 -44.20 -17.51 -9.01
CA ASP E 480 -44.47 -17.36 -10.44
C ASP E 480 -45.03 -18.68 -10.94
N GLN E 481 -46.32 -18.86 -10.73
CA GLN E 481 -46.98 -20.11 -11.08
C GLN E 481 -47.88 -19.91 -12.31
N PRO E 482 -47.63 -20.64 -13.39
CA PRO E 482 -48.42 -20.45 -14.61
C PRO E 482 -49.84 -20.99 -14.46
N GLY E 483 -50.80 -20.20 -14.88
CA GLY E 483 -52.21 -20.57 -14.79
C GLY E 483 -52.98 -19.98 -15.93
N GLU E 484 -54.16 -19.46 -15.63
CA GLU E 484 -54.89 -18.67 -16.62
C GLU E 484 -54.31 -17.28 -16.79
N GLN E 485 -53.53 -16.81 -15.79
CA GLN E 485 -52.88 -15.51 -15.88
C GLN E 485 -51.99 -15.36 -17.11
N ASP E 486 -51.54 -16.47 -17.70
CA ASP E 486 -50.46 -16.41 -18.67
C ASP E 486 -50.83 -15.56 -19.87
N ARG E 487 -51.98 -15.82 -20.49
CA ARG E 487 -52.36 -15.11 -21.70
C ARG E 487 -52.51 -13.61 -21.45
N GLU E 488 -53.23 -13.24 -20.39
CA GLU E 488 -53.36 -11.83 -20.05
C GLU E 488 -52.00 -11.19 -19.83
N LEU E 489 -51.13 -11.86 -19.06
CA LEU E 489 -49.76 -11.42 -18.83
C LEU E 489 -49.04 -11.12 -20.14
N ALA E 490 -49.05 -12.09 -21.05
CA ALA E 490 -48.36 -11.96 -22.32
C ALA E 490 -48.93 -10.80 -23.12
N ASN E 491 -50.25 -10.64 -23.12
CA ASN E 491 -50.86 -9.54 -23.85
C ASN E 491 -50.39 -8.22 -23.30
N TYR E 492 -50.32 -8.09 -21.98
CA TYR E 492 -49.80 -6.88 -21.40
C TYR E 492 -48.36 -6.64 -21.86
N ILE E 493 -47.53 -7.68 -21.82
CA ILE E 493 -46.11 -7.53 -22.17
C ILE E 493 -45.96 -7.01 -23.60
N LEU E 494 -46.66 -7.66 -24.53
CA LEU E 494 -46.55 -7.28 -25.93
C LEU E 494 -47.14 -5.90 -26.18
N ASP E 495 -48.23 -5.55 -25.49
CA ASP E 495 -48.77 -4.20 -25.62
C ASP E 495 -47.77 -3.16 -25.14
N VAL E 496 -47.03 -3.47 -24.06
CA VAL E 496 -45.99 -2.56 -23.59
C VAL E 496 -44.93 -2.38 -24.64
N HIS E 497 -44.54 -3.49 -25.28
CA HIS E 497 -43.52 -3.41 -26.31
C HIS E 497 -43.99 -2.58 -27.49
N SER E 498 -45.28 -2.71 -27.84
CA SER E 498 -45.84 -2.02 -28.99
C SER E 498 -45.96 -0.52 -28.79
N GLY E 499 -45.86 -0.03 -27.57
CA GLY E 499 -46.08 1.38 -27.33
C GLY E 499 -47.49 1.73 -26.87
N LYS E 500 -48.24 0.75 -26.38
CA LYS E 500 -49.59 0.97 -25.88
C LYS E 500 -49.52 1.30 -24.40
N SER E 501 -49.52 2.60 -24.08
CA SER E 501 -49.45 3.13 -22.73
C SER E 501 -50.84 3.38 -22.13
N THR E 502 -50.88 3.42 -20.80
CA THR E 502 -52.06 3.42 -19.95
C THR E 502 -52.65 4.82 -19.68
N LYS E 503 -53.93 4.84 -19.35
CA LYS E 503 -54.64 6.03 -18.91
C LYS E 503 -54.59 6.08 -17.38
N ASN E 504 -55.46 6.92 -16.77
CA ASN E 504 -55.65 7.07 -15.33
C ASN E 504 -54.32 6.88 -14.60
N ILE E 505 -53.28 7.49 -15.15
CA ILE E 505 -51.92 7.39 -14.63
C ILE E 505 -51.47 8.76 -14.14
N ILE E 506 -50.47 8.75 -13.27
CA ILE E 506 -49.82 9.97 -12.80
C ILE E 506 -48.41 9.98 -13.38
N ASP E 507 -48.08 10.99 -14.17
CA ASP E 507 -46.77 11.00 -14.82
C ASP E 507 -45.65 11.09 -13.77
N ILE E 508 -44.51 10.49 -14.11
CA ILE E 508 -43.46 10.23 -13.13
C ILE E 508 -42.92 11.55 -12.54
N ASP E 509 -42.92 12.63 -13.32
CA ASP E 509 -42.46 13.92 -12.81
C ASP E 509 -43.37 14.42 -11.71
N THR E 510 -44.69 14.44 -11.96
CA THR E 510 -45.58 14.95 -10.94
C THR E 510 -45.71 13.98 -9.77
N LEU E 511 -45.64 12.67 -10.02
CA LEU E 511 -45.65 11.73 -8.91
C LEU E 511 -44.46 11.98 -7.97
N ARG E 512 -43.27 12.19 -8.54
CA ARG E 512 -42.12 12.51 -7.70
C ARG E 512 -42.31 13.81 -6.95
N LYS E 513 -42.78 14.86 -7.64
CA LYS E 513 -42.99 16.13 -6.95
C LYS E 513 -43.97 15.97 -5.79
N TYR E 514 -45.01 15.17 -6.01
CA TYR E 514 -46.05 14.95 -5.01
C TYR E 514 -45.49 14.23 -3.79
N ILE E 515 -44.73 13.16 -4.01
CA ILE E 515 -44.09 12.46 -2.89
C ILE E 515 -43.22 13.42 -2.10
N ALA E 516 -42.42 14.22 -2.82
CA ALA E 516 -41.54 15.18 -2.15
C ALA E 516 -42.32 16.12 -1.24
N TYR E 517 -43.34 16.76 -1.80
CA TYR E 517 -44.14 17.71 -1.03
C TYR E 517 -44.79 17.07 0.19
N ALA E 518 -45.39 15.87 0.00
CA ALA E 518 -46.07 15.21 1.11
C ALA E 518 -45.09 14.83 2.22
N ARG E 519 -43.92 14.28 1.87
CA ARG E 519 -42.96 13.94 2.91
C ARG E 519 -42.52 15.20 3.66
N LYS E 520 -42.40 16.32 2.93
CA LYS E 520 -41.89 17.53 3.55
C LYS E 520 -42.93 18.20 4.44
N TYR E 521 -44.21 18.14 4.07
CA TYR E 521 -45.19 19.01 4.69
C TYR E 521 -46.32 18.30 5.44
N VAL E 522 -46.48 16.98 5.27
CA VAL E 522 -47.62 16.26 5.82
C VAL E 522 -47.12 15.44 7.01
N THR E 523 -47.60 15.78 8.19
CA THR E 523 -47.22 15.10 9.43
C THR E 523 -48.50 14.56 10.06
N PRO E 524 -48.96 13.38 9.67
CA PRO E 524 -50.26 12.88 10.16
C PRO E 524 -50.23 12.60 11.65
N LYS E 525 -51.27 13.05 12.35
CA LYS E 525 -51.47 12.72 13.75
C LYS E 525 -52.43 11.54 13.88
N ILE E 526 -52.20 10.73 14.90
CA ILE E 526 -52.98 9.51 15.09
C ILE E 526 -54.15 9.80 16.00
N THR E 527 -55.34 9.43 15.57
CA THR E 527 -56.55 9.61 16.33
C THR E 527 -56.74 8.44 17.27
N SER E 528 -57.60 8.64 18.28
CA SER E 528 -57.78 7.64 19.32
C SER E 528 -58.39 6.36 18.77
N GLU E 529 -59.36 6.49 17.87
CA GLU E 529 -59.98 5.32 17.25
C GLU E 529 -58.96 4.51 16.45
N ALA E 530 -58.09 5.20 15.71
CA ALA E 530 -57.07 4.52 14.92
C ALA E 530 -56.09 3.78 15.82
N LYS E 531 -55.72 4.41 16.94
CA LYS E 531 -54.82 3.78 17.90
C LYS E 531 -55.45 2.52 18.48
N ASN E 532 -56.76 2.55 18.74
CA ASN E 532 -57.44 1.36 19.24
C ASN E 532 -57.49 0.25 18.19
N LEU E 533 -57.74 0.59 16.93
CA LEU E 533 -57.74 -0.41 15.88
C LEU E 533 -56.37 -1.07 15.76
N ILE E 534 -55.32 -0.24 15.78
CA ILE E 534 -53.96 -0.74 15.68
C ILE E 534 -53.64 -1.66 16.84
N THR E 535 -53.97 -1.22 18.06
CA THR E 535 -53.68 -2.02 19.24
C THR E 535 -54.41 -3.37 19.22
N ASP E 536 -55.71 -3.35 18.88
CA ASP E 536 -56.46 -4.60 18.86
C ASP E 536 -55.85 -5.59 17.88
N PHE E 537 -55.51 -5.11 16.68
CA PHE E 537 -54.91 -6.02 15.70
C PHE E 537 -53.53 -6.48 16.15
N PHE E 538 -52.78 -5.61 16.84
CA PHE E 538 -51.46 -6.03 17.32
C PHE E 538 -51.56 -7.15 18.34
N VAL E 539 -52.54 -7.07 19.24
CA VAL E 539 -52.73 -8.15 20.20
C VAL E 539 -53.14 -9.44 19.48
N GLU E 540 -54.04 -9.32 18.49
CA GLU E 540 -54.43 -10.50 17.73
C GLU E 540 -53.21 -11.12 17.04
N MET E 541 -52.34 -10.28 16.47
CA MET E 541 -51.11 -10.77 15.83
C MET E 541 -50.24 -11.52 16.82
N ARG E 542 -50.05 -10.97 18.01
CA ARG E 542 -49.18 -11.63 18.97
C ARG E 542 -49.78 -12.96 19.42
N LYS E 543 -51.10 -13.04 19.55
CA LYS E 543 -51.72 -14.33 19.87
C LYS E 543 -51.52 -15.35 18.74
N LYS E 544 -51.69 -14.92 17.48
CA LYS E 544 -51.45 -15.83 16.36
C LYS E 544 -50.00 -16.32 16.37
N SER E 545 -49.08 -15.46 16.80
CA SER E 545 -47.69 -15.91 16.88
C SER E 545 -47.50 -16.90 18.00
N SER E 546 -48.13 -16.67 19.16
CA SER E 546 -47.99 -17.62 20.26
C SER E 546 -48.63 -18.96 19.97
N GLU E 547 -49.62 -19.03 19.07
CA GLU E 547 -50.13 -20.35 18.71
C GLU E 547 -49.19 -21.09 17.76
N THR E 548 -48.61 -20.39 16.78
CA THR E 548 -47.67 -20.97 15.83
C THR E 548 -46.31 -20.31 15.98
N PRO E 549 -45.57 -20.58 17.07
CA PRO E 549 -44.33 -19.82 17.35
C PRO E 549 -43.18 -20.29 16.49
N ASP E 550 -43.48 -21.09 15.48
CA ASP E 550 -42.45 -21.72 14.68
C ASP E 550 -42.45 -21.26 13.23
N SER E 551 -43.31 -20.33 12.86
CA SER E 551 -43.10 -19.62 11.60
C SER E 551 -41.89 -18.70 11.75
N PRO E 552 -41.09 -18.53 10.69
CA PRO E 552 -39.85 -17.74 10.85
C PRO E 552 -40.08 -16.25 11.03
N ILE E 553 -41.26 -15.76 10.67
CA ILE E 553 -41.61 -14.36 10.91
C ILE E 553 -42.09 -14.22 12.34
N LEU E 554 -41.35 -13.46 13.14
CA LEU E 554 -41.75 -13.21 14.53
C LEU E 554 -42.62 -11.96 14.56
N ILE E 555 -43.37 -11.81 15.65
CA ILE E 555 -44.18 -10.63 15.89
C ILE E 555 -43.57 -9.96 17.12
N THR E 556 -43.01 -8.78 16.91
CA THR E 556 -42.22 -8.04 17.89
C THR E 556 -42.81 -6.65 18.02
N PRO E 557 -42.39 -5.88 19.02
CA PRO E 557 -42.84 -4.48 19.09
C PRO E 557 -42.60 -3.68 17.82
N ARG E 558 -41.61 -4.09 17.02
CA ARG E 558 -41.41 -3.45 15.73
C ARG E 558 -42.65 -3.55 14.85
N GLN E 559 -43.42 -4.63 14.97
CA GLN E 559 -44.62 -4.78 14.16
C GLN E 559 -45.71 -3.79 14.57
N LEU E 560 -45.82 -3.50 15.87
CA LEU E 560 -46.69 -2.41 16.29
C LEU E 560 -46.22 -1.08 15.71
N GLU E 561 -44.92 -0.80 15.81
CA GLU E 561 -44.39 0.40 15.17
C GLU E 561 -44.69 0.40 13.68
N ALA E 562 -44.72 -0.78 13.05
CA ALA E 562 -44.99 -0.88 11.62
C ALA E 562 -46.43 -0.54 11.30
N LEU E 563 -47.36 -1.00 12.13
CA LEU E 563 -48.75 -0.56 11.97
C LEU E 563 -48.86 0.96 12.10
N ILE E 564 -48.15 1.53 13.09
CA ILE E 564 -48.13 2.99 13.24
C ILE E 564 -47.70 3.64 11.93
N ARG E 565 -46.52 3.25 11.44
CA ARG E 565 -45.93 3.87 10.25
C ARG E 565 -46.81 3.68 9.03
N ILE E 566 -47.39 2.49 8.85
CA ILE E 566 -48.19 2.22 7.66
C ILE E 566 -49.45 3.08 7.66
N SER E 567 -50.13 3.19 8.81
CA SER E 567 -51.31 4.03 8.84
C SER E 567 -50.93 5.51 8.65
N GLU E 568 -49.84 5.93 9.31
CA GLU E 568 -49.31 7.27 9.10
C GLU E 568 -49.05 7.52 7.61
N ALA E 569 -48.47 6.55 6.93
CA ALA E 569 -48.12 6.71 5.53
C ALA E 569 -49.36 6.74 4.65
N TYR E 570 -50.39 5.97 4.98
CA TYR E 570 -51.61 6.06 4.18
C TYR E 570 -52.22 7.45 4.28
N ALA E 571 -52.27 8.00 5.48
CA ALA E 571 -52.75 9.38 5.62
C ALA E 571 -51.86 10.33 4.84
N LYS E 572 -50.54 10.18 4.98
CA LYS E 572 -49.59 11.03 4.27
C LYS E 572 -49.83 10.96 2.77
N MET E 573 -50.15 9.76 2.29
CA MET E 573 -50.35 9.48 0.87
C MET E 573 -51.56 10.21 0.35
N ALA E 574 -52.62 10.28 1.18
CA ALA E 574 -53.80 11.04 0.81
C ALA E 574 -53.71 12.50 1.24
N LEU E 575 -52.56 12.92 1.78
CA LEU E 575 -52.26 14.25 2.29
C LEU E 575 -53.08 14.62 3.51
N LYS E 576 -53.75 13.65 4.13
CA LYS E 576 -54.51 13.93 5.35
C LYS E 576 -53.58 14.32 6.49
N ALA E 577 -54.02 15.27 7.31
CA ALA E 577 -53.26 15.72 8.47
C ALA E 577 -53.55 14.87 9.69
N GLU E 578 -54.44 13.89 9.58
CA GLU E 578 -54.79 13.00 10.67
C GLU E 578 -54.87 11.58 10.14
N VAL E 579 -54.65 10.62 11.03
CA VAL E 579 -54.80 9.20 10.68
C VAL E 579 -56.23 8.83 11.03
N THR E 580 -57.08 8.76 10.03
CA THR E 580 -58.48 8.44 10.21
C THR E 580 -58.64 6.92 10.29
N ARG E 581 -59.87 6.47 10.52
CA ARG E 581 -60.14 5.04 10.60
C ARG E 581 -59.77 4.29 9.31
N GLU E 582 -60.02 4.89 8.14
CA GLU E 582 -59.71 4.22 6.89
C GLU E 582 -58.25 3.84 6.83
N ASP E 583 -57.38 4.74 7.25
CA ASP E 583 -55.94 4.51 7.13
C ASP E 583 -55.50 3.36 8.02
N ALA E 584 -55.99 3.31 9.26
CA ALA E 584 -55.66 2.20 10.14
C ALA E 584 -56.14 0.86 9.57
N GLU E 585 -57.36 0.83 9.04
CA GLU E 585 -57.87 -0.43 8.49
C GLU E 585 -57.13 -0.85 7.22
N ARG E 586 -56.74 0.10 6.36
CA ARG E 586 -55.89 -0.26 5.22
C ARG E 586 -54.58 -0.85 5.71
N ALA E 587 -53.99 -0.25 6.74
CA ALA E 587 -52.76 -0.78 7.31
C ALA E 587 -52.94 -2.21 7.78
N ILE E 588 -54.01 -2.47 8.53
CA ILE E 588 -54.29 -3.80 9.06
C ILE E 588 -54.46 -4.81 7.93
N ASN E 589 -55.12 -4.41 6.84
CA ASN E 589 -55.39 -5.37 5.78
C ASN E 589 -54.13 -5.72 5.00
N ILE E 590 -53.28 -4.74 4.68
CA ILE E 590 -52.05 -5.11 3.97
C ILE E 590 -51.15 -5.93 4.88
N MET E 591 -51.15 -5.64 6.19
CA MET E 591 -50.39 -6.47 7.11
C MET E 591 -50.88 -7.92 7.06
N ARG E 592 -52.21 -8.10 7.03
CA ARG E 592 -52.77 -9.44 6.99
C ARG E 592 -52.44 -10.15 5.68
N LEU E 593 -52.39 -9.41 4.56
CA LEU E 593 -51.96 -9.99 3.28
C LEU E 593 -50.50 -10.46 3.32
N PHE E 594 -49.61 -9.58 3.77
CA PHE E 594 -48.24 -9.98 4.08
C PHE E 594 -48.20 -11.27 4.89
N LEU E 595 -48.96 -11.32 5.99
CA LEU E 595 -48.87 -12.48 6.88
C LEU E 595 -49.40 -13.75 6.23
N GLU E 596 -50.40 -13.63 5.36
CA GLU E 596 -50.88 -14.81 4.64
C GLU E 596 -49.83 -15.31 3.67
N SER E 597 -49.12 -14.39 3.00
CA SER E 597 -48.12 -14.81 2.02
C SER E 597 -46.98 -15.60 2.67
N VAL E 598 -46.47 -15.12 3.81
CA VAL E 598 -45.44 -15.80 4.59
C VAL E 598 -46.00 -16.96 5.41
N GLY E 599 -47.28 -17.27 5.21
CA GLY E 599 -47.90 -18.44 5.84
C GLY E 599 -48.30 -18.27 7.30
N VAL E 600 -48.97 -17.18 7.62
CA VAL E 600 -49.50 -16.92 8.97
C VAL E 600 -50.97 -16.54 8.77
N ASP E 601 -51.85 -17.53 8.81
CA ASP E 601 -53.25 -17.30 8.49
C ASP E 601 -53.99 -16.71 9.68
N MET E 602 -54.93 -15.80 9.40
CA MET E 602 -55.56 -14.99 10.44
C MET E 602 -57.04 -15.30 10.66
N GLU E 603 -57.62 -16.26 9.93
CA GLU E 603 -58.99 -16.69 10.17
C GLU E 603 -59.10 -18.05 10.85
N SER E 604 -58.12 -18.92 10.65
CA SER E 604 -58.12 -20.27 11.24
C SER E 604 -57.34 -20.23 12.55
N GLY E 605 -58.03 -19.80 13.61
CA GLY E 605 -57.43 -19.67 14.92
C GLY E 605 -56.85 -20.94 15.48
N GLN F 8 11.10 32.89 -54.38
CA GLN F 8 10.08 31.92 -54.00
C GLN F 8 8.97 31.90 -55.04
N ILE F 9 8.38 30.72 -55.25
CA ILE F 9 7.39 30.48 -56.30
C ILE F 9 6.00 30.39 -55.67
N ASP F 10 5.00 30.96 -56.33
CA ASP F 10 3.67 31.12 -55.75
C ASP F 10 2.64 30.28 -56.50
N TYR F 11 1.91 29.46 -55.74
CA TYR F 11 1.07 28.38 -56.27
C TYR F 11 -0.43 28.61 -56.11
N ARG F 12 -0.86 29.80 -55.68
CA ARG F 12 -2.28 29.98 -55.37
C ARG F 12 -3.17 29.85 -56.61
N ASP F 13 -2.76 30.40 -57.77
CA ASP F 13 -3.57 30.21 -58.97
C ASP F 13 -3.66 28.74 -59.37
N VAL F 14 -2.55 28.01 -59.24
CA VAL F 14 -2.57 26.58 -59.56
C VAL F 14 -3.62 25.87 -58.72
N PHE F 15 -3.68 26.20 -57.43
CA PHE F 15 -4.60 25.55 -56.51
C PHE F 15 -6.05 25.92 -56.83
N ILE F 16 -6.30 27.19 -57.13
CA ILE F 16 -7.67 27.59 -57.40
C ILE F 16 -8.18 26.92 -58.68
N GLU F 17 -7.33 26.84 -59.71
CA GLU F 17 -7.76 26.16 -60.93
C GLU F 17 -7.93 24.67 -60.70
N PHE F 18 -7.03 24.04 -59.93
CA PHE F 18 -7.21 22.64 -59.60
C PHE F 18 -8.55 22.39 -58.94
N LEU F 19 -8.94 23.26 -58.01
CA LEU F 19 -10.23 23.09 -57.35
C LEU F 19 -11.38 23.25 -58.34
N THR F 20 -11.35 24.33 -59.13
CA THR F 20 -12.52 24.67 -59.92
C THR F 20 -12.70 23.75 -61.12
N THR F 21 -11.62 23.24 -61.70
CA THR F 21 -11.70 22.56 -62.99
C THR F 21 -11.37 21.07 -62.94
N PHE F 22 -10.95 20.54 -61.79
CA PHE F 22 -10.57 19.13 -61.73
C PHE F 22 -11.77 18.24 -62.01
N LYS F 23 -11.76 17.55 -63.15
CA LYS F 23 -12.83 16.62 -63.46
C LYS F 23 -12.68 15.34 -62.64
N GLY F 24 -13.79 14.92 -62.02
CA GLY F 24 -13.84 13.70 -61.24
C GLY F 24 -13.93 12.46 -62.11
N ASN F 25 -14.87 11.56 -61.80
CA ASN F 25 -15.03 10.34 -62.59
C ASN F 25 -16.00 10.52 -63.76
N ASN F 26 -17.08 11.28 -63.58
CA ASN F 26 -18.08 11.48 -64.63
C ASN F 26 -18.07 12.92 -65.14
N ASN F 27 -16.90 13.56 -65.15
CA ASN F 27 -16.79 14.97 -65.52
C ASN F 27 -17.71 15.80 -64.62
N GLN F 28 -17.43 15.73 -63.31
CA GLN F 28 -18.33 16.26 -62.30
C GLN F 28 -17.81 17.50 -61.57
N ASN F 29 -16.53 17.85 -61.72
CA ASN F 29 -15.89 18.93 -60.97
C ASN F 29 -16.01 18.71 -59.45
N LYS F 30 -15.30 17.67 -59.01
CA LYS F 30 -15.40 17.13 -57.65
C LYS F 30 -15.29 18.20 -56.57
N TYR F 31 -14.38 19.14 -56.73
CA TYR F 31 -14.08 20.05 -55.63
C TYR F 31 -14.99 21.27 -55.62
N ILE F 32 -15.57 21.65 -56.76
CA ILE F 32 -16.62 22.67 -56.68
C ILE F 32 -17.83 22.12 -55.93
N GLU F 33 -18.07 20.81 -56.04
CA GLU F 33 -19.12 20.18 -55.26
C GLU F 33 -18.75 20.12 -53.78
N ARG F 34 -17.50 19.76 -53.46
CA ARG F 34 -17.10 19.74 -52.06
C ARG F 34 -17.15 21.13 -51.44
N ILE F 35 -16.76 22.16 -52.20
CA ILE F 35 -16.85 23.54 -51.70
C ILE F 35 -18.31 23.92 -51.46
N ASN F 36 -19.19 23.57 -52.41
CA ASN F 36 -20.62 23.87 -52.25
C ASN F 36 -21.16 23.21 -50.99
N GLU F 37 -20.86 21.91 -50.79
CA GLU F 37 -21.34 21.23 -49.59
C GLU F 37 -20.77 21.86 -48.33
N LEU F 38 -19.50 22.26 -48.38
CA LEU F 38 -18.83 22.89 -47.24
C LEU F 38 -19.51 24.21 -46.85
N VAL F 39 -19.79 25.06 -47.84
CA VAL F 39 -20.40 26.35 -47.55
C VAL F 39 -21.85 26.16 -47.09
N ALA F 40 -22.55 25.16 -47.63
CA ALA F 40 -23.94 24.92 -47.25
C ALA F 40 -24.05 24.60 -45.76
N TYR F 41 -23.28 23.62 -45.30
CA TYR F 41 -23.38 23.16 -43.92
C TYR F 41 -22.55 24.00 -42.95
N ARG F 42 -21.88 25.05 -43.44
CA ARG F 42 -21.08 25.94 -42.60
C ARG F 42 -19.98 25.17 -41.87
N LYS F 43 -19.45 24.15 -42.53
CA LYS F 43 -18.29 23.40 -42.05
C LYS F 43 -17.01 24.10 -42.51
N LYS F 44 -15.98 24.06 -41.66
CA LYS F 44 -14.81 24.92 -41.82
C LYS F 44 -13.58 24.17 -42.28
N SER F 45 -13.74 23.13 -43.10
CA SER F 45 -12.60 22.28 -43.43
C SER F 45 -12.87 21.55 -44.73
N LEU F 46 -11.98 21.72 -45.72
CA LEU F 46 -12.11 21.10 -47.03
C LEU F 46 -11.06 20.01 -47.19
N ILE F 47 -11.52 18.80 -47.47
CA ILE F 47 -10.65 17.63 -47.57
C ILE F 47 -10.28 17.42 -49.03
N ILE F 48 -8.98 17.24 -49.32
CA ILE F 48 -8.55 16.92 -50.67
C ILE F 48 -7.70 15.65 -50.67
N GLU F 49 -7.96 14.77 -51.63
CA GLU F 49 -7.12 13.60 -51.80
C GLU F 49 -5.79 14.00 -52.42
N PHE F 50 -4.70 13.43 -51.90
CA PHE F 50 -3.39 13.78 -52.42
C PHE F 50 -3.20 13.30 -53.84
N SER F 51 -3.81 12.15 -54.18
CA SER F 51 -3.67 11.62 -55.53
C SER F 51 -4.22 12.59 -56.57
N ASP F 52 -5.26 13.36 -56.20
CA ASP F 52 -5.81 14.35 -57.12
C ASP F 52 -4.82 15.47 -57.40
N VAL F 53 -4.16 15.98 -56.36
CA VAL F 53 -3.16 17.03 -56.57
C VAL F 53 -1.97 16.49 -57.34
N LEU F 54 -1.54 15.27 -57.01
CA LEU F 54 -0.42 14.67 -57.72
C LEU F 54 -0.76 14.42 -59.19
N SER F 55 -2.03 14.13 -59.48
CA SER F 55 -2.49 13.96 -60.86
C SER F 55 -2.66 15.29 -61.59
N PHE F 56 -2.79 16.40 -60.86
CA PHE F 56 -2.93 17.70 -61.49
C PHE F 56 -1.58 18.41 -61.68
N ASN F 57 -0.85 18.64 -60.60
CA ASN F 57 0.42 19.35 -60.66
C ASN F 57 1.36 18.70 -59.65
N GLU F 58 2.30 17.90 -60.15
CA GLU F 58 3.19 17.17 -59.27
C GLU F 58 4.00 18.10 -58.38
N ASN F 59 4.42 19.24 -58.92
CA ASN F 59 5.26 20.17 -58.17
C ASN F 59 4.51 20.75 -56.98
N LEU F 60 3.23 21.07 -57.16
CA LEU F 60 2.41 21.54 -56.05
C LEU F 60 2.26 20.46 -54.98
N ALA F 61 2.09 19.21 -55.41
CA ALA F 61 1.97 18.10 -54.46
C ALA F 61 3.24 17.94 -53.63
N TYR F 62 4.41 17.99 -54.28
CA TYR F 62 5.66 17.91 -53.53
C TYR F 62 5.77 19.06 -52.56
N GLU F 63 5.35 20.26 -52.98
CA GLU F 63 5.38 21.39 -52.07
C GLU F 63 4.46 21.16 -50.89
N ILE F 64 3.35 20.48 -51.12
CA ILE F 64 2.43 20.16 -50.01
C ILE F 64 3.07 19.20 -49.02
N ILE F 65 3.77 18.18 -49.50
CA ILE F 65 4.30 17.16 -48.59
C ILE F 65 5.55 17.66 -47.87
N ASN F 66 6.51 18.22 -48.60
CA ASN F 66 7.81 18.55 -48.02
C ASN F 66 7.89 19.97 -47.47
N ASN F 67 7.19 20.91 -48.09
CA ASN F 67 7.22 22.32 -47.70
C ASN F 67 5.87 22.74 -47.12
N THR F 68 5.30 21.86 -46.29
CA THR F 68 3.92 22.04 -45.83
C THR F 68 3.76 23.33 -45.08
N LYS F 69 4.75 23.67 -44.25
CA LYS F 69 4.57 24.69 -43.23
C LYS F 69 4.16 26.02 -43.84
N ILE F 70 4.71 26.36 -45.00
CA ILE F 70 4.40 27.68 -45.57
C ILE F 70 3.42 27.53 -46.72
N ILE F 71 3.42 26.40 -47.42
CA ILE F 71 2.51 26.28 -48.55
C ILE F 71 1.06 26.09 -48.09
N LEU F 72 0.84 25.49 -46.92
CA LEU F 72 -0.54 25.17 -46.56
C LEU F 72 -1.32 26.42 -46.17
N PRO F 73 -0.79 27.34 -45.35
CA PRO F 73 -1.54 28.57 -45.06
C PRO F 73 -1.79 29.44 -46.28
N ILE F 74 -0.87 29.45 -47.26
CA ILE F 74 -1.08 30.23 -48.49
C ILE F 74 -2.23 29.65 -49.29
N LEU F 75 -2.27 28.31 -49.43
CA LEU F 75 -3.42 27.69 -50.09
C LEU F 75 -4.70 27.93 -49.32
N GLU F 76 -4.64 27.89 -47.98
CA GLU F 76 -5.82 28.15 -47.19
C GLU F 76 -6.32 29.57 -47.38
N GLY F 77 -5.39 30.53 -47.56
CA GLY F 77 -5.79 31.89 -47.84
C GLY F 77 -6.43 32.04 -49.21
N ALA F 78 -5.86 31.39 -50.22
CA ALA F 78 -6.49 31.37 -51.54
C ALA F 78 -7.88 30.76 -51.47
N LEU F 79 -8.02 29.70 -50.67
CA LEU F 79 -9.32 29.06 -50.50
C LEU F 79 -10.32 29.99 -49.80
N TYR F 80 -9.86 30.70 -48.77
CA TYR F 80 -10.75 31.63 -48.08
C TYR F 80 -11.19 32.74 -49.00
N ASP F 81 -10.27 33.25 -49.84
CA ASP F 81 -10.64 34.28 -50.80
C ASP F 81 -11.69 33.76 -51.79
N HIS F 82 -11.47 32.56 -52.32
CA HIS F 82 -12.43 31.96 -53.24
C HIS F 82 -13.79 31.76 -52.58
N ILE F 83 -13.81 31.23 -51.35
CA ILE F 83 -15.06 30.95 -50.67
C ILE F 83 -15.81 32.25 -50.39
N LEU F 84 -15.11 33.25 -49.85
CA LEU F 84 -15.75 34.50 -49.48
C LEU F 84 -16.19 35.30 -50.72
N GLN F 85 -15.56 35.07 -51.87
CA GLN F 85 -16.10 35.63 -53.12
C GLN F 85 -17.34 34.87 -53.58
N LEU F 86 -17.37 33.55 -53.38
CA LEU F 86 -18.57 32.78 -53.76
C LEU F 86 -19.78 33.14 -52.90
N ASP F 87 -19.58 33.30 -51.59
CA ASP F 87 -20.67 33.60 -50.65
C ASP F 87 -20.12 34.34 -49.45
N PRO F 88 -20.24 35.67 -49.42
CA PRO F 88 -19.73 36.44 -48.27
C PRO F 88 -20.45 36.15 -46.95
N THR F 89 -21.60 35.47 -46.95
CA THR F 89 -22.24 35.10 -45.69
C THR F 89 -21.42 34.08 -44.92
N TYR F 90 -20.41 33.48 -45.56
CA TYR F 90 -19.44 32.66 -44.83
C TYR F 90 -18.71 33.50 -43.79
N GLN F 91 -18.40 34.74 -44.12
CA GLN F 91 -17.83 35.66 -43.16
C GLN F 91 -18.77 35.82 -41.96
N ARG F 92 -18.19 36.15 -40.80
CA ARG F 92 -18.86 36.31 -39.52
C ARG F 92 -19.46 35.00 -39.02
N ASP F 93 -19.30 33.91 -39.76
CA ASP F 93 -19.60 32.57 -39.32
C ASP F 93 -18.34 31.75 -39.11
N ILE F 94 -17.38 31.87 -40.04
CA ILE F 94 -16.12 31.15 -40.00
C ILE F 94 -15.04 32.10 -40.49
N GLU F 95 -14.02 32.32 -39.66
CA GLU F 95 -12.97 33.27 -40.01
C GLU F 95 -11.73 32.61 -40.61
N LYS F 96 -11.57 31.31 -40.40
CA LYS F 96 -10.43 30.57 -40.92
C LYS F 96 -10.93 29.24 -41.46
N VAL F 97 -10.45 28.86 -42.64
CA VAL F 97 -10.79 27.57 -43.21
C VAL F 97 -9.56 26.67 -43.10
N HIS F 98 -9.77 25.39 -43.38
CA HIS F 98 -8.70 24.40 -43.33
C HIS F 98 -8.66 23.60 -44.62
N VAL F 99 -7.45 23.39 -45.13
CA VAL F 99 -7.19 22.50 -46.27
C VAL F 99 -6.53 21.27 -45.68
N ARG F 100 -7.30 20.22 -45.52
CA ARG F 100 -6.82 18.99 -44.91
C ARG F 100 -6.56 17.99 -46.02
N ILE F 101 -5.28 17.64 -46.20
CA ILE F 101 -4.87 16.64 -47.20
C ILE F 101 -5.00 15.29 -46.56
N VAL F 102 -5.65 14.37 -47.27
CA VAL F 102 -5.97 13.05 -46.76
C VAL F 102 -5.27 12.03 -47.66
N GLY F 103 -4.98 10.86 -47.08
CA GLY F 103 -4.42 9.75 -47.84
C GLY F 103 -3.22 10.10 -48.69
N ILE F 104 -2.05 10.27 -48.07
CA ILE F 104 -0.82 10.55 -48.80
C ILE F 104 -0.18 9.21 -49.12
N PRO F 105 0.89 9.15 -49.92
CA PRO F 105 1.44 7.84 -50.30
C PRO F 105 2.23 7.14 -49.20
N ARG F 106 3.30 7.77 -48.70
CA ARG F 106 4.17 7.13 -47.71
C ARG F 106 3.47 7.10 -46.36
N VAL F 107 3.09 5.90 -45.93
CA VAL F 107 2.45 5.67 -44.63
C VAL F 107 3.46 4.95 -43.77
N ILE F 108 3.96 5.63 -42.74
CA ILE F 108 5.05 5.09 -41.94
C ILE F 108 4.50 4.18 -40.85
N GLU F 109 5.01 2.96 -40.79
CA GLU F 109 4.74 2.13 -39.63
C GLU F 109 5.18 2.89 -38.38
N LEU F 110 4.36 2.83 -37.34
CA LEU F 110 4.55 3.69 -36.16
C LEU F 110 5.91 3.47 -35.51
N ARG F 111 6.33 2.23 -35.40
CA ARG F 111 7.61 1.94 -34.76
C ARG F 111 8.79 2.39 -35.62
N LYS F 112 8.62 2.43 -36.94
CA LYS F 112 9.71 2.65 -37.87
C LYS F 112 9.96 4.13 -38.20
N ILE F 113 9.39 5.07 -37.44
CA ILE F 113 9.72 6.47 -37.68
C ILE F 113 11.07 6.73 -37.06
N ARG F 114 11.85 7.61 -37.67
CA ARG F 114 13.19 7.92 -37.23
C ARG F 114 13.38 9.42 -37.35
N SER F 115 14.65 9.83 -37.26
CA SER F 115 14.99 11.25 -37.26
C SER F 115 14.45 11.95 -38.50
N THR F 116 14.75 11.41 -39.69
CA THR F 116 14.44 12.09 -40.94
C THR F 116 12.95 12.26 -41.18
N ASP F 117 12.10 11.65 -40.38
CA ASP F 117 10.68 11.79 -40.61
C ASP F 117 10.12 12.98 -39.85
N ILE F 118 10.94 13.62 -39.03
CA ILE F 118 10.50 14.79 -38.27
C ILE F 118 10.37 15.97 -39.23
N GLY F 119 9.28 16.74 -39.06
CA GLY F 119 9.05 17.94 -39.84
C GLY F 119 8.38 17.73 -41.19
N LYS F 120 8.33 16.50 -41.69
CA LYS F 120 7.69 16.19 -42.95
C LYS F 120 6.25 15.77 -42.70
N LEU F 121 5.41 15.99 -43.70
CA LEU F 121 4.01 15.57 -43.61
C LEU F 121 3.92 14.08 -43.90
N ILE F 122 3.51 13.29 -42.91
CA ILE F 122 3.51 11.84 -42.99
C ILE F 122 2.19 11.30 -42.46
N THR F 123 1.88 10.06 -42.85
CA THR F 123 0.66 9.38 -42.41
C THR F 123 1.05 8.19 -41.54
N ILE F 124 0.25 7.95 -40.52
CA ILE F 124 0.44 6.88 -39.55
C ILE F 124 -0.89 6.16 -39.35
N ASP F 125 -0.88 4.84 -39.51
CA ASP F 125 -2.05 4.00 -39.31
C ASP F 125 -1.96 3.36 -37.92
N GLY F 126 -2.95 3.58 -37.07
CA GLY F 126 -2.84 2.99 -35.75
C GLY F 126 -4.11 3.07 -34.94
N ILE F 127 -4.12 2.36 -33.80
CA ILE F 127 -5.30 2.30 -32.95
C ILE F 127 -5.26 3.42 -31.92
N LEU F 128 -6.35 4.18 -31.82
CA LEU F 128 -6.46 5.27 -30.86
C LEU F 128 -6.88 4.72 -29.50
N VAL F 129 -6.06 4.95 -28.46
CA VAL F 129 -6.25 4.29 -27.17
C VAL F 129 -6.75 5.21 -26.07
N LYS F 130 -6.49 6.51 -26.15
CA LYS F 130 -6.86 7.45 -25.09
C LYS F 130 -6.96 8.85 -25.67
N VAL F 131 -7.92 9.62 -25.18
CA VAL F 131 -8.06 11.03 -25.54
C VAL F 131 -8.33 11.83 -24.28
N THR F 132 -8.08 13.11 -24.36
CA THR F 132 -8.39 14.00 -23.26
C THR F 132 -9.68 14.74 -23.55
N PRO F 133 -10.31 15.33 -22.55
CA PRO F 133 -11.41 16.26 -22.82
C PRO F 133 -10.89 17.46 -23.60
N VAL F 134 -11.84 18.26 -24.10
CA VAL F 134 -11.49 19.36 -25.01
C VAL F 134 -11.03 20.56 -24.19
N LYS F 135 -9.76 20.90 -24.31
CA LYS F 135 -9.16 22.04 -23.64
C LYS F 135 -8.99 23.19 -24.62
N GLU F 136 -8.51 24.33 -24.14
CA GLU F 136 -8.35 25.53 -24.95
C GLU F 136 -6.91 26.02 -24.86
N ARG F 137 -6.22 26.07 -26.01
CA ARG F 137 -4.87 26.58 -26.05
C ARG F 137 -4.88 27.99 -26.61
N ILE F 138 -4.23 28.91 -25.92
CA ILE F 138 -4.21 30.30 -26.36
C ILE F 138 -3.25 30.42 -27.55
N TYR F 139 -3.77 30.87 -28.70
CA TYR F 139 -2.88 31.09 -29.83
C TYR F 139 -2.67 32.56 -30.13
N LYS F 140 -3.62 33.42 -29.76
CA LYS F 140 -3.49 34.88 -29.82
C LYS F 140 -3.77 35.37 -28.41
N ALA F 141 -2.73 35.77 -27.69
CA ALA F 141 -2.84 36.24 -26.31
C ALA F 141 -3.15 37.73 -26.27
N THR F 142 -3.66 38.18 -25.12
CA THR F 142 -3.85 39.60 -24.84
C THR F 142 -3.35 39.90 -23.44
N TYR F 143 -2.22 40.61 -23.36
CA TYR F 143 -1.62 40.98 -22.08
C TYR F 143 -1.91 42.43 -21.74
N LYS F 144 -1.63 42.78 -20.49
CA LYS F 144 -1.66 44.18 -20.06
C LYS F 144 -0.51 44.37 -19.07
N HIS F 145 0.27 45.43 -19.28
CA HIS F 145 1.42 45.75 -18.42
C HIS F 145 0.93 46.43 -17.15
N ILE F 146 1.18 45.81 -16.00
CA ILE F 146 0.76 46.37 -14.71
C ILE F 146 1.81 47.39 -14.30
N HIS F 147 1.43 48.67 -14.34
CA HIS F 147 2.31 49.79 -14.04
C HIS F 147 1.46 51.06 -13.95
N PRO F 148 1.67 51.91 -12.92
CA PRO F 148 0.83 53.11 -12.77
C PRO F 148 1.14 54.21 -13.79
N ASP F 149 1.80 53.84 -14.87
CA ASP F 149 2.14 54.70 -16.00
C ASP F 149 1.73 54.08 -17.33
N CYS F 150 1.89 52.77 -17.49
CA CYS F 150 1.59 52.10 -18.74
C CYS F 150 0.10 51.80 -18.84
N MET F 151 -0.33 50.66 -18.31
CA MET F 151 -1.74 50.27 -18.30
C MET F 151 -2.30 50.15 -19.73
N GLN F 152 -1.45 49.69 -20.65
CA GLN F 152 -1.80 49.57 -22.05
C GLN F 152 -1.97 48.11 -22.41
N GLU F 153 -2.97 47.82 -23.24
CA GLU F 153 -3.20 46.46 -23.72
C GLU F 153 -2.37 46.20 -24.96
N PHE F 154 -1.81 44.99 -25.04
CA PHE F 154 -1.01 44.62 -26.19
C PHE F 154 -1.01 43.09 -26.34
N GLU F 155 -1.19 42.63 -27.56
CA GLU F 155 -1.01 41.21 -27.86
C GLU F 155 0.47 40.89 -27.90
N TRP F 156 0.91 39.91 -27.11
CA TRP F 156 2.35 39.70 -27.00
C TRP F 156 2.92 38.88 -28.17
N PRO F 157 2.36 37.70 -28.52
CA PRO F 157 2.94 36.95 -29.65
C PRO F 157 2.85 37.77 -30.94
N GLU F 158 3.67 38.81 -31.00
CA GLU F 158 3.63 39.81 -32.06
C GLU F 158 4.44 39.35 -33.26
N ASP F 159 3.93 39.64 -34.46
CA ASP F 159 4.50 39.18 -35.71
C ASP F 159 4.58 37.66 -35.80
N GLU F 160 3.96 36.96 -34.86
CA GLU F 160 4.06 35.51 -34.77
C GLU F 160 2.74 34.97 -34.21
N GLU F 161 2.80 33.80 -33.59
CA GLU F 161 1.68 33.15 -32.94
C GLU F 161 2.25 32.43 -31.72
N MET F 162 1.47 32.36 -30.65
CA MET F 162 1.94 31.72 -29.42
C MET F 162 2.43 30.30 -29.73
N PRO F 163 3.67 29.97 -29.39
CA PRO F 163 4.20 28.62 -29.69
C PRO F 163 3.67 27.59 -28.69
N GLU F 164 4.10 26.34 -28.87
CA GLU F 164 3.73 25.30 -27.92
C GLU F 164 4.18 25.69 -26.52
N VAL F 165 5.43 26.12 -26.39
CA VAL F 165 5.87 26.71 -25.13
C VAL F 165 5.16 28.03 -24.92
N LEU F 166 4.88 28.35 -23.66
CA LEU F 166 4.28 29.62 -23.33
C LEU F 166 5.38 30.55 -22.86
N GLU F 167 5.61 31.63 -23.61
CA GLU F 167 6.58 32.65 -23.22
C GLU F 167 5.90 34.00 -23.25
N MET F 168 5.98 34.72 -22.15
CA MET F 168 5.48 36.06 -21.92
C MET F 168 6.59 37.08 -22.05
N PRO F 169 6.25 38.34 -22.35
CA PRO F 169 7.30 39.33 -22.65
C PRO F 169 8.14 39.68 -21.43
N THR F 170 9.33 40.22 -21.73
CA THR F 170 10.22 40.76 -20.72
C THR F 170 10.27 42.28 -20.72
N ILE F 171 10.01 42.91 -21.87
CA ILE F 171 9.97 44.36 -22.00
C ILE F 171 8.65 44.74 -22.68
N CYS F 172 7.97 45.73 -22.11
CA CYS F 172 6.69 46.17 -22.64
C CYS F 172 6.89 46.87 -23.99
N PRO F 173 6.25 46.40 -25.07
CA PRO F 173 6.38 47.08 -26.37
C PRO F 173 5.54 48.36 -26.51
N LYS F 174 4.65 48.65 -25.57
CA LYS F 174 3.81 49.84 -25.62
C LYS F 174 4.40 51.05 -24.91
N CYS F 175 5.43 50.86 -24.07
CA CYS F 175 6.05 51.98 -23.36
C CYS F 175 7.56 51.83 -23.34
N GLY F 176 8.05 50.60 -23.22
CA GLY F 176 9.47 50.33 -23.20
C GLY F 176 10.05 50.06 -21.83
N LYS F 177 9.22 49.83 -20.81
CA LYS F 177 9.66 49.62 -19.45
C LYS F 177 9.22 48.24 -18.97
N PRO F 178 10.11 47.44 -18.40
CA PRO F 178 9.72 46.10 -17.93
C PRO F 178 8.87 46.16 -16.67
N GLY F 179 8.27 45.03 -16.36
CA GLY F 179 7.45 44.86 -15.16
C GLY F 179 6.60 43.59 -15.28
N GLN F 180 5.47 43.60 -14.57
CA GLN F 180 4.54 42.48 -14.57
C GLN F 180 3.57 42.59 -15.74
N PHE F 181 3.24 41.44 -16.34
CA PHE F 181 2.31 41.41 -17.47
C PHE F 181 1.22 40.39 -17.15
N ARG F 182 -0.03 40.83 -17.12
CA ARG F 182 -1.16 39.97 -16.78
C ARG F 182 -2.02 39.66 -18.01
N LEU F 183 -2.40 38.39 -18.13
CA LEU F 183 -3.20 37.91 -19.26
C LEU F 183 -4.66 38.33 -19.15
N ILE F 184 -5.20 38.86 -20.25
CA ILE F 184 -6.61 39.25 -20.35
C ILE F 184 -7.33 38.16 -21.13
N PRO F 185 -8.22 37.37 -20.49
CA PRO F 185 -8.94 36.32 -21.23
C PRO F 185 -10.08 36.81 -22.10
N GLU F 186 -10.56 38.04 -21.89
CA GLU F 186 -11.71 38.54 -22.65
C GLU F 186 -11.34 38.84 -24.09
N LYS F 187 -10.25 39.56 -24.31
CA LYS F 187 -9.77 39.90 -25.65
C LYS F 187 -8.72 38.92 -26.17
N THR F 188 -8.69 37.69 -25.63
CA THR F 188 -7.72 36.68 -26.04
C THR F 188 -8.40 35.63 -26.91
N LYS F 189 -7.62 35.06 -27.84
CA LYS F 189 -8.12 34.12 -28.85
C LYS F 189 -7.58 32.72 -28.58
N LEU F 190 -8.51 31.78 -28.39
CA LEU F 190 -8.24 30.40 -28.07
C LEU F 190 -8.52 29.52 -29.29
N ILE F 191 -7.90 28.35 -29.28
CA ILE F 191 -8.13 27.31 -30.27
C ILE F 191 -8.49 26.04 -29.51
N ASP F 192 -9.58 25.38 -29.95
CA ASP F 192 -9.92 24.06 -29.43
C ASP F 192 -8.71 23.15 -29.52
N TRP F 193 -8.50 22.34 -28.49
CA TRP F 193 -7.28 21.57 -28.38
C TRP F 193 -7.59 20.25 -27.70
N GLN F 194 -7.02 19.17 -28.21
CA GLN F 194 -7.27 17.86 -27.63
C GLN F 194 -6.07 16.96 -27.86
N LYS F 195 -5.59 16.33 -26.80
CA LYS F 195 -4.48 15.39 -26.88
C LYS F 195 -5.01 13.97 -26.97
N ALA F 196 -4.41 13.16 -27.84
CA ALA F 196 -4.79 11.76 -27.94
C ALA F 196 -3.54 10.91 -28.07
N VAL F 197 -3.68 9.62 -27.80
CA VAL F 197 -2.59 8.66 -27.90
C VAL F 197 -3.00 7.56 -28.86
N ILE F 198 -2.12 7.22 -29.79
CA ILE F 198 -2.35 6.09 -30.69
C ILE F 198 -1.22 5.09 -30.48
N GLN F 199 -1.55 3.81 -30.55
CA GLN F 199 -0.53 2.79 -30.41
C GLN F 199 -0.57 1.86 -31.62
N GLU F 200 0.56 1.20 -31.86
CA GLU F 200 0.68 0.46 -33.10
C GLU F 200 -0.31 -0.70 -33.09
N ARG F 201 -0.84 -0.99 -34.27
CA ARG F 201 -1.83 -2.05 -34.38
C ARG F 201 -1.23 -3.36 -33.86
N PRO F 202 -2.01 -4.19 -33.17
CA PRO F 202 -1.42 -5.39 -32.56
C PRO F 202 -0.71 -6.28 -33.55
N GLU F 203 -1.20 -6.34 -34.79
CA GLU F 203 -0.63 -7.15 -35.86
C GLU F 203 0.72 -6.62 -36.33
N GLU F 204 1.09 -5.41 -35.92
CA GLU F 204 2.32 -4.77 -36.36
C GLU F 204 3.46 -4.89 -35.33
N VAL F 205 3.14 -5.28 -34.10
CA VAL F 205 4.14 -5.25 -33.03
C VAL F 205 5.10 -6.42 -33.22
N PRO F 206 6.40 -6.18 -33.18
CA PRO F 206 7.39 -7.25 -33.38
C PRO F 206 7.28 -8.31 -32.29
N SER F 207 7.94 -9.43 -32.57
CA SER F 207 7.88 -10.55 -31.66
C SER F 207 8.43 -10.15 -30.31
N GLY F 208 7.65 -10.45 -29.27
CA GLY F 208 8.12 -10.28 -27.91
C GLY F 208 8.32 -8.85 -27.46
N GLN F 209 8.09 -7.87 -28.29
CA GLN F 209 8.24 -6.50 -27.83
C GLN F 209 6.88 -5.93 -27.48
N LEU F 210 6.91 -4.87 -26.88
CA LEU F 210 5.71 -4.19 -26.42
C LEU F 210 5.33 -3.09 -27.41
N PRO F 211 4.05 -2.81 -27.55
CA PRO F 211 3.63 -1.84 -28.55
C PRO F 211 4.05 -0.45 -28.12
N ARG F 212 4.52 0.32 -29.10
CA ARG F 212 4.87 1.73 -28.92
C ARG F 212 3.63 2.59 -29.08
N GLN F 213 3.71 3.82 -28.56
CA GLN F 213 2.61 4.78 -28.64
C GLN F 213 3.16 6.10 -29.17
N LEU F 214 2.24 6.97 -29.58
CA LEU F 214 2.58 8.29 -30.11
C LEU F 214 1.50 9.29 -29.70
N GLU F 215 1.96 10.46 -29.27
CA GLU F 215 1.07 11.54 -28.85
C GLU F 215 0.66 12.34 -30.08
N ILE F 216 -0.64 12.57 -30.24
CA ILE F 216 -1.13 13.35 -31.37
C ILE F 216 -1.98 14.49 -30.81
N ILE F 217 -2.03 15.58 -31.56
CA ILE F 217 -2.71 16.79 -31.16
C ILE F 217 -3.75 17.11 -32.23
N LEU F 218 -4.99 17.27 -31.81
CA LEU F 218 -6.10 17.60 -32.68
C LEU F 218 -6.63 18.98 -32.29
N GLU F 219 -6.74 19.89 -33.25
CA GLU F 219 -7.22 21.23 -32.93
C GLU F 219 -8.37 21.61 -33.85
N ASP F 220 -9.17 22.59 -33.40
CA ASP F 220 -10.36 23.09 -34.10
C ASP F 220 -11.27 21.90 -34.42
N ASP F 221 -11.80 21.80 -35.64
CA ASP F 221 -12.80 20.79 -35.97
C ASP F 221 -12.26 19.37 -35.93
N LEU F 222 -10.96 19.18 -35.70
CA LEU F 222 -10.38 17.86 -35.49
C LEU F 222 -10.72 17.31 -34.12
N VAL F 223 -11.17 18.17 -33.21
CA VAL F 223 -11.48 17.76 -31.86
C VAL F 223 -12.57 16.71 -31.86
N ASP F 224 -12.38 15.65 -31.07
CA ASP F 224 -13.39 14.62 -30.87
C ASP F 224 -13.83 13.98 -32.19
N SER F 225 -12.90 13.84 -33.13
CA SER F 225 -13.26 13.27 -34.43
C SER F 225 -13.02 11.76 -34.46
N ALA F 226 -12.60 11.16 -33.36
CA ALA F 226 -12.48 9.71 -33.29
C ALA F 226 -12.59 9.28 -31.83
N ARG F 227 -13.15 8.09 -31.61
CA ARG F 227 -13.31 7.64 -30.24
C ARG F 227 -12.28 6.57 -29.90
N PRO F 228 -11.97 6.39 -28.61
CA PRO F 228 -11.00 5.36 -28.21
C PRO F 228 -11.40 3.98 -28.72
N GLY F 229 -10.44 3.30 -29.35
CA GLY F 229 -10.65 2.04 -29.99
C GLY F 229 -10.71 2.14 -31.51
N ASP F 230 -11.11 3.30 -32.03
CA ASP F 230 -11.19 3.48 -33.47
C ASP F 230 -9.79 3.39 -34.06
N ARG F 231 -9.64 2.56 -35.09
CA ARG F 231 -8.39 2.51 -35.83
C ARG F 231 -8.40 3.68 -36.81
N VAL F 232 -7.41 4.56 -36.68
CA VAL F 232 -7.36 5.83 -37.39
C VAL F 232 -6.15 5.86 -38.31
N LYS F 233 -6.17 6.84 -39.22
CA LYS F 233 -5.11 7.09 -40.18
C LYS F 233 -4.81 8.58 -40.10
N VAL F 234 -3.84 8.95 -39.28
CA VAL F 234 -3.54 10.36 -39.01
C VAL F 234 -2.49 10.86 -39.99
N THR F 235 -2.73 12.00 -40.58
CA THR F 235 -1.73 12.66 -41.41
C THR F 235 -1.35 13.94 -40.69
N GLY F 236 -0.06 14.24 -40.66
CA GLY F 236 0.38 15.38 -39.88
C GLY F 236 1.87 15.53 -39.87
N ILE F 237 2.36 16.33 -38.92
CA ILE F 237 3.78 16.66 -38.85
C ILE F 237 4.32 16.37 -37.46
N LEU F 238 5.55 15.83 -37.40
CA LEU F 238 6.17 15.45 -36.14
C LEU F 238 7.00 16.60 -35.57
N ASP F 239 7.07 16.65 -34.25
CA ASP F 239 7.83 17.69 -33.55
C ASP F 239 8.24 17.14 -32.20
N ILE F 240 9.04 17.93 -31.47
CA ILE F 240 9.59 17.47 -30.20
C ILE F 240 8.74 18.04 -29.07
N LYS F 241 8.39 17.17 -28.13
CA LYS F 241 7.51 17.50 -27.03
C LYS F 241 8.37 18.09 -25.92
N GLN F 242 8.05 19.31 -25.51
CA GLN F 242 8.90 20.04 -24.58
C GLN F 242 8.21 20.15 -23.23
N ASP F 243 8.84 19.54 -22.21
CA ASP F 243 8.40 19.55 -20.82
C ASP F 243 9.24 20.45 -19.93
N SER F 244 10.48 20.76 -20.34
CA SER F 244 11.39 21.67 -19.66
C SER F 244 12.63 21.92 -20.51
N PRO F 245 12.50 22.63 -21.66
CA PRO F 245 13.66 22.78 -22.56
C PRO F 245 14.50 24.00 -22.21
N VAL F 246 13.93 24.90 -21.42
CA VAL F 246 14.62 26.13 -21.04
C VAL F 246 15.63 25.88 -19.91
N LYS F 247 15.54 24.75 -19.21
CA LYS F 247 16.45 24.41 -18.13
C LYS F 247 17.46 23.35 -18.57
N ARG F 248 18.64 23.41 -17.95
CA ARG F 248 19.72 22.47 -18.26
C ARG F 248 19.55 21.22 -17.41
N GLY F 249 20.68 20.64 -16.97
CA GLY F 249 20.61 19.47 -16.10
C GLY F 249 20.23 18.24 -16.87
N SER F 250 21.06 17.87 -17.83
CA SER F 250 20.88 16.66 -18.66
C SER F 250 19.57 16.82 -19.46
N ARG F 251 18.97 15.70 -19.83
CA ARG F 251 17.71 15.69 -20.57
C ARG F 251 17.85 16.46 -21.88
N ALA F 252 18.92 16.16 -22.62
CA ALA F 252 19.07 16.66 -23.98
C ALA F 252 18.24 15.87 -24.98
N VAL F 253 17.43 14.93 -24.49
CA VAL F 253 16.70 13.99 -25.32
C VAL F 253 15.22 14.32 -25.21
N PHE F 254 14.49 14.17 -26.31
CA PHE F 254 13.10 14.59 -26.38
C PHE F 254 12.22 13.52 -27.01
N ASP F 255 10.92 13.61 -26.70
CA ASP F 255 9.90 12.75 -27.28
C ASP F 255 9.32 13.41 -28.53
N ILE F 256 8.64 12.61 -29.33
CA ILE F 256 7.98 13.06 -30.56
C ILE F 256 6.47 13.17 -30.34
N TYR F 257 5.86 14.14 -31.02
CA TYR F 257 4.41 14.20 -31.11
C TYR F 257 4.03 14.63 -32.51
N MET F 258 2.77 14.38 -32.88
CA MET F 258 2.25 14.75 -34.20
C MET F 258 1.19 15.82 -34.04
N LYS F 259 1.40 16.96 -34.66
CA LYS F 259 0.32 17.90 -34.91
C LYS F 259 -0.46 17.39 -36.13
N VAL F 260 -1.73 17.02 -35.92
CA VAL F 260 -2.52 16.36 -36.95
C VAL F 260 -3.15 17.42 -37.84
N SER F 261 -3.15 17.15 -39.14
CA SER F 261 -3.90 17.95 -40.08
C SER F 261 -5.06 17.19 -40.70
N SER F 262 -5.12 15.87 -40.53
CA SER F 262 -6.16 15.06 -41.15
C SER F 262 -6.24 13.73 -40.42
N ILE F 263 -7.45 13.20 -40.32
CA ILE F 263 -7.68 11.93 -39.62
C ILE F 263 -8.89 11.25 -40.25
N GLU F 264 -8.78 9.93 -40.43
CA GLU F 264 -9.83 9.12 -41.03
C GLU F 264 -9.92 7.77 -40.33
N VAL F 265 -11.15 7.28 -40.15
CA VAL F 265 -11.44 6.15 -39.28
C VAL F 265 -11.74 4.88 -40.09
N SER F 266 -11.66 3.73 -39.38
CA SER F 266 -11.77 2.36 -39.93
C SER F 266 -10.55 1.98 -40.74
N SER F 273 -18.28 4.53 -46.47
CA SER F 273 -19.61 4.24 -45.96
C SER F 273 -20.68 4.57 -47.00
N GLU F 274 -20.46 4.18 -48.26
CA GLU F 274 -21.39 4.63 -49.30
C GLU F 274 -21.76 3.53 -50.27
N GLU F 275 -20.76 2.93 -50.92
CA GLU F 275 -21.04 1.74 -51.72
C GLU F 275 -21.39 0.55 -50.83
N ASP F 276 -20.95 0.58 -49.56
CA ASP F 276 -21.32 -0.47 -48.63
C ASP F 276 -22.83 -0.55 -48.49
N GLU F 277 -23.51 0.59 -48.49
CA GLU F 277 -24.97 0.60 -48.37
C GLU F 277 -25.60 -0.13 -49.54
N LYS F 278 -25.15 0.18 -50.76
CA LYS F 278 -25.68 -0.49 -51.93
C LYS F 278 -25.41 -1.99 -51.90
N LYS F 279 -24.22 -2.38 -51.42
CA LYS F 279 -23.90 -3.81 -51.36
C LYS F 279 -24.76 -4.53 -50.32
N ILE F 280 -24.96 -3.93 -49.14
CA ILE F 280 -25.74 -4.63 -48.14
C ILE F 280 -27.21 -4.67 -48.57
N LYS F 281 -27.69 -3.65 -49.27
CA LYS F 281 -29.06 -3.68 -49.74
C LYS F 281 -29.26 -4.80 -50.76
N ASP F 282 -28.37 -4.87 -51.76
CA ASP F 282 -28.43 -5.94 -52.75
C ASP F 282 -28.32 -7.30 -52.09
N LEU F 283 -27.53 -7.40 -51.03
CA LEU F 283 -27.50 -8.65 -50.29
C LEU F 283 -28.87 -8.96 -49.72
N ALA F 284 -29.53 -7.96 -49.17
CA ALA F 284 -30.78 -8.27 -48.50
C ALA F 284 -31.89 -8.57 -49.47
N LYS F 285 -31.66 -8.36 -50.77
CA LYS F 285 -32.67 -8.79 -51.76
C LYS F 285 -32.76 -10.31 -51.85
N ASP F 286 -31.77 -11.02 -51.33
CA ASP F 286 -31.73 -12.48 -51.34
C ASP F 286 -32.90 -13.05 -50.55
N PRO F 287 -33.76 -13.85 -51.16
CA PRO F 287 -34.90 -14.39 -50.41
C PRO F 287 -34.47 -15.28 -49.28
N TRP F 288 -33.25 -15.80 -49.34
CA TRP F 288 -32.70 -16.68 -48.34
C TRP F 288 -31.53 -16.02 -47.62
N ILE F 289 -31.57 -14.70 -47.51
CA ILE F 289 -30.43 -13.97 -46.95
C ILE F 289 -30.18 -14.43 -45.53
N ARG F 290 -31.23 -14.82 -44.81
CA ARG F 290 -31.03 -15.28 -43.44
C ARG F 290 -30.21 -16.55 -43.43
N ASP F 291 -30.52 -17.47 -44.33
CA ASP F 291 -29.77 -18.72 -44.41
C ASP F 291 -28.33 -18.46 -44.84
N ARG F 292 -28.11 -17.52 -45.75
CA ARG F 292 -26.75 -17.20 -46.14
C ARG F 292 -25.98 -16.64 -44.95
N ILE F 293 -26.59 -15.69 -44.25
CA ILE F 293 -25.95 -15.09 -43.08
C ILE F 293 -25.58 -16.19 -42.08
N ILE F 294 -26.51 -17.09 -41.82
CA ILE F 294 -26.26 -18.14 -40.84
C ILE F 294 -25.09 -18.99 -41.28
N SER F 295 -25.02 -19.31 -42.57
CA SER F 295 -23.93 -20.12 -43.09
C SER F 295 -22.61 -19.35 -43.18
N SER F 296 -22.64 -18.04 -43.11
CA SER F 296 -21.41 -17.23 -43.15
C SER F 296 -20.76 -17.07 -41.79
N ILE F 297 -21.34 -17.68 -40.76
CA ILE F 297 -20.90 -17.52 -39.37
C ILE F 297 -19.98 -18.67 -39.00
N ALA F 298 -18.70 -18.35 -38.77
CA ALA F 298 -17.69 -19.31 -38.40
C ALA F 298 -17.63 -20.45 -39.40
N PRO F 299 -17.25 -20.17 -40.66
CA PRO F 299 -17.31 -21.21 -41.69
C PRO F 299 -16.34 -22.35 -41.46
N SER F 300 -15.36 -22.19 -40.58
CA SER F 300 -14.37 -23.24 -40.33
C SER F 300 -14.84 -24.24 -39.31
N ILE F 301 -16.14 -24.25 -39.00
CA ILE F 301 -16.70 -25.18 -38.03
C ILE F 301 -17.64 -26.10 -38.77
N TYR F 302 -17.36 -27.40 -38.74
CA TYR F 302 -18.24 -28.36 -39.39
C TYR F 302 -19.47 -28.56 -38.53
N GLY F 303 -20.65 -28.25 -39.07
CA GLY F 303 -21.88 -28.50 -38.32
C GLY F 303 -22.23 -27.37 -37.37
N HIS F 304 -22.86 -27.74 -36.26
CA HIS F 304 -23.30 -26.78 -35.25
C HIS F 304 -24.16 -25.67 -35.86
N TRP F 305 -25.12 -26.08 -36.68
CA TRP F 305 -25.97 -25.12 -37.37
C TRP F 305 -26.91 -24.40 -36.41
N GLU F 306 -27.43 -25.11 -35.40
CA GLU F 306 -28.28 -24.46 -34.42
C GLU F 306 -27.50 -23.37 -33.67
N LEU F 307 -26.26 -23.65 -33.30
CA LEU F 307 -25.47 -22.58 -32.68
C LEU F 307 -25.20 -21.47 -33.66
N LYS F 308 -24.97 -21.80 -34.92
CA LYS F 308 -24.68 -20.74 -35.87
C LYS F 308 -25.86 -19.79 -35.97
N GLU F 309 -27.08 -20.33 -36.04
CA GLU F 309 -28.27 -19.49 -36.08
C GLU F 309 -28.39 -18.64 -34.80
N ALA F 310 -28.20 -19.28 -33.63
CA ALA F 310 -28.33 -18.52 -32.38
C ALA F 310 -27.29 -17.40 -32.29
N LEU F 311 -26.07 -17.68 -32.72
CA LEU F 311 -25.05 -16.64 -32.71
C LEU F 311 -25.41 -15.53 -33.67
N ALA F 312 -26.00 -15.87 -34.82
CA ALA F 312 -26.42 -14.83 -35.77
C ALA F 312 -27.49 -13.92 -35.16
N LEU F 313 -28.50 -14.51 -34.52
CA LEU F 313 -29.52 -13.69 -33.87
C LEU F 313 -28.88 -12.81 -32.82
N ALA F 314 -28.02 -13.38 -31.98
CA ALA F 314 -27.33 -12.58 -30.97
C ALA F 314 -26.53 -11.46 -31.60
N LEU F 315 -26.01 -11.67 -32.80
CA LEU F 315 -25.31 -10.59 -33.48
C LEU F 315 -26.26 -9.45 -33.83
N PHE F 316 -27.45 -9.78 -34.32
CA PHE F 316 -28.36 -8.72 -34.76
C PHE F 316 -29.15 -8.16 -33.59
N GLY F 317 -29.63 -9.03 -32.72
CA GLY F 317 -30.35 -8.60 -31.55
C GLY F 317 -31.72 -8.05 -31.84
N GLY F 318 -32.60 -8.11 -30.85
CA GLY F 318 -33.94 -7.56 -30.92
C GLY F 318 -33.93 -6.05 -30.84
N VAL F 319 -35.08 -5.47 -30.53
CA VAL F 319 -35.21 -4.03 -30.48
C VAL F 319 -35.32 -3.60 -29.02
N PRO F 320 -34.47 -2.71 -28.53
CA PRO F 320 -34.64 -2.20 -27.19
C PRO F 320 -35.74 -1.14 -27.17
N LYS F 321 -36.59 -1.21 -26.15
CA LYS F 321 -37.62 -0.21 -25.89
C LYS F 321 -37.22 0.56 -24.65
N VAL F 322 -37.14 1.89 -24.81
CA VAL F 322 -36.79 2.79 -23.71
C VAL F 322 -37.99 3.70 -23.47
N LEU F 323 -38.60 3.58 -22.31
CA LEU F 323 -39.88 4.21 -22.05
C LEU F 323 -39.72 5.27 -20.96
N GLU F 324 -40.84 5.85 -20.55
CA GLU F 324 -40.83 6.90 -19.53
C GLU F 324 -40.41 6.35 -18.17
N ASP F 325 -40.88 5.16 -17.80
CA ASP F 325 -40.67 4.61 -16.46
C ASP F 325 -39.51 3.63 -16.41
N THR F 326 -39.57 2.60 -17.25
CA THR F 326 -38.52 1.60 -17.25
C THR F 326 -37.87 1.65 -18.63
N ARG F 327 -36.97 0.71 -18.86
CA ARG F 327 -36.49 0.38 -20.19
C ARG F 327 -36.46 -1.13 -20.26
N ILE F 328 -36.58 -1.66 -21.47
CA ILE F 328 -36.74 -3.10 -21.68
C ILE F 328 -35.58 -3.59 -22.52
N ARG F 329 -34.95 -4.68 -22.09
CA ARG F 329 -33.72 -5.17 -22.71
C ARG F 329 -33.98 -5.72 -24.10
N GLY F 330 -33.15 -5.32 -25.06
CA GLY F 330 -33.34 -5.76 -26.43
C GLY F 330 -32.32 -6.78 -26.92
N ASP F 331 -31.16 -6.85 -26.24
CA ASP F 331 -30.04 -7.68 -26.64
C ASP F 331 -30.31 -9.15 -26.29
N ILE F 332 -29.77 -10.05 -27.12
CA ILE F 332 -30.04 -11.49 -26.99
C ILE F 332 -28.84 -12.18 -26.38
N HIS F 333 -29.06 -12.89 -25.28
CA HIS F 333 -28.02 -13.65 -24.58
C HIS F 333 -28.05 -15.11 -24.98
N ILE F 334 -26.87 -15.71 -25.14
CA ILE F 334 -26.72 -17.08 -25.61
C ILE F 334 -25.85 -17.88 -24.64
N LEU F 335 -26.26 -19.11 -24.35
CA LEU F 335 -25.45 -19.99 -23.53
C LEU F 335 -25.15 -21.27 -24.31
N ILE F 336 -23.87 -21.58 -24.42
CA ILE F 336 -23.35 -22.78 -25.07
C ILE F 336 -22.67 -23.60 -24.00
N ILE F 337 -23.26 -24.74 -23.63
CA ILE F 337 -22.63 -25.70 -22.75
C ILE F 337 -22.32 -26.94 -23.57
N GLY F 338 -21.04 -27.29 -23.68
CA GLY F 338 -20.62 -28.37 -24.55
C GLY F 338 -19.38 -29.04 -24.02
N ASP F 339 -19.18 -30.29 -24.47
CA ASP F 339 -17.99 -31.03 -24.14
C ASP F 339 -16.76 -30.23 -24.55
N PRO F 340 -15.59 -30.52 -23.99
CA PRO F 340 -14.38 -29.83 -24.43
C PRO F 340 -14.00 -30.27 -25.83
N GLY F 341 -13.45 -29.34 -26.59
CA GLY F 341 -13.00 -29.62 -27.94
C GLY F 341 -14.09 -29.69 -28.98
N THR F 342 -15.19 -28.96 -28.77
CA THR F 342 -16.33 -28.97 -29.67
C THR F 342 -16.46 -27.62 -30.38
N ALA F 343 -15.33 -26.92 -30.53
CA ALA F 343 -15.23 -25.67 -31.26
C ALA F 343 -15.92 -24.48 -30.58
N LYS F 344 -16.16 -24.55 -29.27
CA LYS F 344 -16.84 -23.44 -28.59
C LYS F 344 -16.02 -22.16 -28.72
N SER F 345 -14.80 -22.19 -28.20
CA SER F 345 -13.95 -21.00 -28.17
C SER F 345 -13.72 -20.48 -29.59
N GLN F 346 -13.68 -21.37 -30.58
CA GLN F 346 -13.45 -20.94 -31.95
C GLN F 346 -14.60 -20.07 -32.44
N MET F 347 -15.82 -20.50 -32.16
CA MET F 347 -16.97 -19.69 -32.54
C MET F 347 -17.01 -18.38 -31.77
N LEU F 348 -16.65 -18.41 -30.50
CA LEU F 348 -16.69 -17.15 -29.76
C LEU F 348 -15.66 -16.18 -30.32
N GLN F 349 -14.49 -16.70 -30.71
CA GLN F 349 -13.50 -15.85 -31.35
C GLN F 349 -14.04 -15.28 -32.66
N PHE F 350 -14.73 -16.10 -33.45
CA PHE F 350 -15.29 -15.58 -34.70
C PHE F 350 -16.27 -14.45 -34.44
N ILE F 351 -17.22 -14.65 -33.54
CA ILE F 351 -18.23 -13.59 -33.40
C ILE F 351 -17.62 -12.38 -32.74
N SER F 352 -16.54 -12.53 -31.98
CA SER F 352 -15.84 -11.32 -31.57
C SER F 352 -15.20 -10.63 -32.76
N ARG F 353 -14.77 -11.41 -33.76
CA ARG F 353 -14.12 -10.84 -34.94
C ARG F 353 -15.13 -10.13 -35.86
N VAL F 354 -16.31 -10.72 -36.04
CA VAL F 354 -17.29 -10.18 -36.99
C VAL F 354 -18.10 -9.05 -36.38
N ALA F 355 -18.24 -9.00 -35.07
CA ALA F 355 -19.09 -7.99 -34.46
C ALA F 355 -18.51 -6.60 -34.67
N PRO F 356 -19.34 -5.61 -35.00
CA PRO F 356 -18.83 -4.24 -35.10
C PRO F 356 -18.26 -3.71 -33.78
N ARG F 357 -18.74 -4.16 -32.61
CA ARG F 357 -18.09 -3.79 -31.35
C ARG F 357 -18.19 -4.94 -30.36
N ALA F 358 -17.05 -5.48 -29.89
CA ALA F 358 -17.11 -6.66 -29.03
C ALA F 358 -15.97 -6.66 -28.01
N VAL F 359 -16.17 -7.42 -26.93
CA VAL F 359 -15.19 -7.61 -25.88
C VAL F 359 -15.15 -9.09 -25.52
N TYR F 360 -13.95 -9.66 -25.48
CA TYR F 360 -13.74 -11.07 -25.22
C TYR F 360 -13.09 -11.23 -23.85
N THR F 361 -13.64 -12.10 -23.00
CA THR F 361 -13.08 -12.36 -21.67
C THR F 361 -13.32 -13.81 -21.30
N THR F 362 -12.62 -14.25 -20.26
CA THR F 362 -12.80 -15.57 -19.70
C THR F 362 -13.30 -15.45 -18.27
N GLY F 363 -14.23 -16.34 -17.89
CA GLY F 363 -14.76 -16.33 -16.54
C GLY F 363 -13.70 -16.43 -15.46
N LYS F 364 -12.62 -17.17 -15.72
CA LYS F 364 -11.50 -17.31 -14.80
C LYS F 364 -10.40 -16.27 -14.99
N GLY F 365 -10.31 -15.62 -16.16
CA GLY F 365 -9.33 -14.57 -16.31
C GLY F 365 -9.79 -13.23 -15.77
N SER F 366 -11.05 -13.17 -15.37
CA SER F 366 -11.71 -12.04 -14.73
C SER F 366 -12.32 -12.58 -13.44
N THR F 367 -12.39 -11.71 -12.42
CA THR F 367 -13.00 -12.12 -11.16
C THR F 367 -14.44 -11.62 -11.15
N ALA F 368 -14.99 -11.31 -9.97
CA ALA F 368 -16.27 -10.63 -9.92
C ALA F 368 -16.15 -9.19 -10.41
N ALA F 369 -15.07 -8.52 -10.02
CA ALA F 369 -14.82 -7.14 -10.40
C ALA F 369 -14.39 -6.99 -11.87
N GLY F 370 -13.72 -7.99 -12.44
CA GLY F 370 -13.30 -7.88 -13.83
C GLY F 370 -14.43 -7.95 -14.83
N LEU F 371 -15.52 -8.65 -14.50
CA LEU F 371 -16.65 -8.73 -15.43
C LEU F 371 -17.66 -7.60 -15.23
N THR F 372 -17.69 -6.98 -14.05
CA THR F 372 -18.70 -5.95 -13.80
C THR F 372 -18.03 -4.58 -13.63
N ALA F 373 -17.41 -4.36 -12.49
CA ALA F 373 -16.71 -3.13 -12.19
C ALA F 373 -15.85 -3.39 -10.98
N ALA F 374 -14.65 -2.85 -10.98
CA ALA F 374 -13.66 -3.13 -9.95
C ALA F 374 -13.44 -1.91 -9.06
N VAL F 375 -13.43 -2.15 -7.75
CA VAL F 375 -12.93 -1.19 -6.79
C VAL F 375 -11.51 -1.64 -6.48
N VAL F 376 -10.54 -0.95 -7.08
CA VAL F 376 -9.13 -1.34 -7.02
C VAL F 376 -8.40 -0.46 -6.02
N ARG F 377 -7.64 -1.09 -5.12
CA ARG F 377 -6.70 -0.35 -4.28
C ARG F 377 -5.40 -0.21 -5.07
N GLU F 378 -5.32 0.83 -5.89
CA GLU F 378 -4.05 1.24 -6.47
C GLU F 378 -3.29 2.02 -5.39
N LYS F 379 -2.16 1.47 -4.94
CA LYS F 379 -1.36 2.12 -3.90
C LYS F 379 -0.78 3.45 -4.39
N GLY F 380 -1.07 3.79 -5.64
CA GLY F 380 -0.65 5.04 -6.26
C GLY F 380 -1.48 6.28 -6.00
N THR F 381 -2.71 6.32 -6.53
CA THR F 381 -3.57 7.48 -6.34
C THR F 381 -3.98 7.68 -4.88
N GLY F 382 -3.82 6.66 -4.06
CA GLY F 382 -4.14 6.72 -2.65
C GLY F 382 -5.57 6.42 -2.29
N GLU F 383 -6.48 6.54 -3.26
CA GLU F 383 -7.90 6.34 -3.05
C GLU F 383 -8.32 5.03 -3.69
N TYR F 384 -9.49 4.52 -3.31
CA TYR F 384 -9.99 3.31 -3.92
C TYR F 384 -10.68 3.75 -5.21
N TYR F 385 -10.49 2.97 -6.27
CA TYR F 385 -10.67 3.54 -7.60
C TYR F 385 -11.56 2.63 -8.43
N LEU F 386 -12.23 3.21 -9.43
CA LEU F 386 -13.22 2.49 -10.22
C LEU F 386 -12.69 2.06 -11.59
N GLU F 387 -12.99 0.81 -11.95
CA GLU F 387 -12.52 0.21 -13.20
C GLU F 387 -13.71 -0.39 -13.94
N ALA F 388 -13.89 -0.02 -15.19
CA ALA F 388 -14.95 -0.62 -15.98
C ALA F 388 -14.56 -2.07 -16.26
N GLY F 389 -15.44 -3.00 -15.89
CA GLY F 389 -15.25 -4.41 -16.19
C GLY F 389 -15.78 -4.76 -17.56
N ALA F 390 -15.86 -6.07 -17.81
CA ALA F 390 -16.11 -6.57 -19.16
C ALA F 390 -17.48 -6.16 -19.70
N LEU F 391 -18.56 -6.44 -18.95
CA LEU F 391 -19.88 -6.12 -19.47
C LEU F 391 -20.05 -4.61 -19.65
N VAL F 392 -19.32 -3.80 -18.89
CA VAL F 392 -19.46 -2.37 -19.05
C VAL F 392 -18.72 -1.90 -20.29
N LEU F 393 -17.54 -2.46 -20.56
CA LEU F 393 -16.80 -2.07 -21.74
C LEU F 393 -17.55 -2.44 -23.02
N ALA F 394 -18.34 -3.51 -22.96
CA ALA F 394 -19.05 -4.00 -24.13
C ALA F 394 -20.39 -3.30 -24.33
N ASP F 395 -20.65 -2.21 -23.59
CA ASP F 395 -21.90 -1.48 -23.74
C ASP F 395 -22.10 -1.12 -25.21
N GLY F 396 -23.30 -1.37 -25.71
CA GLY F 396 -23.64 -1.15 -27.10
C GLY F 396 -23.14 -2.22 -28.05
N GLY F 397 -22.59 -3.31 -27.54
CA GLY F 397 -22.04 -4.37 -28.38
C GLY F 397 -22.23 -5.72 -27.72
N ILE F 398 -21.20 -6.56 -27.82
CA ILE F 398 -21.26 -7.96 -27.41
C ILE F 398 -20.18 -8.21 -26.37
N ALA F 399 -20.54 -8.97 -25.35
CA ALA F 399 -19.58 -9.45 -24.37
C ALA F 399 -19.53 -10.97 -24.46
N VAL F 400 -18.37 -11.49 -24.77
CA VAL F 400 -18.14 -12.93 -24.89
C VAL F 400 -17.51 -13.40 -23.60
N ILE F 401 -18.15 -14.37 -22.95
CA ILE F 401 -17.64 -15.00 -21.73
C ILE F 401 -17.33 -16.46 -22.03
N ASP F 402 -16.06 -16.77 -22.26
CA ASP F 402 -15.62 -18.13 -22.44
C ASP F 402 -15.31 -18.76 -21.08
N GLU F 403 -15.41 -20.09 -21.02
CA GLU F 403 -15.15 -20.87 -19.80
C GLU F 403 -16.00 -20.38 -18.64
N ILE F 404 -17.29 -20.16 -18.90
CA ILE F 404 -18.09 -19.58 -17.82
C ILE F 404 -18.37 -20.61 -16.73
N ASP F 405 -18.33 -21.91 -17.04
CA ASP F 405 -18.50 -22.90 -15.99
C ASP F 405 -17.24 -23.02 -15.15
N LYS F 406 -16.18 -22.31 -15.55
CA LYS F 406 -14.94 -22.24 -14.81
C LYS F 406 -14.99 -21.10 -13.79
N MET F 407 -16.05 -20.29 -13.84
CA MET F 407 -16.30 -19.25 -12.85
C MET F 407 -16.66 -19.83 -11.48
N ARG F 408 -16.17 -19.18 -10.43
CA ARG F 408 -16.75 -19.35 -9.11
C ARG F 408 -18.10 -18.64 -9.07
N ASP F 409 -19.12 -19.30 -8.53
CA ASP F 409 -20.46 -18.72 -8.50
C ASP F 409 -20.52 -17.41 -7.73
N GLU F 410 -19.85 -17.33 -6.57
CA GLU F 410 -19.88 -16.07 -5.80
C GLU F 410 -19.36 -14.90 -6.62
N ASP F 411 -18.55 -15.16 -7.64
CA ASP F 411 -18.20 -14.13 -8.59
C ASP F 411 -19.24 -14.02 -9.70
N ARG F 412 -19.80 -15.15 -10.13
CA ARG F 412 -20.65 -15.17 -11.33
C ARG F 412 -21.97 -14.46 -11.11
N VAL F 413 -22.52 -14.51 -9.89
CA VAL F 413 -23.81 -13.84 -9.65
C VAL F 413 -23.71 -12.33 -9.75
N ALA F 414 -22.50 -11.77 -9.84
CA ALA F 414 -22.39 -10.32 -10.01
C ALA F 414 -22.99 -9.87 -11.34
N ILE F 415 -23.23 -10.79 -12.29
CA ILE F 415 -23.75 -10.40 -13.60
C ILE F 415 -25.26 -10.56 -13.70
N HIS F 416 -25.94 -10.90 -12.61
CA HIS F 416 -27.40 -11.04 -12.69
C HIS F 416 -28.06 -9.73 -13.07
N GLU F 417 -27.66 -8.64 -12.40
CA GLU F 417 -28.17 -7.33 -12.75
C GLU F 417 -27.79 -6.96 -14.18
N ALA F 418 -26.50 -7.12 -14.53
CA ALA F 418 -26.05 -6.68 -15.84
C ALA F 418 -26.72 -7.42 -16.99
N MET F 419 -27.10 -8.68 -16.80
CA MET F 419 -27.67 -9.44 -17.91
C MET F 419 -29.11 -9.00 -18.23
N GLU F 420 -29.90 -8.64 -17.21
CA GLU F 420 -31.31 -8.24 -17.38
C GLU F 420 -31.51 -6.73 -17.41
N GLN F 421 -31.11 -6.02 -16.33
CA GLN F 421 -31.25 -4.56 -16.31
C GLN F 421 -30.15 -3.85 -17.08
N GLN F 422 -29.13 -4.57 -17.54
CA GLN F 422 -28.09 -4.00 -18.39
C GLN F 422 -27.45 -2.77 -17.75
N THR F 423 -27.34 -2.80 -16.42
CA THR F 423 -26.49 -1.89 -15.65
C THR F 423 -25.68 -2.69 -14.63
N VAL F 424 -24.48 -2.18 -14.33
CA VAL F 424 -23.65 -2.69 -13.25
C VAL F 424 -23.63 -1.65 -12.14
N SER F 425 -24.20 -1.97 -10.99
CA SER F 425 -24.19 -1.07 -9.85
C SER F 425 -23.42 -1.72 -8.71
N ILE F 426 -22.42 -1.00 -8.18
CA ILE F 426 -21.65 -1.49 -7.06
C ILE F 426 -21.53 -0.38 -6.01
N ALA F 427 -21.35 -0.79 -4.76
CA ALA F 427 -21.24 0.12 -3.63
C ALA F 427 -20.21 -0.48 -2.68
N LYS F 428 -18.97 0.01 -2.74
CA LYS F 428 -17.83 -0.54 -2.01
C LYS F 428 -16.82 0.57 -1.74
N ALA F 429 -16.10 0.45 -0.62
CA ALA F 429 -14.97 1.34 -0.30
C ALA F 429 -15.31 2.81 -0.50
N GLY F 430 -16.53 3.18 -0.13
CA GLY F 430 -16.98 4.56 -0.11
C GLY F 430 -17.42 5.13 -1.44
N ILE F 431 -17.52 4.30 -2.48
CA ILE F 431 -18.02 4.74 -3.77
C ILE F 431 -19.25 3.91 -4.11
N VAL F 432 -20.30 4.61 -4.52
CA VAL F 432 -21.55 3.97 -4.94
C VAL F 432 -21.84 4.49 -6.35
N ALA F 433 -21.99 3.58 -7.31
CA ALA F 433 -22.18 4.02 -8.70
C ALA F 433 -22.90 2.95 -9.48
N LYS F 434 -23.41 3.36 -10.66
CA LYS F 434 -24.14 2.50 -11.59
C LYS F 434 -23.81 2.88 -13.02
N LEU F 435 -23.31 1.91 -13.80
CA LEU F 435 -22.90 2.08 -15.18
C LEU F 435 -23.80 1.33 -16.15
N ASN F 436 -23.83 1.77 -17.41
CA ASN F 436 -24.59 1.09 -18.45
C ASN F 436 -23.86 -0.15 -18.93
N ALA F 437 -24.54 -1.31 -18.90
CA ALA F 437 -23.99 -2.59 -19.35
C ALA F 437 -24.91 -3.22 -20.40
N ARG F 438 -25.26 -2.44 -21.42
CA ARG F 438 -26.17 -2.91 -22.46
C ARG F 438 -25.37 -3.71 -23.50
N ALA F 439 -24.96 -4.91 -23.08
CA ALA F 439 -24.21 -5.79 -23.95
C ALA F 439 -24.89 -7.14 -23.96
N ALA F 440 -24.84 -7.80 -25.11
CA ALA F 440 -25.38 -9.14 -25.22
C ALA F 440 -24.32 -10.13 -24.77
N VAL F 441 -24.70 -11.02 -23.87
CA VAL F 441 -23.76 -11.99 -23.31
C VAL F 441 -23.80 -13.24 -24.17
N ILE F 442 -22.64 -13.64 -24.69
CA ILE F 442 -22.52 -14.90 -25.40
C ILE F 442 -21.50 -15.73 -24.64
N ALA F 443 -21.96 -16.80 -24.00
CA ALA F 443 -21.17 -17.50 -23.01
C ALA F 443 -21.02 -18.96 -23.42
N ALA F 444 -19.91 -19.55 -23.01
CA ALA F 444 -19.66 -20.95 -23.28
C ALA F 444 -19.03 -21.59 -22.05
N GLY F 445 -19.32 -22.87 -21.89
CA GLY F 445 -18.81 -23.64 -20.77
C GLY F 445 -18.96 -25.10 -21.06
N ASN F 446 -18.42 -25.91 -20.16
CA ASN F 446 -18.47 -27.36 -20.19
C ASN F 446 -19.49 -27.88 -19.17
N PRO F 447 -19.96 -29.12 -19.31
CA PRO F 447 -20.90 -29.68 -18.31
C PRO F 447 -20.26 -29.88 -16.94
N LYS F 448 -21.13 -30.23 -15.99
CA LYS F 448 -20.72 -30.36 -14.58
C LYS F 448 -19.55 -31.31 -14.43
N PHE F 449 -19.57 -32.40 -15.16
CA PHE F 449 -18.55 -33.44 -15.04
C PHE F 449 -17.66 -33.49 -16.28
N GLY F 450 -17.27 -32.31 -16.77
CA GLY F 450 -16.42 -32.22 -17.95
C GLY F 450 -17.12 -32.56 -19.24
N ARG F 451 -17.55 -33.81 -19.39
CA ARG F 451 -18.36 -34.26 -20.52
C ARG F 451 -19.82 -34.43 -20.11
N TYR F 452 -20.71 -34.42 -21.11
CA TYR F 452 -22.12 -34.64 -20.84
C TYR F 452 -22.36 -36.12 -20.55
N ILE F 453 -23.13 -36.38 -19.51
CA ILE F 453 -23.41 -37.74 -19.06
C ILE F 453 -24.89 -38.01 -19.23
N SER F 454 -25.22 -38.80 -20.27
CA SER F 454 -26.62 -39.11 -20.57
C SER F 454 -27.26 -39.96 -19.46
N GLU F 455 -26.45 -40.58 -18.60
CA GLU F 455 -26.99 -41.33 -17.48
C GLU F 455 -27.60 -40.42 -16.42
N ARG F 456 -27.31 -39.12 -16.46
CA ARG F 456 -27.90 -38.26 -15.46
C ARG F 456 -28.91 -37.31 -16.10
N PRO F 457 -29.91 -36.85 -15.34
CA PRO F 457 -30.92 -35.94 -15.91
C PRO F 457 -30.27 -34.64 -16.36
N VAL F 458 -30.99 -33.92 -17.22
CA VAL F 458 -30.43 -32.69 -17.80
C VAL F 458 -30.19 -31.65 -16.72
N SER F 459 -30.97 -31.68 -15.65
CA SER F 459 -30.86 -30.67 -14.59
C SER F 459 -29.46 -30.69 -13.97
N ASP F 460 -29.14 -31.75 -13.25
CA ASP F 460 -27.83 -31.84 -12.63
C ASP F 460 -26.72 -32.12 -13.64
N ASN F 461 -26.98 -32.15 -14.94
CA ASN F 461 -25.90 -32.25 -15.91
C ASN F 461 -25.47 -30.86 -16.36
N ILE F 462 -26.43 -29.94 -16.51
CA ILE F 462 -26.07 -28.55 -16.77
C ILE F 462 -25.42 -27.96 -15.52
N ASN F 463 -26.10 -28.10 -14.39
CA ASN F 463 -25.58 -27.75 -13.08
C ASN F 463 -25.21 -26.28 -13.04
N LEU F 464 -26.19 -25.44 -13.40
CA LEU F 464 -26.13 -24.00 -13.26
C LEU F 464 -27.48 -23.59 -12.70
N PRO F 465 -27.54 -22.54 -11.89
CA PRO F 465 -28.80 -22.21 -11.22
C PRO F 465 -29.85 -21.83 -12.24
N PRO F 466 -31.13 -22.06 -11.95
CA PRO F 466 -32.20 -21.60 -12.85
C PRO F 466 -32.30 -20.09 -12.95
N THR F 467 -31.82 -19.37 -11.93
CA THR F 467 -31.91 -17.90 -11.93
C THR F 467 -31.12 -17.27 -13.07
N ILE F 468 -29.94 -17.81 -13.37
CA ILE F 468 -29.18 -17.26 -14.49
C ILE F 468 -29.60 -17.92 -15.79
N LEU F 469 -30.08 -19.17 -15.74
CA LEU F 469 -30.47 -19.85 -16.97
C LEU F 469 -31.64 -19.16 -17.66
N SER F 470 -32.57 -18.63 -16.86
CA SER F 470 -33.69 -17.88 -17.43
C SER F 470 -33.21 -16.60 -18.12
N ARG F 471 -32.08 -16.03 -17.69
CA ARG F 471 -31.52 -14.86 -18.36
C ARG F 471 -30.96 -15.19 -19.75
N PHE F 472 -30.73 -16.46 -20.06
CA PHE F 472 -30.25 -16.83 -21.39
C PHE F 472 -31.47 -17.09 -22.28
N ASP F 473 -31.55 -16.35 -23.39
CA ASP F 473 -32.69 -16.55 -24.31
C ASP F 473 -32.62 -17.91 -24.98
N LEU F 474 -31.43 -18.36 -25.33
CA LEU F 474 -31.21 -19.66 -25.92
C LEU F 474 -30.07 -20.38 -25.19
N ILE F 475 -30.25 -21.68 -24.97
CA ILE F 475 -29.24 -22.55 -24.39
C ILE F 475 -29.06 -23.75 -25.31
N PHE F 476 -27.81 -24.14 -25.57
CA PHE F 476 -27.56 -25.29 -26.44
C PHE F 476 -26.51 -26.18 -25.80
N ILE F 477 -26.81 -27.47 -25.74
CA ILE F 477 -25.93 -28.48 -25.15
C ILE F 477 -25.25 -29.22 -26.29
N LEU F 478 -23.93 -29.12 -26.33
CA LEU F 478 -23.09 -29.72 -27.36
C LEU F 478 -22.57 -31.05 -26.83
N LYS F 479 -23.02 -32.14 -27.42
CA LYS F 479 -22.47 -33.46 -27.11
C LYS F 479 -21.45 -33.80 -28.18
N ASP F 480 -20.33 -34.38 -27.76
CA ASP F 480 -19.30 -34.80 -28.70
C ASP F 480 -19.42 -36.31 -28.83
N GLN F 481 -20.39 -36.73 -29.68
CA GLN F 481 -20.66 -38.14 -29.85
C GLN F 481 -20.13 -38.61 -31.20
N PRO F 482 -19.24 -39.61 -31.20
CA PRO F 482 -18.70 -40.12 -32.45
C PRO F 482 -19.76 -40.92 -33.20
N GLY F 483 -19.87 -40.67 -34.50
CA GLY F 483 -20.82 -41.39 -35.34
C GLY F 483 -20.25 -41.59 -36.71
N GLU F 484 -21.10 -41.49 -37.74
CA GLU F 484 -20.60 -41.51 -39.11
C GLU F 484 -20.06 -40.15 -39.56
N GLN F 485 -20.45 -39.07 -38.88
CA GLN F 485 -19.94 -37.73 -39.20
C GLN F 485 -18.42 -37.64 -39.09
N ASP F 486 -17.79 -38.54 -38.33
CA ASP F 486 -16.39 -38.36 -37.95
C ASP F 486 -15.50 -38.17 -39.16
N ARG F 487 -15.56 -39.09 -40.13
CA ARG F 487 -14.70 -38.93 -41.30
C ARG F 487 -14.94 -37.57 -41.93
N GLU F 488 -16.22 -37.21 -42.11
CA GLU F 488 -16.57 -35.90 -42.66
C GLU F 488 -15.92 -34.80 -41.86
N LEU F 489 -16.12 -34.84 -40.54
CA LEU F 489 -15.52 -33.86 -39.64
C LEU F 489 -14.01 -33.74 -39.88
N ALA F 490 -13.32 -34.88 -39.84
CA ALA F 490 -11.88 -34.82 -39.97
C ALA F 490 -11.50 -34.20 -41.28
N ASN F 491 -12.16 -34.60 -42.36
CA ASN F 491 -11.83 -34.05 -43.66
C ASN F 491 -12.11 -32.56 -43.69
N TYR F 492 -13.25 -32.16 -43.13
CA TYR F 492 -13.55 -30.73 -43.08
C TYR F 492 -12.42 -29.99 -42.41
N ILE F 493 -12.01 -30.48 -41.24
CA ILE F 493 -10.96 -29.82 -40.47
C ILE F 493 -9.68 -29.73 -41.30
N LEU F 494 -9.29 -30.85 -41.91
CA LEU F 494 -8.05 -30.86 -42.66
C LEU F 494 -8.14 -29.98 -43.90
N ASP F 495 -9.32 -29.91 -44.53
CA ASP F 495 -9.47 -29.04 -45.69
C ASP F 495 -9.26 -27.58 -45.28
N VAL F 496 -9.70 -27.22 -44.07
CA VAL F 496 -9.49 -25.87 -43.59
C VAL F 496 -8.00 -25.57 -43.41
N HIS F 497 -7.23 -26.57 -42.96
CA HIS F 497 -5.79 -26.33 -42.79
C HIS F 497 -5.15 -25.97 -44.13
N SER F 498 -5.57 -26.65 -45.19
CA SER F 498 -5.03 -26.42 -46.51
C SER F 498 -5.48 -25.09 -47.10
N GLY F 499 -6.49 -24.45 -46.53
CA GLY F 499 -7.01 -23.22 -47.06
C GLY F 499 -8.25 -23.37 -47.92
N LYS F 500 -8.98 -24.48 -47.82
CA LYS F 500 -10.15 -24.74 -48.65
C LYS F 500 -11.38 -24.08 -48.02
N SER F 501 -11.66 -22.85 -48.46
CA SER F 501 -12.78 -22.05 -48.00
C SER F 501 -14.02 -22.25 -48.88
N THR F 502 -15.18 -21.91 -48.34
CA THR F 502 -16.47 -22.11 -48.99
C THR F 502 -16.85 -20.92 -49.88
N LYS F 503 -17.61 -21.21 -50.93
CA LYS F 503 -18.12 -20.18 -51.81
C LYS F 503 -19.52 -19.75 -51.36
N ASN F 504 -20.14 -18.85 -52.11
CA ASN F 504 -21.46 -18.29 -51.82
C ASN F 504 -21.64 -18.04 -50.32
N ILE F 505 -20.60 -17.46 -49.75
CA ILE F 505 -20.53 -17.11 -48.35
C ILE F 505 -20.47 -15.60 -48.31
N ILE F 506 -20.74 -15.02 -47.15
CA ILE F 506 -20.54 -13.59 -47.00
C ILE F 506 -19.24 -13.42 -46.23
N ASP F 507 -18.29 -12.72 -46.84
CA ASP F 507 -16.98 -12.52 -46.22
C ASP F 507 -17.11 -11.70 -44.95
N ILE F 508 -16.17 -11.92 -44.03
CA ILE F 508 -16.33 -11.42 -42.67
C ILE F 508 -16.43 -9.90 -42.63
N ASP F 509 -15.72 -9.20 -43.51
CA ASP F 509 -15.76 -7.73 -43.50
C ASP F 509 -17.13 -7.21 -43.90
N THR F 510 -17.67 -7.68 -45.03
CA THR F 510 -18.96 -7.15 -45.41
C THR F 510 -20.07 -7.70 -44.50
N LEU F 511 -19.89 -8.90 -43.95
CA LEU F 511 -20.86 -9.38 -42.95
C LEU F 511 -20.91 -8.45 -41.75
N ARG F 512 -19.74 -7.99 -41.29
CA ARG F 512 -19.72 -7.01 -40.22
C ARG F 512 -20.42 -5.72 -40.63
N LYS F 513 -20.12 -5.22 -41.83
CA LYS F 513 -20.76 -3.97 -42.27
C LYS F 513 -22.27 -4.13 -42.32
N TYR F 514 -22.74 -5.31 -42.76
CA TYR F 514 -24.15 -5.57 -42.87
C TYR F 514 -24.81 -5.59 -41.50
N ILE F 515 -24.21 -6.33 -40.56
CA ILE F 515 -24.73 -6.35 -39.19
C ILE F 515 -24.79 -4.94 -38.64
N ALA F 516 -23.72 -4.18 -38.82
CA ALA F 516 -23.66 -2.82 -38.34
C ALA F 516 -24.81 -2.01 -38.88
N TYR F 517 -25.01 -2.05 -40.20
CA TYR F 517 -26.09 -1.30 -40.82
C TYR F 517 -27.44 -1.71 -40.23
N ALA F 518 -27.71 -3.01 -40.19
CA ALA F 518 -29.02 -3.45 -39.74
C ALA F 518 -29.28 -3.00 -38.33
N ARG F 519 -28.27 -3.11 -37.46
CA ARG F 519 -28.43 -2.68 -36.08
C ARG F 519 -28.65 -1.17 -36.02
N LYS F 520 -28.02 -0.42 -36.93
CA LYS F 520 -28.11 1.03 -36.90
C LYS F 520 -29.44 1.54 -37.44
N TYR F 521 -29.96 0.91 -38.47
CA TYR F 521 -31.04 1.51 -39.26
C TYR F 521 -32.35 0.74 -39.28
N VAL F 522 -32.37 -0.52 -38.86
CA VAL F 522 -33.56 -1.35 -38.98
C VAL F 522 -34.11 -1.62 -37.58
N THR F 523 -35.33 -1.13 -37.32
CA THR F 523 -36.02 -1.30 -36.03
C THR F 523 -37.35 -2.00 -36.29
N PRO F 524 -37.36 -3.32 -36.35
CA PRO F 524 -38.57 -4.02 -36.77
C PRO F 524 -39.70 -3.82 -35.79
N LYS F 525 -40.88 -3.50 -36.31
CA LYS F 525 -42.09 -3.38 -35.51
C LYS F 525 -42.83 -4.70 -35.56
N ILE F 526 -43.48 -5.03 -34.46
CA ILE F 526 -44.10 -6.33 -34.29
C ILE F 526 -45.52 -6.26 -34.81
N THR F 527 -45.88 -7.20 -35.69
CA THR F 527 -47.22 -7.29 -36.25
C THR F 527 -48.13 -8.17 -35.39
N SER F 528 -49.44 -7.98 -35.61
CA SER F 528 -50.45 -8.65 -34.79
C SER F 528 -50.41 -10.16 -34.96
N GLU F 529 -50.21 -10.64 -36.18
CA GLU F 529 -50.15 -12.07 -36.40
C GLU F 529 -48.93 -12.69 -35.69
N ALA F 530 -47.77 -12.02 -35.77
CA ALA F 530 -46.58 -12.50 -35.08
C ALA F 530 -46.77 -12.43 -33.57
N LYS F 531 -47.36 -11.34 -33.10
CA LYS F 531 -47.62 -11.18 -31.68
C LYS F 531 -48.55 -12.26 -31.14
N ASN F 532 -49.63 -12.57 -31.88
CA ASN F 532 -50.57 -13.62 -31.45
C ASN F 532 -49.91 -15.00 -31.47
N LEU F 533 -49.07 -15.28 -32.47
CA LEU F 533 -48.35 -16.55 -32.47
C LEU F 533 -47.43 -16.66 -31.25
N ILE F 534 -46.72 -15.58 -30.93
CA ILE F 534 -45.84 -15.60 -29.76
C ILE F 534 -46.64 -15.85 -28.49
N THR F 535 -47.75 -15.11 -28.31
CA THR F 535 -48.55 -15.28 -27.12
C THR F 535 -49.05 -16.71 -26.97
N ASP F 536 -49.59 -17.28 -28.05
CA ASP F 536 -50.11 -18.64 -27.98
C ASP F 536 -49.00 -19.62 -27.62
N PHE F 537 -47.83 -19.48 -28.26
CA PHE F 537 -46.76 -20.41 -27.95
C PHE F 537 -46.27 -20.24 -26.52
N PHE F 538 -46.25 -19.00 -26.03
CA PHE F 538 -45.81 -18.77 -24.66
C PHE F 538 -46.75 -19.42 -23.65
N VAL F 539 -48.06 -19.35 -23.91
CA VAL F 539 -49.02 -20.01 -23.03
C VAL F 539 -48.80 -21.51 -23.03
N GLU F 540 -48.59 -22.08 -24.21
CA GLU F 540 -48.28 -23.51 -24.28
C GLU F 540 -47.01 -23.83 -23.49
N MET F 541 -45.99 -22.98 -23.61
CA MET F 541 -44.73 -23.15 -22.89
C MET F 541 -44.94 -23.18 -21.38
N ARG F 542 -45.66 -22.20 -20.85
CA ARG F 542 -45.86 -22.16 -19.41
C ARG F 542 -46.71 -23.34 -18.94
N LYS F 543 -47.69 -23.76 -19.76
CA LYS F 543 -48.46 -24.95 -19.41
C LYS F 543 -47.58 -26.19 -19.36
N LYS F 544 -46.69 -26.35 -20.34
CA LYS F 544 -45.76 -27.48 -20.30
C LYS F 544 -44.82 -27.39 -19.11
N SER F 545 -44.46 -26.17 -18.67
CA SER F 545 -43.62 -26.05 -17.50
C SER F 545 -44.38 -26.44 -16.23
N SER F 546 -45.64 -26.03 -16.11
CA SER F 546 -46.43 -26.41 -14.93
C SER F 546 -46.73 -27.90 -14.90
N GLU F 547 -46.75 -28.54 -16.06
CA GLU F 547 -46.96 -29.99 -16.06
C GLU F 547 -45.71 -30.75 -15.65
N THR F 548 -44.52 -30.22 -15.95
CA THR F 548 -43.25 -30.87 -15.60
C THR F 548 -42.43 -29.99 -14.65
N PRO F 549 -42.39 -30.30 -13.35
CA PRO F 549 -41.65 -29.45 -12.41
C PRO F 549 -40.17 -29.76 -12.30
N ASP F 550 -39.72 -30.90 -12.83
CA ASP F 550 -38.30 -31.25 -12.74
C ASP F 550 -37.42 -30.40 -13.65
N SER F 551 -38.01 -29.62 -14.54
CA SER F 551 -37.22 -28.90 -15.54
C SER F 551 -36.19 -28.00 -14.86
N PRO F 552 -34.94 -27.95 -15.37
CA PRO F 552 -33.96 -27.04 -14.80
C PRO F 552 -34.09 -25.65 -15.42
N ILE F 553 -34.64 -25.63 -16.62
CA ILE F 553 -35.05 -24.40 -17.30
C ILE F 553 -36.47 -24.11 -16.86
N LEU F 554 -36.69 -22.97 -16.22
CA LEU F 554 -38.08 -22.68 -15.92
C LEU F 554 -38.66 -21.95 -17.14
N ILE F 555 -39.92 -21.56 -17.07
CA ILE F 555 -40.52 -20.72 -18.10
C ILE F 555 -41.01 -19.48 -17.36
N THR F 556 -40.39 -18.37 -17.65
CA THR F 556 -40.62 -17.17 -16.88
C THR F 556 -41.09 -16.12 -17.88
N PRO F 557 -41.54 -14.96 -17.45
CA PRO F 557 -41.84 -13.90 -18.44
C PRO F 557 -40.66 -13.60 -19.35
N ARG F 558 -39.44 -13.85 -18.85
CA ARG F 558 -38.25 -13.64 -19.66
C ARG F 558 -38.30 -14.41 -20.97
N GLN F 559 -38.91 -15.60 -20.97
CA GLN F 559 -38.95 -16.39 -22.19
C GLN F 559 -39.89 -15.77 -23.22
N LEU F 560 -40.99 -15.17 -22.77
CA LEU F 560 -41.82 -14.38 -23.67
C LEU F 560 -41.05 -13.21 -24.26
N GLU F 561 -40.35 -12.46 -23.41
CA GLU F 561 -39.48 -11.41 -23.93
C GLU F 561 -38.46 -11.98 -24.91
N ALA F 562 -38.02 -13.22 -24.69
CA ALA F 562 -37.04 -13.83 -25.58
C ALA F 562 -37.63 -14.09 -26.94
N LEU F 563 -38.88 -14.54 -26.96
CA LEU F 563 -39.59 -14.70 -28.23
C LEU F 563 -39.68 -13.36 -28.97
N ILE F 564 -40.02 -12.29 -28.24
CA ILE F 564 -40.02 -10.95 -28.84
C ILE F 564 -38.67 -10.66 -29.50
N ARG F 565 -37.59 -10.78 -28.71
CA ARG F 565 -36.25 -10.43 -29.20
C ARG F 565 -35.83 -11.27 -30.39
N ILE F 566 -36.11 -12.57 -30.35
CA ILE F 566 -35.68 -13.47 -31.43
C ILE F 566 -36.43 -13.15 -32.71
N SER F 567 -37.76 -12.97 -32.64
CA SER F 567 -38.47 -12.65 -33.88
C SER F 567 -38.04 -11.28 -34.38
N GLU F 568 -37.86 -10.32 -33.48
CA GLU F 568 -37.30 -9.03 -33.87
C GLU F 568 -35.97 -9.19 -34.61
N ALA F 569 -35.07 -10.02 -34.07
CA ALA F 569 -33.77 -10.17 -34.69
C ALA F 569 -33.88 -10.89 -36.03
N TYR F 570 -34.83 -11.81 -36.15
CA TYR F 570 -35.06 -12.47 -37.43
C TYR F 570 -35.52 -11.48 -38.49
N ALA F 571 -36.43 -10.57 -38.12
CA ALA F 571 -36.83 -9.54 -39.07
C ALA F 571 -35.64 -8.65 -39.41
N LYS F 572 -34.91 -8.20 -38.37
CA LYS F 572 -33.75 -7.32 -38.55
C LYS F 572 -32.69 -7.94 -39.45
N MET F 573 -32.51 -9.26 -39.38
CA MET F 573 -31.47 -9.95 -40.14
C MET F 573 -31.71 -9.83 -41.65
N ALA F 574 -32.96 -9.84 -42.07
CA ALA F 574 -33.35 -9.65 -43.45
C ALA F 574 -33.57 -8.19 -43.82
N LEU F 575 -33.29 -7.27 -42.89
CA LEU F 575 -33.50 -5.83 -43.04
C LEU F 575 -34.97 -5.45 -43.12
N LYS F 576 -35.89 -6.37 -42.80
CA LYS F 576 -37.32 -6.09 -42.81
C LYS F 576 -37.69 -5.06 -41.75
N ALA F 577 -38.65 -4.20 -42.06
CA ALA F 577 -39.14 -3.21 -41.10
C ALA F 577 -40.28 -3.72 -40.23
N GLU F 578 -40.74 -4.95 -40.44
CA GLU F 578 -41.82 -5.52 -39.65
C GLU F 578 -41.53 -6.97 -39.34
N VAL F 579 -42.05 -7.44 -38.21
CA VAL F 579 -41.92 -8.83 -37.79
C VAL F 579 -43.17 -9.56 -38.27
N THR F 580 -43.03 -10.31 -39.37
CA THR F 580 -44.14 -11.02 -40.00
C THR F 580 -44.35 -12.39 -39.34
N ARG F 581 -45.37 -13.13 -39.79
CA ARG F 581 -45.62 -14.45 -39.25
C ARG F 581 -44.39 -15.33 -39.39
N GLU F 582 -43.68 -15.18 -40.51
CA GLU F 582 -42.51 -16.00 -40.79
C GLU F 582 -41.49 -15.91 -39.68
N ASP F 583 -41.17 -14.68 -39.25
CA ASP F 583 -40.19 -14.47 -38.20
C ASP F 583 -40.70 -14.98 -36.86
N ALA F 584 -41.99 -14.81 -36.58
CA ALA F 584 -42.56 -15.39 -35.37
C ALA F 584 -42.38 -16.90 -35.35
N GLU F 585 -42.66 -17.56 -36.49
CA GLU F 585 -42.52 -19.01 -36.53
C GLU F 585 -41.06 -19.43 -36.40
N ARG F 586 -40.14 -18.69 -37.04
CA ARG F 586 -38.72 -19.00 -36.88
C ARG F 586 -38.30 -18.88 -35.41
N ALA F 587 -38.77 -17.83 -34.74
CA ALA F 587 -38.49 -17.66 -33.32
C ALA F 587 -39.00 -18.85 -32.52
N ILE F 588 -40.27 -19.22 -32.75
CA ILE F 588 -40.88 -20.32 -32.02
C ILE F 588 -40.10 -21.61 -32.24
N ASN F 589 -39.63 -21.83 -33.48
CA ASN F 589 -38.97 -23.10 -33.77
C ASN F 589 -37.57 -23.17 -33.16
N ILE F 590 -36.78 -22.09 -33.22
CA ILE F 590 -35.47 -22.20 -32.57
C ILE F 590 -35.63 -22.23 -31.06
N MET F 591 -36.65 -21.56 -30.52
CA MET F 591 -36.97 -21.69 -29.09
C MET F 591 -37.26 -23.15 -28.75
N ARG F 592 -38.02 -23.82 -29.63
CA ARG F 592 -38.35 -25.23 -29.41
C ARG F 592 -37.11 -26.13 -29.52
N LEU F 593 -36.19 -25.80 -30.44
CA LEU F 593 -34.94 -26.55 -30.51
C LEU F 593 -34.14 -26.42 -29.22
N PHE F 594 -33.97 -25.18 -28.75
CA PHE F 594 -33.39 -24.94 -27.43
C PHE F 594 -34.05 -25.82 -26.38
N LEU F 595 -35.38 -25.86 -26.37
CA LEU F 595 -36.06 -26.62 -25.33
C LEU F 595 -35.81 -28.12 -25.49
N GLU F 596 -35.64 -28.57 -26.72
CA GLU F 596 -35.36 -29.98 -26.97
C GLU F 596 -33.97 -30.36 -26.46
N SER F 597 -32.98 -29.49 -26.65
CA SER F 597 -31.62 -29.82 -26.22
C SER F 597 -31.53 -29.93 -24.70
N VAL F 598 -32.12 -28.98 -23.97
CA VAL F 598 -32.16 -29.05 -22.51
C VAL F 598 -33.22 -30.02 -22.00
N GLY F 599 -33.70 -30.90 -22.88
CA GLY F 599 -34.52 -32.03 -22.46
C GLY F 599 -35.91 -31.75 -21.94
N VAL F 600 -36.65 -30.84 -22.59
CA VAL F 600 -38.06 -30.62 -22.28
C VAL F 600 -38.82 -30.46 -23.60
N ASP F 601 -39.83 -31.31 -23.81
CA ASP F 601 -40.48 -31.41 -25.11
C ASP F 601 -41.98 -31.13 -24.99
N MET F 602 -42.58 -30.80 -26.12
CA MET F 602 -43.99 -30.46 -26.19
C MET F 602 -44.81 -31.61 -26.78
PA 08T H . 15.32 -33.96 -10.91
PB 08T H . 12.47 -34.20 -10.66
BE 08T H . 10.82 -33.22 -8.54
C5' 08T H . 17.19 -35.13 -9.49
O5' 08T H . 16.39 -35.12 -10.67
C4' 08T H . 18.43 -35.98 -9.77
O4' 08T H . 18.06 -37.30 -10.12
C3' 08T H . 19.22 -35.42 -10.91
O3' 08T H . 20.46 -34.97 -10.36
C2' 08T H . 19.41 -36.59 -11.85
O2' 08T H . 20.78 -36.75 -12.24
C1' 08T H . 18.95 -37.81 -11.08
N1 08T H . 19.19 -40.59 -15.47
O1A 08T H . 15.78 -32.84 -10.00
O1B 08T H . 12.02 -35.38 -11.47
F1 08T H . 11.61 -31.93 -8.72
C2 08T H . 20.14 -39.89 -14.85
O2A 08T H . 15.22 -33.74 -12.40
O2B 08T H . 12.35 -32.77 -11.17
F2 08T H . 10.80 -33.72 -7.11
N3 08T H . 19.94 -39.22 -13.71
O3A 08T H . 13.98 -34.61 -10.31
O3B 08T H . 11.73 -34.36 -9.23
F3 08T H . 9.48 -33.23 -9.25
C4 08T H . 18.72 -39.23 -13.12
C5 08T H . 17.63 -39.98 -13.76
C6 08T H . 17.95 -40.68 -15.01
N6 08T H . 17.02 -41.40 -15.67
N7 08T H . 16.55 -39.82 -12.99
C8 08T H . 16.92 -39.03 -11.94
N9 08T H . 18.21 -38.67 -12.03
ZN ZN I . 20.63 38.61 -30.60
MG MG J . 12.14 -31.01 -10.36
PA 08T K . 17.35 -28.17 22.15
PB 08T K . 15.34 -29.32 20.45
BE 08T K . 12.68 -28.51 20.13
C5' 08T K . 17.46 -27.94 24.72
O5' 08T K . 17.84 -28.70 23.58
C4' 08T K . 18.40 -28.23 25.90
O4' 08T K . 18.45 -29.62 26.20
C3' 08T K . 19.81 -27.76 25.61
O3' 08T K . 20.15 -26.84 26.67
C2' 08T K . 20.64 -29.02 25.67
O2' 08T K . 21.87 -28.76 26.37
C1' 08T K . 19.79 -30.04 26.41
N1 08T K . 23.13 -33.99 25.66
O1A 08T K . 16.91 -26.76 22.44
O1B 08T K . 15.67 -30.72 20.00
F1 08T K . 13.26 -27.16 19.79
C2 08T K . 23.30 -32.80 26.27
O2A 08T K . 18.40 -28.40 21.09
O2B 08T K . 15.62 -28.17 19.52
F2 08T K . 11.58 -28.47 21.16
N3 08T K . 22.34 -31.88 26.40
O3A 08T K . 16.06 -29.09 21.88
O3B 08T K . 13.81 -29.30 20.93
F3 08T K . 12.43 -29.44 18.98
C4 08T K . 21.11 -32.10 25.90
C5 08T K . 20.83 -33.38 25.23
C6 08T K . 21.95 -34.35 25.13
N6 08T K . 21.78 -35.54 24.53
N7 08T K . 19.56 -33.34 24.82
C8 08T K . 19.05 -32.14 25.22
N9 08T K . 19.98 -31.41 25.86
ZN ZN L . 38.60 31.42 -19.36
MG MG M . 14.77 -26.62 18.70
PA 08T N . -7.76 -11.84 37.45
PB 08T N . -7.55 -14.09 35.69
BE 08T N . -8.91 -14.47 33.22
C5' 08T N . -9.80 -10.65 38.59
O5' 08T N . -8.80 -11.64 38.65
C4' 08T N . -10.10 -10.18 40.00
O4' 08T N . -10.30 -11.29 40.89
C3' 08T N . -8.95 -9.36 40.54
O3' 08T N . -9.41 -8.04 40.79
C2' 08T N . -8.50 -10.09 41.81
O2' 08T N . -8.31 -9.16 42.89
C1' 08T N . -9.64 -11.04 42.13
N1 08T N . -7.09 -13.26 46.16
O1A 08T N . -6.35 -11.83 37.98
O1B 08T N . -7.02 -15.37 36.28
F1 08T N . -8.33 -13.15 32.77
C2 08T N . -7.35 -11.96 45.90
O2A 08T N . -8.11 -10.84 36.39
O2B 08T N . -6.69 -13.14 34.88
F2 08T N . -10.39 -14.58 32.99
N3 08T N . -8.01 -11.52 44.83
O3A 08T N . -8.21 -13.29 36.92
O3B 08T N . -8.84 -14.50 34.83
F3 08T N . -8.11 -15.67 32.81
C4 08T N . -8.50 -12.40 43.91
C5 08T N . -8.27 -13.84 44.14
C6 08T N . -7.51 -14.25 45.35
N6 08T N . -7.27 -15.56 45.62
N7 08T N . -8.84 -14.49 43.10
C8 08T N . -9.37 -13.54 42.28
N9 08T N . -9.16 -12.31 42.76
ZN ZN O . 39.54 35.04 1.02
MG MG P . -6.57 -12.38 33.09
PB ADP Q . -33.14 -4.69 19.69
O1B ADP Q . -33.08 -5.60 18.47
O2B ADP Q . -33.46 -5.44 20.97
O3B ADP Q . -31.93 -3.79 19.74
PA ADP Q . -34.46 -2.11 19.60
O1A ADP Q . -33.82 -1.60 18.34
O2A ADP Q . -33.98 -1.54 20.90
O3A ADP Q . -34.44 -3.73 19.63
O5' ADP Q . -36.03 -1.82 19.47
C5' ADP Q . -36.49 -1.28 18.23
C4' ADP Q . -37.86 -0.64 18.36
O4' ADP Q . -38.72 -1.45 19.17
C3' ADP Q . -37.78 0.73 19.00
O3' ADP Q . -38.28 1.71 18.09
C2' ADP Q . -38.64 0.65 20.25
O2' ADP Q . -39.49 1.80 20.42
C1' ADP Q . -39.47 -0.60 20.05
N9 ADP Q . -39.63 -1.23 21.35
C8 ADP Q . -39.19 -2.47 21.67
N7 ADP Q . -39.49 -2.78 22.95
C5 ADP Q . -40.14 -1.72 23.46
C6 ADP Q . -40.72 -1.41 24.76
N6 ADP Q . -40.63 -2.34 25.73
N1 ADP Q . -41.31 -0.21 24.90
C2 ADP Q . -41.37 0.69 23.89
N3 ADP Q . -40.86 0.47 22.66
C4 ADP Q . -40.24 -0.70 22.40
ZN ZN R . 24.02 46.11 12.36
MG MG S . -30.39 -3.78 18.55
PB ADP T . -36.38 -10.66 -11.20
O1B ADP T . -37.61 -11.08 -10.43
O2B ADP T . -35.86 -9.31 -10.79
O3B ADP T . -35.32 -11.77 -11.30
PA ADP T . -36.99 -8.98 -13.45
O1A ADP T . -35.64 -8.79 -14.07
O2A ADP T . -37.52 -7.89 -12.57
O3A ADP T . -37.05 -10.40 -12.67
O5' ADP T . -37.94 -9.21 -14.73
C5' ADP T . -37.33 -9.68 -15.93
C4' ADP T . -37.99 -9.18 -17.21
O4' ADP T . -39.29 -9.75 -17.37
C3' ADP T . -38.14 -7.67 -17.22
O3' ADP T . -37.83 -7.15 -18.51
C2' ADP T . -39.59 -7.47 -16.90
O2' ADP T . -40.05 -6.20 -17.40
C1' ADP T . -40.25 -8.71 -17.50
N9 ADP T . -41.40 -9.09 -16.67
C8 ADP T . -41.43 -10.10 -15.78
N7 ADP T . -42.62 -10.19 -15.16
C5 ADP T . -43.40 -9.21 -15.66
C6 ADP T . -44.78 -8.75 -15.45
N6 ADP T . -45.59 -9.36 -14.54
N1 ADP T . -45.19 -7.68 -16.17
C2 ADP T . -44.38 -7.07 -17.05
N3 ADP T . -43.12 -7.43 -17.32
C4 ADP T . -42.59 -8.48 -16.66
ZN ZN U . 6.20 52.27 0.88
MG MG V . -33.97 -9.27 -10.32
PB ADP W . -13.58 -25.85 -26.90
O1B ADP W . -14.96 -26.20 -27.44
O2B ADP W . -13.30 -24.37 -26.73
O3B ADP W . -13.15 -26.70 -25.72
PA ADP W . -12.00 -25.27 -29.16
O1A ADP W . -13.01 -24.23 -29.62
O2A ADP W . -10.72 -24.79 -28.53
O3A ADP W . -12.71 -26.31 -28.16
O5' ADP W . -11.62 -26.18 -30.40
C5' ADP W . -10.25 -26.51 -30.59
C4' ADP W . -10.05 -27.18 -31.94
O4' ADP W . -11.06 -28.14 -32.22
C3' ADP W . -10.12 -26.16 -33.05
O3' ADP W . -8.78 -25.97 -33.52
C2' ADP W . -11.01 -26.75 -34.12
O2' ADP W . -10.31 -26.91 -35.35
C1' ADP W . -11.37 -28.13 -33.61
N9 ADP W . -12.81 -28.43 -33.81
C8 ADP W . -13.63 -28.99 -32.88
N7 ADP W . -14.88 -29.17 -33.38
C5 ADP W . -14.87 -28.73 -34.64
C6 ADP W . -15.88 -28.64 -35.71
N6 ADP W . -17.16 -29.07 -35.50
N1 ADP W . -15.48 -28.11 -36.88
C2 ADP W . -14.21 -27.70 -37.06
N3 ADP W . -13.25 -27.76 -36.13
C4 ADP W . -13.52 -28.26 -34.92
ZN ZN X . 4.21 49.11 -20.52
MG MG Y . -12.72 -23.37 -25.16
#